data_5IOV
#
_entry.id   5IOV
#
loop_
_entity.id
_entity.type
_entity.pdbx_description
1 polymer 'N-methyl-D-aspartate receptor subunit NR1-8a'
2 polymer 'Ionotropic glutamate receptor subunit NR2B'
3 non-polymer GLYCINE
4 non-polymer 4-[(1R,2S)-3-(4-benzylpiperidin-1-yl)-1-hydroxy-2-methylpropyl]phenol
5 non-polymer 'GLUTAMIC ACID'
#
loop_
_entity_poly.entity_id
_entity_poly.type
_entity_poly.pdbx_seq_one_letter_code
_entity_poly.pdbx_strand_id
1 'polypeptide(L)'
;DPKIVNIGAVLSTKKHEQIFREAVNQANFFHFTRKIQLNATSVTHRPNAIQMALSVCEDLISSQVYAILVSHPPAPTDHL
TPTPISYTAGFYRIPVIGLTTRMSIYSDKSIHLSFLRTVPPYSHQALVWFEMMRLFNWNHVILIVSDDHEGRAAQKKLET
LLEEKESKADKVLQFEPGTKNLTALLLEAKELEARVIILSASEDDATAVYKSAAMLDMTGAGYVWLVGEREISGSALRYA
PDGIIGLQLINGKNESAHISDAVAVVAQAIHELFEMEQITDPPRGCVGNTNIWKTGPLFKRVLMSSKYPDGVTGRIEFNE
DGDRKFAQYSIMNLQNRKLVQVGIFDGSYIIQNDRKIIWPGGETERPQGYQMSTRLKIVTIHQEPFVYVRPTTSDGTCRE
EYTINGDPIKKVICNGPDETIPGRPTVPQCCYGFCVDLLIKLAREMDFTYEVHLVADGKFGTQERVNNSNAAAWNGMMGE
LLSGQADMIVAPLTINNERAQYIEFSKPFKYQGLTILVKKEIPRSTLDSFMQPFQSTLWLLVGLSVHVVAVMLYLLDRFS
PFGRFEDALTLSSAMWFSWRVLLNSGLGEGAPRSFSARILGMVWAGFAMIIVASYTANLAAFLVLRRPEERITGINDPRL
RNPSDKFIYATVKQSSVDIYFRRQVELSTMYRHMEKHNYESAAEAIQAVRDNKLHAFIWDSAVLEFEASQKCDLVTTGEL
FFRSGFGIGMRKDSPWKQEVSLNILKSHENGFMEELDKTWVRYQECDSRSNAPATLTFENMAGVFMLVAGGIVAGIFLIF
IEIAYKSRAEAKRMKGLEVLFQ
;
A,C
2 'polypeptide(L)'
;MRPTEACCYLKISLIILFYSRAYAQKHPNMDIAVILVGTTEEVAIKDVHEKDDFHHLPVTPRVELVTMQESDPKSIITRI
CDLMSDKKVQGVVFGDDTDQEAIAQILDFISVQTLTPILGIHGGSSMIMADKEEASMFFQFGPSIEQQASVMLNIMEEYD
WYIFSIVTTYFPGYQDFENKVRSTIENSFVGWELEEVIHLDMSLDDIDSKIQNQLKKLQSPVILLYCTKEEATYIFEVAH
SVGLTGYGFTWIVPSLVAGDTDTVPDEFPTGLISVSYDEWDYDLPARVRDGIAIITTAASTMLSEHNSIPQSKSSCNNIQ
ESRVYEAHMLKRYLINVTFEGRDLSFSEDGYQMHPKLVIILLNQERKWERVGKYKDRSLKMWPVFDLYPNSEEHKDEHLS
IVTLEEAPFVIVEDVDPLSGTCMRNTVPCRKQIRPENRTEEGGNYIKRCCKGFCIDILKKIAKTVKFTYDLYLVTNGKHG
KKINGVWNGMIGEVVTKRAYMAVGSLTINEERSEVVDFSVPFIETGISVMVSRSNGTVSPSAFLEPFSADVWVMMFVMLL
IVSAVAVFVFEYFSPVGYNGPSFTIGKAIWLLWGLVFNNSLPVQNPKGTTSKIMVSVWAFFAVIFLASYTANLAAFMIQR
RYVDQVSGLSDKKFQRPNDFSPAFRFGTVPNGSTERNIRNNYLEMHSYMVKFNQRSVQDALLSLKSGKLDAFIYDAAVLN
YMAGRDEGCKLVTIGSGKVFATTGYGIAIQKDSGWKRQVDLAILQLFGDGEMEELEALWLTGICHNEKNEVMSSQLDIDN
MAGVFYMLAAAMALSLITFIMEHLF
;
B,D
#
# COMPACT_ATOMS: atom_id res chain seq x y z
N ASP A 1 53.56 -28.84 -49.89
CA ASP A 1 52.52 -28.34 -50.78
C ASP A 1 51.41 -27.64 -50.00
N PRO A 2 50.92 -26.52 -50.52
CA PRO A 2 49.85 -25.78 -49.85
C PRO A 2 48.56 -26.59 -49.83
N LYS A 3 47.70 -26.25 -48.87
CA LYS A 3 46.42 -26.94 -48.74
C LYS A 3 45.46 -26.47 -49.82
N ILE A 4 44.81 -27.43 -50.48
CA ILE A 4 43.87 -27.13 -51.55
C ILE A 4 42.53 -26.78 -50.93
N VAL A 5 42.14 -25.51 -51.02
CA VAL A 5 40.87 -25.02 -50.51
C VAL A 5 39.99 -24.60 -51.67
N ASN A 6 38.76 -25.08 -51.67
CA ASN A 6 37.80 -24.81 -52.73
C ASN A 6 36.80 -23.75 -52.28
N ILE A 7 36.36 -22.93 -53.25
CA ILE A 7 35.40 -21.86 -53.00
C ILE A 7 34.22 -22.05 -53.94
N GLY A 8 33.02 -22.14 -53.38
CA GLY A 8 31.82 -22.34 -54.17
C GLY A 8 31.20 -21.02 -54.62
N ALA A 9 30.59 -21.06 -55.80
CA ALA A 9 29.94 -19.88 -56.37
C ALA A 9 28.84 -20.33 -57.31
N VAL A 10 27.81 -19.48 -57.41
CA VAL A 10 26.67 -19.73 -58.29
C VAL A 10 26.55 -18.54 -59.23
N LEU A 11 26.94 -18.73 -60.49
CA LEU A 11 26.92 -17.69 -61.51
C LEU A 11 25.96 -18.08 -62.62
N SER A 12 25.92 -17.25 -63.67
CA SER A 12 24.99 -17.45 -64.76
C SER A 12 25.78 -17.82 -66.01
N THR A 13 26.18 -16.85 -66.84
CA THR A 13 26.84 -17.13 -68.09
C THR A 13 28.28 -17.61 -67.85
N LYS A 14 28.92 -18.06 -68.93
CA LYS A 14 30.28 -18.57 -68.83
C LYS A 14 31.30 -17.46 -68.64
N LYS A 15 31.01 -16.25 -69.15
CA LYS A 15 31.96 -15.14 -68.99
C LYS A 15 32.15 -14.78 -67.53
N HIS A 16 31.07 -14.79 -66.74
CA HIS A 16 31.20 -14.51 -65.32
C HIS A 16 32.04 -15.58 -64.62
N GLU A 17 31.92 -16.83 -65.07
CA GLU A 17 32.77 -17.89 -64.52
C GLU A 17 34.22 -17.71 -64.92
N GLN A 18 34.48 -17.16 -66.11
CA GLN A 18 35.85 -16.87 -66.51
C GLN A 18 36.43 -15.73 -65.67
N ILE A 19 35.63 -14.70 -65.41
CA ILE A 19 36.09 -13.62 -64.53
C ILE A 19 36.29 -14.14 -63.12
N PHE A 20 35.50 -15.11 -62.69
CA PHE A 20 35.69 -15.69 -61.35
C PHE A 20 36.98 -16.49 -61.28
N ARG A 21 37.22 -17.36 -62.26
CA ARG A 21 38.46 -18.15 -62.28
C ARG A 21 39.69 -17.27 -62.41
N GLU A 22 39.58 -16.17 -63.16
CA GLU A 22 40.70 -15.23 -63.24
C GLU A 22 40.88 -14.49 -61.92
N ALA A 23 39.79 -14.17 -61.23
CA ALA A 23 39.87 -13.48 -59.95
C ALA A 23 40.48 -14.38 -58.88
N VAL A 24 40.26 -15.69 -58.97
CA VAL A 24 40.90 -16.62 -58.03
C VAL A 24 42.40 -16.71 -58.32
N ASN A 25 42.78 -16.76 -59.61
CA ASN A 25 44.19 -16.79 -59.97
C ASN A 25 44.90 -15.53 -59.52
N GLN A 26 44.25 -14.38 -59.64
CA GLN A 26 44.83 -13.15 -59.13
C GLN A 26 44.85 -13.14 -57.60
N ALA A 27 43.87 -13.78 -56.96
CA ALA A 27 43.85 -13.86 -55.51
C ALA A 27 45.00 -14.72 -54.99
N ASN A 28 45.41 -15.73 -55.75
CA ASN A 28 46.56 -16.55 -55.38
C ASN A 28 47.89 -15.90 -55.73
N PHE A 29 47.88 -14.70 -56.31
CA PHE A 29 49.09 -13.99 -56.69
C PHE A 29 49.31 -12.72 -55.87
N PHE A 30 48.29 -11.87 -55.75
CA PHE A 30 48.43 -10.64 -54.98
C PHE A 30 48.49 -10.90 -53.48
N HIS A 31 47.97 -12.03 -53.02
CA HIS A 31 47.99 -12.38 -51.59
C HIS A 31 49.12 -13.37 -51.33
N PHE A 32 49.76 -13.21 -50.17
CA PHE A 32 50.87 -14.08 -49.77
C PHE A 32 50.31 -15.45 -49.39
N THR A 33 50.63 -16.46 -50.20
CA THR A 33 50.16 -17.82 -49.97
C THR A 33 51.36 -18.69 -49.60
N ARG A 34 51.39 -19.17 -48.35
CA ARG A 34 52.45 -20.03 -47.86
C ARG A 34 51.99 -21.42 -47.47
N LYS A 35 50.69 -21.63 -47.29
CA LYS A 35 50.19 -22.95 -46.91
C LYS A 35 48.81 -23.27 -47.46
N ILE A 36 48.18 -22.35 -48.20
CA ILE A 36 46.86 -22.59 -48.77
C ILE A 36 46.91 -22.29 -50.27
N GLN A 37 45.97 -22.87 -51.00
CA GLN A 37 45.87 -22.69 -52.44
C GLN A 37 44.39 -22.65 -52.81
N LEU A 38 43.92 -21.47 -53.20
CA LEU A 38 42.52 -21.30 -53.55
C LEU A 38 42.19 -22.05 -54.85
N ASN A 39 40.95 -22.52 -54.94
CA ASN A 39 40.47 -23.24 -56.10
C ASN A 39 39.15 -22.63 -56.57
N ALA A 40 39.01 -22.47 -57.89
CA ALA A 40 37.82 -21.88 -58.48
C ALA A 40 36.83 -22.99 -58.84
N THR A 41 35.61 -22.89 -58.34
CA THR A 41 34.57 -23.87 -58.63
C THR A 41 33.23 -23.14 -58.62
N SER A 42 32.63 -23.00 -59.80
CA SER A 42 31.35 -22.32 -59.94
C SER A 42 30.44 -23.11 -60.87
N VAL A 43 29.14 -22.99 -60.64
CA VAL A 43 28.14 -23.67 -61.46
C VAL A 43 27.23 -22.64 -62.10
N THR A 44 26.18 -23.12 -62.79
CA THR A 44 25.23 -22.26 -63.46
C THR A 44 23.84 -22.45 -62.87
N HIS A 45 22.99 -21.45 -63.08
CA HIS A 45 21.63 -21.50 -62.58
C HIS A 45 20.81 -22.49 -63.42
N ARG A 46 20.38 -23.59 -62.80
CA ARG A 46 19.60 -24.58 -63.51
C ARG A 46 18.12 -24.22 -63.49
N PRO A 47 17.38 -24.54 -64.56
CA PRO A 47 15.95 -24.21 -64.59
C PRO A 47 15.11 -25.00 -63.60
N ASN A 48 15.65 -26.05 -63.00
CA ASN A 48 14.94 -26.86 -62.03
C ASN A 48 15.69 -26.85 -60.70
N ALA A 49 14.92 -26.92 -59.60
CA ALA A 49 15.53 -26.85 -58.28
C ALA A 49 16.16 -28.16 -57.85
N ILE A 50 15.58 -29.30 -58.26
CA ILE A 50 16.14 -30.60 -57.88
C ILE A 50 17.49 -30.82 -58.57
N GLN A 51 17.56 -30.54 -59.87
CA GLN A 51 18.82 -30.68 -60.59
C GLN A 51 19.86 -29.69 -60.07
N MET A 52 19.43 -28.53 -59.59
CA MET A 52 20.36 -27.58 -59.00
C MET A 52 20.89 -28.09 -57.66
N ALA A 53 20.02 -28.65 -56.83
CA ALA A 53 20.44 -29.20 -55.56
C ALA A 53 21.41 -30.37 -55.76
N LEU A 54 21.12 -31.23 -56.74
CA LEU A 54 22.05 -32.30 -57.06
C LEU A 54 23.35 -31.77 -57.66
N SER A 55 23.29 -30.64 -58.36
CA SER A 55 24.50 -30.02 -58.88
C SER A 55 25.34 -29.43 -57.76
N VAL A 56 24.72 -29.00 -56.67
CA VAL A 56 25.47 -28.47 -55.54
C VAL A 56 26.05 -29.61 -54.71
N CYS A 57 25.23 -30.65 -54.45
CA CYS A 57 25.72 -31.78 -53.67
C CYS A 57 26.67 -32.66 -54.47
N GLU A 58 26.77 -32.43 -55.78
CA GLU A 58 27.67 -33.21 -56.64
C GLU A 58 28.63 -32.35 -57.44
N ASP A 59 28.76 -31.07 -57.10
CA ASP A 59 29.68 -30.18 -57.79
C ASP A 59 30.31 -29.30 -56.71
N LEU A 60 29.47 -28.66 -55.89
CA LEU A 60 29.93 -27.79 -54.83
C LEU A 60 30.22 -28.41 -53.47
N ILE A 61 29.28 -29.21 -52.95
CA ILE A 61 29.51 -29.85 -51.65
C ILE A 61 30.50 -31.01 -51.79
N SER A 62 30.51 -31.67 -52.95
CA SER A 62 31.43 -32.79 -53.15
C SER A 62 32.88 -32.32 -53.21
N SER A 63 33.10 -31.03 -53.48
CA SER A 63 34.45 -30.48 -53.55
C SER A 63 34.89 -29.84 -52.23
N GLN A 64 34.07 -29.93 -51.18
CA GLN A 64 34.39 -29.37 -49.87
C GLN A 64 34.69 -27.88 -49.97
N VAL A 65 33.66 -27.06 -50.15
CA VAL A 65 33.81 -25.62 -50.27
C VAL A 65 33.46 -24.96 -48.93
N TYR A 66 34.03 -23.79 -48.71
CA TYR A 66 33.79 -23.02 -47.49
C TYR A 66 32.78 -21.89 -47.71
N ALA A 67 33.05 -21.02 -48.67
CA ALA A 67 32.16 -19.91 -49.00
C ALA A 67 31.49 -20.18 -50.34
N ILE A 68 30.20 -19.85 -50.43
CA ILE A 68 29.40 -20.06 -51.63
C ILE A 68 28.80 -18.73 -52.03
N LEU A 69 28.94 -18.37 -53.31
CA LEU A 69 28.39 -17.14 -53.85
C LEU A 69 27.08 -17.41 -54.58
N VAL A 70 26.34 -16.34 -54.84
CA VAL A 70 25.07 -16.44 -55.56
C VAL A 70 24.80 -15.09 -56.22
N SER A 71 24.12 -15.13 -57.36
CA SER A 71 23.79 -13.91 -58.09
C SER A 71 22.34 -13.62 -58.44
N HIS A 72 21.84 -14.21 -59.53
CA HIS A 72 20.47 -14.02 -59.97
C HIS A 72 20.25 -14.95 -61.15
N PRO A 73 19.12 -15.65 -61.19
CA PRO A 73 18.83 -16.54 -62.32
C PRO A 73 18.62 -15.75 -63.59
N PRO A 74 19.34 -16.07 -64.66
CA PRO A 74 19.16 -15.34 -65.93
C PRO A 74 17.84 -15.67 -66.62
N ALA A 75 16.75 -15.10 -66.12
CA ALA A 75 15.43 -15.33 -66.67
C ALA A 75 14.64 -14.03 -66.68
N PRO A 76 13.90 -13.75 -67.76
CA PRO A 76 13.12 -12.50 -67.79
C PRO A 76 11.94 -12.49 -66.84
N THR A 77 11.40 -13.66 -66.51
CA THR A 77 10.26 -13.77 -65.61
C THR A 77 10.73 -14.25 -64.23
N ASP A 78 9.79 -14.39 -63.31
CA ASP A 78 10.08 -14.82 -61.95
C ASP A 78 9.03 -15.85 -61.54
N HIS A 79 9.46 -17.10 -61.36
CA HIS A 79 8.56 -18.16 -60.92
C HIS A 79 9.26 -19.06 -59.91
N LEU A 80 10.51 -19.42 -60.20
CA LEU A 80 11.31 -20.28 -59.32
C LEU A 80 12.45 -19.44 -58.75
N THR A 81 12.22 -18.85 -57.58
CA THR A 81 13.24 -18.04 -56.93
C THR A 81 14.32 -18.94 -56.33
N PRO A 82 15.57 -18.49 -56.33
CA PRO A 82 16.66 -19.29 -55.74
C PRO A 82 16.71 -19.28 -54.22
N THR A 83 15.69 -18.73 -53.55
CA THR A 83 15.69 -18.69 -52.10
C THR A 83 15.81 -20.07 -51.46
N PRO A 84 15.08 -21.11 -51.91
CA PRO A 84 15.32 -22.44 -51.34
C PRO A 84 16.75 -22.92 -51.52
N ILE A 85 17.45 -22.45 -52.56
CA ILE A 85 18.85 -22.79 -52.73
C ILE A 85 19.66 -22.31 -51.53
N SER A 86 19.34 -21.11 -51.02
CA SER A 86 20.00 -20.60 -49.83
C SER A 86 19.73 -21.48 -48.62
N TYR A 87 18.66 -22.27 -48.64
CA TYR A 87 18.40 -23.20 -47.55
C TYR A 87 19.34 -24.39 -47.58
N THR A 88 19.90 -24.72 -48.75
CA THR A 88 20.82 -25.85 -48.85
C THR A 88 22.01 -25.68 -47.90
N ALA A 89 22.72 -24.56 -48.03
CA ALA A 89 23.79 -24.25 -47.09
C ALA A 89 23.29 -24.16 -45.66
N GLY A 90 22.00 -23.85 -45.46
CA GLY A 90 21.42 -23.86 -44.13
C GLY A 90 21.50 -25.20 -43.44
N PHE A 91 21.57 -26.29 -44.22
CA PHE A 91 21.76 -27.62 -43.63
C PHE A 91 23.20 -27.86 -43.21
N TYR A 92 24.16 -27.13 -43.79
CA TYR A 92 25.56 -27.27 -43.44
C TYR A 92 26.16 -25.96 -42.92
N ARG A 93 25.31 -25.07 -42.41
CA ARG A 93 25.74 -23.77 -41.88
C ARG A 93 26.54 -22.97 -42.89
N PRO A 95 28.36 -20.31 -45.48
CA PRO A 95 28.00 -18.91 -45.74
C PRO A 95 27.87 -18.60 -47.22
N VAL A 96 26.74 -18.01 -47.62
CA VAL A 96 26.46 -17.66 -49.01
C VAL A 96 26.40 -16.14 -49.10
N ILE A 97 27.10 -15.59 -50.08
CA ILE A 97 27.17 -14.15 -50.31
C ILE A 97 26.42 -13.83 -51.60
N GLY A 98 25.57 -12.81 -51.55
CA GLY A 98 24.83 -12.40 -52.73
C GLY A 98 25.54 -11.34 -53.54
N LEU A 99 25.11 -11.20 -54.79
CA LEU A 99 25.69 -10.24 -55.71
C LEU A 99 24.65 -9.27 -56.27
N THR A 100 23.51 -9.77 -56.75
CA THR A 100 22.46 -8.93 -57.28
C THR A 100 21.10 -9.24 -56.67
N THR A 101 21.08 -9.83 -55.48
CA THR A 101 19.82 -10.17 -54.81
C THR A 101 19.19 -8.90 -54.27
N ARG A 102 18.15 -8.41 -54.94
CA ARG A 102 17.46 -7.19 -54.55
C ARG A 102 16.28 -7.44 -53.62
N MET A 103 15.87 -8.69 -53.44
CA MET A 103 14.74 -9.00 -52.57
C MET A 103 15.14 -8.85 -51.11
N SER A 104 14.32 -8.14 -50.34
CA SER A 104 14.59 -7.92 -48.92
C SER A 104 14.24 -9.13 -48.06
N ILE A 105 13.67 -10.18 -48.65
CA ILE A 105 13.33 -11.38 -47.88
C ILE A 105 14.58 -12.01 -47.28
N TYR A 106 15.72 -11.88 -47.96
CA TYR A 106 16.98 -12.40 -47.44
C TYR A 106 17.48 -11.61 -46.24
N SER A 107 16.90 -10.45 -45.95
CA SER A 107 17.34 -9.65 -44.81
C SER A 107 16.92 -10.26 -43.47
N ASP A 108 16.01 -11.22 -43.46
CA ASP A 108 15.58 -11.84 -42.22
C ASP A 108 16.66 -12.77 -41.68
N LYS A 109 16.70 -12.90 -40.35
CA LYS A 109 17.71 -13.71 -39.68
C LYS A 109 17.23 -15.10 -39.33
N SER A 110 15.91 -15.33 -39.24
CA SER A 110 15.40 -16.64 -38.87
C SER A 110 15.54 -17.62 -40.03
N ILE A 111 14.91 -17.33 -41.16
CA ILE A 111 14.98 -18.22 -42.31
C ILE A 111 16.31 -18.11 -43.04
N HIS A 112 17.05 -17.01 -42.87
CA HIS A 112 18.36 -16.81 -43.49
C HIS A 112 19.35 -16.48 -42.37
N LEU A 113 19.88 -17.53 -41.74
CA LEU A 113 20.85 -17.33 -40.65
C LEU A 113 22.22 -16.98 -41.19
N SER A 114 22.91 -17.96 -41.80
CA SER A 114 24.24 -17.76 -42.36
C SER A 114 24.10 -17.38 -43.83
N PHE A 115 23.81 -16.09 -44.05
CA PHE A 115 23.65 -15.57 -45.41
C PHE A 115 23.93 -14.08 -45.38
N LEU A 116 24.84 -13.64 -46.25
CA LEU A 116 25.19 -12.23 -46.36
C LEU A 116 25.31 -11.85 -47.82
N ARG A 117 24.98 -10.60 -48.12
CA ARG A 117 25.00 -10.08 -49.48
C ARG A 117 25.67 -8.72 -49.51
N THR A 118 26.24 -8.38 -50.67
CA THR A 118 26.92 -7.11 -50.88
C THR A 118 26.18 -6.24 -51.89
N VAL A 119 24.85 -6.22 -51.80
CA VAL A 119 24.02 -5.43 -52.72
C VAL A 119 22.89 -4.79 -51.93
N PRO A 120 22.68 -3.48 -52.07
CA PRO A 120 21.59 -2.83 -51.33
C PRO A 120 20.25 -3.17 -51.95
N PRO A 121 19.32 -3.71 -51.14
CA PRO A 121 18.00 -4.05 -51.67
C PRO A 121 17.10 -2.84 -51.82
N TYR A 122 15.79 -3.07 -51.96
CA TYR A 122 14.84 -1.98 -52.07
C TYR A 122 14.63 -1.26 -50.74
N SER A 123 14.96 -1.89 -49.61
CA SER A 123 14.79 -1.24 -48.32
C SER A 123 15.82 -0.12 -48.13
N HIS A 124 17.07 -0.37 -48.53
CA HIS A 124 18.10 0.66 -48.40
C HIS A 124 17.74 1.91 -49.20
N GLN A 125 17.10 1.74 -50.35
CA GLN A 125 16.63 2.90 -51.12
C GLN A 125 15.69 3.76 -50.29
N ALA A 126 14.87 3.13 -49.44
CA ALA A 126 14.01 3.89 -48.55
C ALA A 126 14.81 4.83 -47.66
N LEU A 127 15.99 4.38 -47.22
CA LEU A 127 16.89 5.26 -46.47
C LEU A 127 17.21 6.51 -47.27
N VAL A 128 17.53 6.34 -48.56
CA VAL A 128 17.74 7.50 -49.43
C VAL A 128 16.48 8.35 -49.49
N TRP A 129 15.31 7.70 -49.51
CA TRP A 129 14.05 8.44 -49.44
C TRP A 129 13.98 9.29 -48.19
N PHE A 130 14.49 8.77 -47.07
CA PHE A 130 14.56 9.56 -45.85
C PHE A 130 15.39 10.82 -46.06
N GLU A 131 16.51 10.70 -46.79
CA GLU A 131 17.30 11.88 -47.13
C GLU A 131 16.47 12.87 -47.94
N MET A 132 15.57 12.36 -48.80
CA MET A 132 14.67 13.25 -49.52
C MET A 132 13.79 14.02 -48.55
N MET A 133 13.33 13.37 -47.48
CA MET A 133 12.55 14.06 -46.46
C MET A 133 13.35 15.16 -45.78
N ARG A 134 14.68 15.09 -45.84
CA ARG A 134 15.54 16.14 -45.33
C ARG A 134 15.99 17.11 -46.42
N LEU A 135 15.77 16.78 -47.69
CA LEU A 135 16.21 17.64 -48.78
C LEU A 135 15.29 18.86 -48.93
N PHE A 136 13.97 18.64 -48.84
CA PHE A 136 13.00 19.72 -48.94
C PHE A 136 12.16 19.86 -47.68
N ASN A 137 12.59 19.25 -46.58
CA ASN A 137 11.90 19.30 -45.30
C ASN A 137 10.47 18.80 -45.41
N TRP A 138 10.29 17.48 -45.48
CA TRP A 138 8.98 16.87 -45.58
C TRP A 138 8.55 16.32 -44.23
N ASN A 139 7.24 16.13 -44.07
CA ASN A 139 6.68 15.61 -42.82
C ASN A 139 5.65 14.53 -43.10
N HIS A 140 4.55 14.89 -43.76
CA HIS A 140 3.48 13.96 -44.06
C HIS A 140 3.78 13.23 -45.36
N VAL A 141 3.93 11.91 -45.27
CA VAL A 141 4.20 11.07 -46.43
C VAL A 141 3.19 9.93 -46.46
N ILE A 142 2.97 9.40 -47.66
CA ILE A 142 2.04 8.30 -47.87
C ILE A 142 2.79 7.18 -48.58
N LEU A 143 2.84 6.01 -47.95
CA LEU A 143 3.52 4.84 -48.50
C LEU A 143 2.47 3.88 -49.07
N ILE A 144 2.50 3.71 -50.38
CA ILE A 144 1.57 2.83 -51.09
C ILE A 144 2.37 1.62 -51.57
N VAL A 145 2.17 0.49 -50.88
CA VAL A 145 2.86 -0.75 -51.22
C VAL A 145 1.83 -1.86 -51.36
N SER A 146 2.25 -2.95 -52.00
CA SER A 146 1.38 -4.09 -52.20
C SER A 146 1.29 -4.92 -50.91
N ASP A 147 0.44 -5.96 -50.96
CA ASP A 147 0.22 -6.82 -49.80
C ASP A 147 1.04 -8.09 -50.00
N ASP A 148 2.26 -8.07 -49.50
CA ASP A 148 3.17 -9.22 -49.60
C ASP A 148 4.26 -8.97 -48.58
N HIS A 149 5.39 -9.66 -48.72
CA HIS A 149 6.50 -9.49 -47.78
C HIS A 149 7.37 -8.25 -47.96
N GLU A 150 7.52 -7.77 -49.20
CA GLU A 150 8.32 -6.58 -49.44
C GLU A 150 7.64 -5.34 -48.87
N GLY A 151 6.30 -5.30 -48.94
CA GLY A 151 5.58 -4.17 -48.38
C GLY A 151 5.66 -4.12 -46.87
N ARG A 152 5.58 -5.28 -46.21
CA ARG A 152 5.70 -5.32 -44.76
C ARG A 152 7.13 -5.04 -44.32
N ALA A 153 8.12 -5.52 -45.08
CA ALA A 153 9.51 -5.24 -44.75
C ALA A 153 9.83 -3.76 -44.92
N ALA A 154 9.34 -3.15 -46.00
CA ALA A 154 9.55 -1.72 -46.20
C ALA A 154 8.76 -0.90 -45.19
N GLN A 155 7.61 -1.41 -44.73
CA GLN A 155 6.84 -0.69 -43.72
C GLN A 155 7.55 -0.74 -42.36
N LYS A 156 8.07 -1.90 -41.98
CA LYS A 156 8.81 -1.99 -40.72
C LYS A 156 10.14 -1.26 -40.79
N LYS A 157 10.74 -1.18 -41.97
CA LYS A 157 11.99 -0.44 -42.12
C LYS A 157 11.74 1.06 -42.05
N LEU A 158 10.73 1.55 -42.77
CA LEU A 158 10.40 2.97 -42.72
C LEU A 158 9.94 3.37 -41.32
N GLU A 159 9.19 2.50 -40.65
CA GLU A 159 8.78 2.78 -39.28
C GLU A 159 9.97 2.74 -38.33
N THR A 160 10.95 1.87 -38.60
CA THR A 160 12.14 1.82 -37.75
C THR A 160 13.00 3.06 -37.92
N LEU A 161 13.12 3.57 -39.15
CA LEU A 161 13.90 4.78 -39.39
C LEU A 161 13.26 6.01 -38.75
N LEU A 162 11.92 6.04 -38.69
CA LEU A 162 11.20 7.18 -38.11
C LEU A 162 10.64 6.77 -36.74
N GLU A 163 11.57 6.64 -35.79
CA GLU A 163 11.23 6.27 -34.42
C GLU A 163 11.48 7.37 -33.40
N GLU A 164 12.07 8.48 -33.81
CA GLU A 164 12.35 9.59 -32.90
C GLU A 164 11.16 10.55 -32.91
N LYS A 165 11.38 11.78 -32.43
CA LYS A 165 10.34 12.79 -32.38
C LYS A 165 10.24 13.61 -33.67
N GLU A 166 10.79 13.09 -34.76
CA GLU A 166 10.74 13.80 -36.04
C GLU A 166 9.50 13.34 -36.78
N SER A 167 9.47 13.53 -38.10
CA SER A 167 8.33 13.11 -38.89
C SER A 167 7.86 11.68 -38.66
N LYS A 168 6.65 11.39 -39.14
CA LYS A 168 6.05 10.07 -39.00
C LYS A 168 5.32 9.72 -40.29
N ALA A 169 4.69 8.55 -40.29
CA ALA A 169 3.94 8.07 -41.44
C ALA A 169 2.45 8.27 -41.22
N ASP A 170 1.75 8.70 -42.27
CA ASP A 170 0.32 8.94 -42.19
C ASP A 170 -0.69 7.81 -42.31
N LYS A 171 -0.89 7.30 -43.52
CA LYS A 171 -1.83 6.22 -43.79
C LYS A 171 -1.13 5.38 -44.85
N VAL A 172 -0.89 4.11 -44.53
CA VAL A 172 -0.25 3.17 -45.44
C VAL A 172 -1.34 2.37 -46.14
N LEU A 173 -1.34 2.41 -47.47
CA LEU A 173 -2.33 1.72 -48.28
C LEU A 173 -1.78 0.39 -48.77
N GLN A 174 -2.63 -0.63 -48.74
CA GLN A 174 -2.27 -1.96 -49.18
C GLN A 174 -3.24 -2.42 -50.27
N PHE A 175 -2.73 -3.28 -51.17
CA PHE A 175 -3.54 -3.80 -52.26
C PHE A 175 -2.99 -5.14 -52.69
N GLU A 176 -3.87 -5.99 -53.21
CA GLU A 176 -3.46 -7.32 -53.66
C GLU A 176 -2.79 -7.22 -55.03
N PRO A 177 -1.61 -7.82 -55.20
CA PRO A 177 -0.94 -7.75 -56.51
C PRO A 177 -1.67 -8.55 -57.58
N GLY A 178 -2.47 -7.87 -58.40
CA GLY A 178 -3.21 -8.52 -59.45
C GLY A 178 -4.58 -7.91 -59.69
N THR A 179 -4.88 -6.82 -58.98
CA THR A 179 -6.16 -6.14 -59.08
C THR A 179 -5.96 -4.82 -59.82
N LYS A 180 -6.72 -4.64 -60.90
CA LYS A 180 -6.63 -3.42 -61.70
C LYS A 180 -7.56 -2.33 -61.20
N ASN A 181 -8.75 -2.70 -60.74
CA ASN A 181 -9.73 -1.73 -60.23
C ASN A 181 -9.29 -1.28 -58.84
N LEU A 182 -8.51 -0.21 -58.80
CA LEU A 182 -7.99 0.36 -57.55
C LEU A 182 -8.33 1.83 -57.46
N THR A 183 -9.56 2.19 -57.81
CA THR A 183 -9.98 3.59 -57.75
C THR A 183 -10.18 4.05 -56.31
N ALA A 184 -10.55 3.13 -55.42
CA ALA A 184 -10.75 3.50 -54.02
C ALA A 184 -9.45 3.95 -53.36
N LEU A 185 -8.31 3.42 -53.81
CA LEU A 185 -7.03 3.86 -53.28
C LEU A 185 -6.73 5.30 -53.67
N LEU A 186 -7.11 5.70 -54.89
CA LEU A 186 -6.90 7.07 -55.32
C LEU A 186 -7.93 8.02 -54.73
N LEU A 187 -9.14 7.52 -54.45
CA LEU A 187 -10.15 8.38 -53.81
C LEU A 187 -9.80 8.62 -52.34
N GLU A 188 -9.48 7.56 -51.61
CA GLU A 188 -9.09 7.73 -50.21
C GLU A 188 -7.75 8.42 -50.07
N ALA A 189 -6.83 8.19 -51.02
CA ALA A 189 -5.53 8.88 -50.98
C ALA A 189 -5.68 10.35 -51.34
N LYS A 190 -6.62 10.68 -52.23
CA LYS A 190 -6.84 12.07 -52.60
C LYS A 190 -7.61 12.82 -51.52
N GLU A 191 -8.51 12.14 -50.82
CA GLU A 191 -9.27 12.78 -49.75
C GLU A 191 -8.37 13.18 -48.58
N LEU A 192 -7.30 12.43 -48.35
CA LEU A 192 -6.38 12.75 -47.26
C LEU A 192 -5.64 14.05 -47.56
N GLU A 193 -5.32 14.78 -46.49
CA GLU A 193 -4.64 16.07 -46.64
C GLU A 193 -3.22 15.89 -47.17
N ALA A 194 -2.57 14.77 -46.85
CA ALA A 194 -1.21 14.54 -47.31
C ALA A 194 -1.17 14.32 -48.82
N ARG A 195 -0.17 14.92 -49.47
CA ARG A 195 -0.01 14.82 -50.91
C ARG A 195 1.24 14.08 -51.34
N VAL A 196 2.20 13.86 -50.44
CA VAL A 196 3.44 13.17 -50.78
C VAL A 196 3.12 11.70 -50.98
N ILE A 197 3.15 11.24 -52.23
CA ILE A 197 2.87 9.85 -52.58
C ILE A 197 4.18 9.12 -52.83
N ILE A 198 4.39 8.03 -52.11
CA ILE A 198 5.59 7.20 -52.26
C ILE A 198 5.12 5.82 -52.71
N LEU A 199 5.33 5.51 -53.99
CA LEU A 199 4.91 4.23 -54.54
C LEU A 199 6.07 3.26 -54.58
N SER A 200 5.82 2.04 -54.10
CA SER A 200 6.83 0.98 -54.08
C SER A 200 6.13 -0.35 -54.40
N ALA A 201 6.01 -0.64 -55.68
CA ALA A 201 5.35 -1.87 -56.14
C ALA A 201 6.15 -2.42 -57.31
N SER A 202 5.53 -3.32 -58.08
CA SER A 202 6.18 -3.94 -59.22
C SER A 202 5.67 -3.20 -60.46
N GLU A 203 5.81 -3.81 -61.64
CA GLU A 203 5.38 -3.22 -62.90
C GLU A 203 3.90 -3.20 -63.22
N ASP A 204 3.22 -4.35 -63.10
CA ASP A 204 1.79 -4.40 -63.40
C ASP A 204 0.99 -3.58 -62.41
N ASP A 205 1.44 -3.50 -61.15
CA ASP A 205 0.73 -2.68 -60.18
C ASP A 205 0.97 -1.20 -60.42
N ALA A 206 2.24 -0.82 -60.69
CA ALA A 206 2.54 0.58 -60.97
C ALA A 206 1.85 1.06 -62.24
N THR A 207 1.64 0.16 -63.20
CA THR A 207 0.90 0.53 -64.40
C THR A 207 -0.56 0.85 -64.06
N ALA A 208 -1.17 0.05 -63.18
CA ALA A 208 -2.53 0.33 -62.76
C ALA A 208 -2.62 1.60 -61.93
N VAL A 209 -1.57 1.90 -61.16
CA VAL A 209 -1.54 3.15 -60.40
C VAL A 209 -1.41 4.34 -61.33
N TYR A 210 -0.64 4.19 -62.41
CA TYR A 210 -0.48 5.28 -63.37
C TYR A 210 -1.74 5.50 -64.19
N LYS A 211 -2.44 4.40 -64.53
CA LYS A 211 -3.67 4.55 -65.31
C LYS A 211 -4.81 5.08 -64.45
N SER A 212 -5.05 4.46 -63.30
CA SER A 212 -6.13 4.92 -62.42
C SER A 212 -5.85 6.32 -61.90
N ALA A 213 -4.60 6.61 -61.54
CA ALA A 213 -4.22 7.94 -61.10
C ALA A 213 -4.17 8.94 -62.24
N ALA A 214 -4.08 8.47 -63.49
CA ALA A 214 -4.06 9.36 -64.65
C ALA A 214 -5.44 9.71 -65.15
N MET A 215 -6.41 8.81 -65.01
CA MET A 215 -7.77 9.08 -65.46
C MET A 215 -8.58 9.86 -64.43
N LEU A 216 -7.98 10.26 -63.32
CA LEU A 216 -8.64 11.07 -62.30
C LEU A 216 -8.03 12.45 -62.13
N ASP A 217 -7.03 12.80 -62.94
CA ASP A 217 -6.34 14.09 -62.87
C ASP A 217 -5.74 14.30 -61.47
N MET A 218 -4.65 13.56 -61.23
CA MET A 218 -3.94 13.64 -59.97
C MET A 218 -2.44 13.82 -60.17
N THR A 219 -2.03 14.31 -61.34
CA THR A 219 -0.61 14.54 -61.63
C THR A 219 -0.29 16.03 -61.80
N GLY A 220 -1.09 16.90 -61.19
CA GLY A 220 -0.88 18.33 -61.27
C GLY A 220 0.09 18.85 -60.23
N ALA A 221 -0.13 20.09 -59.82
CA ALA A 221 0.72 20.72 -58.82
C ALA A 221 0.38 20.20 -57.43
N GLY A 222 1.41 20.02 -56.60
CA GLY A 222 1.27 19.54 -55.25
C GLY A 222 1.45 18.04 -55.09
N TYR A 223 1.15 17.27 -56.13
CA TYR A 223 1.29 15.82 -56.08
C TYR A 223 2.73 15.42 -56.35
N VAL A 224 3.32 14.65 -55.43
CA VAL A 224 4.69 14.18 -55.54
C VAL A 224 4.67 12.67 -55.67
N TRP A 225 5.42 12.14 -56.64
CA TRP A 225 5.51 10.71 -56.88
C TRP A 225 6.94 10.26 -56.65
N LEU A 226 7.18 9.52 -55.57
CA LEU A 226 8.49 9.00 -55.22
C LEU A 226 8.49 7.49 -55.39
N VAL A 227 9.18 7.02 -56.43
CA VAL A 227 9.26 5.59 -56.72
C VAL A 227 10.71 5.12 -56.62
N GLY A 228 10.96 3.86 -56.95
CA GLY A 228 12.29 3.31 -56.90
C GLY A 228 12.86 2.99 -58.26
N GLU A 229 12.88 1.70 -58.61
CA GLU A 229 13.41 1.26 -59.89
C GLU A 229 12.45 0.39 -60.69
N ARG A 230 11.47 -0.24 -60.05
CA ARG A 230 10.51 -1.09 -60.74
C ARG A 230 9.32 -0.32 -61.31
N GLU A 231 9.38 1.03 -61.29
CA GLU A 231 8.31 1.84 -61.80
C GLU A 231 8.69 2.70 -62.99
N ILE A 232 9.96 2.70 -63.40
CA ILE A 232 10.40 3.50 -64.53
C ILE A 232 11.25 2.64 -65.46
N SER A 233 10.90 1.36 -65.56
CA SER A 233 11.61 0.42 -66.42
C SER A 233 10.63 -0.61 -66.96
N GLY A 234 10.64 -0.78 -68.27
CA GLY A 234 9.74 -1.73 -68.91
C GLY A 234 8.52 -1.04 -69.48
N SER A 235 7.35 -1.63 -69.26
CA SER A 235 6.10 -1.06 -69.77
C SER A 235 5.57 0.06 -68.89
N ALA A 236 6.11 0.25 -67.69
CA ALA A 236 5.68 1.29 -66.78
C ALA A 236 6.41 2.60 -66.98
N LEU A 237 7.14 2.75 -68.10
CA LEU A 237 7.88 3.98 -68.37
C LEU A 237 7.08 4.97 -69.20
N ARG A 238 6.32 4.48 -70.18
CA ARG A 238 5.53 5.37 -71.04
C ARG A 238 4.31 5.93 -70.31
N TYR A 239 3.86 5.27 -69.24
CA TYR A 239 2.72 5.75 -68.47
C TYR A 239 3.11 6.67 -67.32
N ALA A 240 4.39 6.74 -66.97
CA ALA A 240 4.82 7.60 -65.88
C ALA A 240 4.87 9.06 -66.34
N PRO A 241 4.49 10.00 -65.48
CA PRO A 241 4.53 11.41 -65.88
C PRO A 241 5.96 11.92 -66.01
N ASP A 242 6.13 12.93 -66.85
CA ASP A 242 7.44 13.53 -67.09
C ASP A 242 7.82 14.39 -65.90
N GLY A 243 8.76 13.92 -65.09
CA GLY A 243 9.21 14.66 -63.93
C GLY A 243 9.14 13.86 -62.64
N ILE A 244 8.88 12.56 -62.75
CA ILE A 244 8.78 11.70 -61.58
C ILE A 244 10.17 11.40 -61.07
N ILE A 245 10.33 11.43 -59.74
CA ILE A 245 11.61 11.15 -59.12
C ILE A 245 11.86 9.66 -59.12
N GLY A 246 12.98 9.23 -59.69
CA GLY A 246 13.33 7.82 -59.77
C GLY A 246 14.73 7.57 -59.23
N LEU A 247 15.11 6.31 -59.26
CA LEU A 247 16.42 5.86 -58.80
C LEU A 247 17.03 4.92 -59.82
N GLN A 248 18.35 4.77 -59.74
CA GLN A 248 19.09 3.89 -60.64
C GLN A 248 20.34 3.40 -59.93
N LEU A 249 20.47 2.09 -59.78
CA LEU A 249 21.63 1.51 -59.12
C LEU A 249 22.84 1.58 -60.05
N ILE A 250 23.98 1.99 -59.50
CA ILE A 250 25.20 2.09 -60.30
C ILE A 250 25.72 0.70 -60.60
N ASN A 251 26.04 0.44 -61.87
CA ASN A 251 26.54 -0.84 -62.35
C ASN A 251 25.55 -1.97 -62.04
N GLY A 252 24.41 -1.89 -62.73
CA GLY A 252 23.37 -2.89 -62.57
C GLY A 252 23.68 -4.18 -63.29
N LYS A 253 24.08 -4.08 -64.56
CA LYS A 253 24.43 -5.23 -65.37
C LYS A 253 25.95 -5.30 -65.52
N ASN A 254 26.45 -6.53 -65.68
CA ASN A 254 27.88 -6.80 -65.79
C ASN A 254 28.63 -6.23 -64.59
N GLU A 255 28.59 -6.94 -63.47
CA GLU A 255 29.20 -6.49 -62.22
C GLU A 255 30.48 -7.28 -61.96
N SER A 256 31.49 -7.01 -62.80
CA SER A 256 32.78 -7.67 -62.62
C SER A 256 33.46 -7.23 -61.33
N ALA A 257 33.20 -6.00 -60.89
CA ALA A 257 33.78 -5.52 -59.63
C ALA A 257 33.23 -6.28 -58.43
N HIS A 258 31.98 -6.75 -58.53
CA HIS A 258 31.42 -7.55 -57.45
C HIS A 258 32.07 -8.93 -57.37
N ILE A 259 32.45 -9.49 -58.51
CA ILE A 259 33.13 -10.78 -58.51
C ILE A 259 34.57 -10.64 -58.05
N SER A 260 35.29 -9.64 -58.57
CA SER A 260 36.67 -9.43 -58.17
C SER A 260 36.77 -9.08 -56.69
N ASP A 261 35.97 -8.11 -56.25
CA ASP A 261 35.96 -7.76 -54.83
C ASP A 261 35.40 -8.89 -53.97
N ALA A 262 34.54 -9.73 -54.54
CA ALA A 262 34.04 -10.88 -53.81
C ALA A 262 35.15 -11.89 -53.53
N VAL A 263 35.92 -12.24 -54.56
CA VAL A 263 37.05 -13.14 -54.37
C VAL A 263 38.12 -12.48 -53.50
N ALA A 264 38.19 -11.14 -53.52
CA ALA A 264 39.15 -10.45 -52.66
C ALA A 264 38.75 -10.56 -51.19
N VAL A 265 37.47 -10.34 -50.89
CA VAL A 265 37.02 -10.39 -49.51
C VAL A 265 37.03 -11.82 -48.99
N VAL A 266 36.56 -12.77 -49.79
CA VAL A 266 36.57 -14.17 -49.38
C VAL A 266 38.01 -14.66 -49.23
N ALA A 267 38.90 -14.26 -50.13
CA ALA A 267 40.29 -14.65 -50.03
C ALA A 267 40.94 -14.05 -48.78
N GLN A 268 40.58 -12.81 -48.44
CA GLN A 268 41.08 -12.22 -47.21
C GLN A 268 40.54 -12.94 -45.98
N ALA A 269 39.30 -13.41 -46.05
CA ALA A 269 38.71 -14.16 -44.94
C ALA A 269 39.30 -15.56 -44.82
N ILE A 270 39.84 -16.12 -45.90
CA ILE A 270 40.48 -17.42 -45.83
C ILE A 270 41.92 -17.29 -45.34
N HIS A 271 42.68 -16.38 -45.95
CA HIS A 271 44.06 -16.16 -45.52
C HIS A 271 44.13 -15.65 -44.09
N GLU A 272 43.14 -14.85 -43.68
CA GLU A 272 43.06 -14.39 -42.30
C GLU A 272 42.42 -15.40 -41.36
N LEU A 273 41.49 -16.20 -41.87
CA LEU A 273 40.83 -17.19 -41.02
C LEU A 273 41.76 -18.35 -40.68
N PHE A 274 42.62 -18.76 -41.62
CA PHE A 274 43.55 -19.84 -41.39
C PHE A 274 44.79 -19.41 -40.60
N GLU A 275 44.64 -18.49 -39.65
CA GLU A 275 45.74 -18.05 -38.81
C GLU A 275 45.42 -18.18 -37.33
N MET A 276 44.23 -18.69 -36.99
CA MET A 276 43.83 -18.85 -35.59
C MET A 276 43.84 -20.37 -35.53
N GLU A 277 43.23 -20.93 -34.50
CA GLU A 277 43.16 -22.38 -34.34
C GLU A 277 41.98 -23.18 -34.85
N GLN A 278 42.03 -24.50 -34.62
CA GLN A 278 41.00 -25.44 -35.01
C GLN A 278 40.76 -25.41 -36.52
N ILE A 279 39.74 -24.66 -36.95
CA ILE A 279 39.34 -24.56 -38.36
C ILE A 279 38.99 -25.95 -38.89
N THR A 280 37.72 -26.33 -38.76
CA THR A 280 37.27 -27.64 -39.23
C THR A 280 37.15 -27.64 -40.75
N ASP A 281 36.86 -28.84 -41.28
CA ASP A 281 36.71 -29.01 -42.72
C ASP A 281 35.28 -29.42 -43.06
N PRO A 282 34.73 -28.91 -44.15
CA PRO A 282 33.37 -29.29 -44.55
C PRO A 282 33.30 -30.76 -44.95
N PRO A 283 32.15 -31.39 -44.81
CA PRO A 283 32.02 -32.81 -45.18
C PRO A 283 32.11 -32.99 -46.69
N ARG A 284 32.39 -34.24 -47.08
CA ARG A 284 32.54 -34.61 -48.48
C ARG A 284 31.18 -35.00 -49.03
N GLY A 285 30.60 -34.12 -49.85
CA GLY A 285 29.31 -34.39 -50.45
C GLY A 285 28.18 -34.36 -49.44
N CYS A 286 27.00 -34.81 -49.91
CA CYS A 286 25.81 -34.89 -49.10
C CYS A 286 25.39 -36.34 -48.84
N VAL A 287 26.35 -37.26 -48.87
CA VAL A 287 26.08 -38.68 -48.68
C VAL A 287 26.45 -39.03 -47.24
N GLY A 288 25.45 -39.19 -46.40
CA GLY A 288 25.66 -39.56 -45.02
C GLY A 288 26.37 -38.50 -44.20
N ASN A 289 25.92 -37.25 -44.32
CA ASN A 289 26.50 -36.12 -43.59
C ASN A 289 25.36 -35.41 -42.86
N THR A 290 25.05 -35.86 -41.65
CA THR A 290 24.00 -35.28 -40.85
C THR A 290 24.49 -34.22 -39.87
N ASN A 291 25.79 -34.22 -39.56
CA ASN A 291 26.32 -33.24 -38.63
C ASN A 291 26.47 -31.87 -39.31
N ILE A 292 26.29 -30.82 -38.50
CA ILE A 292 26.40 -29.46 -39.00
C ILE A 292 27.86 -29.02 -39.00
N TRP A 293 28.13 -27.80 -39.45
CA TRP A 293 29.48 -27.26 -39.50
C TRP A 293 29.74 -26.42 -38.26
N LYS A 294 30.82 -26.75 -37.55
CA LYS A 294 31.16 -26.00 -36.34
C LYS A 294 31.67 -24.59 -36.64
N THR A 295 32.18 -24.35 -37.85
CA THR A 295 32.68 -23.03 -38.23
C THR A 295 31.67 -22.38 -39.17
N GLY A 296 30.58 -21.89 -38.59
CA GLY A 296 29.54 -21.24 -39.34
C GLY A 296 29.40 -19.78 -38.95
N PRO A 297 28.88 -19.52 -37.75
CA PRO A 297 28.79 -18.13 -37.27
C PRO A 297 30.13 -17.45 -37.16
N LEU A 298 31.21 -18.21 -36.93
CA LEU A 298 32.54 -17.62 -36.92
C LEU A 298 32.96 -17.18 -38.32
N PHE A 299 32.71 -18.01 -39.32
CA PHE A 299 33.02 -17.63 -40.70
C PHE A 299 32.18 -16.43 -41.13
N LYS A 300 30.91 -16.39 -40.71
CA LYS A 300 30.08 -15.23 -40.98
C LYS A 300 30.60 -14.00 -40.24
N ARG A 301 31.20 -14.19 -39.07
CA ARG A 301 31.78 -13.06 -38.34
C ARG A 301 33.01 -12.53 -39.05
N VAL A 302 33.83 -13.42 -39.61
CA VAL A 302 35.01 -12.97 -40.35
C VAL A 302 34.60 -12.30 -41.65
N LEU A 303 33.59 -12.84 -42.33
CA LEU A 303 33.11 -12.21 -43.56
C LEU A 303 32.46 -10.87 -43.29
N MET A 304 31.79 -10.71 -42.14
CA MET A 304 31.17 -9.44 -41.81
C MET A 304 32.19 -8.37 -41.44
N SER A 305 33.27 -8.77 -40.76
CA SER A 305 34.32 -7.82 -40.36
C SER A 305 35.35 -7.71 -41.50
N SER A 306 34.93 -7.03 -42.56
CA SER A 306 35.76 -6.80 -43.73
C SER A 306 35.68 -5.33 -44.12
N LYS A 307 36.84 -4.69 -44.27
CA LYS A 307 36.94 -3.28 -44.61
C LYS A 307 37.82 -3.12 -45.83
N TYR A 308 37.33 -2.39 -46.83
CA TYR A 308 38.09 -2.11 -48.05
C TYR A 308 37.81 -0.67 -48.47
N PRO A 309 38.53 0.30 -47.90
CA PRO A 309 38.31 1.70 -48.29
C PRO A 309 38.84 2.04 -49.67
N ASP A 310 39.77 1.26 -50.21
CA ASP A 310 40.34 1.49 -51.53
C ASP A 310 39.86 0.45 -52.55
N GLY A 311 38.65 -0.06 -52.39
CA GLY A 311 38.11 -1.05 -53.28
C GLY A 311 37.68 -0.46 -54.62
N VAL A 312 37.26 -1.35 -55.51
CA VAL A 312 36.81 -0.92 -56.83
C VAL A 312 35.42 -0.29 -56.75
N THR A 313 34.52 -0.92 -56.01
CA THR A 313 33.17 -0.38 -55.89
C THR A 313 33.14 0.85 -54.99
N GLY A 314 34.07 0.95 -54.05
CA GLY A 314 34.10 2.09 -53.15
C GLY A 314 34.62 1.74 -51.77
N ARG A 315 33.72 1.61 -50.80
CA ARG A 315 34.08 1.27 -49.43
C ARG A 315 33.25 0.07 -49.00
N ILE A 316 33.86 -1.11 -49.03
CA ILE A 316 33.18 -2.34 -48.64
C ILE A 316 33.10 -2.40 -47.12
N GLU A 317 31.88 -2.45 -46.60
CA GLU A 317 31.66 -2.52 -45.16
C GLU A 317 30.30 -3.15 -44.90
N PHE A 318 30.26 -4.06 -43.93
CA PHE A 318 29.04 -4.75 -43.55
C PHE A 318 28.48 -4.17 -42.25
N ASN A 319 27.15 -4.17 -42.16
CA ASN A 319 26.47 -3.65 -40.98
C ASN A 319 26.25 -4.78 -39.99
N GLU A 320 25.34 -4.59 -39.02
CA GLU A 320 25.07 -5.61 -38.02
C GLU A 320 24.18 -6.73 -38.55
N ASP A 321 23.49 -6.51 -39.67
CA ASP A 321 22.61 -7.53 -40.24
C ASP A 321 23.26 -8.33 -41.35
N GLY A 322 24.29 -7.79 -42.00
CA GLY A 322 24.97 -8.50 -43.07
C GLY A 322 24.56 -8.03 -44.45
N ASP A 323 24.46 -6.71 -44.63
CA ASP A 323 24.09 -6.10 -45.89
C ASP A 323 25.28 -5.33 -46.46
N ARG A 324 25.00 -4.37 -47.34
CA ARG A 324 26.01 -3.55 -47.99
C ARG A 324 25.83 -2.10 -47.54
N LYS A 325 26.83 -1.58 -46.84
CA LYS A 325 26.78 -0.19 -46.38
C LYS A 325 27.33 0.74 -47.45
N PHE A 326 26.96 2.02 -47.33
CA PHE A 326 27.37 3.07 -48.26
C PHE A 326 26.96 2.71 -49.69
N ALA A 327 25.65 2.63 -49.89
CA ALA A 327 25.12 2.28 -51.20
C ALA A 327 25.35 3.43 -52.19
N GLN A 328 25.54 3.06 -53.46
CA GLN A 328 25.79 4.01 -54.54
C GLN A 328 24.63 3.94 -55.52
N TYR A 329 23.74 4.94 -55.46
CA TYR A 329 22.60 5.05 -56.35
C TYR A 329 22.70 6.33 -57.17
N SER A 330 21.67 6.59 -57.96
CA SER A 330 21.61 7.79 -58.80
C SER A 330 20.16 8.23 -58.92
N ILE A 331 19.86 9.43 -58.41
CA ILE A 331 18.51 9.97 -58.49
C ILE A 331 18.26 10.42 -59.92
N MET A 332 17.30 9.76 -60.60
CA MET A 332 16.94 10.07 -61.97
C MET A 332 15.63 10.84 -62.01
N ASN A 333 15.33 11.38 -63.19
CA ASN A 333 14.10 12.14 -63.39
C ASN A 333 13.70 12.04 -64.86
N LEU A 334 12.44 11.69 -65.11
CA LEU A 334 11.93 11.54 -66.46
C LEU A 334 11.69 12.91 -67.07
N GLN A 335 12.46 13.25 -68.10
CA GLN A 335 12.36 14.53 -68.77
C GLN A 335 12.24 14.29 -70.27
N ASN A 336 11.09 14.68 -70.85
CA ASN A 336 10.82 14.54 -72.28
C ASN A 336 10.98 13.09 -72.74
N ARG A 337 10.26 12.20 -72.05
CA ARG A 337 10.25 10.76 -72.35
C ARG A 337 11.63 10.15 -72.24
N LYS A 338 12.55 10.78 -71.51
CA LYS A 338 13.90 10.28 -71.35
C LYS A 338 14.32 10.41 -69.90
N LEU A 339 15.18 9.50 -69.46
CA LEU A 339 15.69 9.49 -68.08
C LEU A 339 16.95 10.35 -68.03
N VAL A 340 16.83 11.56 -67.49
CA VAL A 340 17.94 12.49 -67.37
C VAL A 340 18.49 12.41 -65.96
N GLN A 341 19.81 12.27 -65.85
CA GLN A 341 20.46 12.18 -64.54
C GLN A 341 20.41 13.54 -63.85
N VAL A 342 19.74 13.60 -62.70
CA VAL A 342 19.63 14.84 -61.94
C VAL A 342 20.30 14.76 -60.58
N GLY A 343 20.73 13.59 -60.14
CA GLY A 343 21.39 13.47 -58.85
C GLY A 343 22.13 12.16 -58.72
N ILE A 344 23.04 12.11 -57.76
CA ILE A 344 23.82 10.92 -57.46
C ILE A 344 23.89 10.75 -55.95
N PHE A 345 23.96 9.48 -55.52
CA PHE A 345 24.02 9.14 -54.10
C PHE A 345 25.26 8.26 -53.88
N ASP A 346 26.28 8.84 -53.23
CA ASP A 346 27.51 8.09 -52.99
C ASP A 346 27.37 7.14 -51.81
N GLY A 347 26.69 7.56 -50.75
CA GLY A 347 26.50 6.72 -49.58
C GLY A 347 26.19 7.50 -48.32
N SER A 348 26.81 8.67 -48.17
CA SER A 348 26.62 9.52 -47.01
C SER A 348 25.59 10.62 -47.24
N TYR A 349 25.73 11.37 -48.33
CA TYR A 349 24.82 12.45 -48.67
C TYR A 349 24.44 12.36 -50.14
N ILE A 350 23.58 13.26 -50.59
CA ILE A 350 23.12 13.32 -51.97
C ILE A 350 23.82 14.49 -52.66
N ILE A 351 24.45 14.20 -53.80
CA ILE A 351 25.17 15.19 -54.58
C ILE A 351 24.35 15.51 -55.83
N GLN A 352 24.09 16.79 -56.05
CA GLN A 352 23.32 17.25 -57.20
C GLN A 352 24.26 17.76 -58.28
N ASN A 353 23.87 17.52 -59.54
CA ASN A 353 24.67 17.95 -60.67
C ASN A 353 24.07 19.26 -61.18
N ASP A 354 24.43 19.66 -62.39
CA ASP A 354 23.94 20.89 -62.99
C ASP A 354 22.57 20.89 -63.66
N ARG A 355 21.79 19.83 -63.49
CA ARG A 355 20.46 19.71 -64.08
C ARG A 355 19.41 20.07 -63.03
N LYS A 356 18.45 20.90 -63.42
CA LYS A 356 17.40 21.31 -62.51
C LYS A 356 16.28 20.28 -62.47
N ILE A 357 15.77 20.02 -61.27
CA ILE A 357 14.72 19.04 -61.10
C ILE A 357 13.41 19.59 -61.65
N ILE A 358 12.75 18.82 -62.51
CA ILE A 358 11.48 19.20 -63.13
C ILE A 358 10.37 18.43 -62.45
N TRP A 359 9.30 19.14 -62.06
CA TRP A 359 8.16 18.52 -61.41
C TRP A 359 7.10 18.12 -62.42
N PRO A 360 6.36 17.03 -62.17
CA PRO A 360 5.32 16.61 -63.11
C PRO A 360 4.19 17.60 -63.26
N GLY A 361 3.96 18.46 -62.27
CA GLY A 361 2.89 19.43 -62.34
C GLY A 361 3.29 20.72 -63.03
N GLY A 362 4.37 20.69 -63.80
CA GLY A 362 4.83 21.87 -64.50
C GLY A 362 5.56 22.89 -63.64
N GLU A 363 5.82 22.58 -62.38
CA GLU A 363 6.50 23.50 -61.49
C GLU A 363 8.02 23.31 -61.58
N THR A 364 8.75 24.35 -61.19
CA THR A 364 10.20 24.33 -61.20
C THR A 364 10.83 24.52 -59.83
N GLU A 365 10.18 25.25 -58.93
CA GLU A 365 10.70 25.50 -57.59
C GLU A 365 9.75 24.86 -56.57
N ARG A 366 10.33 24.14 -55.61
CA ARG A 366 9.55 23.49 -54.57
C ARG A 366 9.14 24.50 -53.51
N PRO A 367 7.85 24.71 -53.26
CA PRO A 367 7.43 25.67 -52.23
C PRO A 367 7.80 25.17 -50.84
N GLN A 368 7.68 26.09 -49.88
CA GLN A 368 8.00 25.75 -48.49
C GLN A 368 6.96 24.81 -47.90
N GLY A 369 5.70 25.27 -47.84
CA GLY A 369 4.63 24.44 -47.32
C GLY A 369 4.23 23.37 -48.33
N TYR A 370 4.13 22.13 -47.85
CA TYR A 370 3.78 21.03 -48.75
C TYR A 370 2.29 21.05 -49.09
N GLN A 371 1.43 21.30 -48.10
CA GLN A 371 -0.01 21.32 -48.31
C GLN A 371 -0.72 21.99 -47.15
N MET A 372 -1.63 22.91 -47.46
CA MET A 372 -2.42 23.59 -46.43
C MET A 372 -3.72 24.07 -47.05
N SER A 373 -4.79 24.02 -46.25
CA SER A 373 -6.11 24.43 -46.72
C SER A 373 -7.03 24.73 -45.55
N THR A 374 -8.24 24.16 -45.58
CA THR A 374 -9.22 24.39 -44.53
C THR A 374 -10.17 23.21 -44.42
N ARG A 375 -11.44 23.48 -44.12
CA ARG A 375 -12.49 22.47 -43.99
C ARG A 375 -12.13 21.44 -42.91
N LEU A 376 -12.47 21.76 -41.67
CA LEU A 376 -12.18 20.88 -40.53
C LEU A 376 -13.42 20.07 -40.20
N LYS A 377 -13.23 18.77 -39.95
CA LYS A 377 -14.32 17.86 -39.63
C LYS A 377 -14.42 17.71 -38.11
N ILE A 378 -15.59 18.04 -37.56
CA ILE A 378 -15.84 17.97 -36.13
C ILE A 378 -17.02 17.03 -35.90
N VAL A 379 -16.77 15.96 -35.15
CA VAL A 379 -17.81 14.99 -34.83
C VAL A 379 -18.08 15.05 -33.33
N THR A 380 -19.25 14.54 -32.94
CA THR A 380 -19.66 14.55 -31.54
C THR A 380 -20.60 13.37 -31.30
N ILE A 381 -20.78 13.05 -30.02
CA ILE A 381 -21.65 11.94 -29.62
C ILE A 381 -23.06 12.47 -29.40
N HIS A 382 -23.95 11.61 -28.91
CA HIS A 382 -25.35 11.95 -28.70
C HIS A 382 -25.61 12.06 -27.20
N GLN A 383 -25.72 13.28 -26.70
CA GLN A 383 -26.01 13.53 -25.29
C GLN A 383 -27.06 14.61 -25.19
N GLU A 384 -28.10 14.36 -24.37
CA GLU A 384 -29.19 15.33 -24.25
C GLU A 384 -28.73 16.64 -23.61
N PRO A 385 -28.07 16.65 -22.44
CA PRO A 385 -27.67 17.94 -21.85
C PRO A 385 -26.52 18.62 -22.55
N PHE A 386 -25.80 17.93 -23.44
CA PHE A 386 -24.67 18.52 -24.13
C PHE A 386 -25.04 18.92 -25.55
N VAL A 387 -25.21 17.93 -26.44
CA VAL A 387 -25.56 18.19 -27.83
C VAL A 387 -27.02 17.84 -28.05
N TYR A 388 -27.91 18.80 -27.79
CA TYR A 388 -29.34 18.57 -27.94
C TYR A 388 -29.69 18.42 -29.42
N VAL A 389 -30.20 17.25 -29.79
CA VAL A 389 -30.57 16.95 -31.16
C VAL A 389 -32.08 17.06 -31.29
N ARG A 390 -32.55 17.88 -32.23
CA ARG A 390 -33.97 18.09 -32.45
C ARG A 390 -34.26 17.90 -33.93
N PRO A 391 -35.27 17.10 -34.28
CA PRO A 391 -35.60 16.91 -35.69
C PRO A 391 -36.09 18.21 -36.34
N THR A 392 -35.86 18.32 -37.64
CA THR A 392 -36.27 19.50 -38.38
C THR A 392 -37.78 19.50 -38.59
N THR A 393 -38.43 20.60 -38.22
CA THR A 393 -39.87 20.72 -38.39
C THR A 393 -40.21 20.99 -39.85
N SER A 394 -41.38 20.51 -40.27
CA SER A 394 -41.86 20.66 -41.64
C SER A 394 -40.83 20.15 -42.64
N ASP A 395 -40.47 21.00 -43.61
CA ASP A 395 -39.48 20.64 -44.62
C ASP A 395 -38.51 21.78 -44.88
N GLY A 396 -38.21 22.58 -43.86
CA GLY A 396 -37.30 23.70 -44.02
C GLY A 396 -36.04 23.57 -43.20
N THR A 397 -35.67 24.63 -42.49
CA THR A 397 -34.46 24.62 -41.68
C THR A 397 -34.93 24.55 -40.23
N CYS A 398 -34.01 24.71 -39.28
CA CYS A 398 -34.34 24.66 -37.87
C CYS A 398 -35.44 25.55 -37.32
N ARG A 399 -35.90 25.21 -36.12
CA ARG A 399 -36.95 25.97 -35.45
C ARG A 399 -36.34 27.13 -34.69
N GLU A 400 -36.73 28.35 -35.04
CA GLU A 400 -36.21 29.54 -34.38
C GLU A 400 -37.01 29.83 -33.12
N GLU A 401 -36.30 30.05 -32.02
CA GLU A 401 -36.93 30.35 -30.74
C GLU A 401 -35.96 31.18 -29.90
N TYR A 402 -36.32 31.39 -28.64
CA TYR A 402 -35.51 32.16 -27.71
C TYR A 402 -35.43 31.42 -26.38
N THR A 403 -34.66 31.98 -25.45
CA THR A 403 -34.48 31.39 -24.14
C THR A 403 -35.47 32.01 -23.15
N ILE A 404 -35.27 31.76 -21.86
CA ILE A 404 -36.13 32.30 -20.81
C ILE A 404 -35.55 33.56 -20.19
N ASN A 405 -34.46 34.09 -20.75
CA ASN A 405 -33.83 35.30 -20.24
C ASN A 405 -33.67 36.39 -21.28
N GLY A 406 -34.12 36.16 -22.51
CA GLY A 406 -34.00 37.16 -23.56
C GLY A 406 -32.69 37.08 -24.30
N ASP A 407 -32.44 35.94 -24.95
CA ASP A 407 -31.22 35.74 -25.71
C ASP A 407 -31.51 34.77 -26.85
N PRO A 408 -31.12 35.10 -28.08
CA PRO A 408 -31.39 34.18 -29.19
C PRO A 408 -30.50 32.95 -29.12
N ILE A 409 -31.09 31.80 -29.43
CA ILE A 409 -30.39 30.51 -29.42
C ILE A 409 -30.04 30.13 -30.85
N LYS A 410 -28.81 29.66 -31.05
CA LYS A 410 -28.33 29.28 -32.38
C LYS A 410 -28.31 27.76 -32.51
N LYS A 411 -28.72 27.27 -33.67
CA LYS A 411 -28.74 25.85 -33.96
C LYS A 411 -27.96 25.57 -35.23
N VAL A 412 -27.30 24.41 -35.27
CA VAL A 412 -26.49 23.99 -36.40
C VAL A 412 -27.13 22.77 -37.06
N ILE A 413 -26.67 22.46 -38.27
CA ILE A 413 -27.16 21.31 -39.01
C ILE A 413 -26.30 20.10 -38.67
N CYS A 414 -26.94 18.99 -38.35
CA CYS A 414 -26.23 17.77 -37.97
C CYS A 414 -27.02 16.56 -38.47
N ASN A 415 -26.35 15.67 -39.19
CA ASN A 415 -26.98 14.46 -39.72
C ASN A 415 -26.79 13.32 -38.73
N GLY A 416 -27.90 12.68 -38.37
CA GLY A 416 -27.87 11.59 -37.42
C GLY A 416 -28.91 10.53 -37.70
N PRO A 417 -28.67 9.31 -37.21
CA PRO A 417 -29.65 8.23 -37.42
C PRO A 417 -30.89 8.39 -36.54
N ASP A 418 -31.68 7.33 -36.45
CA ASP A 418 -32.90 7.34 -35.64
C ASP A 418 -32.99 6.02 -34.87
N GLU A 419 -33.44 6.10 -33.62
CA GLU A 419 -33.55 4.92 -32.77
C GLU A 419 -34.87 4.18 -32.94
N THR A 420 -35.87 4.82 -33.57
CA THR A 420 -37.16 4.16 -33.75
C THR A 420 -37.07 3.12 -34.87
N ILE A 421 -36.56 3.53 -36.03
CA ILE A 421 -36.44 2.59 -37.16
C ILE A 421 -35.28 1.63 -36.88
N PRO A 422 -35.44 0.33 -37.15
CA PRO A 422 -34.32 -0.61 -36.92
C PRO A 422 -33.08 -0.27 -37.72
N GLY A 423 -33.24 0.31 -38.91
CA GLY A 423 -32.11 0.72 -39.70
C GLY A 423 -31.46 1.99 -39.20
N ARG A 424 -30.47 2.46 -39.95
CA ARG A 424 -29.72 3.67 -39.62
C ARG A 424 -29.72 4.60 -40.83
N PRO A 425 -30.82 5.30 -41.07
CA PRO A 425 -30.87 6.24 -42.19
C PRO A 425 -30.27 7.59 -41.83
N THR A 426 -29.93 8.35 -42.87
CA THR A 426 -29.38 9.69 -42.70
C THR A 426 -30.54 10.65 -42.41
N VAL A 427 -30.70 11.00 -41.13
CA VAL A 427 -31.79 11.87 -40.70
C VAL A 427 -31.20 13.26 -40.45
N PRO A 428 -31.47 14.25 -41.31
CA PRO A 428 -30.95 15.60 -41.06
C PRO A 428 -31.73 16.28 -39.94
N GLN A 429 -31.02 16.62 -38.88
CA GLN A 429 -31.61 17.27 -37.71
C GLN A 429 -30.79 18.51 -37.37
N CYS A 430 -31.19 19.18 -36.29
CA CYS A 430 -30.52 20.40 -35.82
C CYS A 430 -30.00 20.17 -34.41
N CYS A 431 -28.71 20.46 -34.21
CA CYS A 431 -28.06 20.30 -32.93
C CYS A 431 -27.84 21.66 -32.28
N TYR A 432 -27.96 21.71 -30.95
CA TYR A 432 -27.77 22.93 -30.21
C TYR A 432 -27.53 22.57 -28.74
N GLY A 433 -26.62 23.30 -28.11
CA GLY A 433 -26.33 23.04 -26.70
C GLY A 433 -25.04 23.73 -26.29
N PHE A 434 -24.43 23.18 -25.23
CA PHE A 434 -23.20 23.76 -24.71
C PHE A 434 -22.03 23.51 -25.66
N CYS A 435 -21.83 22.26 -26.08
CA CYS A 435 -20.74 21.94 -26.98
C CYS A 435 -20.94 22.58 -28.35
N VAL A 436 -22.20 22.80 -28.75
CA VAL A 436 -22.47 23.46 -30.03
C VAL A 436 -22.08 24.92 -29.97
N ASP A 437 -22.47 25.62 -28.90
CA ASP A 437 -22.09 27.02 -28.75
C ASP A 437 -20.58 27.17 -28.57
N LEU A 438 -19.95 26.19 -27.91
CA LEU A 438 -18.49 26.22 -27.79
C LEU A 438 -17.84 26.00 -29.15
N LEU A 439 -18.41 25.13 -29.98
CA LEU A 439 -17.89 24.93 -31.32
C LEU A 439 -18.08 26.17 -32.20
N ILE A 440 -19.17 26.92 -31.97
CA ILE A 440 -19.37 28.16 -32.71
C ILE A 440 -18.39 29.22 -32.24
N LYS A 441 -18.11 29.26 -30.94
CA LYS A 441 -17.13 30.22 -30.42
C LYS A 441 -15.73 29.93 -30.96
N LEU A 442 -15.31 28.67 -30.88
CA LEU A 442 -14.03 28.28 -31.45
C LEU A 442 -14.01 28.40 -32.97
N ALA A 443 -15.18 28.40 -33.61
CA ALA A 443 -15.26 28.56 -35.06
C ALA A 443 -15.20 30.02 -35.49
N ARG A 444 -15.61 30.95 -34.60
CA ARG A 444 -15.53 32.37 -34.91
C ARG A 444 -14.26 33.03 -34.40
N GLU A 445 -13.60 32.45 -33.40
CA GLU A 445 -12.32 32.97 -32.94
C GLU A 445 -11.16 32.63 -33.87
N MET A 446 -11.36 31.71 -34.80
CA MET A 446 -10.34 31.33 -35.77
C MET A 446 -10.97 31.23 -37.15
N ASP A 447 -10.26 31.75 -38.16
CA ASP A 447 -10.76 31.79 -39.53
C ASP A 447 -10.62 30.41 -40.16
N PHE A 448 -11.66 29.59 -40.01
CA PHE A 448 -11.69 28.27 -40.62
C PHE A 448 -13.13 27.78 -40.66
N THR A 449 -13.36 26.77 -41.48
CA THR A 449 -14.66 26.14 -41.63
C THR A 449 -14.65 24.74 -41.01
N TYR A 450 -15.82 24.28 -40.61
CA TYR A 450 -15.95 22.98 -39.95
C TYR A 450 -17.18 22.27 -40.49
N GLU A 451 -17.40 21.05 -40.00
CA GLU A 451 -18.58 20.26 -40.37
C GLU A 451 -18.82 19.24 -39.26
N VAL A 452 -19.89 19.44 -38.51
CA VAL A 452 -20.21 18.58 -37.38
C VAL A 452 -20.97 17.35 -37.86
N HIS A 453 -20.67 16.20 -37.25
CA HIS A 453 -21.32 14.95 -37.59
C HIS A 453 -21.58 14.16 -36.32
N LEU A 454 -22.71 13.44 -36.31
CA LEU A 454 -23.11 12.65 -35.14
C LEU A 454 -22.51 11.25 -35.24
N VAL A 455 -21.98 10.75 -34.13
CA VAL A 455 -21.38 9.42 -34.05
C VAL A 455 -22.42 8.46 -33.48
N ALA A 456 -22.54 7.29 -34.10
CA ALA A 456 -23.51 6.29 -33.66
C ALA A 456 -23.66 5.29 -32.52
N ASP A 457 -22.72 4.37 -32.39
CA ASP A 457 -22.79 3.36 -31.35
C ASP A 457 -21.27 3.13 -31.40
N GLY A 458 -20.77 2.45 -30.38
CA GLY A 458 -19.35 2.16 -30.27
C GLY A 458 -18.59 3.21 -29.48
N LYS A 459 -18.90 3.33 -28.20
CA LYS A 459 -18.25 4.32 -27.35
C LYS A 459 -17.54 3.65 -26.17
N PHE A 460 -16.61 2.74 -26.46
CA PHE A 460 -15.91 2.05 -25.39
C PHE A 460 -14.50 1.61 -25.80
N GLY A 461 -13.94 2.16 -26.88
CA GLY A 461 -12.59 1.84 -27.31
C GLY A 461 -12.45 0.56 -28.10
N THR A 462 -13.52 -0.23 -28.22
CA THR A 462 -13.50 -1.50 -28.95
C THR A 462 -12.46 -2.52 -28.49
N GLN A 463 -12.67 -3.07 -27.30
CA GLN A 463 -11.76 -4.07 -26.74
C GLN A 463 -11.87 -5.42 -27.43
N GLU A 464 -10.83 -5.82 -28.14
CA GLU A 464 -10.82 -7.09 -28.84
C GLU A 464 -10.69 -8.25 -27.86
N ARG A 465 -11.82 -8.74 -27.35
CA ARG A 465 -11.84 -9.84 -26.40
C ARG A 465 -12.69 -11.02 -26.84
N VAL A 466 -13.68 -10.80 -27.71
CA VAL A 466 -14.52 -11.90 -28.17
C VAL A 466 -13.75 -12.73 -29.19
N ASN A 467 -13.80 -14.05 -29.04
CA ASN A 467 -13.11 -14.95 -29.94
C ASN A 467 -13.78 -14.91 -31.31
N ASN A 468 -13.11 -14.27 -32.28
CA ASN A 468 -13.66 -14.15 -33.62
C ASN A 468 -12.87 -14.83 -34.72
N SER A 469 -12.96 -16.16 -34.78
CA SER A 469 -12.24 -16.96 -35.78
C SER A 469 -10.79 -17.38 -35.70
N ASN A 470 -10.16 -17.17 -34.54
CA ASN A 470 -8.76 -17.51 -34.28
C ASN A 470 -7.84 -16.84 -35.31
N ALA A 471 -7.71 -15.53 -35.16
CA ALA A 471 -6.87 -14.72 -36.03
C ALA A 471 -6.37 -13.52 -35.25
N ALA A 472 -5.55 -12.71 -35.91
CA ALA A 472 -4.99 -11.52 -35.29
C ALA A 472 -5.98 -10.36 -35.39
N ALA A 473 -5.59 -9.20 -34.87
CA ALA A 473 -6.42 -8.01 -34.89
C ALA A 473 -5.53 -6.79 -34.99
N TRP A 474 -6.16 -5.61 -34.99
CA TRP A 474 -5.43 -4.35 -35.09
C TRP A 474 -6.25 -3.26 -34.41
N ASN A 475 -5.54 -2.29 -33.82
CA ASN A 475 -6.20 -1.20 -33.13
C ASN A 475 -6.94 -0.31 -34.12
N GLY A 476 -8.25 -0.15 -33.91
CA GLY A 476 -9.06 0.67 -34.78
C GLY A 476 -9.93 1.67 -34.04
N MET A 477 -9.73 1.78 -32.72
CA MET A 477 -10.52 2.70 -31.92
C MET A 477 -9.69 3.24 -30.76
N MET A 478 -9.98 2.76 -29.54
CA MET A 478 -9.30 3.21 -28.33
C MET A 478 -9.49 4.71 -28.47
N GLY A 479 -8.39 5.45 -28.62
CA GLY A 479 -8.48 6.89 -28.77
C GLY A 479 -9.65 7.52 -29.51
N GLU A 480 -10.14 6.85 -30.56
CA GLU A 480 -11.27 7.33 -31.36
C GLU A 480 -11.02 8.73 -31.90
N LEU A 481 -10.25 8.83 -32.98
CA LEU A 481 -9.95 10.11 -33.61
C LEU A 481 -9.49 9.92 -35.04
N LEU A 482 -8.92 8.75 -35.34
CA LEU A 482 -8.43 8.45 -36.69
C LEU A 482 -9.10 7.65 -37.79
N SER A 483 -10.39 7.35 -37.63
CA SER A 483 -11.17 6.58 -38.59
C SER A 483 -10.90 6.98 -40.03
N GLY A 484 -11.26 8.23 -40.39
CA GLY A 484 -11.05 8.72 -41.73
C GLY A 484 -11.88 9.94 -42.04
N GLN A 485 -12.80 10.29 -41.14
CA GLN A 485 -13.66 11.46 -41.32
C GLN A 485 -13.80 12.28 -40.06
N ALA A 486 -12.95 12.07 -39.06
CA ALA A 486 -13.00 12.79 -37.79
C ALA A 486 -11.64 13.41 -37.51
N ASP A 487 -11.66 14.63 -36.98
CA ASP A 487 -10.42 15.35 -36.67
C ASP A 487 -10.37 15.83 -35.23
N MET A 488 -11.50 16.23 -34.65
CA MET A 488 -11.52 16.69 -33.27
C MET A 488 -12.93 16.50 -32.71
N ILE A 489 -13.02 15.89 -31.53
CA ILE A 489 -14.27 15.60 -30.87
C ILE A 489 -14.46 16.60 -29.74
N VAL A 490 -15.66 17.17 -29.63
CA VAL A 490 -15.96 18.17 -28.62
C VAL A 490 -16.69 17.52 -27.45
N ALA A 491 -16.79 16.20 -27.47
CA ALA A 491 -17.48 15.49 -26.40
C ALA A 491 -16.60 15.44 -25.14
N PRO A 492 -17.18 15.64 -23.97
CA PRO A 492 -16.38 15.60 -22.73
C PRO A 492 -15.94 14.19 -22.37
N LEU A 493 -14.90 13.69 -23.03
CA LEU A 493 -14.40 12.36 -22.77
C LEU A 493 -13.32 12.38 -21.69
N THR A 494 -13.14 11.25 -21.03
CA THR A 494 -12.16 11.12 -19.97
C THR A 494 -10.75 11.06 -20.56
N ILE A 495 -9.76 11.30 -19.69
CA ILE A 495 -8.35 11.29 -20.08
C ILE A 495 -7.66 10.23 -19.26
N ASN A 496 -7.19 9.17 -19.93
CA ASN A 496 -6.47 8.08 -19.28
C ASN A 496 -5.22 7.76 -20.08
N ASN A 497 -4.35 6.94 -19.47
CA ASN A 497 -3.10 6.59 -20.13
C ASN A 497 -3.32 5.67 -21.34
N GLU A 498 -4.33 4.80 -21.26
CA GLU A 498 -4.61 3.89 -22.38
C GLU A 498 -5.13 4.64 -23.59
N ARG A 499 -5.88 5.72 -23.37
CA ARG A 499 -6.42 6.52 -24.47
C ARG A 499 -5.42 7.55 -24.98
N ALA A 500 -4.68 8.19 -24.07
CA ALA A 500 -3.73 9.23 -24.43
C ALA A 500 -2.34 8.69 -24.73
N GLN A 501 -2.14 7.38 -24.69
CA GLN A 501 -0.82 6.82 -24.98
C GLN A 501 -0.50 6.85 -26.47
N TYR A 502 -1.52 6.97 -27.33
CA TYR A 502 -1.32 6.99 -28.77
C TYR A 502 -1.81 8.27 -29.42
N ILE A 503 -2.26 9.25 -28.64
CA ILE A 503 -2.78 10.50 -29.18
C ILE A 503 -2.46 11.63 -28.21
N GLU A 504 -2.33 12.84 -28.73
CA GLU A 504 -2.04 14.02 -27.93
C GLU A 504 -3.34 14.62 -27.39
N PHE A 505 -3.30 15.06 -26.14
CA PHE A 505 -4.46 15.64 -25.49
C PHE A 505 -4.08 16.99 -24.88
N SER A 506 -5.07 17.86 -24.74
CA SER A 506 -4.88 19.18 -24.17
C SER A 506 -5.30 19.17 -22.70
N LYS A 507 -5.22 20.34 -22.07
CA LYS A 507 -5.58 20.44 -20.66
C LYS A 507 -7.11 20.43 -20.50
N PRO A 508 -7.62 19.78 -19.47
CA PRO A 508 -9.07 19.78 -19.25
C PRO A 508 -9.58 21.16 -18.85
N PHE A 509 -10.80 21.46 -19.27
CA PHE A 509 -11.42 22.74 -18.95
C PHE A 509 -12.35 22.67 -17.75
N LYS A 510 -12.67 21.47 -17.27
CA LYS A 510 -13.53 21.31 -16.11
C LYS A 510 -13.22 19.99 -15.43
N TYR A 511 -13.02 20.02 -14.12
CA TYR A 511 -12.69 18.84 -13.32
C TYR A 511 -13.89 18.51 -12.44
N GLN A 512 -14.52 17.37 -12.72
CA GLN A 512 -15.68 16.92 -11.96
C GLN A 512 -15.52 15.44 -11.62
N GLY A 513 -16.07 15.05 -10.47
CA GLY A 513 -16.00 13.70 -9.99
C GLY A 513 -17.27 12.91 -10.27
N LEU A 514 -17.35 11.74 -9.66
CA LEU A 514 -18.50 10.84 -9.80
C LEU A 514 -19.28 10.79 -8.50
N THR A 515 -20.60 10.68 -8.62
CA THR A 515 -21.50 10.62 -7.47
C THR A 515 -22.40 9.41 -7.60
N ILE A 516 -22.89 8.94 -6.45
CA ILE A 516 -23.77 7.79 -6.37
C ILE A 516 -25.11 8.11 -5.71
N LEU A 517 -25.39 9.38 -5.48
CA LEU A 517 -26.64 9.78 -4.85
C LEU A 517 -27.77 9.74 -5.87
N VAL A 518 -28.89 9.12 -5.49
CA VAL A 518 -30.04 9.00 -6.38
C VAL A 518 -31.23 9.85 -5.96
N LYS A 519 -31.99 9.37 -4.97
CA LYS A 519 -33.16 10.09 -4.50
C LYS A 519 -33.70 9.35 -3.28
N LYS A 520 -33.99 10.12 -2.22
CA LYS A 520 -34.51 9.58 -0.98
C LYS A 520 -35.96 10.03 -0.78
N GLU A 521 -36.72 9.20 -0.08
CA GLU A 521 -38.12 9.48 0.21
C GLU A 521 -38.27 10.09 1.60
N ILE A 522 -39.49 10.53 1.90
CA ILE A 522 -39.81 11.13 3.19
C ILE A 522 -41.26 10.85 3.54
N PRO A 523 -41.55 10.11 4.61
CA PRO A 523 -42.93 9.84 4.98
C PRO A 523 -43.56 11.05 5.68
N ARG A 524 -44.83 11.29 5.36
CA ARG A 524 -45.57 12.40 5.95
C ARG A 524 -47.06 12.11 5.83
N SER A 525 -47.85 12.91 6.53
CA SER A 525 -49.30 12.77 6.53
C SER A 525 -49.94 13.98 5.86
N THR A 526 -51.15 13.78 5.33
CA THR A 526 -51.90 14.83 4.66
C THR A 526 -53.18 15.19 5.39
N LEU A 527 -53.98 14.19 5.78
CA LEU A 527 -55.22 14.46 6.48
C LEU A 527 -54.96 14.93 7.90
N ASP A 528 -54.25 14.10 8.68
CA ASP A 528 -53.88 14.41 10.06
C ASP A 528 -55.11 14.69 10.91
N SER A 529 -55.78 13.63 11.37
CA SER A 529 -56.94 13.74 12.24
C SER A 529 -56.61 13.38 13.68
N PHE A 530 -55.43 13.81 14.16
CA PHE A 530 -54.88 13.50 15.48
C PHE A 530 -55.13 12.06 15.91
N MET A 531 -55.19 11.84 17.23
CA MET A 531 -55.37 10.53 17.86
C MET A 531 -54.62 9.42 17.15
N GLN A 532 -53.40 9.69 16.70
CA GLN A 532 -52.58 8.69 16.04
C GLN A 532 -51.55 8.07 16.98
N PRO A 533 -50.74 8.88 17.70
CA PRO A 533 -49.75 8.26 18.60
C PRO A 533 -50.38 7.62 19.83
N PHE A 534 -51.56 8.07 20.25
CA PHE A 534 -52.24 7.52 21.41
C PHE A 534 -53.57 6.93 21.00
N GLN A 535 -53.96 5.86 21.69
CA GLN A 535 -55.21 5.18 21.39
C GLN A 535 -56.40 6.01 21.90
N SER A 536 -57.58 5.71 21.35
CA SER A 536 -58.79 6.41 21.74
C SER A 536 -59.17 6.17 23.19
N THR A 537 -58.68 5.10 23.80
CA THR A 537 -58.96 4.83 25.21
C THR A 537 -58.36 5.89 26.13
N LEU A 538 -57.32 6.59 25.69
CA LEU A 538 -56.76 7.67 26.49
C LEU A 538 -57.72 8.85 26.55
N TRP A 539 -58.24 9.26 25.40
CA TRP A 539 -59.25 10.32 25.39
C TRP A 539 -60.53 9.87 26.08
N LEU A 540 -60.86 8.58 25.99
CA LEU A 540 -62.00 8.06 26.74
C LEU A 540 -61.76 8.16 28.25
N LEU A 541 -60.51 7.98 28.67
CA LEU A 541 -60.18 8.19 30.08
C LEU A 541 -60.23 9.67 30.46
N VAL A 542 -59.85 10.56 29.54
CA VAL A 542 -59.94 12.00 29.79
C VAL A 542 -61.40 12.39 30.00
N GLY A 543 -62.29 11.92 29.11
CA GLY A 543 -63.71 12.17 29.29
C GLY A 543 -64.26 11.52 30.54
N LEU A 544 -63.75 10.33 30.89
CA LEU A 544 -64.16 9.69 32.13
C LEU A 544 -63.81 10.54 33.34
N SER A 545 -62.65 11.20 33.31
CA SER A 545 -62.30 12.13 34.37
C SER A 545 -63.25 13.33 34.38
N VAL A 546 -63.72 13.76 33.21
CA VAL A 546 -64.70 14.83 33.15
C VAL A 546 -66.00 14.39 33.80
N HIS A 547 -66.37 13.12 33.64
CA HIS A 547 -67.56 12.60 34.32
C HIS A 547 -67.33 12.51 35.82
N VAL A 548 -66.11 12.15 36.23
CA VAL A 548 -65.81 12.04 37.67
C VAL A 548 -65.87 13.42 38.33
N VAL A 549 -65.35 14.44 37.66
CA VAL A 549 -65.43 15.80 38.21
C VAL A 549 -66.86 16.31 38.16
N ALA A 550 -67.60 15.96 37.10
CA ALA A 550 -68.98 16.41 36.97
C ALA A 550 -69.85 15.85 38.09
N VAL A 551 -69.73 14.55 38.35
CA VAL A 551 -70.48 13.95 39.46
C VAL A 551 -69.89 14.36 40.80
N MET A 552 -68.62 14.76 40.82
CA MET A 552 -68.00 15.18 42.08
C MET A 552 -68.52 16.54 42.52
N LEU A 553 -68.72 17.47 41.58
CA LEU A 553 -69.27 18.77 41.92
C LEU A 553 -70.70 18.65 42.44
N TYR A 554 -71.43 17.62 42.01
CA TYR A 554 -72.77 17.39 42.54
C TYR A 554 -72.73 16.61 43.85
N LEU A 555 -71.71 15.79 44.06
CA LEU A 555 -71.59 15.04 45.30
C LEU A 555 -71.18 15.92 46.47
N LEU A 556 -70.42 16.99 46.20
CA LEU A 556 -69.98 17.89 47.26
C LEU A 556 -71.11 18.69 47.91
N ASP A 557 -71.65 19.65 47.17
CA ASP A 557 -72.74 20.48 47.69
C ASP A 557 -74.02 19.64 47.68
N ARG A 558 -74.92 19.98 48.61
CA ARG A 558 -76.18 19.26 48.74
C ARG A 558 -77.24 19.89 47.85
N PHE A 559 -78.00 19.04 47.15
CA PHE A 559 -79.06 19.51 46.28
C PHE A 559 -80.04 18.35 46.35
N SER A 560 -81.05 18.35 45.48
CA SER A 560 -82.05 17.30 45.45
C SER A 560 -82.00 16.27 44.32
N PRO A 561 -82.48 15.05 44.55
CA PRO A 561 -82.48 14.03 43.50
C PRO A 561 -83.39 14.44 42.34
N PHE A 562 -82.81 14.47 41.14
CA PHE A 562 -83.56 14.85 39.94
C PHE A 562 -84.03 14.26 38.62
N GLY A 563 -84.13 12.93 38.54
CA GLY A 563 -84.57 12.27 37.32
C GLY A 563 -86.03 12.42 36.99
N ARG A 564 -86.56 13.64 36.98
CA ARG A 564 -87.96 13.89 36.67
C ARG A 564 -88.17 14.64 35.36
N PHE A 565 -87.37 15.67 35.10
CA PHE A 565 -87.48 16.46 33.88
C PHE A 565 -86.37 16.04 32.90
N GLU A 566 -86.08 16.90 31.93
CA GLU A 566 -85.05 16.62 30.93
C GLU A 566 -83.76 17.37 31.24
N ASP A 567 -83.82 18.70 31.36
CA ASP A 567 -82.67 19.52 31.65
C ASP A 567 -82.61 19.84 33.14
N ALA A 568 -81.42 19.74 33.71
CA ALA A 568 -81.19 20.00 35.12
C ALA A 568 -80.64 21.43 35.29
N LEU A 569 -80.01 21.69 36.43
CA LEU A 569 -79.45 23.01 36.71
C LEU A 569 -78.01 22.88 37.21
N THR A 570 -77.83 22.20 38.34
CA THR A 570 -76.49 22.03 38.89
C THR A 570 -75.66 21.06 38.05
N LEU A 571 -76.31 20.14 37.33
CA LEU A 571 -75.57 19.23 36.47
C LEU A 571 -75.05 19.94 35.23
N SER A 572 -75.92 20.73 34.57
CA SER A 572 -75.48 21.48 33.40
C SER A 572 -74.49 22.58 33.79
N SER A 573 -74.70 23.21 34.94
CA SER A 573 -73.76 24.22 35.41
C SER A 573 -72.42 23.60 35.77
N ALA A 574 -72.43 22.45 36.43
CA ALA A 574 -71.18 21.77 36.76
C ALA A 574 -70.46 21.31 35.50
N MET A 575 -71.21 20.87 34.49
CA MET A 575 -70.59 20.49 33.22
C MET A 575 -70.00 21.70 32.52
N TRP A 576 -70.68 22.85 32.61
CA TRP A 576 -70.12 24.08 32.05
C TRP A 576 -68.89 24.53 32.81
N PHE A 577 -68.80 24.19 34.11
CA PHE A 577 -67.59 24.50 34.86
C PHE A 577 -66.45 23.57 34.46
N SER A 578 -66.73 22.28 34.28
CA SER A 578 -65.70 21.33 33.88
C SER A 578 -65.16 21.66 32.49
N TRP A 579 -66.06 21.93 31.53
CA TRP A 579 -65.63 22.35 30.21
C TRP A 579 -65.04 23.76 30.22
N ARG A 580 -65.37 24.56 31.24
CA ARG A 580 -64.80 25.90 31.34
C ARG A 580 -63.36 25.86 31.80
N VAL A 581 -63.04 24.99 32.76
CA VAL A 581 -61.68 24.91 33.27
C VAL A 581 -60.81 24.03 32.39
N LEU A 582 -61.37 22.95 31.84
CA LEU A 582 -60.61 22.03 31.00
C LEU A 582 -60.19 22.68 29.70
N LEU A 583 -61.16 23.08 28.88
CA LEU A 583 -60.88 23.68 27.58
C LEU A 583 -60.58 25.17 27.66
N ASN A 584 -60.45 25.71 28.88
CA ASN A 584 -60.12 27.11 29.08
C ASN A 584 -61.13 28.03 28.39
N SER A 585 -62.32 28.16 28.95
CA SER A 585 -63.35 29.02 28.39
C SER A 585 -63.43 30.18 29.37
N GLY A 586 -64.47 31.00 29.25
CA GLY A 586 -64.65 32.13 30.13
C GLY A 586 -66.02 32.75 30.02
N LEU A 587 -66.74 32.83 31.13
CA LEU A 587 -68.07 33.44 31.15
C LEU A 587 -67.74 34.35 32.32
N GLY A 588 -68.76 34.98 32.90
CA GLY A 588 -68.55 35.86 34.03
C GLY A 588 -69.87 36.05 34.75
N GLU A 589 -70.05 35.31 35.85
CA GLU A 589 -71.28 35.40 36.63
C GLU A 589 -71.00 35.17 38.11
N GLY A 590 -69.78 34.72 38.41
CA GLY A 590 -69.42 34.45 39.79
C GLY A 590 -68.16 33.61 39.86
N ALA A 591 -67.98 32.94 41.00
CA ALA A 591 -66.83 32.09 41.22
C ALA A 591 -67.18 31.07 42.29
N PRO A 592 -66.62 29.85 42.22
CA PRO A 592 -66.91 28.85 43.25
C PRO A 592 -66.41 29.32 44.62
N ARG A 593 -67.30 29.24 45.61
CA ARG A 593 -66.97 29.70 46.96
C ARG A 593 -66.37 28.61 47.82
N SER A 594 -66.79 27.35 47.63
CA SER A 594 -66.28 26.26 48.45
C SER A 594 -64.83 25.96 48.10
N PHE A 595 -64.07 25.56 49.12
CA PHE A 595 -62.65 25.24 48.92
C PHE A 595 -62.46 23.89 48.23
N SER A 596 -63.44 22.99 48.33
CA SER A 596 -63.33 21.69 47.66
C SER A 596 -63.30 21.86 46.14
N ALA A 597 -64.26 22.63 45.60
CA ALA A 597 -64.25 22.94 44.18
C ALA A 597 -63.09 23.85 43.81
N ARG A 598 -62.51 24.56 44.78
CA ARG A 598 -61.34 25.39 44.50
C ARG A 598 -60.11 24.54 44.27
N ILE A 599 -59.85 23.57 45.16
CA ILE A 599 -58.72 22.68 44.98
C ILE A 599 -58.94 21.75 43.78
N LEU A 600 -60.18 21.27 43.61
CA LEU A 600 -60.49 20.43 42.47
C LEU A 600 -60.31 21.19 41.16
N GLY A 601 -60.70 22.47 41.14
CA GLY A 601 -60.48 23.29 39.96
C GLY A 601 -59.02 23.63 39.74
N MET A 602 -58.24 23.71 40.82
CA MET A 602 -56.81 23.99 40.67
C MET A 602 -56.08 22.79 40.10
N VAL A 603 -56.32 21.59 40.65
CA VAL A 603 -55.68 20.40 40.13
C VAL A 603 -56.23 20.05 38.75
N TRP A 604 -57.49 20.42 38.47
CA TRP A 604 -58.06 20.17 37.16
C TRP A 604 -57.46 21.10 36.11
N ALA A 605 -57.28 22.38 36.45
CA ALA A 605 -56.60 23.30 35.55
C ALA A 605 -55.14 22.89 35.34
N GLY A 606 -54.50 22.38 36.40
CA GLY A 606 -53.15 21.87 36.26
C GLY A 606 -53.08 20.67 35.34
N PHE A 607 -54.07 19.78 35.43
CA PHE A 607 -54.14 18.64 34.52
C PHE A 607 -54.37 19.10 33.09
N ALA A 608 -55.18 20.16 32.91
CA ALA A 608 -55.39 20.71 31.58
C ALA A 608 -54.11 21.28 31.01
N MET A 609 -53.34 22.01 31.83
CA MET A 609 -52.05 22.51 31.37
C MET A 609 -51.08 21.39 31.08
N ILE A 610 -51.18 20.28 31.82
CA ILE A 610 -50.29 19.14 31.58
C ILE A 610 -50.63 18.46 30.25
N ILE A 611 -51.92 18.32 29.95
CA ILE A 611 -52.28 17.63 28.71
C ILE A 611 -52.10 18.53 27.49
N VAL A 612 -52.30 19.84 27.63
CA VAL A 612 -52.11 20.71 26.48
C VAL A 612 -50.62 21.01 26.25
N ALA A 613 -49.84 21.12 27.33
CA ALA A 613 -48.41 21.33 27.17
C ALA A 613 -47.71 20.05 26.73
N SER A 614 -48.16 18.90 27.22
CA SER A 614 -47.60 17.63 26.78
C SER A 614 -48.01 17.33 25.35
N TYR A 615 -49.25 17.68 24.98
CA TYR A 615 -49.67 17.51 23.59
C TYR A 615 -48.90 18.44 22.67
N THR A 616 -48.64 19.67 23.11
CA THR A 616 -47.80 20.58 22.33
C THR A 616 -46.40 20.02 22.18
N ALA A 617 -45.86 19.42 23.24
CA ALA A 617 -44.54 18.80 23.16
C ALA A 617 -44.54 17.61 22.21
N ASN A 618 -45.65 16.87 22.15
CA ASN A 618 -45.75 15.79 21.18
C ASN A 618 -45.87 16.32 19.76
N LEU A 619 -46.46 17.51 19.60
CA LEU A 619 -46.52 18.12 18.27
C LEU A 619 -45.15 18.59 17.82
N ALA A 620 -44.39 19.23 18.71
CA ALA A 620 -43.04 19.65 18.38
C ALA A 620 -42.15 18.43 18.13
N ALA A 621 -42.32 17.37 18.91
CA ALA A 621 -41.59 16.14 18.67
C ALA A 621 -42.03 15.45 17.38
N PHE A 622 -43.25 15.72 16.91
CA PHE A 622 -43.70 15.18 15.63
C PHE A 622 -43.15 15.99 14.47
N LEU A 623 -42.93 17.30 14.66
CA LEU A 623 -42.37 18.14 13.62
C LEU A 623 -40.85 18.16 13.61
N VAL A 624 -40.24 17.62 14.66
CA VAL A 624 -38.80 17.43 14.69
C VAL A 624 -38.44 16.54 13.51
N LEU A 625 -39.25 15.50 13.31
CA LEU A 625 -39.09 14.59 12.19
C LEU A 625 -37.60 14.46 11.89
N ARG A 626 -36.80 14.30 12.94
CA ARG A 626 -35.36 14.18 12.77
C ARG A 626 -35.12 12.67 12.69
N ARG A 627 -34.60 12.23 11.55
CA ARG A 627 -34.31 10.81 11.35
C ARG A 627 -33.97 10.52 9.89
N PRO A 628 -32.81 11.00 9.47
CA PRO A 628 -32.33 10.75 8.10
C PRO A 628 -32.52 9.28 7.75
N GLU A 629 -32.74 8.45 8.77
CA GLU A 629 -32.95 7.03 8.56
C GLU A 629 -32.57 6.62 7.15
N GLU A 630 -31.41 7.07 6.71
CA GLU A 630 -30.91 6.75 5.37
C GLU A 630 -29.66 7.55 5.06
N ARG A 631 -28.96 7.18 4.00
CA ARG A 631 -27.73 7.87 3.60
C ARG A 631 -26.84 7.02 2.73
N ILE A 632 -25.79 7.64 2.19
CA ILE A 632 -24.85 6.95 1.32
C ILE A 632 -23.52 6.74 2.02
N THR A 633 -23.04 7.76 2.72
CA THR A 633 -21.79 7.65 3.46
C THR A 633 -20.92 8.88 3.20
N GLY A 634 -20.38 9.00 2.00
CA GLY A 634 -19.53 10.13 1.65
C GLY A 634 -18.70 9.90 0.40
N ILE A 635 -17.40 9.70 0.58
CA ILE A 635 -16.50 9.50 -0.56
C ILE A 635 -16.41 8.05 -0.99
N ASN A 636 -16.83 7.11 -0.15
CA ASN A 636 -16.76 5.69 -0.49
C ASN A 636 -17.84 4.96 0.31
N ASP A 637 -18.84 4.43 -0.38
CA ASP A 637 -19.91 3.70 0.28
C ASP A 637 -19.46 2.28 0.59
N PRO A 638 -19.53 1.83 1.83
CA PRO A 638 -19.12 0.44 2.15
C PRO A 638 -19.98 -0.61 1.47
N ARG A 639 -21.20 -0.26 1.04
CA ARG A 639 -22.05 -1.22 0.36
C ARG A 639 -21.58 -1.52 -1.06
N LEU A 640 -20.71 -0.68 -1.63
CA LEU A 640 -20.22 -0.92 -2.97
C LEU A 640 -19.21 -2.07 -2.98
N ARG A 641 -18.39 -2.17 -1.94
CA ARG A 641 -17.40 -3.25 -1.88
C ARG A 641 -18.03 -4.59 -1.54
N ASN A 642 -19.13 -4.60 -0.81
CA ASN A 642 -19.80 -5.84 -0.43
C ASN A 642 -20.76 -6.25 -1.55
N PRO A 643 -20.66 -7.46 -2.08
CA PRO A 643 -21.58 -7.87 -3.15
C PRO A 643 -22.97 -8.15 -2.60
N SER A 644 -23.97 -7.83 -3.41
CA SER A 644 -25.37 -8.04 -3.04
C SER A 644 -26.18 -8.29 -4.30
N ASP A 645 -27.05 -9.30 -4.23
CA ASP A 645 -27.91 -9.66 -5.36
C ASP A 645 -29.27 -9.00 -5.32
N LYS A 646 -29.66 -8.41 -4.19
CA LYS A 646 -30.95 -7.75 -4.08
C LYS A 646 -30.90 -6.26 -4.40
N PHE A 647 -29.71 -5.65 -4.37
CA PHE A 647 -29.52 -4.23 -4.67
C PHE A 647 -28.37 -4.12 -5.68
N ILE A 648 -28.68 -4.37 -6.94
CA ILE A 648 -27.67 -4.35 -7.99
C ILE A 648 -27.32 -2.91 -8.32
N TYR A 649 -26.02 -2.63 -8.37
CA TYR A 649 -25.52 -1.29 -8.72
C TYR A 649 -25.18 -1.28 -10.21
N ALA A 650 -26.22 -1.20 -11.03
CA ALA A 650 -26.03 -1.18 -12.47
C ALA A 650 -25.48 0.17 -12.93
N THR A 651 -24.67 0.13 -13.97
CA THR A 651 -24.05 1.32 -14.54
C THR A 651 -24.19 1.28 -16.05
N VAL A 652 -23.62 2.28 -16.72
CA VAL A 652 -23.67 2.37 -18.17
C VAL A 652 -22.72 1.33 -18.76
N LYS A 653 -23.24 0.45 -19.60
CA LYS A 653 -22.42 -0.57 -20.23
C LYS A 653 -21.66 0.00 -21.41
N GLN A 654 -20.40 -0.41 -21.53
CA GLN A 654 -19.52 0.01 -22.63
C GLN A 654 -19.38 1.53 -22.67
N SER A 655 -18.67 2.09 -21.70
CA SER A 655 -18.46 3.53 -21.63
C SER A 655 -17.14 3.78 -20.89
N SER A 656 -16.93 5.02 -20.45
CA SER A 656 -15.72 5.37 -19.71
C SER A 656 -15.65 4.74 -18.33
N VAL A 657 -16.80 4.38 -17.75
CA VAL A 657 -16.80 3.73 -16.44
C VAL A 657 -16.17 2.36 -16.53
N ASP A 658 -16.30 1.67 -17.67
CA ASP A 658 -15.63 0.39 -17.85
C ASP A 658 -14.12 0.56 -17.95
N ILE A 659 -13.66 1.66 -18.56
CA ILE A 659 -12.23 1.92 -18.63
C ILE A 659 -11.68 2.28 -17.25
N TYR A 660 -12.44 3.07 -16.49
CA TYR A 660 -12.00 3.42 -15.13
C TYR A 660 -11.98 2.19 -14.23
N PHE A 661 -12.96 1.31 -14.36
CA PHE A 661 -12.98 0.06 -13.61
C PHE A 661 -12.03 -0.98 -14.17
N ARG A 662 -11.46 -0.75 -15.35
CA ARG A 662 -10.50 -1.69 -15.94
C ARG A 662 -9.06 -1.31 -15.63
N ARG A 663 -8.74 -0.02 -15.63
CA ARG A 663 -7.38 0.43 -15.35
C ARG A 663 -7.04 0.45 -13.87
N GLN A 664 -8.02 0.21 -13.00
CA GLN A 664 -7.77 0.20 -11.57
C GLN A 664 -7.24 -1.17 -11.13
N VAL A 665 -6.96 -1.30 -9.83
CA VAL A 665 -6.45 -2.55 -9.28
C VAL A 665 -6.97 -2.71 -7.86
N GLU A 666 -7.48 -1.62 -7.28
CA GLU A 666 -8.00 -1.65 -5.92
C GLU A 666 -9.31 -2.44 -5.85
N LEU A 667 -10.38 -1.87 -6.42
CA LEU A 667 -11.69 -2.53 -6.42
C LEU A 667 -11.82 -3.41 -7.67
N SER A 668 -11.14 -4.55 -7.62
CA SER A 668 -11.14 -5.50 -8.71
C SER A 668 -12.12 -6.65 -8.52
N THR A 669 -12.50 -6.96 -7.27
CA THR A 669 -13.43 -8.04 -7.01
C THR A 669 -14.87 -7.67 -7.36
N MET A 670 -15.18 -6.39 -7.53
CA MET A 670 -16.52 -5.95 -7.85
C MET A 670 -16.73 -5.78 -9.35
N TYR A 671 -15.67 -5.78 -10.15
CA TYR A 671 -15.82 -5.63 -11.59
C TYR A 671 -16.55 -6.82 -12.21
N ARG A 672 -16.41 -8.01 -11.61
CA ARG A 672 -17.11 -9.18 -12.13
C ARG A 672 -18.60 -9.12 -11.82
N HIS A 673 -18.96 -8.59 -10.65
CA HIS A 673 -20.37 -8.48 -10.29
C HIS A 673 -21.05 -7.34 -11.04
N MET A 674 -20.43 -6.17 -11.08
CA MET A 674 -20.98 -5.03 -11.79
C MET A 674 -20.79 -5.11 -13.30
N GLU A 675 -20.02 -6.06 -13.80
CA GLU A 675 -19.79 -6.18 -15.23
C GLU A 675 -21.03 -6.68 -15.96
N LYS A 676 -21.76 -7.62 -15.35
CA LYS A 676 -22.95 -8.19 -15.96
C LYS A 676 -24.19 -7.43 -15.54
N HIS A 677 -25.24 -7.56 -16.35
CA HIS A 677 -26.54 -6.91 -16.13
C HIS A 677 -26.37 -5.39 -16.03
N ASN A 678 -26.12 -4.80 -17.20
CA ASN A 678 -25.98 -3.36 -17.32
C ASN A 678 -26.61 -2.90 -18.63
N TYR A 679 -26.95 -1.61 -18.69
CA TYR A 679 -27.56 -1.01 -19.87
C TYR A 679 -26.52 -0.22 -20.65
N GLU A 680 -26.56 -0.35 -21.98
CA GLU A 680 -25.63 0.32 -22.86
C GLU A 680 -26.14 1.69 -23.32
N SER A 681 -27.23 2.17 -22.76
CA SER A 681 -27.81 3.45 -23.12
C SER A 681 -27.90 4.35 -21.89
N ALA A 682 -27.74 5.65 -22.13
CA ALA A 682 -27.82 6.61 -21.04
C ALA A 682 -29.26 6.96 -20.68
N ALA A 683 -30.10 7.18 -21.70
CA ALA A 683 -31.50 7.51 -21.45
C ALA A 683 -32.24 6.34 -20.81
N GLU A 684 -31.83 5.10 -21.10
CA GLU A 684 -32.46 3.95 -20.47
C GLU A 684 -32.09 3.85 -19.00
N ALA A 685 -30.87 4.25 -18.63
CA ALA A 685 -30.46 4.21 -17.23
C ALA A 685 -31.06 5.37 -16.44
N ILE A 686 -31.00 6.58 -16.99
CA ILE A 686 -31.57 7.74 -16.30
C ILE A 686 -33.08 7.60 -16.19
N GLN A 687 -33.71 7.04 -17.22
CA GLN A 687 -35.15 6.79 -17.16
C GLN A 687 -35.47 5.60 -16.25
N ALA A 688 -34.57 4.63 -16.16
CA ALA A 688 -34.82 3.45 -15.35
C ALA A 688 -34.69 3.75 -13.85
N VAL A 689 -33.75 4.61 -13.47
CA VAL A 689 -33.58 4.92 -12.06
C VAL A 689 -34.70 5.82 -11.53
N ARG A 690 -35.45 6.47 -12.41
CA ARG A 690 -36.57 7.30 -11.99
C ARG A 690 -37.93 6.67 -12.27
N ASP A 691 -38.00 5.66 -13.13
CA ASP A 691 -39.25 4.98 -13.45
C ASP A 691 -39.41 3.67 -12.67
N ASN A 692 -38.73 3.55 -11.53
CA ASN A 692 -38.78 2.35 -10.69
C ASN A 692 -38.39 1.11 -11.47
N LYS A 693 -37.09 0.89 -11.64
CA LYS A 693 -36.58 -0.26 -12.37
C LYS A 693 -35.29 -0.68 -11.69
N LEU A 694 -34.27 0.16 -11.78
CA LEU A 694 -32.98 -0.09 -11.17
C LEU A 694 -32.86 0.42 -9.73
N HIS A 695 -31.88 -0.12 -9.02
CA HIS A 695 -31.68 0.27 -7.63
C HIS A 695 -30.82 1.52 -7.52
N ALA A 696 -29.67 1.53 -8.18
CA ALA A 696 -28.77 2.68 -8.15
C ALA A 696 -28.01 2.75 -9.47
N PHE A 697 -27.34 3.87 -9.69
CA PHE A 697 -26.56 4.09 -10.90
C PHE A 697 -25.19 4.65 -10.54
N ILE A 698 -24.19 4.26 -11.31
CA ILE A 698 -22.82 4.72 -11.12
C ILE A 698 -22.46 5.56 -12.34
N TRP A 699 -22.51 6.88 -12.17
CA TRP A 699 -22.24 7.80 -13.26
C TRP A 699 -21.79 9.14 -12.68
N ASP A 700 -21.02 9.88 -13.47
CA ASP A 700 -20.50 11.16 -13.00
C ASP A 700 -21.63 12.16 -12.83
N SER A 701 -21.33 13.23 -12.08
CA SER A 701 -22.32 14.26 -11.78
C SER A 701 -22.50 15.27 -12.90
N ALA A 702 -21.78 15.12 -14.02
CA ALA A 702 -21.91 16.06 -15.12
C ALA A 702 -23.32 16.04 -15.69
N VAL A 703 -23.81 14.85 -16.05
CA VAL A 703 -25.19 14.72 -16.52
C VAL A 703 -26.19 14.74 -15.37
N LEU A 704 -25.77 14.32 -14.17
CA LEU A 704 -26.68 14.27 -13.04
C LEU A 704 -27.09 15.66 -12.58
N GLU A 705 -26.18 16.64 -12.67
CA GLU A 705 -26.53 18.00 -12.25
C GLU A 705 -27.45 18.67 -13.27
N PHE A 706 -27.33 18.32 -14.55
CA PHE A 706 -28.17 18.92 -15.57
C PHE A 706 -29.56 18.28 -15.59
N GLU A 707 -29.62 16.95 -15.56
CA GLU A 707 -30.92 16.28 -15.51
C GLU A 707 -31.61 16.51 -14.17
N ALA A 708 -30.85 16.63 -13.09
CA ALA A 708 -31.44 16.91 -11.79
C ALA A 708 -31.88 18.37 -11.68
N SER A 709 -31.10 19.29 -12.25
CA SER A 709 -31.44 20.70 -12.24
C SER A 709 -32.46 21.07 -13.31
N GLN A 710 -32.82 20.12 -14.19
CA GLN A 710 -33.79 20.36 -15.24
C GLN A 710 -35.12 19.64 -14.99
N LYS A 711 -35.07 18.36 -14.62
CA LYS A 711 -36.29 17.60 -14.36
C LYS A 711 -36.86 17.87 -12.98
N CYS A 712 -36.09 18.48 -12.07
CA CYS A 712 -36.54 18.79 -10.71
C CYS A 712 -37.00 17.53 -9.99
N ASP A 713 -36.24 16.46 -10.13
CA ASP A 713 -36.55 15.18 -9.49
C ASP A 713 -35.41 14.64 -8.65
N LEU A 714 -34.17 14.70 -9.15
CA LEU A 714 -33.01 14.21 -8.44
C LEU A 714 -32.24 15.37 -7.81
N VAL A 715 -31.21 15.03 -7.04
CA VAL A 715 -30.38 16.01 -6.37
C VAL A 715 -28.99 15.41 -6.16
N THR A 716 -27.97 16.25 -6.30
CA THR A 716 -26.59 15.82 -6.13
C THR A 716 -26.15 16.01 -4.68
N THR A 717 -24.99 15.46 -4.36
CA THR A 717 -24.42 15.54 -3.02
C THR A 717 -23.39 16.66 -2.97
N GLY A 718 -22.64 16.73 -1.87
CA GLY A 718 -21.63 17.76 -1.70
C GLY A 718 -20.24 17.31 -2.10
N GLU A 719 -19.83 16.14 -1.63
CA GLU A 719 -18.50 15.62 -1.95
C GLU A 719 -18.46 15.11 -3.38
N LEU A 720 -17.27 15.17 -3.98
CA LEU A 720 -17.04 14.73 -5.36
C LEU A 720 -15.81 13.80 -5.35
N PHE A 721 -16.05 12.53 -5.03
CA PHE A 721 -14.97 11.55 -5.01
C PHE A 721 -14.63 11.09 -6.42
N PHE A 722 -13.37 10.67 -6.59
CA PHE A 722 -12.85 10.20 -7.87
C PHE A 722 -13.02 11.28 -8.95
N ARG A 723 -12.23 12.34 -8.79
CA ARG A 723 -12.29 13.46 -9.71
C ARG A 723 -11.66 13.11 -11.05
N SER A 724 -12.20 13.67 -12.12
CA SER A 724 -11.71 13.44 -13.46
C SER A 724 -11.77 14.74 -14.25
N GLY A 725 -10.98 14.78 -15.32
CA GLY A 725 -10.91 15.96 -16.18
C GLY A 725 -11.31 15.62 -17.61
N PHE A 726 -12.02 16.53 -18.24
CA PHE A 726 -12.49 16.38 -19.61
C PHE A 726 -11.75 17.38 -20.49
N GLY A 727 -10.87 16.89 -21.35
CA GLY A 727 -10.08 17.72 -22.23
C GLY A 727 -10.40 17.49 -23.69
N ILE A 728 -9.64 18.18 -24.54
CA ILE A 728 -9.78 18.11 -25.99
C ILE A 728 -8.57 17.38 -26.56
N GLY A 729 -8.81 16.36 -27.36
CA GLY A 729 -7.75 15.56 -27.97
C GLY A 729 -7.69 15.79 -29.47
N MET A 730 -6.50 16.13 -29.94
CA MET A 730 -6.24 16.36 -31.36
C MET A 730 -5.07 15.49 -31.80
N ARG A 731 -4.78 15.52 -33.10
CA ARG A 731 -3.67 14.74 -33.63
C ARG A 731 -2.33 15.36 -33.25
N LYS A 732 -1.31 14.51 -33.21
CA LYS A 732 0.03 14.99 -32.87
C LYS A 732 0.66 15.81 -33.99
N ASP A 733 0.19 15.66 -35.21
CA ASP A 733 0.71 16.40 -36.35
C ASP A 733 -0.15 17.61 -36.71
N SER A 734 -1.05 18.03 -35.82
CA SER A 734 -1.90 19.18 -36.06
C SER A 734 -1.32 20.40 -35.36
N PRO A 735 -0.78 21.38 -36.09
CA PRO A 735 -0.20 22.56 -35.44
C PRO A 735 -1.22 23.55 -34.89
N TRP A 736 -2.52 23.30 -35.10
CA TRP A 736 -3.55 24.20 -34.63
C TRP A 736 -3.95 23.95 -33.18
N LYS A 737 -3.43 22.89 -32.55
CA LYS A 737 -3.79 22.60 -31.17
C LYS A 737 -3.29 23.69 -30.22
N GLN A 738 -2.16 24.32 -30.55
CA GLN A 738 -1.66 25.42 -29.72
C GLN A 738 -2.55 26.65 -29.85
N GLU A 739 -3.01 26.95 -31.07
CA GLU A 739 -3.88 28.09 -31.27
C GLU A 739 -5.23 27.87 -30.60
N VAL A 740 -5.81 26.67 -30.73
CA VAL A 740 -7.06 26.36 -30.07
C VAL A 740 -6.89 26.41 -28.55
N SER A 741 -5.74 25.93 -28.06
CA SER A 741 -5.46 26.01 -26.63
C SER A 741 -5.39 27.45 -26.17
N LEU A 742 -4.78 28.33 -26.96
CA LEU A 742 -4.77 29.75 -26.62
C LEU A 742 -6.16 30.35 -26.65
N ASN A 743 -7.01 29.89 -27.57
CA ASN A 743 -8.39 30.37 -27.60
C ASN A 743 -9.17 29.89 -26.38
N ILE A 744 -8.83 28.71 -25.85
CA ILE A 744 -9.49 28.24 -24.63
C ILE A 744 -9.00 29.04 -23.43
N LEU A 745 -7.69 29.28 -23.33
CA LEU A 745 -7.15 30.06 -22.23
C LEU A 745 -7.73 31.47 -22.23
N LYS A 746 -7.71 32.13 -23.39
CA LYS A 746 -8.32 33.46 -23.49
C LYS A 746 -9.82 33.41 -23.28
N SER A 747 -10.44 32.26 -23.58
CA SER A 747 -11.87 32.11 -23.32
C SER A 747 -12.15 31.99 -21.83
N HIS A 748 -11.19 31.50 -21.06
CA HIS A 748 -11.32 31.41 -19.60
C HIS A 748 -10.78 32.63 -18.88
N GLU A 749 -10.05 33.51 -19.57
CA GLU A 749 -9.50 34.70 -18.93
C GLU A 749 -10.46 35.88 -18.99
N ASN A 750 -11.16 36.07 -20.12
CA ASN A 750 -12.06 37.21 -20.25
C ASN A 750 -13.34 37.00 -19.44
N GLY A 751 -13.92 35.81 -19.52
CA GLY A 751 -15.14 35.52 -18.77
C GLY A 751 -16.24 34.93 -19.62
N PHE A 752 -15.86 34.35 -20.76
CA PHE A 752 -16.87 33.73 -21.63
C PHE A 752 -17.40 32.44 -21.01
N MET A 753 -16.53 31.68 -20.34
CA MET A 753 -16.98 30.48 -19.64
C MET A 753 -17.94 30.83 -18.51
N GLU A 754 -17.75 31.99 -17.87
CA GLU A 754 -18.70 32.43 -16.86
C GLU A 754 -20.06 32.74 -17.46
N GLU A 755 -20.10 33.20 -18.71
CA GLU A 755 -21.37 33.44 -19.38
C GLU A 755 -22.02 32.15 -19.84
N LEU A 756 -21.22 31.19 -20.31
CA LEU A 756 -21.77 29.89 -20.71
C LEU A 756 -22.34 29.15 -19.51
N ASP A 757 -21.54 29.00 -18.46
CA ASP A 757 -22.03 28.33 -17.25
C ASP A 757 -23.10 29.15 -16.55
N LYS A 758 -23.10 30.47 -16.72
CA LYS A 758 -24.12 31.30 -16.11
C LYS A 758 -25.46 31.17 -16.83
N THR A 759 -25.44 30.98 -18.15
CA THR A 759 -26.66 30.87 -18.94
C THR A 759 -27.04 29.43 -19.25
N TRP A 760 -26.28 28.45 -18.75
CA TRP A 760 -26.59 27.04 -18.98
C TRP A 760 -26.74 26.24 -17.70
N VAL A 761 -26.72 26.90 -16.53
CA VAL A 761 -26.91 26.25 -15.25
C VAL A 761 -28.00 27.01 -14.51
N ARG A 762 -29.18 26.40 -14.41
CA ARG A 762 -30.32 27.00 -13.73
C ARG A 762 -30.38 26.52 -12.30
N TYR A 763 -30.41 27.46 -11.35
CA TYR A 763 -30.47 27.13 -9.92
C TYR A 763 -31.93 27.07 -9.50
N GLN A 764 -32.52 25.88 -9.58
CA GLN A 764 -33.91 25.68 -9.21
C GLN A 764 -34.17 25.57 -7.70
N GLU A 765 -33.67 24.51 -7.08
CA GLU A 765 -33.84 24.30 -5.65
C GLU A 765 -32.72 23.38 -5.19
N CYS A 766 -32.17 23.69 -4.01
CA CYS A 766 -31.08 22.90 -3.43
C CYS A 766 -31.33 22.81 -1.93
N ASP A 767 -31.89 21.70 -1.46
CA ASP A 767 -32.21 21.62 -0.04
C ASP A 767 -32.07 20.23 0.54
N SER A 768 -31.68 20.17 1.82
CA SER A 768 -31.61 18.91 2.53
C SER A 768 -32.78 18.38 3.34
N ARG A 769 -33.40 17.31 2.87
CA ARG A 769 -34.53 16.72 3.58
C ARG A 769 -35.53 17.74 4.12
N SER A 770 -35.81 17.63 5.41
CA SER A 770 -36.76 18.52 6.08
C SER A 770 -36.18 19.92 6.00
N ASN A 771 -36.58 20.65 4.97
CA ASN A 771 -36.10 22.01 4.75
C ASN A 771 -37.09 23.07 5.21
N ALA A 772 -38.39 22.78 5.16
CA ALA A 772 -39.41 23.74 5.59
C ALA A 772 -40.65 23.00 6.09
N PRO A 773 -40.94 23.05 7.39
CA PRO A 773 -42.12 22.35 7.90
C PRO A 773 -43.43 23.02 7.53
N ALA A 774 -43.41 24.27 7.05
CA ALA A 774 -44.62 24.98 6.66
C ALA A 774 -44.93 24.85 5.17
N THR A 775 -44.52 23.74 4.55
CA THR A 775 -44.79 23.53 3.14
C THR A 775 -46.19 23.02 2.85
N LEU A 776 -46.93 22.61 3.89
CA LEU A 776 -48.29 22.11 3.70
C LEU A 776 -49.28 22.90 4.55
N THR A 777 -49.43 22.50 5.82
CA THR A 777 -50.23 23.20 6.81
C THR A 777 -51.71 23.17 6.43
N PHE A 778 -52.06 23.73 5.28
CA PHE A 778 -53.47 23.83 4.91
C PHE A 778 -54.20 22.50 4.86
N GLU A 779 -53.50 21.42 4.51
CA GLU A 779 -54.13 20.09 4.54
C GLU A 779 -54.29 19.59 5.97
N ASN A 780 -53.26 19.78 6.81
CA ASN A 780 -53.37 19.39 8.21
C ASN A 780 -54.42 20.20 8.94
N MET A 781 -54.60 21.46 8.55
CA MET A 781 -55.62 22.31 9.18
C MET A 781 -57.01 21.99 8.64
N ALA A 782 -57.12 21.65 7.35
CA ALA A 782 -58.41 21.26 6.80
C ALA A 782 -58.88 19.92 7.33
N GLY A 783 -57.94 19.00 7.62
CA GLY A 783 -58.31 17.73 8.20
C GLY A 783 -58.99 17.86 9.54
N VAL A 784 -58.72 18.96 10.26
CA VAL A 784 -59.44 19.25 11.49
C VAL A 784 -60.65 20.15 11.22
N PHE A 785 -60.57 20.98 10.16
CA PHE A 785 -61.69 21.86 9.83
C PHE A 785 -62.91 21.05 9.42
N MET A 786 -62.71 19.93 8.73
CA MET A 786 -63.85 19.08 8.39
C MET A 786 -64.48 18.48 9.64
N LEU A 787 -63.67 18.19 10.66
CA LEU A 787 -64.22 17.74 11.94
C LEU A 787 -64.95 18.87 12.66
N VAL A 788 -64.51 20.11 12.46
CA VAL A 788 -65.24 21.24 13.00
C VAL A 788 -66.59 21.37 12.32
N ALA A 789 -66.64 21.17 11.01
CA ALA A 789 -67.92 21.16 10.31
C ALA A 789 -68.80 20.01 10.79
N GLY A 790 -68.20 18.86 11.07
CA GLY A 790 -68.95 17.77 11.67
C GLY A 790 -69.51 18.14 13.03
N GLY A 791 -68.76 18.95 13.79
CA GLY A 791 -69.29 19.47 15.03
C GLY A 791 -70.39 20.50 14.83
N ILE A 792 -70.38 21.18 13.68
CA ILE A 792 -71.46 22.10 13.35
C ILE A 792 -72.74 21.35 13.04
N VAL A 793 -72.62 20.28 12.23
CA VAL A 793 -73.78 19.44 11.96
C VAL A 793 -74.28 18.78 13.24
N ALA A 794 -73.35 18.34 14.09
CA ALA A 794 -73.74 17.80 15.40
C ALA A 794 -74.45 18.85 16.24
N GLY A 795 -74.05 20.11 16.11
CA GLY A 795 -74.77 21.19 16.78
C GLY A 795 -76.16 21.40 16.22
N ILE A 796 -76.32 21.22 14.91
CA ILE A 796 -77.66 21.27 14.32
C ILE A 796 -78.52 20.14 14.86
N PHE A 797 -77.91 18.97 15.09
CA PHE A 797 -78.64 17.89 15.74
C PHE A 797 -78.98 18.24 17.18
N LEU A 798 -78.09 18.97 17.86
CA LEU A 798 -78.35 19.37 19.23
C LEU A 798 -79.52 20.34 19.31
N ILE A 799 -79.57 21.33 18.42
CA ILE A 799 -80.71 22.25 18.42
C ILE A 799 -81.96 21.54 17.93
N PHE A 800 -81.80 20.48 17.12
CA PHE A 800 -82.95 19.66 16.76
C PHE A 800 -83.50 18.92 17.98
N ILE A 801 -82.63 18.50 18.89
CA ILE A 801 -83.11 17.93 20.14
C ILE A 801 -83.72 19.01 21.03
N GLU A 802 -83.17 20.22 20.98
CA GLU A 802 -83.68 21.30 21.84
C GLU A 802 -85.08 21.74 21.42
N ILE A 803 -85.33 21.84 20.11
CA ILE A 803 -86.64 22.26 19.65
C ILE A 803 -87.67 21.16 19.79
N ALA A 804 -87.24 19.91 20.00
CA ALA A 804 -88.16 18.80 20.15
C ALA A 804 -88.80 18.80 21.53
N ASP B 1 65.51 -40.07 -11.18
CA ASP B 1 65.47 -39.97 -9.72
C ASP B 1 64.21 -39.25 -9.25
N PRO B 2 63.59 -39.76 -8.20
CA PRO B 2 62.37 -39.13 -7.67
C PRO B 2 62.65 -37.74 -7.13
N LYS B 3 61.61 -36.92 -7.10
CA LYS B 3 61.71 -35.56 -6.60
C LYS B 3 61.81 -35.56 -5.08
N ILE B 4 62.77 -34.82 -4.54
CA ILE B 4 62.99 -34.75 -3.11
C ILE B 4 62.02 -33.73 -2.53
N VAL B 5 61.04 -34.20 -1.75
CA VAL B 5 60.05 -33.35 -1.11
C VAL B 5 60.26 -33.43 0.39
N ASN B 6 60.32 -32.27 1.04
CA ASN B 6 60.57 -32.17 2.47
C ASN B 6 59.27 -31.89 3.21
N ILE B 7 59.21 -32.35 4.46
CA ILE B 7 58.05 -32.15 5.33
C ILE B 7 58.53 -31.53 6.64
N GLY B 8 57.93 -30.41 7.01
CA GLY B 8 58.31 -29.73 8.24
C GLY B 8 57.48 -30.20 9.43
N ALA B 9 58.12 -30.25 10.59
CA ALA B 9 57.47 -30.70 11.80
C ALA B 9 58.14 -30.05 13.01
N VAL B 10 57.34 -29.79 14.04
CA VAL B 10 57.81 -29.19 15.29
C VAL B 10 57.49 -30.17 16.41
N LEU B 11 58.49 -30.86 16.91
CA LEU B 11 58.35 -31.85 17.97
C LEU B 11 59.10 -31.38 19.21
N SER B 12 59.13 -32.25 20.23
CA SER B 12 59.76 -31.90 21.50
C SER B 12 60.98 -32.78 21.69
N THR B 13 60.85 -33.95 22.30
CA THR B 13 62.01 -34.80 22.61
C THR B 13 62.54 -35.44 21.34
N LYS B 14 63.70 -36.10 21.47
CA LYS B 14 64.33 -36.76 20.33
C LYS B 14 63.61 -38.04 19.93
N LYS B 15 62.96 -38.72 20.89
CA LYS B 15 62.27 -39.95 20.57
C LYS B 15 61.12 -39.71 19.59
N HIS B 16 60.39 -38.61 19.77
CA HIS B 16 59.32 -38.28 18.84
C HIS B 16 59.88 -38.00 17.45
N GLU B 17 61.06 -37.40 17.37
CA GLU B 17 61.70 -37.19 16.08
C GLU B 17 62.15 -38.51 15.45
N GLN B 18 62.55 -39.48 16.28
CA GLN B 18 62.90 -40.79 15.76
C GLN B 18 61.67 -41.51 15.22
N ILE B 19 60.54 -41.42 15.94
CA ILE B 19 59.31 -42.00 15.44
C ILE B 19 58.84 -41.29 14.18
N PHE B 20 59.12 -40.00 14.06
CA PHE B 20 58.75 -39.26 12.85
C PHE B 20 59.60 -39.72 11.67
N ARG B 21 60.92 -39.79 11.85
CA ARG B 21 61.80 -40.24 10.77
C ARG B 21 61.51 -41.67 10.37
N GLU B 22 61.14 -42.53 11.33
CA GLU B 22 60.75 -43.89 11.00
C GLU B 22 59.41 -43.92 10.26
N ALA B 23 58.49 -43.03 10.64
CA ALA B 23 57.20 -42.96 9.96
C ALA B 23 57.34 -42.46 8.53
N VAL B 24 58.33 -41.61 8.27
CA VAL B 24 58.58 -41.17 6.89
C VAL B 24 59.18 -42.31 6.07
N ASN B 25 60.10 -43.07 6.67
CA ASN B 25 60.68 -44.21 5.97
C ASN B 25 59.63 -45.26 5.66
N GLN B 26 58.69 -45.49 6.59
CA GLN B 26 57.59 -46.39 6.30
C GLN B 26 56.63 -45.81 5.28
N ALA B 27 56.48 -44.47 5.26
CA ALA B 27 55.63 -43.84 4.27
C ALA B 27 56.21 -43.96 2.87
N ASN B 28 57.53 -44.00 2.75
CA ASN B 28 58.18 -44.22 1.46
C ASN B 28 58.22 -45.68 1.05
N PHE B 29 57.70 -46.58 1.87
CA PHE B 29 57.69 -48.01 1.59
C PHE B 29 56.29 -48.56 1.36
N PHE B 30 55.34 -48.24 2.24
CA PHE B 30 53.97 -48.74 2.07
C PHE B 30 53.24 -48.04 0.93
N HIS B 31 53.68 -46.84 0.55
CA HIS B 31 53.06 -46.09 -0.53
C HIS B 31 53.87 -46.23 -1.81
N PHE B 32 53.18 -46.32 -2.94
CA PHE B 32 53.83 -46.47 -4.22
C PHE B 32 54.48 -45.14 -4.62
N THR B 33 55.81 -45.12 -4.65
CA THR B 33 56.59 -43.93 -4.98
C THR B 33 57.28 -44.15 -6.31
N ARG B 34 56.86 -43.39 -7.33
CA ARG B 34 57.46 -43.49 -8.66
C ARG B 34 58.14 -42.20 -9.12
N LYS B 35 57.87 -41.06 -8.48
CA LYS B 35 58.51 -39.82 -8.87
C LYS B 35 58.76 -38.86 -7.72
N ILE B 36 58.39 -39.22 -6.48
CA ILE B 36 58.59 -38.37 -5.32
C ILE B 36 59.34 -39.17 -4.25
N GLN B 37 60.00 -38.44 -3.35
CA GLN B 37 60.74 -39.05 -2.27
C GLN B 37 60.60 -38.18 -1.03
N LEU B 38 59.86 -38.66 -0.03
CA LEU B 38 59.65 -37.89 1.17
C LEU B 38 60.94 -37.75 1.98
N ASN B 39 61.05 -36.62 2.69
CA ASN B 39 62.21 -36.34 3.52
C ASN B 39 61.74 -35.93 4.91
N ALA B 40 62.44 -36.42 5.93
CA ALA B 40 62.10 -36.13 7.32
C ALA B 40 62.92 -34.96 7.82
N THR B 41 62.25 -33.92 8.30
CA THR B 41 62.93 -32.74 8.83
C THR B 41 62.08 -32.18 9.96
N SER B 42 62.56 -32.33 11.20
CA SER B 42 61.84 -31.87 12.37
C SER B 42 62.80 -31.13 13.29
N VAL B 43 62.25 -30.17 14.03
CA VAL B 43 63.04 -29.37 14.97
C VAL B 43 62.47 -29.54 16.37
N THR B 44 63.01 -28.80 17.33
CA THR B 44 62.57 -28.86 18.72
C THR B 44 62.03 -27.50 19.15
N HIS B 45 61.23 -27.53 20.22
CA HIS B 45 60.66 -26.30 20.76
C HIS B 45 61.73 -25.49 21.47
N ARG B 46 61.97 -24.27 21.00
CA ARG B 46 62.98 -23.43 21.62
C ARG B 46 62.35 -22.53 22.70
N PRO B 47 63.07 -22.26 23.78
CA PRO B 47 62.51 -21.41 24.83
C PRO B 47 62.34 -19.95 24.44
N ASN B 48 62.92 -19.53 23.31
CA ASN B 48 62.80 -18.16 22.82
C ASN B 48 62.08 -18.15 21.50
N ALA B 49 61.32 -17.08 21.24
CA ALA B 49 60.54 -16.99 20.02
C ALA B 49 61.40 -16.58 18.82
N ILE B 50 62.37 -15.68 19.03
CA ILE B 50 63.23 -15.25 17.94
C ILE B 50 64.13 -16.38 17.48
N GLN B 51 64.72 -17.10 18.43
CA GLN B 51 65.56 -18.25 18.07
C GLN B 51 64.75 -19.35 17.40
N MET B 52 63.47 -19.48 17.76
CA MET B 52 62.62 -20.46 17.10
C MET B 52 62.29 -20.02 15.67
N ALA B 53 62.02 -18.73 15.47
CA ALA B 53 61.75 -18.23 14.12
C ALA B 53 62.98 -18.38 13.23
N LEU B 54 64.16 -18.08 13.77
CA LEU B 54 65.39 -18.31 13.00
C LEU B 54 65.65 -19.79 12.80
N SER B 55 65.16 -20.64 13.71
CA SER B 55 65.29 -22.08 13.51
C SER B 55 64.37 -22.59 12.42
N VAL B 56 63.23 -21.92 12.21
CA VAL B 56 62.32 -22.31 11.14
C VAL B 56 62.80 -21.77 9.80
N CYS B 57 63.26 -20.51 9.78
CA CYS B 57 63.75 -19.93 8.53
C CYS B 57 65.08 -20.54 8.11
N GLU B 58 65.86 -21.04 9.07
CA GLU B 58 67.16 -21.63 8.79
C GLU B 58 67.17 -23.15 8.92
N ASP B 59 66.01 -23.77 9.19
CA ASP B 59 65.93 -25.22 9.32
C ASP B 59 64.69 -25.84 8.68
N LEU B 60 63.57 -25.11 8.57
CA LEU B 60 62.35 -25.62 7.97
C LEU B 60 62.03 -24.94 6.64
N ILE B 61 62.08 -23.60 6.62
CA ILE B 61 61.78 -22.89 5.37
C ILE B 61 62.93 -23.03 4.39
N SER B 62 64.17 -23.12 4.88
CA SER B 62 65.31 -23.26 4.00
C SER B 62 65.32 -24.61 3.28
N SER B 63 64.69 -25.62 3.88
CA SER B 63 64.62 -26.94 3.27
C SER B 63 63.45 -27.08 2.30
N GLN B 64 62.65 -26.03 2.13
CA GLN B 64 61.48 -26.03 1.23
C GLN B 64 60.52 -27.17 1.60
N VAL B 65 59.77 -26.92 2.66
CA VAL B 65 58.79 -27.88 3.17
C VAL B 65 57.41 -27.45 2.73
N TYR B 66 56.49 -28.41 2.67
CA TYR B 66 55.10 -28.16 2.29
C TYR B 66 54.18 -28.14 3.50
N ALA B 67 54.15 -29.24 4.25
CA ALA B 67 53.33 -29.34 5.46
C ALA B 67 54.21 -29.18 6.70
N ILE B 68 53.68 -28.50 7.71
CA ILE B 68 54.39 -28.24 8.96
C ILE B 68 53.54 -28.75 10.10
N LEU B 69 54.14 -29.56 10.97
CA LEU B 69 53.46 -30.11 12.14
C LEU B 69 53.82 -29.31 13.39
N VAL B 70 53.02 -29.49 14.43
CA VAL B 70 53.25 -28.80 15.70
C VAL B 70 52.64 -29.65 16.80
N SER B 71 53.25 -29.59 17.99
CA SER B 71 52.75 -30.33 19.14
C SER B 71 52.42 -29.57 20.42
N HIS B 72 53.43 -29.36 21.27
CA HIS B 72 53.23 -28.63 22.52
C HIS B 72 54.60 -28.43 23.13
N PRO B 73 54.90 -27.23 23.64
CA PRO B 73 56.20 -27.00 24.26
C PRO B 73 56.36 -27.80 25.54
N PRO B 74 57.44 -28.59 25.67
CA PRO B 74 57.63 -29.38 26.88
C PRO B 74 57.99 -28.53 28.09
N ALA B 75 56.99 -27.87 28.67
CA ALA B 75 57.20 -27.01 29.83
C ALA B 75 56.03 -27.19 30.79
N PRO B 76 56.30 -27.24 32.10
CA PRO B 76 55.20 -27.41 33.06
C PRO B 76 54.32 -26.18 33.18
N THR B 77 54.86 -24.99 32.92
CA THR B 77 54.11 -23.75 33.00
C THR B 77 53.75 -23.27 31.60
N ASP B 78 53.04 -22.14 31.54
CA ASP B 78 52.60 -21.55 30.28
C ASP B 78 52.84 -20.06 30.32
N HIS B 79 53.77 -19.58 29.49
CA HIS B 79 54.05 -18.16 29.39
C HIS B 79 54.39 -17.68 28.00
N LEU B 80 54.90 -18.58 27.16
CA LEU B 80 55.24 -18.29 25.77
C LEU B 80 54.55 -19.34 24.94
N THR B 81 53.32 -19.03 24.53
CA THR B 81 52.56 -19.95 23.73
C THR B 81 53.11 -20.00 22.30
N PRO B 82 53.04 -21.16 21.65
CA PRO B 82 53.54 -21.27 20.27
C PRO B 82 52.62 -20.68 19.21
N THR B 83 51.57 -19.96 19.61
CA THR B 83 50.65 -19.38 18.64
C THR B 83 51.34 -18.45 17.65
N PRO B 84 52.22 -17.53 18.07
CA PRO B 84 52.96 -16.74 17.05
C PRO B 84 53.75 -17.59 16.09
N ILE B 85 54.19 -18.78 16.51
CA ILE B 85 54.87 -19.69 15.59
C ILE B 85 53.95 -20.04 14.42
N SER B 86 52.66 -20.26 14.72
CA SER B 86 51.69 -20.53 13.65
C SER B 86 51.56 -19.35 12.69
N TYR B 87 51.94 -18.15 13.12
CA TYR B 87 51.93 -17.00 12.22
C TYR B 87 53.04 -17.08 11.19
N THR B 88 54.13 -17.80 11.49
CA THR B 88 55.24 -17.91 10.54
C THR B 88 54.76 -18.49 9.22
N ALA B 89 54.14 -19.67 9.25
CA ALA B 89 53.55 -20.23 8.05
C ALA B 89 52.48 -19.32 7.47
N GLY B 90 51.85 -18.50 8.32
CA GLY B 90 50.89 -17.52 7.83
C GLY B 90 51.49 -16.51 6.88
N PHE B 91 52.81 -16.30 6.95
CA PHE B 91 53.48 -15.43 5.99
C PHE B 91 53.72 -16.12 4.65
N TYR B 92 53.74 -17.45 4.64
CA TYR B 92 53.93 -18.22 3.41
C TYR B 92 52.76 -19.15 3.12
N ARG B 93 51.58 -18.84 3.65
CA ARG B 93 50.38 -19.65 3.46
C ARG B 93 50.59 -21.10 3.88
N PRO B 95 50.52 -24.93 5.69
CA PRO B 95 49.62 -25.87 6.38
C PRO B 95 50.26 -26.51 7.61
N VAL B 96 49.83 -26.08 8.79
CA VAL B 96 50.35 -26.59 10.06
C VAL B 96 49.26 -27.43 10.72
N ILE B 97 49.63 -28.63 11.15
CA ILE B 97 48.71 -29.57 11.78
C ILE B 97 49.10 -29.73 13.24
N GLY B 98 48.11 -29.68 14.13
CA GLY B 98 48.35 -29.84 15.55
C GLY B 98 48.31 -31.29 15.99
N LEU B 99 48.79 -31.53 17.20
CA LEU B 99 48.83 -32.87 17.76
C LEU B 99 48.19 -32.91 19.15
N THR B 100 48.61 -31.99 20.04
CA THR B 100 48.08 -31.95 21.39
C THR B 100 47.55 -30.56 21.75
N THR B 101 47.22 -29.74 20.75
CA THR B 101 46.68 -28.41 20.98
C THR B 101 45.23 -28.52 21.43
N ARG B 102 44.98 -28.29 22.73
CA ARG B 102 43.65 -28.39 23.30
C ARG B 102 42.92 -27.05 23.39
N MET B 103 43.60 -25.95 23.07
CA MET B 103 42.98 -24.64 23.15
C MET B 103 42.07 -24.42 21.93
N SER B 104 40.87 -23.89 22.19
CA SER B 104 39.91 -23.62 21.13
C SER B 104 40.22 -22.36 20.35
N ILE B 105 41.26 -21.61 20.74
CA ILE B 105 41.62 -20.39 20.02
C ILE B 105 42.01 -20.71 18.58
N TYR B 106 42.61 -21.88 18.36
CA TYR B 106 42.97 -22.29 17.01
C TYR B 106 41.77 -22.70 16.17
N SER B 107 40.59 -22.81 16.77
CA SER B 107 39.40 -23.21 16.02
C SER B 107 38.84 -22.11 15.15
N ASP B 108 39.15 -20.85 15.45
CA ASP B 108 38.63 -19.74 14.66
C ASP B 108 39.42 -19.59 13.36
N LYS B 109 38.82 -18.90 12.41
CA LYS B 109 39.42 -18.70 11.09
C LYS B 109 39.97 -17.29 10.90
N SER B 110 40.00 -16.48 11.95
CA SER B 110 40.52 -15.12 11.84
C SER B 110 42.04 -15.06 11.82
N ILE B 111 42.67 -15.37 12.95
CA ILE B 111 44.14 -15.35 13.04
C ILE B 111 44.71 -16.72 12.77
N HIS B 112 43.88 -17.70 12.42
CA HIS B 112 44.33 -19.06 12.09
C HIS B 112 43.66 -19.48 10.78
N LEU B 113 44.19 -18.98 9.67
CA LEU B 113 43.65 -19.29 8.35
C LEU B 113 44.02 -20.71 7.94
N SER B 114 45.28 -20.91 7.58
CA SER B 114 45.77 -22.22 7.14
C SER B 114 46.36 -22.94 8.34
N PHE B 115 45.49 -23.56 9.14
CA PHE B 115 45.90 -24.28 10.33
C PHE B 115 44.84 -25.32 10.65
N LEU B 116 45.24 -26.58 10.73
CA LEU B 116 44.34 -27.68 11.05
C LEU B 116 44.99 -28.59 12.08
N ARG B 117 44.16 -29.27 12.86
CA ARG B 117 44.64 -30.15 13.92
C ARG B 117 43.79 -31.41 13.96
N THR B 118 44.39 -32.49 14.44
CA THR B 118 43.72 -33.79 14.55
C THR B 118 43.53 -34.18 16.01
N VAL B 119 43.10 -33.24 16.84
CA VAL B 119 42.88 -33.48 18.26
C VAL B 119 41.65 -32.70 18.72
N PRO B 120 40.71 -33.34 19.40
CA PRO B 120 39.52 -32.62 19.88
C PRO B 120 39.88 -31.68 21.02
N PRO B 121 39.60 -30.38 20.85
CA PRO B 121 39.93 -29.42 21.91
C PRO B 121 38.94 -29.45 23.07
N TYR B 122 38.93 -28.39 23.87
CA TYR B 122 38.00 -28.32 24.99
C TYR B 122 36.57 -28.03 24.55
N SER B 123 36.39 -27.52 23.32
CA SER B 123 35.04 -27.25 22.83
C SER B 123 34.30 -28.53 22.49
N HIS B 124 35.00 -29.49 21.87
CA HIS B 124 34.37 -30.77 21.53
C HIS B 124 33.87 -31.49 22.76
N GLN B 125 34.57 -31.37 23.88
CA GLN B 125 34.10 -31.95 25.13
C GLN B 125 32.73 -31.41 25.51
N ALA B 126 32.48 -30.12 25.23
CA ALA B 126 31.16 -29.56 25.47
C ALA B 126 30.09 -30.31 24.70
N LEU B 127 30.41 -30.76 23.48
CA LEU B 127 29.48 -31.59 22.74
C LEU B 127 29.14 -32.86 23.51
N VAL B 128 30.15 -33.48 24.13
CA VAL B 128 29.90 -34.63 24.99
C VAL B 128 28.99 -34.23 26.15
N TRP B 129 29.17 -33.01 26.67
CA TRP B 129 28.26 -32.50 27.69
C TRP B 129 26.83 -32.45 27.17
N PHE B 130 26.66 -32.09 25.91
CA PHE B 130 25.32 -32.11 25.30
C PHE B 130 24.77 -33.52 25.31
N GLU B 131 25.63 -34.53 25.09
CA GLU B 131 25.19 -35.91 25.18
C GLU B 131 24.68 -36.24 26.58
N MET B 132 25.24 -35.60 27.61
CA MET B 132 24.71 -35.77 28.96
C MET B 132 23.26 -35.30 29.04
N MET B 133 22.93 -34.23 28.33
CA MET B 133 21.55 -33.76 28.29
C MET B 133 20.63 -34.78 27.62
N ARG B 134 21.18 -35.75 26.89
CA ARG B 134 20.40 -36.83 26.31
C ARG B 134 20.27 -38.02 27.25
N LEU B 135 21.06 -38.07 28.32
CA LEU B 135 21.01 -39.21 29.22
C LEU B 135 19.88 -39.08 30.24
N PHE B 136 19.99 -38.11 31.15
CA PHE B 136 18.98 -37.88 32.17
C PHE B 136 17.99 -36.79 31.78
N ASN B 137 18.05 -36.29 30.55
CA ASN B 137 17.14 -35.26 30.06
C ASN B 137 17.18 -34.01 30.94
N TRP B 138 18.20 -33.18 30.76
CA TRP B 138 18.34 -31.94 31.51
C TRP B 138 17.84 -30.76 30.70
N ASN B 139 17.51 -29.68 31.42
CA ASN B 139 17.01 -28.46 30.78
C ASN B 139 17.68 -27.22 31.37
N HIS B 140 17.53 -27.03 32.68
CA HIS B 140 18.12 -25.88 33.36
C HIS B 140 19.58 -26.16 33.66
N VAL B 141 20.48 -25.51 32.93
CA VAL B 141 21.91 -25.68 33.11
C VAL B 141 22.54 -24.31 33.35
N ILE B 142 23.68 -24.31 34.04
CA ILE B 142 24.42 -23.10 34.36
C ILE B 142 25.86 -23.31 33.92
N LEU B 143 26.36 -22.41 33.07
CA LEU B 143 27.73 -22.46 32.56
C LEU B 143 28.55 -21.39 33.26
N ILE B 144 29.55 -21.81 34.02
CA ILE B 144 30.43 -20.91 34.76
C ILE B 144 31.83 -21.03 34.13
N VAL B 145 32.21 -20.03 33.34
CA VAL B 145 33.52 -20.01 32.69
C VAL B 145 34.23 -18.71 33.06
N SER B 146 35.53 -18.69 32.79
CA SER B 146 36.34 -17.51 33.08
C SER B 146 36.12 -16.44 32.02
N ASP B 147 36.73 -15.27 32.26
CA ASP B 147 36.59 -14.11 31.37
C ASP B 147 37.80 -14.06 30.45
N ASP B 148 37.72 -14.81 29.36
CA ASP B 148 38.78 -14.83 28.35
C ASP B 148 38.24 -15.32 27.02
N HIS B 149 39.13 -15.78 26.13
CA HIS B 149 38.73 -16.25 24.82
C HIS B 149 38.13 -17.65 24.85
N GLU B 150 38.64 -18.52 25.72
CA GLU B 150 38.10 -19.89 25.79
C GLU B 150 36.67 -19.89 26.32
N GLY B 151 36.36 -18.98 27.26
CA GLY B 151 35.00 -18.90 27.76
C GLY B 151 34.02 -18.41 26.71
N ARG B 152 34.44 -17.46 25.88
CA ARG B 152 33.58 -16.97 24.81
C ARG B 152 33.43 -18.03 23.70
N ALA B 153 34.51 -18.78 23.43
CA ALA B 153 34.42 -19.84 22.44
C ALA B 153 33.49 -20.96 22.90
N ALA B 154 33.60 -21.36 24.17
CA ALA B 154 32.70 -22.37 24.71
C ALA B 154 31.27 -21.85 24.82
N GLN B 155 31.11 -20.54 25.05
CA GLN B 155 29.77 -19.97 25.12
C GLN B 155 29.11 -19.95 23.75
N LYS B 156 29.86 -19.56 22.71
CA LYS B 156 29.30 -19.57 21.36
C LYS B 156 29.12 -20.99 20.85
N LYS B 157 29.94 -21.94 21.33
CA LYS B 157 29.77 -23.33 20.92
C LYS B 157 28.53 -23.94 21.57
N LEU B 158 28.38 -23.75 22.88
CA LEU B 158 27.20 -24.26 23.57
C LEU B 158 25.92 -23.59 23.07
N GLU B 159 26.01 -22.29 22.76
CA GLU B 159 24.86 -21.60 22.19
C GLU B 159 24.56 -22.07 20.78
N THR B 160 25.60 -22.44 20.01
CA THR B 160 25.39 -22.94 18.66
C THR B 160 24.75 -24.33 18.69
N LEU B 161 25.17 -25.18 19.64
CA LEU B 161 24.57 -26.51 19.74
C LEU B 161 23.11 -26.46 20.16
N LEU B 162 22.73 -25.45 20.93
CA LEU B 162 21.35 -25.29 21.40
C LEU B 162 20.69 -24.17 20.60
N GLU B 163 20.44 -24.43 19.32
CA GLU B 163 19.83 -23.45 18.43
C GLU B 163 18.43 -23.84 17.99
N GLU B 164 17.97 -25.06 18.30
CA GLU B 164 16.64 -25.50 17.91
C GLU B 164 15.64 -25.12 18.99
N LYS B 165 14.50 -25.80 19.04
CA LYS B 165 13.47 -25.54 20.03
C LYS B 165 13.61 -26.40 21.28
N GLU B 166 14.83 -26.85 21.59
CA GLU B 166 15.06 -27.67 22.77
C GLU B 166 15.48 -26.77 23.91
N SER B 167 16.05 -27.34 24.97
CA SER B 167 16.48 -26.57 26.11
C SER B 167 17.37 -25.37 25.78
N LYS B 168 17.55 -24.49 26.76
CA LYS B 168 18.36 -23.29 26.60
C LYS B 168 19.19 -23.09 27.86
N ALA B 169 19.94 -21.99 27.90
CA ALA B 169 20.79 -21.66 29.03
C ALA B 169 20.07 -20.67 29.94
N ASP B 170 20.32 -20.80 31.24
CA ASP B 170 19.69 -19.92 32.23
C ASP B 170 20.51 -18.65 32.44
N LYS B 171 21.73 -18.79 32.95
CA LYS B 171 22.60 -17.65 33.21
C LYS B 171 24.05 -18.10 33.13
N VAL B 172 24.86 -17.35 32.37
CA VAL B 172 26.27 -17.65 32.22
C VAL B 172 27.05 -16.68 33.10
N LEU B 173 27.87 -17.24 33.99
CA LEU B 173 28.66 -16.45 34.93
C LEU B 173 30.09 -16.33 34.43
N GLN B 174 30.68 -15.15 34.61
CA GLN B 174 32.05 -14.88 34.20
C GLN B 174 32.84 -14.36 35.39
N PHE B 175 34.15 -14.58 35.35
CA PHE B 175 35.04 -14.14 36.41
C PHE B 175 36.45 -13.98 35.85
N GLU B 176 37.18 -13.02 36.40
CA GLU B 176 38.54 -12.77 35.97
C GLU B 176 39.48 -13.85 36.50
N PRO B 177 40.30 -14.47 35.66
CA PRO B 177 41.23 -15.51 36.16
C PRO B 177 42.32 -14.93 37.05
N GLY B 178 42.17 -15.09 38.36
CA GLY B 178 43.14 -14.58 39.30
C GLY B 178 42.52 -13.97 40.54
N THR B 179 41.20 -14.11 40.67
CA THR B 179 40.46 -13.58 41.81
C THR B 179 39.97 -14.74 42.67
N LYS B 180 40.29 -14.70 43.95
CA LYS B 180 39.89 -15.77 44.87
C LYS B 180 38.54 -15.47 45.53
N ASN B 181 38.27 -14.21 45.83
CA ASN B 181 37.01 -13.83 46.47
C ASN B 181 35.91 -13.84 45.42
N LEU B 182 35.26 -14.98 45.27
CA LEU B 182 34.19 -15.16 44.30
C LEU B 182 32.94 -15.69 44.98
N THR B 183 32.61 -15.14 46.15
CA THR B 183 31.43 -15.60 46.87
C THR B 183 30.14 -15.12 46.20
N ALA B 184 30.19 -13.99 45.50
CA ALA B 184 29.01 -13.48 44.81
C ALA B 184 28.54 -14.42 43.72
N LEU B 185 29.47 -15.14 43.09
CA LEU B 185 29.09 -16.11 42.07
C LEU B 185 28.33 -17.29 42.68
N LEU B 186 28.71 -17.70 43.89
CA LEU B 186 28.00 -18.79 44.55
C LEU B 186 26.69 -18.32 45.18
N LEU B 187 26.60 -17.05 45.55
CA LEU B 187 25.34 -16.52 46.08
C LEU B 187 24.32 -16.32 44.97
N GLU B 188 24.74 -15.69 43.87
CA GLU B 188 23.83 -15.50 42.75
C GLU B 188 23.52 -16.83 42.05
N ALA B 189 24.50 -17.75 42.02
CA ALA B 189 24.26 -19.06 41.44
C ALA B 189 23.36 -19.92 42.33
N LYS B 190 23.46 -19.73 43.65
CA LYS B 190 22.61 -20.48 44.57
C LYS B 190 21.19 -19.92 44.62
N GLU B 191 21.04 -18.61 44.44
CA GLU B 191 19.70 -18.01 44.46
C GLU B 191 18.87 -18.47 43.27
N LEU B 192 19.51 -18.75 42.14
CA LEU B 192 18.79 -19.22 40.95
C LEU B 192 18.24 -20.62 41.19
N GLU B 193 17.09 -20.90 40.58
CA GLU B 193 16.45 -22.19 40.75
C GLU B 193 17.27 -23.33 40.15
N ALA B 194 18.02 -23.05 39.08
CA ALA B 194 18.82 -24.08 38.44
C ALA B 194 19.98 -24.50 39.33
N ARG B 195 20.25 -25.81 39.36
CA ARG B 195 21.32 -26.36 40.16
C ARG B 195 22.43 -27.03 39.35
N VAL B 196 22.21 -27.29 38.07
CA VAL B 196 23.21 -27.94 37.23
C VAL B 196 24.34 -26.96 36.96
N ILE B 197 25.46 -27.13 37.65
CA ILE B 197 26.63 -26.26 37.51
C ILE B 197 27.63 -26.94 36.58
N ILE B 198 28.03 -26.24 35.52
CA ILE B 198 28.99 -26.74 34.55
C ILE B 198 30.21 -25.84 34.64
N LEU B 199 31.27 -26.33 35.27
CA LEU B 199 32.49 -25.56 35.45
C LEU B 199 33.50 -25.91 34.36
N SER B 200 34.09 -24.87 33.75
CA SER B 200 35.08 -25.04 32.68
C SER B 200 36.12 -23.92 32.84
N ALA B 201 37.07 -24.16 33.73
CA ALA B 201 38.14 -23.20 34.00
C ALA B 201 39.46 -23.95 34.09
N SER B 202 40.45 -23.32 34.72
CA SER B 202 41.77 -23.93 34.88
C SER B 202 41.88 -24.31 36.35
N GLU B 203 43.05 -24.78 36.77
CA GLU B 203 43.29 -25.19 38.14
C GLU B 203 43.14 -24.23 39.32
N ASP B 204 43.77 -23.05 39.25
CA ASP B 204 43.66 -22.08 40.33
C ASP B 204 42.24 -21.54 40.48
N ASP B 205 41.51 -21.43 39.36
CA ASP B 205 40.13 -20.98 39.44
C ASP B 205 39.22 -22.07 39.98
N ALA B 206 39.39 -23.31 39.50
CA ALA B 206 38.58 -24.41 40.01
C ALA B 206 38.85 -24.67 41.49
N THR B 207 40.07 -24.41 41.95
CA THR B 207 40.36 -24.54 43.38
C THR B 207 39.58 -23.51 44.19
N ALA B 208 39.50 -22.27 43.69
CA ALA B 208 38.72 -21.24 44.37
C ALA B 208 37.22 -21.56 44.32
N VAL B 209 36.75 -22.19 43.24
CA VAL B 209 35.35 -22.58 43.17
C VAL B 209 35.07 -23.71 44.15
N TYR B 210 36.03 -24.62 44.33
CA TYR B 210 35.83 -25.72 45.28
C TYR B 210 35.89 -25.23 46.72
N LYS B 211 36.76 -24.26 47.01
CA LYS B 211 36.87 -23.75 48.37
C LYS B 211 35.68 -22.86 48.71
N SER B 212 35.39 -21.87 47.86
CA SER B 212 34.26 -20.97 48.11
C SER B 212 32.94 -21.73 48.08
N ALA B 213 32.80 -22.67 47.15
CA ALA B 213 31.59 -23.49 47.08
C ALA B 213 31.54 -24.53 48.19
N ALA B 214 32.67 -24.84 48.82
CA ALA B 214 32.70 -25.80 49.91
C ALA B 214 32.43 -25.18 51.26
N MET B 215 32.85 -23.92 51.47
CA MET B 215 32.61 -23.24 52.73
C MET B 215 31.21 -22.64 52.84
N LEU B 216 30.35 -22.86 51.83
CA LEU B 216 28.98 -22.40 51.86
C LEU B 216 27.97 -23.54 51.86
N ASP B 217 28.44 -24.79 51.93
CA ASP B 217 27.60 -25.99 51.93
C ASP B 217 26.71 -26.01 50.67
N MET B 218 27.37 -26.32 49.55
CA MET B 218 26.70 -26.40 48.25
C MET B 218 27.05 -27.68 47.52
N THR B 219 27.42 -28.74 48.24
CA THR B 219 27.77 -30.03 47.63
C THR B 219 26.83 -31.13 48.06
N GLY B 220 25.62 -30.79 48.48
CA GLY B 220 24.63 -31.76 48.92
C GLY B 220 23.78 -32.21 47.75
N ALA B 221 22.61 -32.75 48.08
CA ALA B 221 21.69 -33.24 47.06
C ALA B 221 21.18 -32.16 46.12
N GLY B 222 21.05 -32.52 44.84
CA GLY B 222 20.58 -31.62 43.82
C GLY B 222 21.68 -30.87 43.07
N TYR B 223 22.79 -30.60 43.75
CA TYR B 223 23.90 -29.88 43.11
C TYR B 223 24.68 -30.82 42.21
N VAL B 224 24.86 -30.41 40.95
CA VAL B 224 25.58 -31.19 39.96
C VAL B 224 26.81 -30.39 39.53
N TRP B 225 27.95 -31.07 39.45
CA TRP B 225 29.21 -30.45 39.05
C TRP B 225 29.72 -31.17 37.82
N LEU B 226 29.62 -30.52 36.65
CA LEU B 226 30.07 -31.06 35.38
C LEU B 226 31.31 -30.31 34.95
N VAL B 227 32.47 -30.98 35.01
CA VAL B 227 33.74 -30.38 34.63
C VAL B 227 34.34 -31.14 33.46
N GLY B 228 35.55 -30.77 33.06
CA GLY B 228 36.22 -31.44 31.96
C GLY B 228 37.44 -32.23 32.40
N GLU B 229 38.63 -31.68 32.13
CA GLU B 229 39.88 -32.35 32.49
C GLU B 229 40.81 -31.51 33.34
N ARG B 230 40.68 -30.18 33.34
CA ARG B 230 41.55 -29.30 34.11
C ARG B 230 41.03 -29.07 35.53
N GLU B 231 40.05 -29.86 35.98
CA GLU B 231 39.49 -29.69 37.32
C GLU B 231 39.65 -30.93 38.20
N ILE B 232 40.17 -32.04 37.66
CA ILE B 232 40.35 -33.25 38.44
C ILE B 232 41.78 -33.76 38.26
N SER B 233 42.72 -32.84 38.10
CA SER B 233 44.12 -33.21 37.92
C SER B 233 44.99 -32.13 38.54
N GLY B 234 45.96 -32.55 39.35
CA GLY B 234 46.85 -31.61 40.00
C GLY B 234 46.41 -31.33 41.42
N SER B 235 46.44 -30.05 41.80
CA SER B 235 46.03 -29.64 43.14
C SER B 235 44.52 -29.51 43.28
N ALA B 236 43.77 -29.54 42.18
CA ALA B 236 42.32 -29.42 42.23
C ALA B 236 41.62 -30.77 42.36
N LEU B 237 42.35 -31.82 42.73
CA LEU B 237 41.77 -33.14 42.88
C LEU B 237 41.35 -33.44 44.31
N ARG B 238 42.15 -33.00 45.29
CA ARG B 238 41.84 -33.24 46.69
C ARG B 238 40.69 -32.37 47.19
N TYR B 239 40.41 -31.25 46.51
CA TYR B 239 39.33 -30.36 46.89
C TYR B 239 38.02 -30.69 46.19
N ALA B 240 38.04 -31.53 45.16
CA ALA B 240 36.81 -31.88 44.45
C ALA B 240 36.01 -32.91 45.26
N PRO B 241 34.69 -32.80 45.27
CA PRO B 241 33.88 -33.77 46.02
C PRO B 241 33.90 -35.14 45.36
N ASP B 242 33.71 -36.16 46.19
CA ASP B 242 33.71 -37.54 45.72
C ASP B 242 32.41 -37.82 44.98
N GLY B 243 32.48 -37.90 43.66
CA GLY B 243 31.32 -38.18 42.84
C GLY B 243 31.12 -37.17 41.73
N ILE B 244 32.12 -36.32 41.50
CA ILE B 244 32.04 -35.31 40.45
C ILE B 244 32.27 -35.96 39.09
N ILE B 245 31.47 -35.57 38.11
CA ILE B 245 31.57 -36.12 36.76
C ILE B 245 32.76 -35.46 36.07
N GLY B 246 33.69 -36.29 35.58
CA GLY B 246 34.87 -35.80 34.90
C GLY B 246 35.04 -36.47 33.54
N LEU B 247 36.10 -36.04 32.85
CA LEU B 247 36.44 -36.57 31.53
C LEU B 247 37.92 -36.92 31.49
N GLN B 248 38.27 -37.78 30.55
CA GLN B 248 39.66 -38.20 30.37
C GLN B 248 39.87 -38.58 28.91
N LEU B 249 40.82 -37.93 28.25
CA LEU B 249 41.11 -38.22 26.85
C LEU B 249 41.87 -39.53 26.74
N ILE B 250 41.45 -40.37 25.79
CA ILE B 250 42.11 -41.65 25.58
C ILE B 250 43.48 -41.43 24.95
N ASN B 251 44.51 -42.03 25.56
CA ASN B 251 45.90 -41.92 25.09
C ASN B 251 46.34 -40.45 25.04
N GLY B 252 46.52 -39.89 26.25
CA GLY B 252 46.94 -38.52 26.38
C GLY B 252 48.42 -38.33 26.08
N LYS B 253 49.28 -38.91 26.91
CA LYS B 253 50.71 -38.83 26.72
C LYS B 253 51.18 -39.90 25.73
N ASN B 254 52.35 -39.64 25.12
CA ASN B 254 52.93 -40.53 24.12
C ASN B 254 51.96 -40.79 22.98
N GLU B 255 51.86 -39.85 22.04
CA GLU B 255 50.91 -39.94 20.93
C GLU B 255 51.63 -40.35 19.64
N SER B 256 52.21 -41.55 19.67
CA SER B 256 52.89 -42.07 18.50
C SER B 256 51.92 -42.33 17.35
N ALA B 257 50.66 -42.66 17.67
CA ALA B 257 49.66 -42.85 16.62
C ALA B 257 49.35 -41.55 15.89
N HIS B 258 49.46 -40.42 16.59
CA HIS B 258 49.26 -39.13 15.93
C HIS B 258 50.39 -38.81 14.97
N ILE B 259 51.60 -39.24 15.28
CA ILE B 259 52.74 -39.01 14.37
C ILE B 259 52.67 -39.95 13.19
N SER B 260 52.40 -41.24 13.44
CA SER B 260 52.30 -42.20 12.34
C SER B 260 51.14 -41.87 11.41
N ASP B 261 49.95 -41.64 11.99
CA ASP B 261 48.81 -41.26 11.18
C ASP B 261 48.99 -39.89 10.55
N ALA B 262 49.79 -39.02 11.19
CA ALA B 262 50.07 -37.71 10.62
C ALA B 262 50.91 -37.84 9.34
N VAL B 263 52.00 -38.62 9.41
CA VAL B 263 52.81 -38.86 8.22
C VAL B 263 52.01 -39.66 7.18
N ALA B 264 51.04 -40.46 7.62
CA ALA B 264 50.21 -41.19 6.68
C ALA B 264 49.28 -40.25 5.92
N VAL B 265 48.64 -39.32 6.62
CA VAL B 265 47.71 -38.39 5.98
C VAL B 265 48.47 -37.41 5.10
N VAL B 266 49.58 -36.87 5.60
CA VAL B 266 50.38 -35.93 4.80
C VAL B 266 50.97 -36.64 3.59
N ALA B 267 51.43 -37.87 3.77
CA ALA B 267 51.98 -38.64 2.65
C ALA B 267 50.91 -38.93 1.62
N GLN B 268 49.68 -39.21 2.07
CA GLN B 268 48.58 -39.42 1.13
C GLN B 268 48.23 -38.14 0.40
N ALA B 269 48.33 -36.99 1.08
CA ALA B 269 48.06 -35.71 0.44
C ALA B 269 49.17 -35.30 -0.52
N ILE B 270 50.38 -35.84 -0.35
CA ILE B 270 51.47 -35.55 -1.28
C ILE B 270 51.38 -36.47 -2.50
N HIS B 271 51.24 -37.78 -2.26
CA HIS B 271 51.12 -38.72 -3.36
C HIS B 271 49.86 -38.46 -4.18
N GLU B 272 48.80 -37.98 -3.53
CA GLU B 272 47.57 -37.62 -4.24
C GLU B 272 47.60 -36.22 -4.81
N LEU B 273 48.29 -35.29 -4.13
CA LEU B 273 48.36 -33.91 -4.63
C LEU B 273 49.25 -33.80 -5.87
N PHE B 274 50.32 -34.58 -5.93
CA PHE B 274 51.22 -34.57 -7.08
C PHE B 274 50.70 -35.38 -8.26
N GLU B 275 49.39 -35.39 -8.48
CA GLU B 275 48.79 -36.09 -9.62
C GLU B 275 47.88 -35.18 -10.43
N MET B 276 47.77 -33.90 -10.07
CA MET B 276 46.91 -32.97 -10.79
C MET B 276 47.44 -32.05 -11.88
N GLU B 277 48.06 -30.94 -11.49
CA GLU B 277 48.60 -29.97 -12.44
C GLU B 277 49.25 -28.87 -11.62
N GLN B 278 50.09 -28.08 -12.28
CA GLN B 278 50.78 -26.96 -11.66
C GLN B 278 51.66 -27.42 -10.50
N ILE B 279 51.13 -27.32 -9.27
CA ILE B 279 51.85 -27.65 -8.05
C ILE B 279 53.11 -26.80 -7.94
N THR B 280 53.00 -25.64 -7.32
CA THR B 280 54.13 -24.74 -7.17
C THR B 280 55.09 -25.26 -6.09
N ASP B 281 56.24 -24.59 -5.98
CA ASP B 281 57.25 -24.96 -5.01
C ASP B 281 57.43 -23.85 -3.97
N PRO B 282 57.63 -24.21 -2.71
CA PRO B 282 57.83 -23.19 -1.67
C PRO B 282 59.13 -22.44 -1.88
N PRO B 283 59.24 -21.22 -1.39
CA PRO B 283 60.48 -20.45 -1.55
C PRO B 283 61.61 -21.04 -0.73
N ARG B 284 62.83 -20.66 -1.10
CA ARG B 284 64.04 -21.16 -0.44
C ARG B 284 64.39 -20.19 0.70
N GLY B 285 64.08 -20.59 1.92
CA GLY B 285 64.40 -19.77 3.08
C GLY B 285 63.54 -18.52 3.16
N CYS B 286 63.94 -17.64 4.09
CA CYS B 286 63.26 -16.37 4.32
C CYS B 286 64.11 -15.19 3.86
N VAL B 287 64.98 -15.40 2.88
CA VAL B 287 65.88 -14.37 2.38
C VAL B 287 65.31 -13.89 1.05
N GLY B 288 64.72 -12.70 1.06
CA GLY B 288 64.16 -12.12 -0.16
C GLY B 288 62.97 -12.85 -0.72
N ASN B 289 62.04 -13.28 0.14
CA ASN B 289 60.84 -13.99 -0.27
C ASN B 289 59.63 -13.28 0.31
N THR B 290 58.98 -12.45 -0.51
CA THR B 290 57.81 -11.69 -0.08
C THR B 290 56.51 -12.16 -0.72
N ASN B 291 56.57 -13.04 -1.71
CA ASN B 291 55.37 -13.52 -2.36
C ASN B 291 54.67 -14.58 -1.50
N ILE B 292 53.39 -14.78 -1.76
CA ILE B 292 52.59 -15.75 -1.02
C ILE B 292 52.69 -17.11 -1.70
N TRP B 293 51.85 -18.05 -1.27
CA TRP B 293 51.83 -19.40 -1.82
C TRP B 293 50.43 -19.71 -2.33
N LYS B 294 50.35 -20.18 -3.56
CA LYS B 294 49.06 -20.52 -4.17
C LYS B 294 48.59 -21.93 -3.83
N THR B 295 49.53 -22.86 -3.62
CA THR B 295 49.16 -24.23 -3.31
C THR B 295 48.83 -24.42 -1.82
N GLY B 296 49.09 -23.41 -0.99
CA GLY B 296 48.81 -23.48 0.43
C GLY B 296 47.38 -23.82 0.75
N PRO B 297 46.45 -22.91 0.40
CA PRO B 297 45.03 -23.22 0.61
C PRO B 297 44.57 -24.49 -0.08
N LEU B 298 45.14 -24.80 -1.25
CA LEU B 298 44.83 -26.06 -1.91
C LEU B 298 45.34 -27.24 -1.10
N PHE B 299 46.53 -27.12 -0.51
CA PHE B 299 47.04 -28.18 0.36
C PHE B 299 46.15 -28.36 1.58
N LYS B 300 45.63 -27.26 2.13
CA LYS B 300 44.67 -27.37 3.23
C LYS B 300 43.38 -28.04 2.77
N ARG B 301 42.95 -27.78 1.54
CA ARG B 301 41.75 -28.43 1.01
C ARG B 301 41.96 -29.93 0.85
N VAL B 302 43.16 -30.34 0.42
CA VAL B 302 43.45 -31.76 0.28
C VAL B 302 43.56 -32.42 1.65
N LEU B 303 44.18 -31.73 2.60
CA LEU B 303 44.30 -32.27 3.96
C LEU B 303 42.95 -32.39 4.65
N MET B 304 42.02 -31.48 4.35
CA MET B 304 40.70 -31.55 4.97
C MET B 304 39.90 -32.74 4.43
N SER B 305 40.08 -33.08 3.16
CA SER B 305 39.37 -34.20 2.55
C SER B 305 40.22 -35.47 2.68
N SER B 306 40.31 -35.95 3.92
CA SER B 306 41.07 -37.16 4.24
C SER B 306 40.19 -38.09 5.06
N LYS B 307 40.13 -39.36 4.64
CA LYS B 307 39.31 -40.35 5.32
C LYS B 307 40.16 -41.58 5.62
N TYR B 308 40.11 -42.04 6.87
CA TYR B 308 40.85 -43.23 7.30
C TYR B 308 39.98 -44.01 8.28
N PRO B 309 39.08 -44.85 7.76
CA PRO B 309 38.23 -45.64 8.66
C PRO B 309 38.96 -46.77 9.37
N ASP B 310 40.10 -47.21 8.85
CA ASP B 310 40.88 -48.28 9.46
C ASP B 310 42.17 -47.75 10.08
N GLY B 311 42.15 -46.53 10.61
CA GLY B 311 43.31 -45.94 11.22
C GLY B 311 43.62 -46.53 12.59
N VAL B 312 44.73 -46.07 13.16
CA VAL B 312 45.15 -46.54 14.47
C VAL B 312 44.30 -45.92 15.57
N THR B 313 44.09 -44.61 15.49
CA THR B 313 43.27 -43.92 16.49
C THR B 313 41.79 -44.22 16.35
N GLY B 314 41.34 -44.62 15.16
CA GLY B 314 39.94 -44.94 14.95
C GLY B 314 39.46 -44.58 13.56
N ARG B 315 38.79 -43.44 13.43
CA ARG B 315 38.27 -42.96 12.15
C ARG B 315 38.69 -41.50 11.98
N ILE B 316 39.72 -41.28 11.16
CA ILE B 316 40.22 -39.93 10.92
C ILE B 316 39.30 -39.24 9.92
N GLU B 317 38.70 -38.12 10.33
CA GLU B 317 37.79 -37.38 9.47
C GLU B 317 37.77 -35.93 9.93
N PHE B 318 37.86 -35.00 8.98
CA PHE B 318 37.85 -33.58 9.26
C PHE B 318 36.48 -32.99 8.99
N ASN B 319 36.17 -31.89 9.68
CA ASN B 319 34.88 -31.23 9.53
C ASN B 319 35.06 -29.95 8.72
N GLU B 320 34.06 -29.08 8.74
CA GLU B 320 34.12 -27.82 8.00
C GLU B 320 35.12 -26.79 8.49
N ASP B 321 35.63 -26.94 9.71
CA ASP B 321 36.59 -25.99 10.26
C ASP B 321 38.01 -26.53 10.34
N GLY B 322 38.20 -27.84 10.19
CA GLY B 322 39.53 -28.42 10.26
C GLY B 322 39.89 -28.90 11.65
N ASP B 323 39.02 -29.71 12.25
CA ASP B 323 39.28 -30.24 13.59
C ASP B 323 39.15 -31.75 13.48
N ARG B 324 39.08 -32.43 14.63
CA ARG B 324 38.98 -33.88 14.68
C ARG B 324 37.59 -34.42 15.03
N LYS B 325 36.98 -35.14 14.09
CA LYS B 325 35.67 -35.72 14.31
C LYS B 325 35.81 -37.09 14.99
N PHE B 326 34.69 -37.54 15.57
CA PHE B 326 34.62 -38.81 16.28
C PHE B 326 35.67 -38.88 17.40
N ALA B 327 35.50 -38.00 18.38
CA ALA B 327 36.43 -37.93 19.50
C ALA B 327 36.24 -39.13 20.42
N GLN B 328 37.32 -39.55 21.05
CA GLN B 328 37.34 -40.70 21.96
C GLN B 328 37.73 -40.21 23.35
N TYR B 329 36.74 -40.08 24.22
CA TYR B 329 36.95 -39.66 25.60
C TYR B 329 36.50 -40.77 26.55
N SER B 330 36.51 -40.47 27.85
CA SER B 330 36.10 -41.44 28.87
C SER B 330 35.54 -40.66 30.05
N ILE B 331 34.27 -40.92 30.38
CA ILE B 331 33.62 -40.26 31.51
C ILE B 331 34.12 -40.91 32.79
N MET B 332 34.79 -40.12 33.62
CA MET B 332 35.34 -40.57 34.89
C MET B 332 34.48 -40.05 36.05
N ASN B 333 34.73 -40.60 37.23
CA ASN B 333 34.01 -40.20 38.43
C ASN B 333 34.91 -40.43 39.64
N LEU B 334 34.97 -39.44 40.52
CA LEU B 334 35.81 -39.52 41.71
C LEU B 334 35.10 -40.34 42.77
N GLN B 335 35.67 -41.50 43.11
CA GLN B 335 35.09 -42.40 44.11
C GLN B 335 36.17 -42.76 45.12
N ASN B 336 35.98 -42.35 46.37
CA ASN B 336 36.91 -42.64 47.47
C ASN B 336 38.31 -42.15 47.14
N ARG B 337 38.41 -40.86 46.83
CA ARG B 337 39.67 -40.19 46.50
C ARG B 337 40.39 -40.83 45.31
N LYS B 338 39.65 -41.56 44.47
CA LYS B 338 40.24 -42.22 43.31
C LYS B 338 39.33 -42.01 42.11
N LEU B 339 39.95 -41.97 40.93
CA LEU B 339 39.23 -41.78 39.67
C LEU B 339 38.84 -43.15 39.12
N VAL B 340 37.57 -43.51 39.28
CA VAL B 340 37.06 -44.79 38.82
C VAL B 340 36.37 -44.59 37.48
N GLN B 341 36.70 -45.43 36.50
CA GLN B 341 36.12 -45.33 35.17
C GLN B 341 34.66 -45.77 35.23
N VAL B 342 33.75 -44.85 34.88
CA VAL B 342 32.32 -45.14 34.88
C VAL B 342 31.70 -45.05 33.50
N GLY B 343 32.41 -44.54 32.50
CA GLY B 343 31.86 -44.45 31.16
C GLY B 343 32.94 -44.22 30.14
N ILE B 344 32.59 -44.49 28.88
CA ILE B 344 33.49 -44.27 27.76
C ILE B 344 32.72 -43.63 26.62
N PHE B 345 33.42 -42.82 25.83
CA PHE B 345 32.82 -42.10 24.69
C PHE B 345 33.63 -42.45 23.45
N ASP B 346 33.04 -43.25 22.56
CA ASP B 346 33.73 -43.65 21.34
C ASP B 346 33.67 -42.57 20.28
N GLY B 347 32.54 -41.88 20.16
CA GLY B 347 32.39 -40.84 19.17
C GLY B 347 30.95 -40.55 18.82
N SER B 348 30.14 -41.60 18.71
CA SER B 348 28.73 -41.47 18.37
C SER B 348 27.82 -41.41 19.60
N TYR B 349 27.98 -42.36 20.52
CA TYR B 349 27.17 -42.42 21.73
C TYR B 349 28.08 -42.69 22.92
N ILE B 350 27.48 -42.70 24.11
CA ILE B 350 28.18 -42.95 25.36
C ILE B 350 27.89 -44.37 25.80
N ILE B 351 28.94 -45.14 26.07
CA ILE B 351 28.83 -46.52 26.52
C ILE B 351 29.17 -46.58 28.00
N GLN B 352 28.28 -47.18 28.79
CA GLN B 352 28.46 -47.31 30.22
C GLN B 352 28.94 -48.72 30.57
N ASN B 353 29.80 -48.80 31.57
CA ASN B 353 30.34 -50.08 32.01
C ASN B 353 29.49 -50.57 33.18
N ASP B 354 30.04 -51.50 33.97
CA ASP B 354 29.33 -52.06 35.12
C ASP B 354 29.44 -51.32 36.44
N ARG B 355 29.95 -50.09 36.43
CA ARG B 355 30.11 -49.30 37.65
C ARG B 355 28.97 -48.30 37.74
N LYS B 356 28.36 -48.22 38.93
CA LYS B 356 27.25 -47.30 39.15
C LYS B 356 27.76 -45.91 39.45
N ILE B 357 27.09 -44.90 38.85
CA ILE B 357 27.49 -43.51 39.06
C ILE B 357 27.13 -43.08 40.47
N ILE B 358 28.10 -42.52 41.18
CA ILE B 358 27.91 -42.04 42.55
C ILE B 358 27.83 -40.53 42.52
N TRP B 359 26.81 -39.98 43.22
CA TRP B 359 26.63 -38.53 43.28
C TRP B 359 27.32 -37.95 44.51
N PRO B 360 27.81 -36.71 44.41
CA PRO B 360 28.49 -36.10 45.57
C PRO B 360 27.57 -35.86 46.75
N GLY B 361 26.25 -35.78 46.54
CA GLY B 361 25.32 -35.55 47.62
C GLY B 361 24.87 -36.81 48.32
N GLY B 362 25.61 -37.90 48.13
CA GLY B 362 25.28 -39.16 48.75
C GLY B 362 24.13 -39.91 48.09
N GLU B 363 23.63 -39.44 46.97
CA GLU B 363 22.52 -40.09 46.27
C GLU B 363 23.05 -41.12 45.28
N THR B 364 22.19 -42.07 44.95
CA THR B 364 22.52 -43.13 44.01
C THR B 364 21.66 -43.14 42.76
N GLU B 365 20.44 -42.64 42.82
CA GLU B 365 19.53 -42.59 41.68
C GLU B 365 19.20 -41.14 41.36
N ARG B 366 19.32 -40.77 40.09
CA ARG B 366 19.02 -39.40 39.68
C ARG B 366 17.51 -39.20 39.60
N PRO B 367 16.94 -38.26 40.34
CA PRO B 367 15.49 -38.02 40.26
C PRO B 367 15.08 -37.52 38.89
N GLN B 368 13.79 -37.70 38.58
CA GLN B 368 13.27 -37.26 37.30
C GLN B 368 13.14 -35.75 37.23
N GLY B 369 12.97 -35.09 38.37
CA GLY B 369 12.84 -33.64 38.38
C GLY B 369 14.17 -32.93 38.51
N TYR B 370 14.28 -31.79 37.85
CA TYR B 370 15.50 -30.98 37.87
C TYR B 370 15.46 -29.92 38.96
N GLN B 371 15.16 -30.37 40.19
CA GLN B 371 15.07 -29.51 41.36
C GLN B 371 14.04 -28.40 41.16
N MET B 372 12.78 -28.69 41.46
CA MET B 372 11.69 -27.73 41.33
C MET B 372 11.27 -27.22 42.71
N SER B 373 10.49 -26.14 42.69
CA SER B 373 10.01 -25.53 43.92
C SER B 373 8.63 -24.94 43.68
N THR B 374 8.01 -24.46 44.76
CA THR B 374 6.68 -23.86 44.69
C THR B 374 6.70 -22.38 45.00
N ARG B 375 7.85 -21.80 45.29
CA ARG B 375 7.95 -20.37 45.60
C ARG B 375 7.87 -19.58 44.31
N LEU B 376 6.74 -18.92 44.08
CA LEU B 376 6.50 -18.13 42.88
C LEU B 376 6.57 -16.65 43.23
N LYS B 377 7.41 -15.91 42.52
CA LYS B 377 7.57 -14.49 42.75
C LYS B 377 6.61 -13.71 41.84
N ILE B 378 5.97 -12.69 42.42
CA ILE B 378 4.98 -11.88 41.72
C ILE B 378 5.50 -10.45 41.63
N VAL B 379 5.47 -9.88 40.43
CA VAL B 379 5.88 -8.51 40.20
C VAL B 379 4.78 -7.80 39.42
N THR B 380 4.72 -6.48 39.56
CA THR B 380 3.71 -5.67 38.89
C THR B 380 4.25 -4.25 38.73
N ILE B 381 3.41 -3.39 38.17
CA ILE B 381 3.78 -1.99 37.95
C ILE B 381 3.14 -1.13 39.04
N HIS B 382 3.16 0.18 38.85
CA HIS B 382 2.61 1.13 39.81
C HIS B 382 1.49 1.93 39.13
N GLN B 383 0.25 1.54 39.40
CA GLN B 383 -0.92 2.22 38.86
C GLN B 383 -1.95 2.41 39.96
N GLU B 384 -2.67 3.53 39.91
CA GLU B 384 -3.66 3.81 40.95
C GLU B 384 -4.87 2.89 40.85
N PRO B 385 -5.56 2.75 39.71
CA PRO B 385 -6.75 1.88 39.68
C PRO B 385 -6.42 0.40 39.70
N PHE B 386 -5.22 0.00 39.28
CA PHE B 386 -4.86 -1.43 39.24
C PHE B 386 -4.30 -1.88 40.58
N VAL B 387 -3.05 -1.49 40.88
CA VAL B 387 -2.41 -1.87 42.12
C VAL B 387 -2.37 -0.67 43.06
N TYR B 388 -3.45 -0.44 43.79
CA TYR B 388 -3.53 0.69 44.70
C TYR B 388 -2.57 0.50 45.86
N VAL B 389 -1.59 1.39 45.98
CA VAL B 389 -0.59 1.33 47.04
C VAL B 389 -0.97 2.34 48.12
N ARG B 390 -1.09 1.86 49.36
CA ARG B 390 -1.45 2.70 50.48
C ARG B 390 -0.44 2.48 51.61
N PRO B 391 0.14 3.54 52.17
CA PRO B 391 1.10 3.34 53.27
C PRO B 391 0.43 2.74 54.50
N THR B 392 1.22 2.03 55.29
CA THR B 392 0.71 1.40 56.50
C THR B 392 0.49 2.43 57.59
N THR B 393 -0.70 2.45 58.16
CA THR B 393 -1.01 3.38 59.24
C THR B 393 -0.38 2.92 60.54
N SER B 394 -0.02 3.91 61.38
CA SER B 394 0.62 3.67 62.67
C SER B 394 1.87 2.82 62.51
N ASP B 395 1.94 1.71 63.24
CA ASP B 395 3.07 0.79 63.17
C ASP B 395 2.63 -0.66 63.18
N GLY B 396 1.46 -0.94 62.61
CA GLY B 396 0.94 -2.30 62.58
C GLY B 396 0.80 -2.85 61.18
N THR B 397 -0.35 -3.46 60.88
CA THR B 397 -0.60 -4.04 59.57
C THR B 397 -1.51 -3.06 58.83
N CYS B 398 -2.09 -3.51 57.72
CA CYS B 398 -2.98 -2.67 56.93
C CYS B 398 -4.24 -2.13 57.59
N ARG B 399 -4.88 -1.18 56.91
CA ARG B 399 -6.09 -0.55 57.41
C ARG B 399 -7.30 -1.36 56.96
N GLU B 400 -8.07 -1.87 57.92
CA GLU B 400 -9.25 -2.65 57.61
C GLU B 400 -10.45 -1.75 57.37
N GLU B 401 -11.14 -1.97 56.26
CA GLU B 401 -12.31 -1.17 55.91
C GLU B 401 -13.24 -2.04 55.05
N TYR B 402 -14.28 -1.41 54.51
CA TYR B 402 -15.25 -2.09 53.66
C TYR B 402 -15.52 -1.22 52.44
N THR B 403 -16.34 -1.76 51.52
CA THR B 403 -16.69 -1.06 50.30
C THR B 403 -18.01 -0.31 50.49
N ILE B 404 -18.59 0.18 49.39
CA ILE B 404 -19.85 0.91 49.44
C ILE B 404 -21.04 0.02 49.13
N ASN B 405 -20.82 -1.30 49.06
CA ASN B 405 -21.91 -2.24 48.77
C ASN B 405 -22.01 -3.36 49.79
N GLY B 406 -21.17 -3.38 50.81
CA GLY B 406 -21.22 -4.42 51.82
C GLY B 406 -20.39 -5.63 51.47
N ASP B 407 -19.07 -5.42 51.32
CA ASP B 407 -18.16 -6.51 50.98
C ASP B 407 -16.79 -6.17 51.56
N PRO B 408 -16.16 -7.11 52.27
CA PRO B 408 -14.83 -6.83 52.84
C PRO B 408 -13.76 -6.78 51.76
N ILE B 409 -12.85 -5.81 51.91
CA ILE B 409 -11.75 -5.62 50.96
C ILE B 409 -10.49 -6.21 51.56
N LYS B 410 -9.73 -6.93 50.74
CA LYS B 410 -8.51 -7.59 51.18
C LYS B 410 -7.29 -6.83 50.66
N LYS B 411 -6.28 -6.70 51.51
CA LYS B 411 -5.05 -6.02 51.17
C LYS B 411 -3.86 -6.94 51.42
N VAL B 412 -2.83 -6.78 50.61
CA VAL B 412 -1.62 -7.59 50.71
C VAL B 412 -0.44 -6.69 51.08
N ILE B 413 0.64 -7.33 51.49
CA ILE B 413 1.87 -6.62 51.86
C ILE B 413 2.74 -6.47 50.61
N CYS B 414 3.21 -5.24 50.36
CA CYS B 414 4.03 -4.96 49.20
C CYS B 414 5.07 -3.90 49.57
N ASN B 415 6.33 -4.20 49.32
CA ASN B 415 7.43 -3.28 49.62
C ASN B 415 7.70 -2.41 48.40
N GLY B 416 7.66 -1.10 48.60
CA GLY B 416 7.87 -0.16 47.52
C GLY B 416 8.61 1.08 47.96
N PRO B 417 9.26 1.77 47.02
CA PRO B 417 9.98 3.00 47.35
C PRO B 417 9.03 4.17 47.61
N ASP B 418 9.57 5.39 47.60
CA ASP B 418 8.79 6.59 47.83
C ASP B 418 9.26 7.68 46.86
N GLU B 419 8.30 8.42 46.31
CA GLU B 419 8.61 9.48 45.36
C GLU B 419 8.98 10.80 46.03
N THR B 420 8.67 10.96 47.32
CA THR B 420 9.00 12.21 48.01
C THR B 420 10.49 12.29 48.33
N ILE B 421 11.04 11.25 48.95
CA ILE B 421 12.47 11.25 49.27
C ILE B 421 13.27 11.02 47.99
N PRO B 422 14.36 11.75 47.77
CA PRO B 422 15.16 11.51 46.56
C PRO B 422 15.70 10.09 46.44
N GLY B 423 15.98 9.44 47.57
CA GLY B 423 16.44 8.07 47.56
C GLY B 423 15.32 7.09 47.30
N ARG B 424 15.67 5.80 47.35
CA ARG B 424 14.73 4.71 47.13
C ARG B 424 14.80 3.75 48.31
N PRO B 425 14.19 4.10 49.44
CA PRO B 425 14.20 3.19 50.59
C PRO B 425 13.09 2.15 50.49
N THR B 426 13.28 1.06 51.23
CA THR B 426 12.29 -0.02 51.28
C THR B 426 11.15 0.42 52.19
N VAL B 427 10.05 0.83 51.59
CA VAL B 427 8.88 1.32 52.33
C VAL B 427 7.82 0.22 52.31
N PRO B 428 7.59 -0.47 53.43
CA PRO B 428 6.53 -1.51 53.45
C PRO B 428 5.15 -0.88 53.46
N GLN B 429 4.37 -1.14 52.42
CA GLN B 429 3.02 -0.61 52.27
C GLN B 429 2.06 -1.77 51.98
N CYS B 430 0.79 -1.42 51.79
CA CYS B 430 -0.26 -2.39 51.53
C CYS B 430 -0.87 -2.11 50.15
N CYS B 431 -0.91 -3.15 49.31
CA CYS B 431 -1.46 -3.04 47.96
C CYS B 431 -2.82 -3.72 47.90
N TYR B 432 -3.73 -3.14 47.11
CA TYR B 432 -5.06 -3.67 46.93
C TYR B 432 -5.64 -3.10 45.64
N GLY B 433 -6.40 -3.94 44.94
CA GLY B 433 -7.01 -3.50 43.70
C GLY B 433 -7.48 -4.70 42.88
N PHE B 434 -7.59 -4.48 41.57
CA PHE B 434 -8.06 -5.53 40.67
C PHE B 434 -7.01 -6.62 40.51
N CYS B 435 -5.76 -6.24 40.23
CA CYS B 435 -4.70 -7.23 40.08
C CYS B 435 -4.41 -7.95 41.38
N VAL B 436 -4.62 -7.29 42.51
CA VAL B 436 -4.41 -7.95 43.80
C VAL B 436 -5.48 -9.01 44.04
N ASP B 437 -6.75 -8.67 43.77
CA ASP B 437 -7.82 -9.65 43.91
C ASP B 437 -7.66 -10.79 42.92
N LEU B 438 -7.15 -10.51 41.72
CA LEU B 438 -6.86 -11.57 40.77
C LEU B 438 -5.72 -12.46 41.28
N LEU B 439 -4.73 -11.86 41.94
CA LEU B 439 -3.66 -12.65 42.53
C LEU B 439 -4.16 -13.51 43.69
N ILE B 440 -5.16 -13.02 44.42
CA ILE B 440 -5.75 -13.83 45.49
C ILE B 440 -6.58 -14.97 44.92
N LYS B 441 -7.32 -14.70 43.84
CA LYS B 441 -8.12 -15.75 43.21
C LYS B 441 -7.22 -16.84 42.63
N LEU B 442 -6.21 -16.44 41.85
CA LEU B 442 -5.25 -17.42 41.33
C LEU B 442 -4.42 -18.05 42.43
N ALA B 443 -4.31 -17.40 43.59
CA ALA B 443 -3.56 -17.97 44.71
C ALA B 443 -4.38 -18.98 45.49
N ARG B 444 -5.71 -18.86 45.47
CA ARG B 444 -6.56 -19.83 46.14
C ARG B 444 -7.04 -20.95 45.22
N GLU B 445 -7.01 -20.73 43.90
CA GLU B 445 -7.36 -21.78 42.95
C GLU B 445 -6.20 -22.72 42.66
N MET B 446 -4.99 -22.40 43.14
CA MET B 446 -3.83 -23.24 42.93
C MET B 446 -2.99 -23.25 44.20
N ASP B 447 -2.51 -24.44 44.57
CA ASP B 447 -1.74 -24.61 45.80
C ASP B 447 -0.29 -24.21 45.55
N PHE B 448 0.05 -22.97 45.90
CA PHE B 448 1.41 -22.48 45.78
C PHE B 448 1.56 -21.26 46.70
N THR B 449 2.77 -20.71 46.72
CA THR B 449 3.08 -19.53 47.51
C THR B 449 3.44 -18.37 46.59
N TYR B 450 2.95 -17.19 46.93
CA TYR B 450 3.17 -15.99 46.12
C TYR B 450 3.80 -14.89 46.96
N GLU B 451 4.39 -13.91 46.27
CA GLU B 451 5.00 -12.77 46.94
C GLU B 451 5.00 -11.60 45.96
N VAL B 452 4.16 -10.61 46.22
CA VAL B 452 4.04 -9.46 45.34
C VAL B 452 5.11 -8.44 45.68
N HIS B 453 5.78 -7.91 44.65
CA HIS B 453 6.82 -6.92 44.82
C HIS B 453 6.62 -5.80 43.82
N LEU B 454 6.87 -4.56 44.25
CA LEU B 454 6.69 -3.39 43.41
C LEU B 454 7.97 -3.11 42.63
N VAL B 455 7.83 -2.81 41.35
CA VAL B 455 8.95 -2.51 40.47
C VAL B 455 9.03 -1.00 40.29
N ALA B 456 10.24 -0.47 40.33
CA ALA B 456 10.47 0.97 40.19
C ALA B 456 10.54 1.30 38.71
N ASP B 457 11.14 2.44 38.37
CA ASP B 457 11.24 2.87 36.99
C ASP B 457 11.90 1.87 36.04
N GLY B 458 11.84 2.17 34.75
CA GLY B 458 12.40 1.30 33.74
C GLY B 458 11.37 0.43 33.06
N LYS B 459 10.40 1.05 32.41
CA LYS B 459 9.31 0.36 31.73
C LYS B 459 9.31 0.76 30.26
N PHE B 460 10.40 0.43 29.56
CA PHE B 460 10.49 0.78 28.15
C PHE B 460 11.36 -0.19 27.34
N GLY B 461 11.73 -1.34 27.90
CA GLY B 461 12.50 -2.33 27.17
C GLY B 461 13.96 -2.01 26.98
N THR B 462 14.44 -0.87 27.48
CA THR B 462 15.84 -0.45 27.35
C THR B 462 16.44 -0.29 25.96
N GLN B 463 15.86 0.59 25.15
CA GLN B 463 16.35 0.86 23.80
C GLN B 463 17.76 1.42 23.75
N GLU B 464 18.73 0.57 23.41
CA GLU B 464 20.14 0.96 23.34
C GLU B 464 20.35 1.81 22.10
N ARG B 465 20.05 3.10 22.23
CA ARG B 465 20.21 4.05 21.14
C ARG B 465 21.05 5.27 21.53
N VAL B 466 21.72 5.22 22.67
CA VAL B 466 22.55 6.32 23.15
C VAL B 466 24.01 5.86 23.13
N ASN B 467 24.89 6.69 22.59
CA ASN B 467 26.31 6.39 22.51
C ASN B 467 26.89 6.38 23.91
N ASN B 468 27.07 5.19 24.48
CA ASN B 468 27.62 5.06 25.83
C ASN B 468 29.13 5.22 25.94
N SER B 469 29.88 4.25 25.45
CA SER B 469 31.34 4.30 25.49
C SER B 469 31.92 3.47 24.36
N ASN B 470 31.16 3.30 23.27
CA ASN B 470 31.57 2.53 22.10
C ASN B 470 31.95 1.10 22.49
N ALA B 471 30.92 0.35 22.86
CA ALA B 471 31.08 -1.05 23.26
C ALA B 471 29.80 -1.81 22.91
N ALA B 472 29.81 -3.11 23.19
CA ALA B 472 28.67 -3.96 22.90
C ALA B 472 27.63 -3.84 24.02
N ALA B 473 26.43 -4.33 23.71
CA ALA B 473 25.31 -4.31 24.64
C ALA B 473 24.66 -5.69 24.67
N TRP B 474 23.64 -5.83 25.52
CA TRP B 474 22.94 -7.09 25.67
C TRP B 474 21.54 -6.82 26.20
N ASN B 475 20.61 -7.73 25.88
CA ASN B 475 19.23 -7.58 26.29
C ASN B 475 19.12 -7.68 27.81
N GLY B 476 18.62 -6.62 28.43
CA GLY B 476 18.46 -6.60 29.88
C GLY B 476 17.05 -6.24 30.31
N MET B 477 16.13 -6.16 29.35
CA MET B 477 14.75 -5.83 29.66
C MET B 477 13.81 -6.43 28.62
N MET B 478 13.22 -5.58 27.77
CA MET B 478 12.29 -6.01 26.73
C MET B 478 11.31 -6.81 27.58
N GLY B 479 11.22 -8.11 27.31
CA GLY B 479 10.32 -8.96 28.12
C GLY B 479 10.98 -8.89 29.44
N GLU B 480 10.50 -8.00 30.31
CA GLU B 480 11.02 -7.84 31.71
C GLU B 480 10.59 -9.05 32.51
N LEU B 481 11.41 -10.09 32.47
CA LEU B 481 11.23 -11.27 33.30
C LEU B 481 12.54 -11.69 33.95
N LEU B 482 13.60 -11.75 33.15
CA LEU B 482 14.91 -12.16 33.64
C LEU B 482 15.21 -11.00 34.58
N SER B 483 14.66 -11.07 35.78
CA SER B 483 14.88 -10.03 36.77
C SER B 483 15.21 -10.87 38.00
N GLY B 484 16.20 -11.75 37.86
CA GLY B 484 16.60 -12.59 38.96
C GLY B 484 15.57 -12.67 40.07
N GLN B 485 14.56 -11.80 40.00
CA GLN B 485 13.53 -11.77 41.05
C GLN B 485 12.12 -11.70 40.48
N ALA B 486 11.93 -11.94 39.19
CA ALA B 486 10.62 -11.91 38.56
C ALA B 486 10.32 -13.26 37.92
N ASP B 487 9.09 -13.73 38.10
CA ASP B 487 8.67 -15.02 37.56
C ASP B 487 7.39 -14.89 36.73
N MET B 488 6.48 -14.02 37.16
CA MET B 488 5.23 -13.82 36.45
C MET B 488 4.71 -12.42 36.75
N ILE B 489 4.29 -11.72 35.71
CA ILE B 489 3.78 -10.36 35.81
C ILE B 489 2.26 -10.40 35.80
N VAL B 490 1.64 -9.69 36.74
CA VAL B 490 0.18 -9.59 36.81
C VAL B 490 -0.31 -8.27 36.23
N ALA B 491 0.60 -7.43 35.70
CA ALA B 491 0.23 -6.13 35.13
C ALA B 491 -0.27 -6.31 33.70
N PRO B 492 -1.33 -5.59 33.32
CA PRO B 492 -1.86 -5.72 31.95
C PRO B 492 -0.95 -5.08 30.92
N LEU B 493 0.08 -5.80 30.50
CA LEU B 493 1.04 -5.32 29.52
C LEU B 493 0.58 -5.68 28.11
N THR B 494 1.08 -4.91 27.14
CA THR B 494 0.74 -5.14 25.74
C THR B 494 1.47 -6.37 25.21
N ILE B 495 0.98 -6.89 24.08
CA ILE B 495 1.54 -8.06 23.44
C ILE B 495 2.01 -7.64 22.04
N ASN B 496 3.32 -7.69 21.82
CA ASN B 496 3.90 -7.33 20.54
C ASN B 496 4.90 -8.39 20.12
N ASN B 497 5.31 -8.34 18.86
CA ASN B 497 6.25 -9.33 18.35
C ASN B 497 7.65 -9.16 18.95
N GLU B 498 8.04 -7.92 19.25
CA GLU B 498 9.35 -7.68 19.84
C GLU B 498 9.43 -8.22 21.26
N ARG B 499 8.33 -8.19 22.01
CA ARG B 499 8.31 -8.71 23.36
C ARG B 499 8.06 -10.21 23.41
N ALA B 500 7.19 -10.72 22.53
CA ALA B 500 6.84 -12.13 22.50
C ALA B 500 7.78 -12.97 21.65
N GLN B 501 8.77 -12.36 21.00
CA GLN B 501 9.70 -13.12 20.18
C GLN B 501 10.71 -13.91 21.02
N TYR B 502 10.90 -13.52 22.28
CA TYR B 502 11.86 -14.19 23.15
C TYR B 502 11.21 -14.79 24.39
N ILE B 503 9.88 -14.75 24.51
CA ILE B 503 9.18 -15.28 25.68
C ILE B 503 7.79 -15.74 25.26
N GLU B 504 7.22 -16.64 26.04
CA GLU B 504 5.89 -17.18 25.78
C GLU B 504 4.83 -16.36 26.50
N PHE B 505 3.71 -16.12 25.82
CA PHE B 505 2.61 -15.35 26.37
C PHE B 505 1.32 -16.15 26.28
N SER B 506 0.35 -15.78 27.11
CA SER B 506 -0.95 -16.43 27.14
C SER B 506 -1.97 -15.57 26.39
N LYS B 507 -3.19 -16.08 26.33
CA LYS B 507 -4.25 -15.36 25.62
C LYS B 507 -4.72 -14.17 26.46
N PRO B 508 -5.02 -13.03 25.83
CA PRO B 508 -5.50 -11.88 26.58
C PRO B 508 -6.88 -12.12 27.16
N PHE B 509 -7.13 -11.48 28.30
CA PHE B 509 -8.42 -11.60 28.98
C PHE B 509 -9.34 -10.42 28.74
N LYS B 510 -8.84 -9.33 28.16
CA LYS B 510 -9.64 -8.15 27.88
C LYS B 510 -9.00 -7.38 26.74
N TYR B 511 -9.73 -7.26 25.62
CA TYR B 511 -9.24 -6.56 24.44
C TYR B 511 -9.79 -5.13 24.47
N GLN B 512 -8.89 -4.16 24.64
CA GLN B 512 -9.26 -2.76 24.69
C GLN B 512 -8.32 -1.96 23.78
N GLY B 513 -8.86 -0.89 23.19
CA GLY B 513 -8.11 -0.05 22.30
C GLY B 513 -7.68 1.26 22.94
N LEU B 514 -7.05 2.10 22.12
CA LEU B 514 -6.56 3.40 22.56
C LEU B 514 -7.53 4.49 22.13
N THR B 515 -7.69 5.51 22.98
CA THR B 515 -8.57 6.63 22.72
C THR B 515 -7.80 7.93 22.82
N ILE B 516 -8.38 8.99 22.26
CA ILE B 516 -7.77 10.31 22.27
C ILE B 516 -8.68 11.39 22.86
N LEU B 517 -9.87 11.02 23.34
CA LEU B 517 -10.79 11.99 23.92
C LEU B 517 -10.32 12.38 25.31
N VAL B 518 -10.31 13.68 25.58
CA VAL B 518 -9.89 14.19 26.89
C VAL B 518 -11.11 14.52 27.72
N LYS B 519 -11.75 15.65 27.44
CA LYS B 519 -12.93 16.08 28.18
C LYS B 519 -13.74 17.02 27.29
N LYS B 520 -14.98 17.24 27.71
CA LYS B 520 -15.91 18.10 26.97
C LYS B 520 -16.45 19.19 27.90
N GLU B 521 -16.79 20.33 27.31
CA GLU B 521 -17.33 21.47 28.03
C GLU B 521 -18.66 21.86 27.41
N ILE B 522 -19.66 22.08 28.25
CA ILE B 522 -21.00 22.47 27.81
C ILE B 522 -21.20 23.95 28.16
N PRO B 523 -21.34 24.83 27.18
CA PRO B 523 -21.57 26.26 27.48
C PRO B 523 -23.00 26.50 27.92
N ARG B 524 -23.16 27.13 29.07
CA ARG B 524 -24.49 27.44 29.60
C ARG B 524 -24.36 28.57 30.61
N SER B 525 -25.49 29.18 30.94
CA SER B 525 -25.55 30.28 31.89
C SER B 525 -26.28 29.85 33.14
N THR B 526 -25.74 30.20 34.30
CA THR B 526 -26.33 29.84 35.58
C THR B 526 -27.40 30.82 36.03
N LEU B 527 -27.14 32.12 35.87
CA LEU B 527 -28.12 33.13 36.27
C LEU B 527 -29.31 33.16 35.30
N ASP B 528 -29.02 33.37 34.02
CA ASP B 528 -30.04 33.41 32.97
C ASP B 528 -31.09 34.47 33.25
N SER B 529 -30.77 35.73 32.94
CA SER B 529 -31.69 36.85 33.11
C SER B 529 -32.22 37.34 31.76
N PHE B 530 -32.51 36.39 30.86
CA PHE B 530 -32.95 36.63 29.48
C PHE B 530 -32.21 37.78 28.80
N MET B 531 -32.90 38.47 27.88
CA MET B 531 -32.38 39.59 27.09
C MET B 531 -30.91 39.44 26.71
N GLN B 532 -30.50 38.22 26.36
CA GLN B 532 -29.12 37.97 25.94
C GLN B 532 -28.99 37.95 24.42
N PRO B 533 -29.80 37.18 23.67
CA PRO B 533 -29.62 37.15 22.22
C PRO B 533 -30.05 38.44 21.52
N PHE B 534 -30.91 39.24 22.14
CA PHE B 534 -31.39 40.48 21.56
C PHE B 534 -31.02 41.65 22.45
N GLN B 535 -30.76 42.80 21.83
CA GLN B 535 -30.39 44.00 22.56
C GLN B 535 -31.61 44.60 23.25
N SER B 536 -31.35 45.49 24.21
CA SER B 536 -32.43 46.15 24.94
C SER B 536 -33.25 47.07 24.06
N THR B 537 -32.73 47.48 22.90
CA THR B 537 -33.49 48.32 22.00
C THR B 537 -34.71 47.61 21.42
N LEU B 538 -34.70 46.27 21.39
CA LEU B 538 -35.87 45.54 20.93
C LEU B 538 -37.02 45.68 21.92
N TRP B 539 -36.75 45.42 23.20
CA TRP B 539 -37.78 45.63 24.22
C TRP B 539 -38.15 47.11 24.33
N LEU B 540 -37.20 48.01 24.08
CA LEU B 540 -37.53 49.43 24.04
C LEU B 540 -38.50 49.73 22.91
N LEU B 541 -38.36 49.03 21.77
CA LEU B 541 -39.33 49.16 20.70
C LEU B 541 -40.67 48.54 21.07
N VAL B 542 -40.65 47.45 21.83
CA VAL B 542 -41.90 46.84 22.30
C VAL B 542 -42.66 47.82 23.18
N GLY B 543 -41.97 48.46 24.12
CA GLY B 543 -42.60 49.49 24.93
C GLY B 543 -43.02 50.69 24.12
N LEU B 544 -42.24 51.05 23.10
CA LEU B 544 -42.63 52.14 22.21
C LEU B 544 -43.95 51.84 21.52
N SER B 545 -44.16 50.58 21.12
CA SER B 545 -45.45 50.19 20.57
C SER B 545 -46.55 50.30 21.60
N VAL B 546 -46.24 50.03 22.87
CA VAL B 546 -47.22 50.19 23.94
C VAL B 546 -47.61 51.65 24.08
N HIS B 547 -46.65 52.56 23.89
CA HIS B 547 -46.95 53.99 23.93
C HIS B 547 -47.77 54.42 22.72
N VAL B 548 -47.46 53.86 21.55
CA VAL B 548 -48.18 54.22 20.33
C VAL B 548 -49.63 53.76 20.42
N VAL B 549 -49.86 52.54 20.90
CA VAL B 549 -51.23 52.05 21.06
C VAL B 549 -51.93 52.79 22.20
N ALA B 550 -51.18 53.14 23.26
CA ALA B 550 -51.78 53.85 24.39
C ALA B 550 -52.29 55.22 23.97
N VAL B 551 -51.47 55.98 23.23
CA VAL B 551 -51.92 57.27 22.75
C VAL B 551 -52.92 57.12 21.60
N MET B 552 -52.90 55.99 20.90
CA MET B 552 -53.84 55.77 19.81
C MET B 552 -55.25 55.53 20.35
N LEU B 553 -55.37 54.80 21.45
CA LEU B 553 -56.68 54.61 22.07
C LEU B 553 -57.26 55.93 22.57
N TYR B 554 -56.39 56.87 22.94
CA TYR B 554 -56.87 58.20 23.33
C TYR B 554 -57.17 59.06 22.10
N LEU B 555 -56.52 58.80 20.97
CA LEU B 555 -56.76 59.57 19.76
C LEU B 555 -58.02 59.11 19.03
N LEU B 556 -58.38 57.83 19.16
CA LEU B 556 -59.53 57.29 18.45
C LEU B 556 -60.87 57.77 19.02
N ASP B 557 -60.86 58.43 20.18
CA ASP B 557 -62.09 58.93 20.79
C ASP B 557 -61.84 60.33 21.31
N ARG B 558 -62.93 61.11 21.39
CA ARG B 558 -62.86 62.49 21.84
C ARG B 558 -63.03 62.54 23.36
N PHE B 559 -62.16 63.29 24.02
CA PHE B 559 -62.25 63.45 25.48
C PHE B 559 -61.72 64.87 25.62
N SER B 560 -61.26 65.22 26.82
CA SER B 560 -60.73 66.55 27.08
C SER B 560 -59.25 66.65 27.41
N PRO B 561 -58.59 67.78 27.11
CA PRO B 561 -57.16 67.91 27.43
C PRO B 561 -56.93 67.89 28.93
N PHE B 562 -56.15 66.90 29.38
CA PHE B 562 -55.84 66.75 30.80
C PHE B 562 -54.69 66.90 31.78
N GLY B 563 -53.68 67.67 31.42
CA GLY B 563 -52.53 67.87 32.28
C GLY B 563 -52.77 68.75 33.48
N ARG B 564 -53.85 68.50 34.24
CA ARG B 564 -54.18 69.28 35.42
C ARG B 564 -53.99 68.51 36.72
N PHE B 565 -54.44 67.26 36.78
CA PHE B 565 -54.32 66.44 37.97
C PHE B 565 -53.15 65.46 37.80
N GLU B 566 -53.15 64.40 38.59
CA GLU B 566 -52.10 63.38 38.53
C GLU B 566 -52.54 62.13 37.79
N ASP B 567 -53.66 61.54 38.17
CA ASP B 567 -54.18 60.34 37.54
C ASP B 567 -55.33 60.68 36.61
N ALA B 568 -55.27 60.13 35.40
CA ALA B 568 -56.30 60.35 34.39
C ALA B 568 -57.32 59.20 34.45
N LEU B 569 -58.19 59.11 33.44
CA LEU B 569 -59.20 58.06 33.40
C LEU B 569 -59.05 57.23 32.13
N THR B 570 -59.19 57.88 30.97
CA THR B 570 -59.06 57.16 29.71
C THR B 570 -57.62 56.75 29.44
N LEU B 571 -56.65 57.48 29.99
CA LEU B 571 -55.25 57.10 29.81
C LEU B 571 -54.90 55.89 30.65
N SER B 572 -55.31 55.88 31.92
CA SER B 572 -55.05 54.73 32.77
C SER B 572 -55.85 53.51 32.32
N SER B 573 -57.08 53.73 31.85
CA SER B 573 -57.88 52.61 31.34
C SER B 573 -57.29 52.07 30.04
N ALA B 574 -56.82 52.95 29.15
CA ALA B 574 -56.19 52.50 27.92
C ALA B 574 -54.88 51.76 28.21
N MET B 575 -54.13 52.21 29.21
CA MET B 575 -52.92 51.50 29.59
C MET B 575 -53.24 50.14 30.19
N TRP B 576 -54.32 50.06 30.97
CA TRP B 576 -54.75 48.77 31.51
C TRP B 576 -55.25 47.85 30.40
N PHE B 577 -55.75 48.42 29.30
CA PHE B 577 -56.16 47.58 28.18
C PHE B 577 -54.93 47.10 27.39
N SER B 578 -53.93 47.96 27.23
CA SER B 578 -52.71 47.57 26.54
C SER B 578 -51.98 46.48 27.32
N TRP B 579 -51.84 46.66 28.64
CA TRP B 579 -51.24 45.62 29.48
C TRP B 579 -52.18 44.44 29.67
N ARG B 580 -53.47 44.61 29.38
CA ARG B 580 -54.42 43.51 29.51
C ARG B 580 -54.34 42.57 28.30
N VAL B 581 -54.20 43.13 27.10
CA VAL B 581 -54.11 42.31 25.91
C VAL B 581 -52.67 41.83 25.68
N LEU B 582 -51.69 42.68 25.99
CA LEU B 582 -50.30 42.31 25.78
C LEU B 582 -49.86 41.24 26.77
N LEU B 583 -49.92 41.54 28.07
CA LEU B 583 -49.50 40.63 29.11
C LEU B 583 -50.54 39.57 29.45
N ASN B 584 -51.66 39.53 28.71
CA ASN B 584 -52.71 38.54 28.91
C ASN B 584 -53.26 38.59 30.33
N SER B 585 -54.11 39.58 30.62
CA SER B 585 -54.70 39.71 31.94
C SER B 585 -56.22 39.64 31.82
N GLY B 586 -56.90 39.37 32.94
CA GLY B 586 -58.35 39.28 32.94
C GLY B 586 -59.13 39.99 34.02
N LEU B 587 -60.01 40.91 33.63
CA LEU B 587 -60.83 41.63 34.59
C LEU B 587 -62.31 41.32 34.39
N GLY B 588 -62.92 41.93 33.38
CA GLY B 588 -64.32 41.70 33.09
C GLY B 588 -65.23 42.83 33.52
N GLU B 589 -65.34 43.86 32.67
CA GLU B 589 -66.19 45.01 32.97
C GLU B 589 -66.84 45.53 31.69
N GLY B 590 -66.38 45.06 30.54
CA GLY B 590 -66.93 45.51 29.28
C GLY B 590 -66.07 45.04 28.12
N ALA B 591 -66.24 45.72 26.98
CA ALA B 591 -65.49 45.41 25.77
C ALA B 591 -65.49 46.63 24.87
N PRO B 592 -64.42 46.85 24.10
CA PRO B 592 -64.40 48.00 23.18
C PRO B 592 -65.48 47.90 22.11
N ARG B 593 -66.44 48.83 22.13
CA ARG B 593 -67.53 48.80 21.16
C ARG B 593 -67.08 49.34 19.81
N SER B 594 -66.12 50.27 19.79
CA SER B 594 -65.66 50.83 18.53
C SER B 594 -64.86 49.81 17.74
N PHE B 595 -65.06 49.81 16.42
CA PHE B 595 -64.34 48.87 15.56
C PHE B 595 -62.87 49.21 15.41
N SER B 596 -62.50 50.48 15.61
CA SER B 596 -61.09 50.86 15.52
C SER B 596 -60.27 50.20 16.61
N ALA B 597 -60.75 50.29 17.86
CA ALA B 597 -60.10 49.57 18.95
C ALA B 597 -60.25 48.06 18.82
N ARG B 598 -61.23 47.59 18.04
CA ARG B 598 -61.38 46.16 17.81
C ARG B 598 -60.28 45.65 16.89
N ILE B 599 -60.05 46.34 15.76
CA ILE B 599 -58.99 45.94 14.85
C ILE B 599 -57.62 46.18 15.49
N LEU B 600 -57.47 47.29 16.20
CA LEU B 600 -56.21 47.57 16.88
C LEU B 600 -55.92 46.53 17.95
N GLY B 601 -56.96 46.08 18.66
CA GLY B 601 -56.78 45.02 19.64
C GLY B 601 -56.52 43.67 19.00
N MET B 602 -57.04 43.45 17.80
CA MET B 602 -56.80 42.19 17.11
C MET B 602 -55.36 42.12 16.62
N VAL B 603 -54.87 43.19 15.97
CA VAL B 603 -53.49 43.20 15.50
C VAL B 603 -52.52 43.29 16.68
N TRP B 604 -52.97 43.88 17.80
CA TRP B 604 -52.11 43.93 18.98
C TRP B 604 -51.99 42.56 19.64
N ALA B 605 -53.11 41.84 19.74
CA ALA B 605 -53.06 40.47 20.25
C ALA B 605 -52.26 39.57 19.32
N GLY B 606 -52.37 39.80 18.01
CA GLY B 606 -51.55 39.04 17.07
C GLY B 606 -50.08 39.32 17.24
N PHE B 607 -49.73 40.59 17.47
CA PHE B 607 -48.33 40.94 17.72
C PHE B 607 -47.85 40.31 19.03
N ALA B 608 -48.73 40.24 20.04
CA ALA B 608 -48.36 39.57 21.28
C ALA B 608 -48.10 38.08 21.06
N MET B 609 -48.95 37.44 20.25
CA MET B 609 -48.72 36.04 19.92
C MET B 609 -47.44 35.86 19.11
N ILE B 610 -47.09 36.85 18.29
CA ILE B 610 -45.86 36.75 17.50
C ILE B 610 -44.64 36.88 18.40
N ILE B 611 -44.67 37.81 19.36
CA ILE B 611 -43.49 37.99 20.21
C ILE B 611 -43.36 36.87 21.24
N VAL B 612 -44.49 36.32 21.72
CA VAL B 612 -44.38 35.22 22.67
C VAL B 612 -44.04 33.93 21.96
N ALA B 613 -44.50 33.76 20.71
CA ALA B 613 -44.14 32.57 19.95
C ALA B 613 -42.69 32.64 19.48
N SER B 614 -42.19 33.84 19.19
CA SER B 614 -40.78 33.99 18.85
C SER B 614 -39.89 33.85 20.07
N TYR B 615 -40.35 34.31 21.24
CA TYR B 615 -39.59 34.12 22.46
C TYR B 615 -39.53 32.65 22.85
N THR B 616 -40.66 31.94 22.75
CA THR B 616 -40.66 30.51 23.02
C THR B 616 -39.84 29.75 21.99
N ALA B 617 -39.89 30.19 20.73
CA ALA B 617 -39.09 29.54 19.68
C ALA B 617 -37.61 29.74 19.91
N ASN B 618 -37.22 30.93 20.38
CA ASN B 618 -35.82 31.16 20.71
C ASN B 618 -35.40 30.42 21.98
N LEU B 619 -36.36 30.16 22.88
CA LEU B 619 -36.06 29.36 24.07
C LEU B 619 -35.80 27.91 23.69
N ALA B 620 -36.67 27.34 22.84
CA ALA B 620 -36.46 25.98 22.38
C ALA B 620 -35.20 25.87 21.51
N ALA B 621 -34.92 26.91 20.73
CA ALA B 621 -33.68 26.93 19.94
C ALA B 621 -32.46 27.07 20.84
N PHE B 622 -32.62 27.67 22.02
CA PHE B 622 -31.52 27.75 22.97
C PHE B 622 -31.32 26.45 23.73
N LEU B 623 -32.41 25.72 23.95
CA LEU B 623 -32.35 24.45 24.67
C LEU B 623 -31.43 23.46 23.96
N VAL B 624 -31.78 23.14 22.71
CA VAL B 624 -30.98 22.20 21.93
C VAL B 624 -29.55 22.70 21.74
N LEU B 625 -29.43 23.92 21.22
CA LEU B 625 -28.12 24.54 21.00
C LEU B 625 -27.04 24.56 19.93
N ARG B 626 -27.25 23.81 18.86
CA ARG B 626 -26.29 23.75 17.75
C ARG B 626 -25.06 23.02 18.30
N ARG B 627 -24.52 23.54 19.39
CA ARG B 627 -23.33 22.94 20.02
C ARG B 627 -22.55 22.01 19.11
N PRO B 628 -23.22 20.93 18.70
CA PRO B 628 -22.61 19.97 17.78
C PRO B 628 -21.32 20.47 17.16
N GLU B 629 -20.45 21.07 17.96
CA GLU B 629 -19.16 21.56 17.51
C GLU B 629 -18.07 21.06 18.46
N GLU B 630 -16.84 21.49 18.20
CA GLU B 630 -15.63 21.11 18.96
C GLU B 630 -15.67 19.64 19.40
N ARG B 631 -16.01 18.78 18.47
CA ARG B 631 -16.10 17.34 18.71
C ARG B 631 -14.85 16.64 18.16
N ILE B 632 -14.86 15.31 18.18
CA ILE B 632 -13.74 14.52 17.69
C ILE B 632 -14.06 14.03 16.29
N THR B 633 -13.21 13.14 15.76
CA THR B 633 -13.42 12.59 14.42
C THR B 633 -13.97 11.17 14.50
N GLY B 634 -13.17 10.24 15.00
CA GLY B 634 -13.59 8.86 15.12
C GLY B 634 -12.44 7.91 15.35
N ILE B 635 -12.13 7.09 14.33
CA ILE B 635 -11.04 6.12 14.45
C ILE B 635 -9.67 6.71 14.16
N ASN B 636 -9.61 7.87 13.50
CA ASN B 636 -8.34 8.50 13.17
C ASN B 636 -8.57 9.99 13.04
N ASP B 637 -7.93 10.78 13.89
CA ASP B 637 -8.06 12.24 13.85
C ASP B 637 -7.10 12.80 12.82
N PRO B 638 -7.58 13.57 11.83
CA PRO B 638 -6.65 14.14 10.85
C PRO B 638 -5.66 15.13 11.44
N ARG B 639 -5.94 15.68 12.62
CA ARG B 639 -5.01 16.61 13.25
C ARG B 639 -3.78 15.92 13.80
N LEU B 640 -3.83 14.60 13.98
CA LEU B 640 -2.66 13.88 14.48
C LEU B 640 -1.59 13.72 13.41
N ARG B 641 -2.00 13.63 12.14
CA ARG B 641 -1.02 13.49 11.06
C ARG B 641 -0.31 14.80 10.76
N ASN B 642 -0.96 15.93 11.02
CA ASN B 642 -0.35 17.23 10.76
C ASN B 642 0.36 17.73 12.02
N PRO B 643 1.62 18.17 11.91
CA PRO B 643 2.32 18.67 13.10
C PRO B 643 1.79 20.02 13.53
N SER B 644 1.76 20.23 14.84
CA SER B 644 1.29 21.48 15.43
C SER B 644 2.19 21.86 16.58
N ASP B 645 2.60 23.14 16.61
CA ASP B 645 3.48 23.62 17.67
C ASP B 645 2.71 24.19 18.86
N LYS B 646 1.54 24.76 18.62
CA LYS B 646 0.73 25.35 19.69
C LYS B 646 -0.18 24.34 20.38
N PHE B 647 -0.35 23.15 19.79
CA PHE B 647 -1.20 22.09 20.36
C PHE B 647 -0.38 20.81 20.38
N ILE B 648 0.50 20.69 21.37
CA ILE B 648 1.39 19.53 21.48
C ILE B 648 0.60 18.35 22.03
N TYR B 649 0.72 17.21 21.37
CA TYR B 649 0.07 15.97 21.81
C TYR B 649 1.04 15.17 22.68
N ALA B 650 1.27 15.70 23.89
CA ALA B 650 2.19 15.06 24.81
C ALA B 650 1.57 13.79 25.39
N THR B 651 2.27 12.67 25.24
CA THR B 651 1.82 11.38 25.74
C THR B 651 2.78 10.89 26.83
N VAL B 652 2.62 9.62 27.21
CA VAL B 652 3.47 9.03 28.24
C VAL B 652 4.81 8.66 27.63
N LYS B 653 5.89 9.12 28.26
CA LYS B 653 7.24 8.82 27.79
C LYS B 653 7.73 7.50 28.36
N GLN B 654 8.42 6.72 27.53
CA GLN B 654 8.98 5.44 27.92
C GLN B 654 7.90 4.49 28.43
N SER B 655 7.08 3.98 27.52
CA SER B 655 6.00 3.07 27.87
C SER B 655 5.69 2.21 26.65
N SER B 656 4.51 1.57 26.65
CA SER B 656 4.11 0.75 25.52
C SER B 656 3.72 1.57 24.31
N VAL B 657 3.35 2.84 24.50
CA VAL B 657 2.99 3.68 23.36
C VAL B 657 4.21 3.98 22.50
N ASP B 658 5.40 4.04 23.11
CA ASP B 658 6.61 4.21 22.32
C ASP B 658 6.92 2.96 21.49
N ILE B 659 6.66 1.78 22.04
CA ILE B 659 6.87 0.55 21.28
C ILE B 659 5.85 0.45 20.15
N TYR B 660 4.60 0.85 20.41
CA TYR B 660 3.59 0.83 19.36
C TYR B 660 3.92 1.83 18.26
N PHE B 661 4.43 3.00 18.62
CA PHE B 661 4.85 3.98 17.64
C PHE B 661 6.20 3.66 17.01
N ARG B 662 6.91 2.67 17.53
CA ARG B 662 8.19 2.27 16.98
C ARG B 662 8.07 1.10 16.01
N ARG B 663 7.20 0.13 16.32
CA ARG B 663 7.02 -1.03 15.45
C ARG B 663 6.13 -0.75 14.25
N GLN B 664 5.53 0.43 14.17
CA GLN B 664 4.66 0.77 13.06
C GLN B 664 5.50 1.29 11.89
N VAL B 665 4.81 1.64 10.79
CA VAL B 665 5.48 2.15 9.60
C VAL B 665 4.57 3.18 8.96
N GLU B 666 3.26 3.08 9.23
CA GLU B 666 2.32 4.03 8.66
C GLU B 666 2.53 5.46 9.11
N LEU B 667 2.28 5.74 10.39
CA LEU B 667 2.45 7.09 10.94
C LEU B 667 3.91 7.27 11.37
N SER B 668 4.76 7.48 10.37
CA SER B 668 6.18 7.68 10.60
C SER B 668 6.60 9.14 10.58
N THR B 669 5.76 10.04 10.08
CA THR B 669 6.06 11.46 10.02
C THR B 669 5.69 12.20 11.30
N MET B 670 5.19 11.51 12.32
CA MET B 670 4.81 12.13 13.56
C MET B 670 5.58 11.61 14.76
N TYR B 671 6.33 10.51 14.61
CA TYR B 671 7.11 9.98 15.74
C TYR B 671 8.23 10.94 16.14
N ARG B 672 8.75 11.73 15.19
CA ARG B 672 9.80 12.68 15.52
C ARG B 672 9.24 13.87 16.29
N HIS B 673 8.03 14.30 15.94
CA HIS B 673 7.41 15.43 16.63
C HIS B 673 6.90 15.03 18.01
N MET B 674 6.18 13.92 18.09
CA MET B 674 5.67 13.43 19.36
C MET B 674 6.72 12.75 20.22
N GLU B 675 7.92 12.51 19.69
CA GLU B 675 8.97 11.85 20.46
C GLU B 675 9.52 12.77 21.54
N LYS B 676 9.63 14.06 21.25
CA LYS B 676 10.17 15.01 22.20
C LYS B 676 9.05 15.68 23.00
N HIS B 677 9.42 16.22 24.16
CA HIS B 677 8.50 16.90 25.08
C HIS B 677 7.35 15.97 25.48
N ASN B 678 7.69 15.03 26.36
CA ASN B 678 6.73 14.08 26.90
C ASN B 678 7.05 13.82 28.36
N TYR B 679 6.05 13.35 29.10
CA TYR B 679 6.21 13.06 30.52
C TYR B 679 6.35 11.56 30.75
N GLU B 680 7.29 11.19 31.61
CA GLU B 680 7.55 9.79 31.92
C GLU B 680 6.73 9.28 33.10
N SER B 681 5.77 10.05 33.57
CA SER B 681 4.92 9.68 34.69
C SER B 681 3.46 9.70 34.27
N ALA B 682 2.68 8.78 34.81
CA ALA B 682 1.25 8.71 34.48
C ALA B 682 0.45 9.74 35.29
N ALA B 683 0.74 9.87 36.58
CA ALA B 683 0.03 10.84 37.40
C ALA B 683 0.32 12.27 36.98
N GLU B 684 1.52 12.52 36.46
CA GLU B 684 1.85 13.86 35.96
C GLU B 684 1.07 14.19 34.69
N ALA B 685 0.82 13.20 33.84
CA ALA B 685 0.06 13.44 32.62
C ALA B 685 -1.43 13.57 32.91
N ILE B 686 -1.98 12.64 33.70
CA ILE B 686 -3.40 12.69 34.04
C ILE B 686 -3.71 13.94 34.85
N GLN B 687 -2.79 14.33 35.74
CA GLN B 687 -2.98 15.56 36.50
C GLN B 687 -2.73 16.79 35.64
N ALA B 688 -1.87 16.68 34.62
CA ALA B 688 -1.56 17.82 33.77
C ALA B 688 -2.70 18.13 32.80
N VAL B 689 -3.37 17.10 32.28
CA VAL B 689 -4.45 17.33 31.34
C VAL B 689 -5.71 17.86 32.04
N ARG B 690 -5.79 17.72 33.36
CA ARG B 690 -6.94 18.26 34.10
C ARG B 690 -6.60 19.51 34.89
N ASP B 691 -5.31 19.81 35.11
CA ASP B 691 -4.89 20.99 35.83
C ASP B 691 -4.45 22.12 34.91
N ASN B 692 -4.93 22.11 33.66
CA ASN B 692 -4.59 23.13 32.67
C ASN B 692 -3.09 23.21 32.46
N LYS B 693 -2.53 22.28 31.69
CA LYS B 693 -1.10 22.25 31.42
C LYS B 693 -0.98 21.77 29.98
N LEU B 694 -1.29 20.51 29.74
CA LEU B 694 -1.20 19.91 28.42
C LEU B 694 -2.46 20.08 27.57
N HIS B 695 -2.29 19.88 26.26
CA HIS B 695 -3.40 20.02 25.32
C HIS B 695 -4.17 18.72 25.16
N ALA B 696 -3.46 17.61 24.93
CA ALA B 696 -4.09 16.31 24.76
C ALA B 696 -3.11 15.24 25.20
N PHE B 697 -3.54 13.98 25.09
CA PHE B 697 -2.71 12.85 25.47
C PHE B 697 -3.12 11.63 24.65
N ILE B 698 -2.16 10.74 24.43
CA ILE B 698 -2.37 9.51 23.69
C ILE B 698 -2.18 8.36 24.67
N TRP B 699 -3.28 7.76 25.11
CA TRP B 699 -3.23 6.67 26.08
C TRP B 699 -4.49 5.83 25.94
N ASP B 700 -4.38 4.56 26.30
CA ASP B 700 -5.51 3.65 26.17
C ASP B 700 -6.63 4.04 27.14
N SER B 701 -7.83 3.52 26.85
CA SER B 701 -9.01 3.83 27.64
C SER B 701 -9.09 3.01 28.93
N ALA B 702 -8.11 2.14 29.20
CA ALA B 702 -8.14 1.33 30.42
C ALA B 702 -8.10 2.21 31.66
N VAL B 703 -7.08 3.06 31.77
CA VAL B 703 -7.01 4.00 32.89
C VAL B 703 -7.97 5.17 32.69
N LEU B 704 -8.33 5.48 31.45
CA LEU B 704 -9.21 6.62 31.20
C LEU B 704 -10.62 6.34 31.72
N GLU B 705 -11.11 5.11 31.58
CA GLU B 705 -12.45 4.80 32.07
C GLU B 705 -12.49 4.72 33.59
N PHE B 706 -11.37 4.36 34.22
CA PHE B 706 -11.33 4.27 35.68
C PHE B 706 -11.19 5.65 36.31
N GLU B 707 -10.28 6.48 35.78
CA GLU B 707 -10.14 7.84 36.29
C GLU B 707 -11.35 8.70 35.95
N ALA B 708 -11.98 8.45 34.80
CA ALA B 708 -13.19 9.18 34.44
C ALA B 708 -14.40 8.70 35.25
N SER B 709 -14.47 7.40 35.53
CA SER B 709 -15.55 6.85 36.34
C SER B 709 -15.29 6.96 37.83
N GLN B 710 -14.15 7.53 38.24
CA GLN B 710 -13.81 7.69 39.64
C GLN B 710 -13.73 9.16 40.06
N LYS B 711 -13.06 10.00 39.26
CA LYS B 711 -12.94 11.41 39.57
C LYS B 711 -14.11 12.24 39.06
N CYS B 712 -14.93 11.68 38.16
CA CYS B 712 -16.08 12.38 37.60
C CYS B 712 -15.67 13.69 36.93
N ASP B 713 -14.54 13.66 36.22
CA ASP B 713 -14.03 14.83 35.53
C ASP B 713 -13.77 14.62 34.04
N LEU B 714 -13.66 13.37 33.58
CA LEU B 714 -13.40 13.07 32.18
C LEU B 714 -14.53 12.22 31.62
N VAL B 715 -14.46 11.97 30.31
CA VAL B 715 -15.48 11.18 29.62
C VAL B 715 -14.80 10.45 28.46
N THR B 716 -15.20 9.20 28.24
CA THR B 716 -14.67 8.37 27.18
C THR B 716 -15.55 8.47 25.94
N THR B 717 -15.00 8.01 24.82
CA THR B 717 -15.71 8.03 23.55
C THR B 717 -16.41 6.70 23.32
N GLY B 718 -16.93 6.49 22.12
CA GLY B 718 -17.63 5.25 21.79
C GLY B 718 -16.77 4.27 21.04
N GLU B 719 -16.12 4.72 19.98
CA GLU B 719 -15.27 3.84 19.19
C GLU B 719 -13.96 3.57 19.91
N LEU B 720 -13.36 2.41 19.60
CA LEU B 720 -12.11 1.97 20.20
C LEU B 720 -11.17 1.58 19.07
N PHE B 721 -10.48 2.56 18.50
CA PHE B 721 -9.53 2.31 17.43
C PHE B 721 -8.22 1.75 17.98
N PHE B 722 -7.52 0.99 17.13
CA PHE B 722 -6.25 0.35 17.48
C PHE B 722 -6.41 -0.53 18.73
N ARG B 723 -7.16 -1.62 18.53
CA ARG B 723 -7.44 -2.55 19.61
C ARG B 723 -6.19 -3.33 19.98
N SER B 724 -6.04 -3.62 21.28
CA SER B 724 -4.91 -4.37 21.78
C SER B 724 -5.38 -5.34 22.85
N GLY B 725 -4.54 -6.32 23.15
CA GLY B 725 -4.86 -7.33 24.15
C GLY B 725 -3.80 -7.36 25.25
N PHE B 726 -4.27 -7.57 26.48
CA PHE B 726 -3.40 -7.63 27.66
C PHE B 726 -3.40 -9.06 28.18
N GLY B 727 -2.26 -9.74 28.07
CA GLY B 727 -2.12 -11.10 28.50
C GLY B 727 -1.03 -11.25 29.56
N ILE B 728 -0.84 -12.50 29.98
CA ILE B 728 0.15 -12.86 30.99
C ILE B 728 1.25 -13.65 30.32
N GLY B 729 2.49 -13.22 30.51
CA GLY B 729 3.66 -13.88 29.92
C GLY B 729 4.47 -14.60 30.98
N MET B 730 4.79 -15.86 30.70
CA MET B 730 5.58 -16.70 31.58
C MET B 730 6.77 -17.26 30.81
N ARG B 731 7.61 -18.01 31.52
CA ARG B 731 8.78 -18.61 30.90
C ARG B 731 8.36 -19.78 30.02
N LYS B 732 9.22 -20.07 29.03
CA LYS B 732 8.93 -21.17 28.12
C LYS B 732 9.12 -22.53 28.79
N ASP B 733 9.99 -22.60 29.80
CA ASP B 733 10.24 -23.84 30.52
C ASP B 733 9.38 -23.98 31.77
N SER B 734 8.30 -23.20 31.88
CA SER B 734 7.41 -23.26 33.03
C SER B 734 6.17 -24.09 32.66
N PRO B 735 6.03 -25.30 33.19
CA PRO B 735 4.85 -26.12 32.86
C PRO B 735 3.57 -25.67 33.53
N TRP B 736 3.61 -24.67 34.42
CA TRP B 736 2.42 -24.20 35.11
C TRP B 736 1.58 -23.25 34.27
N LYS B 737 2.08 -22.83 33.10
CA LYS B 737 1.31 -21.91 32.27
C LYS B 737 0.01 -22.53 31.77
N GLN B 738 0.00 -23.85 31.56
CA GLN B 738 -1.23 -24.52 31.14
C GLN B 738 -2.23 -24.58 32.29
N GLU B 739 -1.76 -24.85 33.50
CA GLU B 739 -2.66 -24.90 34.66
C GLU B 739 -3.23 -23.52 34.97
N VAL B 740 -2.38 -22.49 34.96
CA VAL B 740 -2.87 -21.13 35.19
C VAL B 740 -3.80 -20.72 34.06
N SER B 741 -3.51 -21.14 32.83
CA SER B 741 -4.41 -20.85 31.72
C SER B 741 -5.77 -21.49 31.93
N LEU B 742 -5.79 -22.74 32.43
CA LEU B 742 -7.06 -23.38 32.73
C LEU B 742 -7.78 -22.69 33.88
N ASN B 743 -7.03 -22.14 34.84
CA ASN B 743 -7.66 -21.36 35.91
C ASN B 743 -8.26 -20.06 35.37
N ILE B 744 -7.65 -19.48 34.34
CA ILE B 744 -8.21 -18.28 33.74
C ILE B 744 -9.47 -18.62 32.93
N LEU B 745 -9.42 -19.70 32.17
CA LEU B 745 -10.58 -20.13 31.39
C LEU B 745 -11.76 -20.45 32.31
N LYS B 746 -11.52 -21.27 33.34
CA LYS B 746 -12.58 -21.57 34.30
C LYS B 746 -12.99 -20.32 35.08
N SER B 747 -12.08 -19.36 35.23
CA SER B 747 -12.44 -18.11 35.89
C SER B 747 -13.35 -17.25 35.02
N HIS B 748 -13.26 -17.40 33.70
CA HIS B 748 -14.13 -16.68 32.79
C HIS B 748 -15.37 -17.45 32.39
N GLU B 749 -15.44 -18.75 32.72
CA GLU B 749 -16.62 -19.55 32.38
C GLU B 749 -17.67 -19.57 33.48
N ASN B 750 -17.25 -19.54 34.75
CA ASN B 750 -18.21 -19.58 35.84
C ASN B 750 -18.92 -18.25 36.02
N GLY B 751 -18.16 -17.14 35.98
CA GLY B 751 -18.74 -15.83 36.15
C GLY B 751 -18.02 -14.97 37.17
N PHE B 752 -16.79 -15.35 37.50
CA PHE B 752 -16.02 -14.56 38.47
C PHE B 752 -15.58 -13.24 37.86
N MET B 753 -15.27 -13.23 36.56
CA MET B 753 -14.92 -11.98 35.89
C MET B 753 -16.10 -11.02 35.87
N GLU B 754 -17.32 -11.55 35.78
CA GLU B 754 -18.50 -10.69 35.86
C GLU B 754 -18.64 -10.06 37.24
N GLU B 755 -18.19 -10.76 38.29
CA GLU B 755 -18.23 -10.20 39.62
C GLU B 755 -17.12 -9.16 39.82
N LEU B 756 -15.93 -9.43 39.29
CA LEU B 756 -14.84 -8.46 39.40
C LEU B 756 -15.18 -7.18 38.64
N ASP B 757 -15.56 -7.30 37.38
CA ASP B 757 -15.93 -6.12 36.60
C ASP B 757 -17.22 -5.50 37.11
N LYS B 758 -18.08 -6.29 37.74
CA LYS B 758 -19.32 -5.73 38.29
C LYS B 758 -19.06 -4.92 39.56
N THR B 759 -18.09 -5.33 40.37
CA THR B 759 -17.79 -4.64 41.62
C THR B 759 -16.64 -3.64 41.48
N TRP B 760 -16.01 -3.56 40.31
CA TRP B 760 -14.92 -2.62 40.10
C TRP B 760 -15.20 -1.59 39.01
N VAL B 761 -16.39 -1.59 38.43
CA VAL B 761 -16.78 -0.60 37.42
C VAL B 761 -18.08 0.03 37.91
N ARG B 762 -18.00 1.25 38.42
CA ARG B 762 -19.15 1.97 38.94
C ARG B 762 -19.70 2.88 37.86
N TYR B 763 -20.96 2.66 37.47
CA TYR B 763 -21.62 3.47 36.46
C TYR B 763 -22.08 4.77 37.09
N GLN B 764 -21.31 5.83 36.87
CA GLN B 764 -21.64 7.15 37.38
C GLN B 764 -22.31 7.99 36.30
N GLU B 765 -23.09 8.98 36.72
CA GLU B 765 -23.83 9.83 35.80
C GLU B 765 -23.98 10.52 34.44
N CYS B 766 -22.87 11.02 33.92
CA CYS B 766 -22.85 11.68 32.62
C CYS B 766 -22.46 10.67 31.56
N ASP B 767 -23.08 10.78 30.38
CA ASP B 767 -22.75 9.93 29.25
C ASP B 767 -22.57 10.69 27.95
N SER B 768 -23.10 11.91 27.87
CA SER B 768 -22.98 12.72 26.66
C SER B 768 -23.04 14.19 27.06
N ARG B 769 -22.69 15.05 26.10
CA ARG B 769 -22.68 16.49 26.33
C ARG B 769 -24.05 17.13 26.15
N SER B 770 -25.06 16.35 25.76
CA SER B 770 -26.42 16.87 25.56
C SER B 770 -27.41 15.73 25.77
N ASN B 771 -27.52 15.27 27.02
CA ASN B 771 -28.42 14.18 27.37
C ASN B 771 -29.45 14.54 28.43
N ALA B 772 -29.15 15.51 29.30
CA ALA B 772 -30.07 15.93 30.35
C ALA B 772 -30.06 17.44 30.44
N PRO B 773 -30.95 18.12 29.71
CA PRO B 773 -31.02 19.58 29.74
C PRO B 773 -31.99 20.17 30.75
N ALA B 774 -32.46 19.39 31.72
CA ALA B 774 -33.39 19.87 32.72
C ALA B 774 -32.89 19.60 34.15
N THR B 775 -31.58 19.47 34.32
CA THR B 775 -31.01 19.20 35.64
C THR B 775 -30.80 20.46 36.46
N LEU B 776 -31.02 21.65 35.88
CA LEU B 776 -30.83 22.90 36.59
C LEU B 776 -32.21 23.50 36.83
N THR B 777 -32.75 24.29 35.90
CA THR B 777 -34.10 24.85 35.98
C THR B 777 -34.22 25.83 37.14
N PHE B 778 -34.00 25.35 38.38
CA PHE B 778 -34.19 26.22 39.54
C PHE B 778 -33.34 27.48 39.53
N GLU B 779 -32.13 27.41 38.95
CA GLU B 779 -31.31 28.62 38.82
C GLU B 779 -31.82 29.51 37.70
N ASN B 780 -32.26 28.93 36.59
CA ASN B 780 -32.82 29.73 35.51
C ASN B 780 -34.11 30.41 35.93
N MET B 781 -34.88 29.78 36.81
CA MET B 781 -36.09 30.41 37.32
C MET B 781 -35.79 31.39 38.44
N ALA B 782 -34.74 31.14 39.22
CA ALA B 782 -34.35 32.08 40.28
C ALA B 782 -33.78 33.37 39.69
N GLY B 783 -33.08 33.28 38.56
CA GLY B 783 -32.56 34.47 37.92
C GLY B 783 -33.65 35.44 37.50
N VAL B 784 -34.85 34.93 37.26
CA VAL B 784 -36.00 35.81 37.03
C VAL B 784 -36.74 36.10 38.34
N PHE B 785 -36.65 35.19 39.31
CA PHE B 785 -37.33 35.41 40.59
C PHE B 785 -36.72 36.61 41.33
N MET B 786 -35.41 36.81 41.21
CA MET B 786 -34.80 38.00 41.81
C MET B 786 -35.31 39.27 41.15
N LEU B 787 -35.58 39.22 39.85
CA LEU B 787 -36.19 40.37 39.18
C LEU B 787 -37.64 40.54 39.60
N VAL B 788 -38.32 39.46 39.95
CA VAL B 788 -39.67 39.57 40.51
C VAL B 788 -39.62 40.26 41.87
N ALA B 789 -38.63 39.91 42.69
CA ALA B 789 -38.45 40.61 43.96
C ALA B 789 -38.11 42.07 43.75
N GLY B 790 -37.30 42.37 42.73
CA GLY B 790 -37.05 43.75 42.37
C GLY B 790 -38.31 44.48 41.96
N GLY B 791 -39.24 43.78 41.29
CA GLY B 791 -40.53 44.34 40.99
C GLY B 791 -41.42 44.50 42.21
N ILE B 792 -41.19 43.69 43.25
CA ILE B 792 -41.93 43.86 44.49
C ILE B 792 -41.44 45.10 45.23
N VAL B 793 -40.12 45.30 45.31
CA VAL B 793 -39.58 46.51 45.91
C VAL B 793 -40.01 47.73 45.10
N ALA B 794 -39.98 47.62 43.78
CA ALA B 794 -40.49 48.69 42.94
C ALA B 794 -41.97 48.95 43.19
N GLY B 795 -42.73 47.90 43.52
CA GLY B 795 -44.11 48.09 43.92
C GLY B 795 -44.24 48.80 45.25
N ILE B 796 -43.31 48.56 46.17
CA ILE B 796 -43.29 49.30 47.42
C ILE B 796 -43.00 50.77 47.16
N PHE B 797 -42.15 51.05 46.17
CA PHE B 797 -41.92 52.42 45.76
C PHE B 797 -43.17 53.02 45.14
N LEU B 798 -43.92 52.22 44.38
CA LEU B 798 -45.14 52.71 43.76
C LEU B 798 -46.21 53.05 44.79
N ILE B 799 -46.39 52.19 45.80
CA ILE B 799 -47.35 52.50 46.86
C ILE B 799 -46.82 53.65 47.72
N PHE B 800 -45.49 53.81 47.79
CA PHE B 800 -44.94 55.00 48.45
C PHE B 800 -45.29 56.27 47.70
N ILE B 801 -45.34 56.21 46.37
CA ILE B 801 -45.82 57.35 45.60
C ILE B 801 -47.31 57.54 45.78
N GLU B 802 -48.06 56.43 45.92
CA GLU B 802 -49.51 56.52 46.04
C GLU B 802 -49.92 57.14 47.36
N ILE B 803 -49.25 56.78 48.46
CA ILE B 803 -49.60 57.34 49.76
C ILE B 803 -49.13 58.77 49.90
N ALA B 804 -48.23 59.23 49.03
CA ALA B 804 -47.74 60.60 49.09
C ALA B 804 -48.77 61.58 48.54
N PRO C 28 -9.49 -47.74 -59.43
CA PRO C 28 -8.06 -47.64 -59.75
C PRO C 28 -7.17 -47.90 -58.56
N ASN C 29 -6.00 -48.51 -58.79
CA ASN C 29 -5.05 -48.81 -57.73
C ASN C 29 -4.05 -47.67 -57.62
N MET C 30 -4.21 -46.84 -56.60
CA MET C 30 -3.30 -45.72 -56.36
C MET C 30 -2.16 -46.15 -55.45
N ASP C 31 -0.95 -45.72 -55.78
CA ASP C 31 0.23 -46.09 -55.00
C ASP C 31 0.41 -45.13 -53.83
N ILE C 32 0.57 -45.69 -52.64
CA ILE C 32 0.80 -44.92 -51.42
C ILE C 32 2.07 -45.47 -50.76
N ALA C 33 3.15 -44.71 -50.85
CA ALA C 33 4.43 -45.13 -50.30
C ALA C 33 4.60 -44.58 -48.88
N VAL C 34 5.21 -45.39 -48.02
CA VAL C 34 5.46 -45.02 -46.63
C VAL C 34 6.96 -45.09 -46.41
N ILE C 35 7.59 -43.93 -46.23
CA ILE C 35 9.03 -43.85 -46.01
C ILE C 35 9.31 -44.02 -44.53
N LEU C 36 10.15 -44.99 -44.19
CA LEU C 36 10.53 -45.26 -42.80
C LEU C 36 12.02 -45.07 -42.66
N VAL C 37 12.43 -44.19 -41.76
CA VAL C 37 13.83 -43.88 -41.49
C VAL C 37 14.15 -44.29 -40.06
N GLY C 38 15.18 -45.09 -39.89
CA GLY C 38 15.60 -45.53 -38.57
C GLY C 38 16.10 -46.95 -38.54
N THR C 39 16.62 -47.38 -37.40
CA THR C 39 17.15 -48.73 -37.21
C THR C 39 16.07 -49.72 -36.79
N THR C 40 14.81 -49.30 -36.73
CA THR C 40 13.74 -50.20 -36.35
C THR C 40 13.42 -51.17 -37.48
N GLU C 41 13.27 -52.45 -37.13
CA GLU C 41 12.96 -53.48 -38.11
C GLU C 41 11.57 -53.24 -38.69
N GLU C 42 11.49 -53.09 -40.01
CA GLU C 42 10.24 -52.83 -40.71
C GLU C 42 9.48 -54.10 -41.04
N VAL C 43 10.01 -55.27 -40.71
CA VAL C 43 9.31 -56.52 -41.00
C VAL C 43 8.02 -56.62 -40.20
N ALA C 44 8.07 -56.27 -38.91
CA ALA C 44 6.89 -56.28 -38.05
C ALA C 44 6.08 -54.99 -38.17
N ILE C 45 6.42 -54.12 -39.11
CA ILE C 45 5.72 -52.85 -39.31
C ILE C 45 4.94 -52.85 -40.62
N LYS C 46 5.56 -53.33 -41.71
CA LYS C 46 4.88 -53.35 -43.00
C LYS C 46 3.76 -54.39 -43.06
N ASP C 47 3.77 -55.37 -42.16
CA ASP C 47 2.74 -56.39 -42.14
C ASP C 47 1.43 -55.83 -41.59
N VAL C 48 0.58 -55.30 -42.47
CA VAL C 48 -0.70 -54.72 -42.10
C VAL C 48 -1.81 -55.56 -42.72
N HIS C 49 -2.83 -55.88 -41.92
CA HIS C 49 -3.96 -56.67 -42.37
C HIS C 49 -5.23 -55.84 -42.54
N GLU C 50 -5.08 -54.52 -42.67
CA GLU C 50 -6.21 -53.62 -42.83
C GLU C 50 -6.49 -53.28 -44.30
N LYS C 51 -6.18 -54.21 -45.20
CA LYS C 51 -6.41 -54.02 -46.63
C LYS C 51 -7.37 -55.08 -47.15
N ASP C 52 -7.44 -55.22 -48.47
CA ASP C 52 -8.30 -56.19 -49.14
C ASP C 52 -9.77 -56.00 -48.75
N ASP C 53 -10.14 -56.44 -47.55
CA ASP C 53 -11.51 -56.33 -47.11
C ASP C 53 -11.93 -54.90 -46.81
N PHE C 54 -10.97 -54.01 -46.56
CA PHE C 54 -11.25 -52.61 -46.25
C PHE C 54 -11.12 -51.73 -47.48
N HIS C 55 -11.71 -52.16 -48.60
CA HIS C 55 -11.67 -51.41 -49.85
C HIS C 55 -13.09 -51.21 -50.37
N HIS C 56 -13.92 -50.57 -49.55
CA HIS C 56 -15.30 -50.29 -49.95
C HIS C 56 -15.37 -49.14 -50.95
N LEU C 57 -14.40 -48.24 -50.93
CA LEU C 57 -14.40 -47.13 -51.88
C LEU C 57 -14.07 -47.63 -53.28
N PRO C 58 -14.55 -46.93 -54.32
CA PRO C 58 -14.23 -47.36 -55.69
C PRO C 58 -12.74 -47.34 -56.01
N VAL C 59 -11.98 -46.43 -55.39
CA VAL C 59 -10.54 -46.37 -55.60
C VAL C 59 -9.85 -47.37 -54.68
N THR C 60 -8.89 -48.11 -55.22
CA THR C 60 -8.18 -49.13 -54.46
C THR C 60 -6.73 -48.73 -54.26
N PRO C 61 -6.31 -48.38 -53.06
CA PRO C 61 -4.91 -48.04 -52.81
C PRO C 61 -4.06 -49.27 -52.54
N ARG C 62 -2.74 -49.06 -52.58
CA ARG C 62 -1.77 -50.09 -52.30
C ARG C 62 -0.60 -49.50 -51.55
N VAL C 63 -0.16 -50.19 -50.50
CA VAL C 63 0.90 -49.71 -49.62
C VAL C 63 2.25 -50.14 -50.17
N GLU C 64 3.21 -49.21 -50.15
CA GLU C 64 4.57 -49.49 -50.60
C GLU C 64 5.52 -48.83 -49.61
N LEU C 65 5.96 -49.59 -48.61
CA LEU C 65 6.84 -49.08 -47.57
C LEU C 65 8.29 -49.29 -47.95
N VAL C 66 9.10 -48.25 -47.72
CA VAL C 66 10.53 -48.29 -48.00
C VAL C 66 11.28 -47.95 -46.72
N THR C 67 12.55 -48.36 -46.68
CA THR C 67 13.41 -48.13 -45.53
C THR C 67 14.53 -47.17 -45.89
N MET C 68 15.14 -46.59 -44.87
CA MET C 68 16.23 -45.64 -45.04
C MET C 68 17.05 -45.60 -43.77
N GLN C 69 18.37 -45.62 -43.91
CA GLN C 69 19.29 -45.61 -42.78
C GLN C 69 19.82 -44.21 -42.48
N GLU C 70 20.46 -43.58 -43.46
CA GLU C 70 21.01 -42.25 -43.25
C GLU C 70 19.89 -41.20 -43.23
N SER C 71 20.23 -40.02 -42.73
CA SER C 71 19.30 -38.90 -42.62
C SER C 71 19.81 -37.69 -43.40
N ASP C 72 20.36 -37.93 -44.60
CA ASP C 72 20.87 -36.85 -45.43
C ASP C 72 19.83 -36.43 -46.46
N PRO C 73 19.81 -35.16 -46.84
CA PRO C 73 18.80 -34.72 -47.82
C PRO C 73 19.03 -35.29 -49.21
N LYS C 74 20.26 -35.65 -49.56
CA LYS C 74 20.51 -36.23 -50.88
C LYS C 74 19.83 -37.58 -51.04
N SER C 75 19.85 -38.40 -49.98
CA SER C 75 19.16 -39.68 -50.05
C SER C 75 17.65 -39.52 -50.03
N ILE C 76 17.15 -38.49 -49.33
CA ILE C 76 15.71 -38.26 -49.29
C ILE C 76 15.20 -37.82 -50.65
N ILE C 77 15.82 -36.79 -51.23
CA ILE C 77 15.41 -36.33 -52.56
C ILE C 77 15.67 -37.41 -53.60
N THR C 78 16.72 -38.21 -53.41
CA THR C 78 17.02 -39.29 -54.35
C THR C 78 15.92 -40.36 -54.32
N ARG C 79 15.48 -40.75 -53.12
CA ARG C 79 14.42 -41.76 -53.03
C ARG C 79 13.07 -41.18 -53.44
N ILE C 80 12.87 -39.87 -53.29
CA ILE C 80 11.61 -39.27 -53.69
C ILE C 80 11.53 -39.16 -55.21
N CYS C 81 12.63 -38.78 -55.86
CA CYS C 81 12.62 -38.67 -57.31
C CYS C 81 12.63 -40.04 -57.97
N ASP C 82 13.51 -40.94 -57.52
CA ASP C 82 13.56 -42.27 -58.09
C ASP C 82 12.29 -43.06 -57.79
N LEU C 83 11.77 -42.94 -56.57
CA LEU C 83 10.52 -43.61 -56.23
C LEU C 83 9.34 -42.99 -56.96
N MET C 84 9.39 -41.68 -57.25
CA MET C 84 8.31 -41.03 -57.97
C MET C 84 8.30 -41.45 -59.44
N SER C 85 9.46 -41.43 -60.09
CA SER C 85 9.54 -41.83 -61.48
C SER C 85 9.39 -43.34 -61.65
N ASP C 86 9.66 -44.13 -60.60
CA ASP C 86 9.51 -45.57 -60.70
C ASP C 86 8.07 -46.00 -60.49
N LYS C 87 7.43 -45.49 -59.42
CA LYS C 87 6.05 -45.82 -59.11
C LYS C 87 5.25 -44.53 -59.01
N LYS C 88 4.14 -44.47 -59.74
CA LYS C 88 3.27 -43.28 -59.75
C LYS C 88 2.51 -43.24 -58.43
N VAL C 89 3.15 -42.65 -57.42
CA VAL C 89 2.53 -42.53 -56.10
C VAL C 89 1.70 -41.27 -56.03
N GLN C 90 0.77 -41.24 -55.07
CA GLN C 90 -0.10 -40.10 -54.85
C GLN C 90 0.00 -39.52 -53.45
N GLY C 91 0.06 -40.36 -52.43
CA GLY C 91 0.18 -39.89 -51.07
C GLY C 91 1.47 -40.30 -50.40
N VAL C 92 2.34 -39.33 -50.14
CA VAL C 92 3.64 -39.57 -49.52
C VAL C 92 3.49 -39.40 -48.01
N VAL C 93 3.77 -40.47 -47.26
CA VAL C 93 3.69 -40.46 -45.81
C VAL C 93 5.12 -40.66 -45.29
N PHE C 94 5.77 -39.56 -44.92
CA PHE C 94 7.14 -39.60 -44.44
C PHE C 94 7.15 -39.78 -42.92
N GLY C 95 7.93 -40.74 -42.45
CA GLY C 95 8.04 -40.99 -41.03
C GLY C 95 9.45 -41.39 -40.61
N ASP C 96 10.01 -40.65 -39.66
CA ASP C 96 11.38 -40.90 -39.20
C ASP C 96 11.37 -40.97 -37.67
N ASP C 97 12.55 -40.82 -37.08
CA ASP C 97 12.64 -40.85 -35.62
C ASP C 97 13.74 -39.94 -35.08
N THR C 98 14.28 -39.03 -35.87
CA THR C 98 15.33 -38.12 -35.41
C THR C 98 14.70 -36.91 -34.72
N ASP C 99 15.51 -35.89 -34.45
CA ASP C 99 15.05 -34.68 -33.79
C ASP C 99 15.65 -33.45 -34.48
N GLN C 100 15.43 -33.35 -35.78
CA GLN C 100 15.92 -32.23 -36.58
C GLN C 100 14.75 -31.64 -37.37
N GLU C 101 14.49 -30.36 -37.16
CA GLU C 101 13.38 -29.68 -37.84
C GLU C 101 13.75 -29.19 -39.23
N ALA C 102 15.04 -28.89 -39.47
CA ALA C 102 15.45 -28.39 -40.78
C ALA C 102 15.12 -29.39 -41.87
N ILE C 103 15.38 -30.67 -41.63
CA ILE C 103 15.00 -31.71 -42.59
C ILE C 103 13.52 -31.64 -42.89
N ALA C 104 12.69 -31.40 -41.87
CA ALA C 104 11.26 -31.23 -42.09
C ALA C 104 11.00 -30.09 -43.05
N GLN C 105 11.73 -28.98 -42.91
CA GLN C 105 11.60 -27.88 -43.86
C GLN C 105 11.95 -28.33 -45.26
N ILE C 106 12.96 -29.20 -45.38
CA ILE C 106 13.30 -29.76 -46.69
C ILE C 106 12.11 -30.50 -47.28
N LEU C 107 11.33 -31.17 -46.42
CA LEU C 107 10.11 -31.81 -46.90
C LEU C 107 9.18 -30.79 -47.54
N ASP C 108 9.04 -29.61 -46.93
CA ASP C 108 8.26 -28.54 -47.54
C ASP C 108 8.81 -28.18 -48.91
N PHE C 109 10.15 -28.17 -49.04
CA PHE C 109 10.76 -27.94 -50.35
C PHE C 109 10.29 -28.99 -51.36
N ILE C 110 10.15 -30.24 -50.91
CA ILE C 110 9.62 -31.28 -51.78
C ILE C 110 8.24 -30.90 -52.30
N SER C 111 7.41 -30.30 -51.45
CA SER C 111 6.11 -29.82 -51.88
C SER C 111 6.24 -28.79 -53.00
N VAL C 112 7.26 -27.93 -52.90
CA VAL C 112 7.50 -26.93 -53.94
C VAL C 112 7.73 -27.60 -55.29
N GLN C 113 8.23 -28.83 -55.28
CA GLN C 113 8.43 -29.59 -56.51
C GLN C 113 7.36 -30.67 -56.72
N THR C 114 6.46 -30.86 -55.76
CA THR C 114 5.46 -31.91 -55.88
C THR C 114 4.04 -31.48 -55.49
N LEU C 115 3.86 -30.60 -54.51
CA LEU C 115 2.54 -30.21 -54.02
C LEU C 115 1.74 -31.43 -53.56
N THR C 116 2.44 -32.39 -52.94
CA THR C 116 1.84 -33.63 -52.46
C THR C 116 1.45 -33.48 -50.99
N PRO C 117 0.22 -33.85 -50.62
CA PRO C 117 -0.19 -33.75 -49.21
C PRO C 117 0.65 -34.64 -48.29
N ILE C 118 1.80 -34.12 -47.86
CA ILE C 118 2.67 -34.87 -46.96
C ILE C 118 2.13 -34.79 -45.54
N LEU C 119 1.97 -35.95 -44.92
CA LEU C 119 1.44 -36.05 -43.56
C LEU C 119 2.57 -36.37 -42.59
N GLY C 120 2.48 -35.79 -41.39
CA GLY C 120 3.46 -36.03 -40.35
C GLY C 120 2.91 -36.96 -39.28
N ILE C 121 3.62 -38.06 -39.06
CA ILE C 121 3.20 -39.07 -38.09
C ILE C 121 4.08 -39.05 -36.85
N HIS C 122 5.40 -39.19 -37.02
CA HIS C 122 6.31 -39.20 -35.89
C HIS C 122 7.72 -38.93 -36.40
N GLY C 123 8.53 -38.31 -35.55
CA GLY C 123 9.90 -38.00 -35.88
C GLY C 123 10.13 -36.54 -36.20
N GLY C 124 11.15 -36.25 -37.02
CA GLY C 124 11.43 -34.87 -37.38
C GLY C 124 10.29 -34.20 -38.13
N SER C 125 9.46 -34.98 -38.80
CA SER C 125 8.30 -34.46 -39.50
C SER C 125 7.11 -34.19 -38.57
N SER C 126 7.28 -34.42 -37.27
CA SER C 126 6.22 -34.19 -36.29
C SER C 126 6.29 -32.81 -35.66
N MET C 127 7.20 -31.95 -36.11
CA MET C 127 7.35 -30.59 -35.58
C MET C 127 6.61 -29.61 -36.48
N ILE C 128 5.88 -28.69 -35.85
CA ILE C 128 5.08 -27.72 -36.57
C ILE C 128 5.98 -26.62 -37.13
N MET C 129 5.43 -25.79 -38.02
CA MET C 129 6.20 -24.70 -38.62
C MET C 129 5.20 -23.63 -39.03
N ALA C 130 5.06 -22.61 -38.19
CA ALA C 130 4.10 -21.55 -38.45
C ALA C 130 4.52 -20.68 -39.64
N ASP C 131 3.54 -20.03 -40.25
CA ASP C 131 3.75 -19.18 -41.41
C ASP C 131 4.42 -19.94 -42.54
N LYS C 132 3.67 -20.78 -43.23
CA LYS C 132 4.16 -21.59 -44.32
C LYS C 132 3.64 -21.04 -45.65
N GLU C 133 3.89 -21.77 -46.73
CA GLU C 133 3.44 -21.36 -48.05
C GLU C 133 1.95 -21.64 -48.22
N GLU C 134 1.25 -20.69 -48.85
CA GLU C 134 -0.18 -20.86 -49.07
C GLU C 134 -0.50 -21.94 -50.09
N ALA C 135 0.48 -22.32 -50.92
CA ALA C 135 0.29 -23.36 -51.92
C ALA C 135 0.82 -24.72 -51.49
N SER C 136 1.59 -24.77 -50.39
CA SER C 136 2.14 -26.04 -49.94
C SER C 136 1.05 -26.89 -49.29
N MET C 137 1.32 -28.20 -49.23
CA MET C 137 0.37 -29.13 -48.63
C MET C 137 1.02 -29.93 -47.51
N PHE C 138 1.65 -29.24 -46.56
CA PHE C 138 2.30 -29.88 -45.43
C PHE C 138 1.29 -29.98 -44.29
N PHE C 139 0.85 -31.19 -43.98
CA PHE C 139 -0.13 -31.45 -42.93
C PHE C 139 0.45 -32.42 -41.92
N GLN C 140 0.26 -32.10 -40.63
CA GLN C 140 0.77 -32.92 -39.54
C GLN C 140 -0.36 -33.23 -38.56
N PHE C 141 -0.24 -34.38 -37.91
CA PHE C 141 -1.26 -34.78 -36.93
C PHE C 141 -1.17 -33.96 -35.65
N GLY C 142 -0.02 -33.39 -35.34
CA GLY C 142 0.15 -32.59 -34.16
C GLY C 142 -0.41 -31.19 -34.32
N PRO C 143 -1.06 -30.67 -33.27
CA PRO C 143 -1.64 -29.32 -33.35
C PRO C 143 -0.55 -28.25 -33.33
N SER C 144 -0.96 -27.05 -33.70
CA SER C 144 -0.04 -25.92 -33.76
C SER C 144 0.16 -25.35 -32.35
N ILE C 145 0.82 -24.19 -32.27
CA ILE C 145 1.08 -23.56 -30.98
C ILE C 145 -0.15 -22.92 -30.36
N GLU C 146 -1.19 -22.69 -31.15
CA GLU C 146 -2.41 -22.08 -30.61
C GLU C 146 -3.16 -23.06 -29.70
N GLN C 147 -3.26 -24.33 -30.11
CA GLN C 147 -3.95 -25.32 -29.30
C GLN C 147 -3.06 -25.79 -28.15
N GLN C 148 -1.80 -26.11 -28.43
CA GLN C 148 -0.89 -26.57 -27.38
C GLN C 148 -0.68 -25.48 -26.34
N ALA C 149 -0.59 -24.21 -26.77
CA ALA C 149 -0.45 -23.12 -25.81
C ALA C 149 -1.69 -23.01 -24.94
N SER C 150 -2.87 -23.23 -25.51
CA SER C 150 -4.10 -23.21 -24.72
C SER C 150 -4.13 -24.36 -23.72
N VAL C 151 -3.60 -25.53 -24.11
CA VAL C 151 -3.54 -26.66 -23.19
C VAL C 151 -2.59 -26.35 -22.04
N MET C 152 -1.41 -25.80 -22.36
CA MET C 152 -0.46 -25.45 -21.31
C MET C 152 -1.02 -24.39 -20.37
N LEU C 153 -1.75 -23.42 -20.93
CA LEU C 153 -2.37 -22.41 -20.07
C LEU C 153 -3.51 -22.99 -19.25
N ASN C 154 -4.16 -24.05 -19.74
CA ASN C 154 -5.19 -24.71 -18.94
C ASN C 154 -4.56 -25.50 -17.79
N ILE C 155 -3.44 -26.19 -18.05
CA ILE C 155 -2.75 -26.89 -16.99
C ILE C 155 -2.22 -25.91 -15.95
N MET C 156 -1.64 -24.80 -16.40
CA MET C 156 -1.18 -23.77 -15.48
C MET C 156 -2.34 -23.04 -14.81
N GLU C 157 -3.56 -23.16 -15.36
CA GLU C 157 -4.70 -22.49 -14.76
C GLU C 157 -5.37 -23.36 -13.70
N GLU C 158 -5.37 -24.68 -13.90
CA GLU C 158 -5.99 -25.57 -12.92
C GLU C 158 -5.15 -25.67 -11.65
N TYR C 159 -3.83 -25.72 -11.78
CA TYR C 159 -2.93 -25.82 -10.63
C TYR C 159 -2.61 -24.46 -10.01
N ASP C 160 -3.27 -23.39 -10.46
CA ASP C 160 -3.09 -22.04 -9.93
C ASP C 160 -1.64 -21.60 -10.04
N TRP C 161 -1.22 -21.42 -11.29
CA TRP C 161 0.12 -20.94 -11.63
C TRP C 161 -0.04 -19.60 -12.35
N TYR C 162 -0.08 -18.51 -11.56
CA TYR C 162 -0.28 -17.19 -12.13
C TYR C 162 1.01 -16.62 -12.70
N ILE C 163 2.01 -16.40 -11.85
CA ILE C 163 3.28 -15.85 -12.29
C ILE C 163 4.05 -16.90 -13.08
N PHE C 164 4.41 -16.56 -14.31
CA PHE C 164 5.13 -17.48 -15.19
C PHE C 164 6.18 -16.71 -15.97
N SER C 165 7.00 -17.46 -16.71
CA SER C 165 8.02 -16.89 -17.58
C SER C 165 7.92 -17.50 -18.97
N ILE C 166 8.50 -16.80 -19.94
CA ILE C 166 8.49 -17.24 -21.33
C ILE C 166 9.92 -17.15 -21.87
N VAL C 167 10.42 -18.27 -22.38
CA VAL C 167 11.77 -18.35 -22.96
C VAL C 167 11.62 -18.83 -24.40
N THR C 168 11.87 -17.92 -25.34
CA THR C 168 11.79 -18.24 -26.76
C THR C 168 13.12 -17.93 -27.43
N THR C 169 13.39 -18.63 -28.53
CA THR C 169 14.62 -18.43 -29.28
C THR C 169 14.32 -17.91 -30.68
N TYR C 170 15.19 -18.22 -31.65
CA TYR C 170 15.02 -17.79 -33.03
C TYR C 170 14.30 -18.83 -33.88
N PHE C 171 13.35 -19.56 -33.31
CA PHE C 171 12.61 -20.54 -34.07
C PHE C 171 11.59 -19.86 -34.99
N PRO C 172 11.50 -20.28 -36.26
CA PRO C 172 10.54 -19.64 -37.17
C PRO C 172 9.09 -19.84 -36.74
N GLY C 173 8.60 -18.95 -35.89
CA GLY C 173 7.23 -19.03 -35.42
C GLY C 173 7.05 -18.67 -33.96
N TYR C 174 7.66 -17.57 -33.54
CA TYR C 174 7.55 -17.10 -32.16
C TYR C 174 6.69 -15.86 -32.00
N GLN C 175 6.50 -15.08 -33.06
CA GLN C 175 5.65 -13.88 -32.97
C GLN C 175 4.22 -14.26 -32.63
N ASP C 176 3.66 -15.23 -33.36
CA ASP C 176 2.32 -15.72 -33.05
C ASP C 176 2.27 -16.45 -31.72
N PHE C 177 3.42 -16.93 -31.22
CA PHE C 177 3.45 -17.58 -29.92
C PHE C 177 3.32 -16.56 -28.79
N GLU C 178 4.17 -15.54 -28.80
CA GLU C 178 4.11 -14.52 -27.74
C GLU C 178 2.83 -13.69 -27.86
N ASN C 179 2.43 -13.36 -29.09
CA ASN C 179 1.17 -12.63 -29.28
C ASN C 179 -0.03 -13.51 -28.96
N LYS C 180 0.10 -14.83 -29.09
CA LYS C 180 -0.98 -15.73 -28.72
C LYS C 180 -1.10 -15.84 -27.20
N VAL C 181 0.05 -15.89 -26.50
CA VAL C 181 0.02 -15.95 -25.04
C VAL C 181 -0.51 -14.65 -24.47
N ARG C 182 0.00 -13.51 -24.95
CA ARG C 182 -0.46 -12.22 -24.46
C ARG C 182 -1.94 -12.01 -24.80
N SER C 183 -2.32 -12.27 -26.05
CA SER C 183 -3.70 -12.13 -26.47
C SER C 183 -4.64 -13.11 -25.76
N THR C 184 -4.10 -14.21 -25.24
CA THR C 184 -4.93 -15.16 -24.50
C THR C 184 -5.09 -14.75 -23.05
N ILE C 185 -4.01 -14.29 -22.41
CA ILE C 185 -4.09 -13.88 -21.01
C ILE C 185 -4.77 -12.52 -20.84
N GLU C 186 -4.81 -11.70 -21.89
CA GLU C 186 -5.48 -10.41 -21.80
C GLU C 186 -6.99 -10.51 -21.92
N ASN C 187 -7.53 -11.70 -22.22
CA ASN C 187 -8.96 -11.91 -22.38
C ASN C 187 -9.64 -12.40 -21.11
N SER C 188 -9.07 -13.39 -20.44
CA SER C 188 -9.67 -13.93 -19.23
C SER C 188 -9.56 -12.94 -18.08
N PHE C 189 -10.51 -13.03 -17.15
CA PHE C 189 -10.54 -12.15 -15.98
C PHE C 189 -9.62 -12.62 -14.86
N VAL C 190 -8.88 -13.71 -15.06
CA VAL C 190 -7.97 -14.19 -14.04
C VAL C 190 -6.76 -13.26 -13.96
N GLY C 191 -6.33 -12.95 -12.73
CA GLY C 191 -5.21 -12.07 -12.52
C GLY C 191 -3.87 -12.72 -12.85
N TRP C 192 -3.56 -12.82 -14.14
CA TRP C 192 -2.29 -13.38 -14.55
C TRP C 192 -1.15 -12.39 -14.33
N GLU C 193 0.08 -12.88 -14.50
CA GLU C 193 1.26 -12.04 -14.30
C GLU C 193 2.35 -12.50 -15.28
N LEU C 194 2.84 -11.57 -16.07
CA LEU C 194 3.89 -11.84 -17.05
C LEU C 194 5.16 -11.08 -16.64
N GLU C 195 6.24 -11.82 -16.40
CA GLU C 195 7.49 -11.20 -15.99
C GLU C 195 8.21 -10.47 -17.12
N GLU C 196 8.80 -11.23 -18.04
CA GLU C 196 9.50 -10.64 -19.18
C GLU C 196 9.84 -11.75 -20.16
N VAL C 197 9.50 -11.55 -21.43
CA VAL C 197 9.79 -12.52 -22.47
C VAL C 197 11.19 -12.23 -22.99
N ILE C 198 12.15 -13.07 -22.62
CA ILE C 198 13.54 -12.89 -23.01
C ILE C 198 13.81 -13.66 -24.30
N HIS C 199 15.02 -13.53 -24.83
CA HIS C 199 15.43 -14.22 -26.05
C HIS C 199 16.89 -14.62 -25.92
N LEU C 200 17.19 -15.83 -26.37
CA LEU C 200 18.54 -16.38 -26.29
C LEU C 200 19.05 -16.70 -27.71
N ASP C 201 20.37 -16.62 -27.87
CA ASP C 201 21.03 -16.90 -29.13
C ASP C 201 21.79 -18.22 -29.03
N MET C 202 21.72 -19.02 -30.10
CA MET C 202 22.38 -20.32 -30.12
C MET C 202 23.54 -20.37 -31.11
N SER C 203 23.66 -19.39 -32.02
CA SER C 203 24.76 -19.39 -32.97
C SER C 203 26.11 -19.22 -32.28
N LEU C 204 26.15 -18.48 -31.17
CA LEU C 204 27.36 -18.26 -30.40
C LEU C 204 27.21 -18.90 -29.03
N ASP C 205 28.24 -19.61 -28.59
CA ASP C 205 28.21 -20.28 -27.30
C ASP C 205 28.27 -19.25 -26.18
N ASP C 206 27.83 -19.67 -24.98
CA ASP C 206 27.81 -18.81 -23.81
C ASP C 206 29.23 -18.64 -23.30
N ILE C 207 29.95 -17.71 -23.92
CA ILE C 207 31.33 -17.40 -23.55
C ILE C 207 31.50 -15.97 -23.09
N ASP C 208 30.53 -15.08 -23.33
CA ASP C 208 30.61 -13.69 -22.92
C ASP C 208 29.73 -13.38 -21.72
N SER C 209 29.19 -14.42 -21.06
CA SER C 209 28.34 -14.26 -19.87
C SER C 209 27.13 -13.38 -20.18
N LYS C 210 26.20 -13.96 -20.93
CA LYS C 210 24.96 -13.29 -21.30
C LYS C 210 23.73 -14.16 -21.07
N ILE C 211 23.80 -15.46 -21.41
CA ILE C 211 22.66 -16.34 -21.20
C ILE C 211 22.36 -16.48 -19.71
N GLN C 212 23.40 -16.59 -18.88
CA GLN C 212 23.19 -16.65 -17.43
C GLN C 212 22.61 -15.34 -16.91
N ASN C 213 23.02 -14.21 -17.49
CA ASN C 213 22.48 -12.93 -17.06
C ASN C 213 21.03 -12.76 -17.48
N GLN C 214 20.62 -13.42 -18.57
CA GLN C 214 19.23 -13.34 -19.01
C GLN C 214 18.35 -14.34 -18.26
N LEU C 215 18.92 -15.46 -17.80
CA LEU C 215 18.15 -16.47 -17.09
C LEU C 215 18.14 -16.25 -15.58
N LYS C 216 19.04 -15.43 -15.04
CA LYS C 216 19.07 -15.17 -13.61
C LYS C 216 17.94 -14.26 -13.15
N LYS C 217 17.27 -13.57 -14.07
CA LYS C 217 16.15 -12.69 -13.74
C LYS C 217 14.81 -13.41 -13.73
N LEU C 218 14.79 -14.72 -13.93
CA LEU C 218 13.56 -15.50 -13.95
C LEU C 218 13.37 -16.14 -12.59
N GLN C 219 12.38 -15.64 -11.84
CA GLN C 219 12.05 -16.17 -10.52
C GLN C 219 10.60 -16.66 -10.47
N SER C 220 10.08 -17.15 -11.60
CA SER C 220 8.71 -17.65 -11.66
C SER C 220 8.68 -19.15 -11.45
N PRO C 221 7.63 -19.67 -10.79
CA PRO C 221 7.55 -21.12 -10.55
C PRO C 221 7.31 -21.94 -11.80
N VAL C 222 6.77 -21.34 -12.86
CA VAL C 222 6.50 -22.05 -14.10
C VAL C 222 7.09 -21.25 -15.26
N ILE C 223 7.90 -21.91 -16.08
CA ILE C 223 8.57 -21.28 -17.22
C ILE C 223 8.25 -22.09 -18.46
N LEU C 224 7.78 -21.42 -19.50
CA LEU C 224 7.45 -22.05 -20.77
C LEU C 224 8.63 -21.93 -21.73
N LEU C 225 9.11 -23.07 -22.20
CA LEU C 225 10.24 -23.12 -23.12
C LEU C 225 9.73 -23.34 -24.54
N TYR C 226 10.27 -22.57 -25.49
CA TYR C 226 9.88 -22.65 -26.89
C TYR C 226 11.15 -22.64 -27.73
N CYS C 227 11.68 -23.83 -28.02
CA CYS C 227 12.88 -23.98 -28.83
C CYS C 227 12.90 -25.41 -29.39
N THR C 228 14.08 -25.86 -29.78
CA THR C 228 14.28 -27.21 -30.30
C THR C 228 14.93 -28.08 -29.24
N LYS C 229 15.27 -29.31 -29.64
CA LYS C 229 15.89 -30.24 -28.69
C LYS C 229 17.37 -29.93 -28.50
N GLU C 230 18.10 -29.73 -29.59
CA GLU C 230 19.53 -29.44 -29.49
C GLU C 230 19.77 -28.12 -28.77
N GLU C 231 18.80 -27.20 -28.80
CA GLU C 231 18.92 -25.97 -28.04
C GLU C 231 18.50 -26.18 -26.58
N ALA C 232 17.52 -27.05 -26.34
CA ALA C 232 17.11 -27.33 -24.97
C ALA C 232 18.19 -28.09 -24.21
N THR C 233 19.05 -28.84 -24.91
CA THR C 233 20.15 -29.51 -24.24
C THR C 233 21.17 -28.51 -23.73
N TYR C 234 21.39 -27.42 -24.47
CA TYR C 234 22.33 -26.40 -24.02
C TYR C 234 21.72 -25.47 -22.97
N ILE C 235 20.44 -25.12 -23.16
CA ILE C 235 19.77 -24.28 -22.17
C ILE C 235 19.66 -25.01 -20.84
N PHE C 236 19.26 -26.29 -20.87
CA PHE C 236 19.25 -27.09 -19.67
C PHE C 236 20.64 -27.43 -19.17
N GLU C 237 21.64 -27.42 -20.06
CA GLU C 237 23.02 -27.66 -19.63
C GLU C 237 23.56 -26.50 -18.81
N VAL C 238 23.28 -25.26 -19.26
CA VAL C 238 23.73 -24.09 -18.49
C VAL C 238 22.86 -23.92 -17.25
N ALA C 239 21.55 -24.13 -17.38
CA ALA C 239 20.66 -23.98 -16.23
C ALA C 239 20.95 -25.05 -15.17
N HIS C 240 21.45 -26.21 -15.58
CA HIS C 240 21.83 -27.23 -14.60
C HIS C 240 23.04 -26.80 -13.79
N SER C 241 23.94 -26.02 -14.38
CA SER C 241 25.10 -25.52 -13.65
C SER C 241 24.78 -24.29 -12.83
N VAL C 242 23.88 -23.45 -13.34
CA VAL C 242 23.52 -22.19 -12.68
C VAL C 242 22.22 -22.31 -11.90
N GLY C 243 22.15 -23.31 -11.03
CA GLY C 243 20.99 -23.52 -10.24
C GLY C 243 19.59 -23.54 -10.84
N LEU C 244 19.50 -24.07 -12.05
CA LEU C 244 18.25 -24.15 -12.79
C LEU C 244 17.68 -25.56 -13.00
N THR C 245 16.79 -26.00 -12.12
CA THR C 245 16.20 -27.33 -12.26
C THR C 245 15.26 -27.72 -11.11
N GLY C 246 15.67 -27.45 -9.88
CA GLY C 246 14.90 -27.89 -8.73
C GLY C 246 13.53 -27.26 -8.67
N TYR C 247 13.02 -27.14 -7.44
CA TYR C 247 11.71 -26.54 -7.23
C TYR C 247 11.76 -25.04 -7.50
N GLY C 248 10.61 -24.48 -7.86
CA GLY C 248 10.50 -23.08 -8.16
C GLY C 248 10.94 -22.69 -9.55
N PHE C 249 11.42 -23.63 -10.36
CA PHE C 249 11.86 -23.36 -11.72
C PHE C 249 11.44 -24.52 -12.63
N THR C 250 10.14 -24.80 -12.64
CA THR C 250 9.61 -25.90 -13.44
C THR C 250 9.51 -25.50 -14.90
N TRP C 251 10.19 -26.26 -15.76
CA TRP C 251 10.19 -26.01 -17.20
C TRP C 251 9.09 -26.83 -17.86
N ILE C 252 8.40 -26.20 -18.82
CA ILE C 252 7.33 -26.85 -19.58
C ILE C 252 7.65 -26.71 -21.05
N VAL C 253 7.68 -27.85 -21.75
CA VAL C 253 7.98 -27.88 -23.19
C VAL C 253 6.79 -28.49 -23.92
N PRO C 254 6.55 -28.10 -25.18
CA PRO C 254 5.43 -28.70 -25.93
C PRO C 254 5.73 -30.09 -26.43
N SER C 255 5.51 -30.33 -27.72
CA SER C 255 5.74 -31.63 -28.34
C SER C 255 6.96 -31.67 -29.24
N LEU C 256 7.34 -30.54 -29.84
CA LEU C 256 8.48 -30.51 -30.74
C LEU C 256 9.83 -30.49 -30.02
N VAL C 257 9.84 -30.37 -28.69
CA VAL C 257 11.09 -30.36 -27.94
C VAL C 257 11.52 -31.78 -27.62
N ALA C 258 10.62 -32.57 -27.03
CA ALA C 258 10.96 -33.95 -26.69
C ALA C 258 11.03 -34.83 -27.93
N GLY C 259 10.01 -34.78 -28.77
CA GLY C 259 9.99 -35.57 -29.99
C GLY C 259 9.77 -37.05 -29.73
N ASP C 260 10.84 -37.84 -29.88
CA ASP C 260 10.75 -39.27 -29.65
C ASP C 260 10.85 -39.58 -28.16
N THR C 261 9.99 -40.49 -27.70
CA THR C 261 9.98 -40.87 -26.29
C THR C 261 10.98 -41.97 -25.97
N ASP C 262 11.75 -42.43 -26.96
CA ASP C 262 12.73 -43.48 -26.74
C ASP C 262 14.15 -42.96 -26.63
N THR C 263 14.40 -41.70 -27.02
CA THR C 263 15.72 -41.09 -26.95
C THR C 263 15.74 -40.11 -25.78
N VAL C 264 16.31 -40.55 -24.66
CA VAL C 264 16.41 -39.76 -23.45
C VAL C 264 17.88 -39.61 -23.10
N PRO C 265 18.45 -38.39 -23.14
CA PRO C 265 19.87 -38.23 -22.79
C PRO C 265 20.14 -38.36 -21.30
N ASP C 266 20.56 -37.27 -20.66
CA ASP C 266 20.89 -37.30 -19.24
C ASP C 266 20.80 -35.91 -18.63
N GLU C 267 21.06 -34.87 -19.43
CA GLU C 267 21.05 -33.51 -18.92
C GLU C 267 19.66 -32.99 -18.63
N PHE C 268 18.61 -33.69 -19.07
CA PHE C 268 17.25 -33.25 -18.79
C PHE C 268 16.91 -33.52 -17.32
N PRO C 269 16.52 -32.52 -16.55
CA PRO C 269 16.22 -32.75 -15.13
C PRO C 269 14.89 -33.46 -14.95
N THR C 270 14.62 -33.84 -13.71
CA THR C 270 13.39 -34.53 -13.36
C THR C 270 12.26 -33.52 -13.17
N GLY C 271 11.16 -33.74 -13.87
CA GLY C 271 10.01 -32.86 -13.77
C GLY C 271 9.85 -31.95 -14.98
N LEU C 272 9.63 -32.56 -16.15
CA LEU C 272 9.48 -31.82 -17.40
C LEU C 272 8.09 -32.15 -17.97
N ILE C 273 7.18 -31.19 -17.89
CA ILE C 273 5.83 -31.38 -18.41
C ILE C 273 5.88 -31.36 -19.93
N SER C 274 5.40 -32.43 -20.56
CA SER C 274 5.39 -32.54 -22.01
C SER C 274 3.99 -32.95 -22.47
N VAL C 275 3.71 -32.66 -23.74
CA VAL C 275 2.44 -33.02 -24.37
C VAL C 275 2.73 -33.75 -25.67
N SER C 276 1.77 -34.57 -26.08
CA SER C 276 1.90 -35.34 -27.31
C SER C 276 0.50 -35.70 -27.81
N TYR C 277 0.45 -36.52 -28.85
CA TYR C 277 -0.80 -36.97 -29.43
C TYR C 277 -0.80 -38.49 -29.50
N ASP C 278 -1.89 -39.11 -29.04
CA ASP C 278 -2.06 -40.56 -28.93
C ASP C 278 -0.77 -41.27 -28.53
N GLU C 279 0.11 -41.52 -29.51
CA GLU C 279 1.40 -42.16 -29.28
C GLU C 279 1.23 -43.52 -28.61
N TRP C 280 0.95 -43.51 -27.30
CA TRP C 280 0.76 -44.78 -26.59
C TRP C 280 -0.53 -45.48 -27.01
N ASP C 281 -1.56 -44.72 -27.37
CA ASP C 281 -2.82 -45.31 -27.81
C ASP C 281 -2.68 -45.86 -29.22
N TYR C 282 -2.52 -44.98 -30.20
CA TYR C 282 -2.35 -45.38 -31.59
C TYR C 282 -0.87 -45.52 -31.90
N ASP C 283 -0.45 -46.72 -32.31
CA ASP C 283 0.95 -46.99 -32.61
C ASP C 283 1.31 -46.51 -34.01
N LEU C 284 2.40 -47.03 -34.56
CA LEU C 284 2.82 -46.61 -35.90
C LEU C 284 1.88 -47.16 -36.98
N PRO C 285 1.54 -48.45 -37.00
CA PRO C 285 0.59 -48.92 -38.03
C PRO C 285 -0.77 -48.25 -37.95
N ALA C 286 -1.19 -47.83 -36.75
CA ALA C 286 -2.47 -47.13 -36.62
C ALA C 286 -2.38 -45.73 -37.23
N ARG C 287 -1.28 -45.02 -37.00
CA ARG C 287 -1.12 -43.69 -37.57
C ARG C 287 -0.96 -43.76 -39.09
N VAL C 288 -0.22 -44.75 -39.58
CA VAL C 288 -0.07 -44.92 -41.02
C VAL C 288 -1.41 -45.30 -41.65
N ARG C 289 -2.17 -46.17 -40.99
CA ARG C 289 -3.48 -46.54 -41.51
C ARG C 289 -4.44 -45.35 -41.54
N ASP C 290 -4.39 -44.52 -40.50
CA ASP C 290 -5.22 -43.32 -40.49
C ASP C 290 -4.79 -42.35 -41.58
N GLY C 291 -3.48 -42.23 -41.83
CA GLY C 291 -3.01 -41.38 -42.91
C GLY C 291 -3.46 -41.87 -44.27
N ILE C 292 -3.40 -43.18 -44.50
CA ILE C 292 -3.89 -43.75 -45.75
C ILE C 292 -5.40 -43.55 -45.87
N ALA C 293 -6.12 -43.61 -44.76
CA ALA C 293 -7.56 -43.36 -44.80
C ALA C 293 -7.87 -41.91 -45.11
N ILE C 294 -7.04 -40.97 -44.64
CA ILE C 294 -7.28 -39.55 -44.92
C ILE C 294 -6.92 -39.23 -46.37
N ILE C 295 -5.80 -39.75 -46.85
CA ILE C 295 -5.40 -39.48 -48.24
C ILE C 295 -6.36 -40.14 -49.21
N THR C 296 -6.77 -41.38 -48.94
CA THR C 296 -7.69 -42.07 -49.83
C THR C 296 -9.08 -41.44 -49.77
N THR C 297 -9.54 -41.07 -48.56
CA THR C 297 -10.85 -40.45 -48.43
C THR C 297 -10.90 -39.09 -49.12
N ALA C 298 -9.90 -38.24 -48.86
CA ALA C 298 -9.85 -36.94 -49.50
C ALA C 298 -9.68 -37.07 -51.01
N ALA C 299 -8.95 -38.08 -51.46
CA ALA C 299 -8.80 -38.34 -52.89
C ALA C 299 -10.04 -38.97 -53.50
N SER C 300 -10.97 -39.46 -52.68
CA SER C 300 -12.21 -40.06 -53.18
C SER C 300 -13.40 -39.13 -53.11
N THR C 301 -13.35 -38.10 -52.27
CA THR C 301 -14.46 -37.15 -52.17
C THR C 301 -14.63 -36.35 -53.46
N MET C 302 -13.52 -35.99 -54.10
CA MET C 302 -13.61 -35.24 -55.36
C MET C 302 -14.16 -36.12 -56.48
N LEU C 303 -13.79 -37.40 -56.49
CA LEU C 303 -14.32 -38.31 -57.50
C LEU C 303 -15.78 -38.66 -57.25
N SER C 304 -16.20 -38.68 -55.98
CA SER C 304 -17.58 -39.01 -55.64
C SER C 304 -18.52 -37.82 -55.75
N GLU C 305 -17.99 -36.59 -55.65
CA GLU C 305 -18.80 -35.39 -55.74
C GLU C 305 -18.63 -34.67 -57.07
N HIS C 306 -17.41 -34.21 -57.38
CA HIS C 306 -17.19 -33.51 -58.64
C HIS C 306 -17.21 -34.44 -59.84
N ASN C 307 -16.96 -35.74 -59.63
CA ASN C 307 -16.98 -36.74 -60.70
C ASN C 307 -15.99 -36.41 -61.81
N SER C 308 -14.86 -35.80 -61.45
CA SER C 308 -13.83 -35.46 -62.44
C SER C 308 -12.52 -35.26 -61.68
N ILE C 309 -11.57 -36.15 -61.91
CA ILE C 309 -10.26 -36.08 -61.25
C ILE C 309 -9.18 -35.99 -62.32
N PRO C 310 -8.07 -35.28 -62.07
CA PRO C 310 -7.01 -35.20 -63.07
C PRO C 310 -6.17 -36.46 -63.14
N GLN C 311 -4.97 -36.35 -63.71
CA GLN C 311 -4.07 -37.50 -63.84
C GLN C 311 -3.26 -37.65 -62.55
N SER C 312 -2.24 -38.50 -62.60
CA SER C 312 -1.39 -38.75 -61.44
C SER C 312 -0.23 -37.74 -61.44
N LYS C 313 0.74 -37.96 -60.55
CA LYS C 313 1.90 -37.08 -60.46
C LYS C 313 2.91 -37.41 -61.55
N SER C 314 3.60 -36.39 -62.02
CA SER C 314 4.60 -36.55 -63.08
C SER C 314 5.92 -37.00 -62.46
N SER C 315 7.01 -36.88 -63.23
CA SER C 315 8.32 -37.29 -62.76
C SER C 315 8.90 -36.11 -62.00
N CYS C 316 10.19 -36.14 -61.72
CA CYS C 316 10.87 -35.09 -60.98
C CYS C 316 11.01 -33.65 -61.48
N ASN C 317 11.69 -33.45 -62.60
CA ASN C 317 11.90 -32.11 -63.16
C ASN C 317 10.77 -31.68 -64.08
N ASN C 318 9.86 -32.58 -64.46
CA ASN C 318 8.74 -32.24 -65.34
C ASN C 318 7.66 -31.59 -64.51
N ILE C 319 7.84 -30.30 -64.25
CA ILE C 319 6.88 -29.51 -63.47
C ILE C 319 6.22 -28.42 -64.28
N GLN C 320 6.84 -27.93 -65.36
CA GLN C 320 6.23 -26.88 -66.17
C GLN C 320 5.05 -27.38 -66.97
N GLU C 321 4.94 -28.69 -67.20
CA GLU C 321 3.82 -29.26 -67.93
C GLU C 321 2.68 -29.69 -67.00
N SER C 322 3.01 -30.24 -65.84
CA SER C 322 2.01 -30.69 -64.88
C SER C 322 1.68 -29.63 -63.84
N ARG C 323 2.23 -28.43 -63.96
CA ARG C 323 1.93 -27.37 -63.01
C ARG C 323 0.51 -26.81 -63.18
N VAL C 324 -0.08 -26.98 -64.36
CA VAL C 324 -1.43 -26.47 -64.59
C VAL C 324 -2.50 -27.48 -64.16
N TYR C 325 -2.18 -28.77 -64.10
CA TYR C 325 -3.14 -29.78 -63.70
C TYR C 325 -3.41 -29.79 -62.20
N GLU C 326 -2.61 -29.08 -61.41
CA GLU C 326 -2.81 -29.04 -59.97
C GLU C 326 -4.03 -28.20 -59.62
N ALA C 327 -4.85 -28.70 -58.70
CA ALA C 327 -6.07 -28.02 -58.27
C ALA C 327 -6.04 -27.86 -56.76
N HIS C 328 -6.32 -26.66 -56.30
CA HIS C 328 -6.35 -26.37 -54.86
C HIS C 328 -7.67 -26.73 -54.21
N MET C 329 -8.67 -27.19 -54.98
CA MET C 329 -9.96 -27.55 -54.40
C MET C 329 -9.83 -28.66 -53.39
N LEU C 330 -8.86 -29.57 -53.58
CA LEU C 330 -8.64 -30.64 -52.62
C LEU C 330 -8.29 -30.08 -51.24
N LYS C 331 -7.74 -28.86 -51.18
CA LYS C 331 -7.48 -28.23 -49.89
C LYS C 331 -8.76 -28.08 -49.09
N ARG C 332 -9.87 -27.75 -49.75
CA ARG C 332 -11.15 -27.66 -49.07
C ARG C 332 -11.60 -29.00 -48.50
N TYR C 333 -11.09 -30.10 -49.06
CA TYR C 333 -11.38 -31.43 -48.54
C TYR C 333 -10.37 -31.88 -47.50
N LEU C 334 -9.41 -31.03 -47.15
CA LEU C 334 -8.40 -31.35 -46.14
C LEU C 334 -8.61 -30.56 -44.85
N ILE C 335 -9.80 -30.02 -44.65
CA ILE C 335 -10.14 -29.25 -43.45
C ILE C 335 -11.19 -29.97 -42.61
N ASN C 336 -12.26 -30.43 -43.24
CA ASN C 336 -13.34 -31.14 -42.57
C ASN C 336 -13.35 -32.59 -43.08
N VAL C 337 -12.69 -33.46 -42.32
CA VAL C 337 -12.58 -34.88 -42.66
C VAL C 337 -13.17 -35.69 -41.51
N THR C 338 -14.05 -36.64 -41.86
CA THR C 338 -14.68 -37.52 -40.88
C THR C 338 -14.25 -38.95 -41.15
N PHE C 339 -14.12 -39.73 -40.08
CA PHE C 339 -13.69 -41.13 -40.21
C PHE C 339 -14.05 -41.86 -38.93
N GLU C 340 -14.84 -42.92 -39.04
CA GLU C 340 -15.25 -43.75 -37.91
C GLU C 340 -16.01 -42.95 -36.86
N GLY C 341 -16.67 -41.88 -37.28
CA GLY C 341 -17.49 -41.08 -36.37
C GLY C 341 -16.72 -40.00 -35.63
N ARG C 342 -15.48 -40.29 -35.25
CA ARG C 342 -14.69 -39.33 -34.50
C ARG C 342 -14.32 -38.14 -35.38
N ASP C 343 -14.09 -37.00 -34.73
CA ASP C 343 -13.74 -35.75 -35.42
C ASP C 343 -12.26 -35.76 -35.76
N LEU C 344 -11.92 -36.54 -36.78
CA LEU C 344 -10.53 -36.63 -37.26
C LEU C 344 -10.34 -35.71 -38.46
N SER C 345 -10.47 -34.41 -38.20
CA SER C 345 -10.36 -33.38 -39.22
C SER C 345 -9.10 -32.54 -38.98
N PHE C 346 -8.99 -31.44 -39.72
CA PHE C 346 -7.86 -30.54 -39.59
C PHE C 346 -8.40 -29.11 -39.52
N SER C 347 -7.55 -28.14 -39.86
CA SER C 347 -7.94 -26.74 -39.85
C SER C 347 -7.49 -26.04 -41.12
N GLU C 348 -7.54 -24.71 -41.12
CA GLU C 348 -7.13 -23.95 -42.30
C GLU C 348 -5.64 -23.68 -42.35
N ASP C 349 -4.95 -23.78 -41.21
CA ASP C 349 -3.51 -23.56 -41.15
C ASP C 349 -2.70 -24.82 -41.45
N GLY C 350 -3.35 -25.96 -41.64
CA GLY C 350 -2.67 -27.19 -41.93
C GLY C 350 -2.42 -28.11 -40.75
N TYR C 351 -3.17 -27.96 -39.66
CA TYR C 351 -2.99 -28.78 -38.48
C TYR C 351 -4.35 -29.25 -37.98
N GLN C 352 -4.33 -30.22 -37.08
CA GLN C 352 -5.56 -30.78 -36.55
C GLN C 352 -6.28 -29.76 -35.66
N MET C 353 -7.60 -29.66 -35.83
CA MET C 353 -8.38 -28.67 -35.10
C MET C 353 -8.64 -29.11 -33.66
N HIS C 354 -9.19 -30.31 -33.48
CA HIS C 354 -9.53 -30.86 -32.16
C HIS C 354 -8.72 -32.13 -31.93
N PRO C 355 -7.49 -32.01 -31.45
CA PRO C 355 -6.68 -33.21 -31.18
C PRO C 355 -7.00 -33.82 -29.83
N LYS C 356 -6.69 -35.11 -29.71
CA LYS C 356 -6.83 -35.85 -28.45
C LYS C 356 -5.45 -35.96 -27.82
N LEU C 357 -5.00 -34.86 -27.23
CA LEU C 357 -3.65 -34.77 -26.69
C LEU C 357 -3.52 -35.58 -25.41
N VAL C 358 -2.29 -35.99 -25.12
CA VAL C 358 -1.95 -36.72 -23.90
C VAL C 358 -0.78 -36.01 -23.23
N ILE C 359 -0.90 -35.79 -21.92
CA ILE C 359 0.11 -35.09 -21.15
C ILE C 359 0.98 -36.12 -20.44
N ILE C 360 2.29 -36.05 -20.67
CA ILE C 360 3.25 -36.96 -20.05
C ILE C 360 4.20 -36.14 -19.19
N LEU C 361 4.71 -36.77 -18.12
CA LEU C 361 5.62 -36.14 -17.19
C LEU C 361 6.77 -37.07 -16.89
N LEU C 362 7.99 -36.51 -16.85
CA LEU C 362 9.16 -37.31 -16.56
C LEU C 362 9.22 -37.66 -15.08
N ASN C 363 9.65 -38.89 -14.79
CA ASN C 363 9.73 -39.42 -13.44
C ASN C 363 11.21 -39.63 -13.09
N GLN C 364 11.48 -40.49 -12.11
CA GLN C 364 12.85 -40.69 -11.65
C GLN C 364 13.69 -41.57 -12.57
N GLU C 365 13.11 -42.66 -13.07
CA GLU C 365 13.84 -43.60 -13.93
C GLU C 365 14.00 -43.10 -15.36
N ARG C 366 13.65 -41.85 -15.63
CA ARG C 366 13.77 -41.24 -16.96
C ARG C 366 12.96 -42.04 -17.99
N LYS C 367 11.65 -41.95 -17.85
CA LYS C 367 10.72 -42.62 -18.76
C LYS C 367 9.45 -41.80 -18.86
N TRP C 368 9.03 -41.52 -20.09
CA TRP C 368 7.84 -40.70 -20.33
C TRP C 368 6.59 -41.51 -20.00
N GLU C 369 6.00 -41.22 -18.83
CA GLU C 369 4.78 -41.88 -18.39
C GLU C 369 3.60 -40.92 -18.52
N ARG C 370 2.44 -41.45 -18.88
CA ARG C 370 1.26 -40.63 -19.06
C ARG C 370 0.71 -40.18 -17.72
N VAL C 371 0.36 -38.89 -17.63
CA VAL C 371 -0.24 -38.34 -16.42
C VAL C 371 -1.54 -37.59 -16.69
N GLY C 372 -1.81 -37.16 -17.91
CA GLY C 372 -3.05 -36.46 -18.21
C GLY C 372 -3.58 -36.86 -19.57
N LYS C 373 -4.88 -36.65 -19.75
CA LYS C 373 -5.58 -36.97 -20.99
C LYS C 373 -6.45 -35.78 -21.37
N TYR C 374 -6.02 -35.01 -22.37
CA TYR C 374 -6.74 -33.84 -22.82
C TYR C 374 -7.54 -34.21 -24.07
N LYS C 375 -8.87 -34.15 -23.95
CA LYS C 375 -9.75 -34.45 -25.07
C LYS C 375 -10.33 -33.17 -25.67
N ASP C 376 -9.82 -32.79 -26.83
CA ASP C 376 -10.29 -31.59 -27.53
C ASP C 376 -10.47 -30.42 -26.58
N ARG C 377 -11.28 -30.62 -25.54
CA ARG C 377 -11.54 -29.57 -24.56
C ARG C 377 -11.23 -30.05 -23.14
N SER C 378 -12.18 -30.76 -22.54
CA SER C 378 -12.02 -31.23 -21.18
C SER C 378 -10.66 -31.89 -20.97
N LEU C 379 -10.17 -31.80 -19.74
CA LEU C 379 -8.89 -32.39 -19.35
C LEU C 379 -9.13 -33.33 -18.18
N LYS C 380 -8.61 -34.55 -18.28
CA LYS C 380 -8.77 -35.58 -17.26
C LYS C 380 -7.42 -35.88 -16.64
N MET C 381 -7.38 -35.93 -15.31
CA MET C 381 -6.17 -36.22 -14.54
C MET C 381 -6.45 -37.47 -13.70
N TRP C 382 -6.39 -38.63 -14.33
CA TRP C 382 -6.69 -39.89 -13.67
C TRP C 382 -5.43 -40.71 -13.35
N PRO C 383 -4.48 -40.87 -14.27
CA PRO C 383 -3.28 -41.64 -13.92
C PRO C 383 -2.46 -41.02 -12.80
N VAL C 384 -2.52 -39.69 -12.64
CA VAL C 384 -1.78 -39.01 -11.58
C VAL C 384 -2.79 -38.47 -10.57
N PHE C 385 -2.33 -38.35 -9.33
CA PHE C 385 -3.18 -37.86 -8.24
C PHE C 385 -3.17 -36.33 -8.26
N ASP C 386 -3.74 -35.72 -7.21
CA ASP C 386 -3.85 -34.27 -7.17
C ASP C 386 -2.50 -33.60 -6.91
N LEU C 387 -1.62 -34.24 -6.14
CA LEU C 387 -0.32 -33.66 -5.85
C LEU C 387 0.58 -33.73 -7.09
N TYR C 388 1.26 -32.63 -7.38
CA TYR C 388 2.12 -32.55 -8.55
C TYR C 388 3.51 -33.13 -8.27
N PRO C 389 4.25 -32.67 -7.22
CA PRO C 389 5.59 -33.21 -7.00
C PRO C 389 5.59 -34.42 -6.07
N ASN C 390 6.78 -34.95 -5.80
CA ASN C 390 6.90 -36.12 -4.92
C ASN C 390 7.95 -35.94 -3.83
N SER C 391 9.22 -36.16 -4.18
CA SER C 391 10.32 -36.02 -3.22
C SER C 391 11.59 -35.82 -4.03
N GLU C 392 12.24 -34.66 -3.85
CA GLU C 392 13.47 -34.36 -4.59
C GLU C 392 14.21 -33.26 -3.82
N GLU C 393 15.17 -33.67 -3.00
CA GLU C 393 16.06 -32.76 -2.28
C GLU C 393 14.76 -32.27 -1.63
N HIS C 394 14.34 -31.14 -1.67
CA HIS C 394 13.84 -29.88 -1.17
C HIS C 394 12.69 -30.49 -0.38
N LYS C 395 11.96 -29.63 0.34
CA LYS C 395 10.86 -30.08 1.18
C LYS C 395 9.72 -30.60 0.32
N ASP C 396 8.85 -31.40 0.95
CA ASP C 396 7.74 -32.03 0.25
C ASP C 396 6.43 -31.80 1.00
N GLU C 397 5.38 -32.52 0.60
CA GLU C 397 4.06 -32.44 1.22
C GLU C 397 3.51 -31.02 1.22
N HIS C 398 2.51 -30.76 2.06
CA HIS C 398 1.91 -29.44 2.14
C HIS C 398 1.15 -29.48 3.47
N LEU C 399 0.15 -28.60 3.61
CA LEU C 399 -0.67 -28.54 4.82
C LEU C 399 -2.15 -28.43 4.50
N SER C 400 -2.93 -29.41 4.94
CA SER C 400 -4.37 -29.40 4.69
C SER C 400 -5.08 -28.46 5.64
N ILE C 401 -5.99 -27.65 5.10
CA ILE C 401 -6.77 -26.69 5.88
C ILE C 401 -8.23 -26.91 5.58
N VAL C 402 -9.03 -27.10 6.63
CA VAL C 402 -10.46 -27.34 6.52
C VAL C 402 -11.19 -26.26 7.30
N THR C 403 -12.32 -25.80 6.76
CA THR C 403 -13.13 -24.77 7.42
C THR C 403 -14.60 -25.07 7.16
N LEU C 404 -15.46 -24.16 7.65
CA LEU C 404 -16.90 -24.28 7.48
C LEU C 404 -17.46 -22.96 6.98
N GLU C 405 -18.47 -23.04 6.13
CA GLU C 405 -19.09 -21.85 5.56
C GLU C 405 -19.73 -20.99 6.64
N GLU C 406 -18.93 -20.08 7.19
CA GLU C 406 -19.38 -19.15 8.21
C GLU C 406 -19.37 -17.77 7.59
N ALA C 407 -20.56 -17.20 7.43
CA ALA C 407 -20.67 -15.87 6.87
C ALA C 407 -19.72 -14.93 7.58
N PRO C 408 -19.50 -13.76 7.00
CA PRO C 408 -18.58 -12.80 7.56
C PRO C 408 -17.20 -13.40 7.40
N PHE C 409 -16.93 -14.52 8.06
CA PHE C 409 -15.61 -15.15 7.91
C PHE C 409 -15.24 -15.99 6.72
N VAL C 410 -16.06 -16.99 6.40
CA VAL C 410 -15.83 -17.90 5.28
C VAL C 410 -17.06 -17.84 4.39
N ILE C 411 -16.91 -17.19 3.24
CA ILE C 411 -17.99 -17.07 2.25
C ILE C 411 -17.65 -18.00 1.10
N VAL C 412 -18.50 -19.00 0.88
CA VAL C 412 -18.32 -19.99 -0.17
C VAL C 412 -19.24 -19.66 -1.33
N GLU C 413 -18.68 -19.50 -2.52
CA GLU C 413 -19.42 -19.17 -3.72
C GLU C 413 -19.17 -20.21 -4.80
N ASP C 414 -20.22 -20.60 -5.50
CA ASP C 414 -20.11 -21.60 -6.55
C ASP C 414 -19.33 -21.03 -7.74
N VAL C 415 -18.61 -21.91 -8.43
CA VAL C 415 -17.82 -21.52 -9.58
C VAL C 415 -18.74 -21.27 -10.77
N ASP C 416 -18.38 -20.30 -11.60
CA ASP C 416 -19.19 -19.97 -12.76
C ASP C 416 -19.03 -21.06 -13.83
N PRO C 417 -20.12 -21.44 -14.51
CA PRO C 417 -20.00 -22.47 -15.54
C PRO C 417 -19.29 -22.01 -16.80
N LEU C 418 -19.20 -20.69 -17.03
CA LEU C 418 -18.54 -20.15 -18.21
C LEU C 418 -17.05 -19.91 -18.00
N SER C 419 -16.48 -20.42 -16.91
CA SER C 419 -15.06 -20.25 -16.63
C SER C 419 -14.47 -21.53 -16.06
N GLY C 420 -14.94 -21.94 -14.88
CA GLY C 420 -14.47 -23.16 -14.26
C GLY C 420 -13.20 -23.00 -13.43
N THR C 421 -12.79 -21.77 -13.13
CA THR C 421 -11.58 -21.54 -12.35
C THR C 421 -11.76 -20.27 -11.54
N CYS C 422 -11.40 -20.34 -10.25
CA CYS C 422 -11.49 -19.18 -9.38
C CYS C 422 -10.47 -18.13 -9.79
N MET C 423 -10.73 -16.88 -9.40
CA MET C 423 -9.91 -15.75 -9.80
C MET C 423 -9.45 -14.96 -8.59
N ARG C 424 -8.25 -14.40 -8.70
CA ARG C 424 -7.63 -13.52 -7.70
C ARG C 424 -7.50 -14.30 -6.40
N ASN C 425 -7.93 -13.75 -5.25
CA ASN C 425 -7.72 -14.38 -3.96
C ASN C 425 -8.73 -15.47 -3.64
N THR C 426 -9.69 -15.73 -4.53
CA THR C 426 -10.67 -16.79 -4.30
C THR C 426 -9.97 -18.14 -4.36
N VAL C 427 -9.92 -18.82 -3.23
CA VAL C 427 -9.19 -20.09 -3.14
C VAL C 427 -10.09 -21.21 -3.67
N PRO C 428 -9.63 -22.01 -4.63
CA PRO C 428 -10.43 -23.13 -5.11
C PRO C 428 -10.61 -24.22 -4.05
N CYS C 429 -11.65 -24.08 -3.24
CA CYS C 429 -11.93 -25.02 -2.16
C CYS C 429 -12.80 -26.16 -2.69
N ARG C 430 -12.28 -27.38 -2.63
CA ARG C 430 -13.00 -28.53 -3.13
C ARG C 430 -14.08 -28.95 -2.14
N LYS C 431 -14.83 -29.99 -2.50
CA LYS C 431 -15.91 -30.49 -1.66
C LYS C 431 -16.15 -31.95 -1.99
N GLN C 432 -15.99 -32.82 -0.98
CA GLN C 432 -16.12 -34.26 -1.16
C GLN C 432 -17.51 -34.68 -0.69
N ILE C 433 -18.40 -34.96 -1.63
CA ILE C 433 -19.76 -35.39 -1.32
C ILE C 433 -19.95 -36.82 -1.82
N ARG C 434 -20.97 -37.47 -1.30
CA ARG C 434 -21.31 -38.85 -1.67
C ARG C 434 -22.76 -38.90 -2.11
N PRO C 435 -23.04 -39.15 -3.38
CA PRO C 435 -24.44 -39.25 -3.84
C PRO C 435 -25.17 -40.41 -3.22
N GLU C 436 -26.07 -40.12 -2.27
CA GLU C 436 -26.84 -41.15 -1.58
C GLU C 436 -27.93 -41.65 -2.52
N ASN C 437 -27.57 -42.61 -3.38
CA ASN C 437 -28.51 -43.20 -4.33
C ASN C 437 -29.17 -44.39 -3.66
N ARG C 438 -30.33 -44.13 -3.04
CA ARG C 438 -31.11 -45.15 -2.34
C ARG C 438 -30.13 -45.78 -1.36
N THR C 439 -29.84 -47.07 -1.55
CA THR C 439 -28.92 -47.81 -0.69
C THR C 439 -27.51 -48.00 -1.24
N GLU C 440 -26.99 -46.95 -1.90
CA GLU C 440 -25.65 -47.00 -2.47
C GLU C 440 -25.09 -45.58 -2.54
N GLU C 441 -23.86 -45.41 -2.05
CA GLU C 441 -23.19 -44.12 -2.05
C GLU C 441 -22.09 -44.10 -3.09
N GLY C 442 -21.69 -42.90 -3.49
CA GLY C 442 -20.64 -42.72 -4.48
C GLY C 442 -19.50 -41.85 -4.00
N GLY C 443 -18.97 -41.02 -4.89
CA GLY C 443 -17.87 -40.15 -4.55
C GLY C 443 -17.68 -39.01 -5.53
N ASN C 444 -18.48 -37.96 -5.39
CA ASN C 444 -18.41 -36.80 -6.26
C ASN C 444 -17.58 -35.71 -5.59
N TYR C 445 -16.82 -34.98 -6.39
CA TYR C 445 -15.95 -33.90 -5.91
C TYR C 445 -16.36 -32.61 -6.62
N ILE C 446 -17.08 -31.75 -5.92
CA ILE C 446 -17.54 -30.48 -6.47
C ILE C 446 -16.65 -29.38 -5.92
N LYS C 447 -16.00 -28.64 -6.82
CA LYS C 447 -15.05 -27.60 -6.45
C LYS C 447 -15.73 -26.23 -6.53
N ARG C 448 -15.54 -25.43 -5.49
CA ARG C 448 -16.09 -24.07 -5.46
C ARG C 448 -14.99 -23.06 -5.14
N CYS C 449 -15.36 -21.80 -4.95
CA CYS C 449 -14.41 -20.73 -4.67
C CYS C 449 -14.73 -20.14 -3.30
N CYS C 450 -13.78 -20.22 -2.37
CA CYS C 450 -13.93 -19.68 -1.03
C CYS C 450 -13.21 -18.34 -0.90
N LYS C 451 -13.83 -17.41 -0.18
CA LYS C 451 -13.25 -16.11 0.03
C LYS C 451 -13.88 -15.50 1.28
N GLY C 452 -13.08 -14.74 2.03
CA GLY C 452 -13.58 -14.11 3.24
C GLY C 452 -12.44 -13.62 4.10
N PHE C 453 -12.77 -13.35 5.37
CA PHE C 453 -11.77 -12.84 6.31
C PHE C 453 -10.68 -13.88 6.57
N CYS C 454 -11.08 -15.14 6.80
CA CYS C 454 -10.10 -16.19 7.07
C CYS C 454 -9.18 -16.40 5.88
N ILE C 455 -9.71 -16.34 4.66
CA ILE C 455 -8.87 -16.46 3.47
C ILE C 455 -7.91 -15.28 3.38
N ASP C 456 -8.37 -14.09 3.76
CA ASP C 456 -7.52 -12.91 3.69
C ASP C 456 -6.37 -12.99 4.68
N ILE C 457 -6.66 -13.34 5.94
CA ILE C 457 -5.60 -13.38 6.94
C ILE C 457 -4.67 -14.56 6.68
N LEU C 458 -5.21 -15.72 6.33
CA LEU C 458 -4.38 -16.88 6.07
C LEU C 458 -3.53 -16.71 4.81
N LYS C 459 -4.00 -15.90 3.87
CA LYS C 459 -3.21 -15.62 2.67
C LYS C 459 -2.17 -14.54 2.93
N LYS C 460 -2.48 -13.57 3.80
CA LYS C 460 -1.49 -12.56 4.15
C LYS C 460 -0.35 -13.15 4.97
N ILE C 461 -0.67 -14.00 5.94
CA ILE C 461 0.38 -14.66 6.71
C ILE C 461 1.02 -15.78 5.90
N ALA C 462 0.27 -16.38 4.98
CA ALA C 462 0.83 -17.45 4.14
C ALA C 462 1.84 -16.89 3.14
N LYS C 463 1.59 -15.68 2.64
CA LYS C 463 2.56 -15.05 1.75
C LYS C 463 3.80 -14.59 2.50
N THR C 464 3.64 -14.22 3.77
CA THR C 464 4.80 -13.80 4.56
C THR C 464 5.67 -14.97 4.96
N VAL C 465 5.06 -16.04 5.50
CA VAL C 465 5.84 -17.20 5.92
C VAL C 465 6.19 -18.09 4.74
N LYS C 466 5.52 -17.93 3.59
CA LYS C 466 5.81 -18.67 2.37
C LYS C 466 5.70 -20.18 2.32
N PHE C 467 4.48 -20.69 2.50
CA PHE C 467 4.24 -22.13 2.42
C PHE C 467 2.99 -22.47 1.64
N THR C 468 2.93 -23.70 1.13
CA THR C 468 1.77 -24.19 0.39
C THR C 468 0.79 -24.87 1.33
N TYR C 469 -0.49 -24.73 1.01
CA TYR C 469 -1.55 -25.28 1.85
C TYR C 469 -2.73 -25.68 0.96
N ASP C 470 -3.81 -26.09 1.62
CA ASP C 470 -5.03 -26.51 0.94
C ASP C 470 -6.22 -26.05 1.77
N LEU C 471 -7.39 -26.02 1.12
CA LEU C 471 -8.62 -25.56 1.78
C LEU C 471 -9.79 -26.40 1.30
N TYR C 472 -10.59 -26.89 2.25
CA TYR C 472 -11.79 -27.65 1.92
C TYR C 472 -12.79 -27.51 3.06
N LEU C 473 -14.03 -27.90 2.77
CA LEU C 473 -15.14 -27.73 3.69
C LEU C 473 -15.50 -29.05 4.35
N VAL C 474 -16.59 -29.07 5.11
CA VAL C 474 -17.10 -30.25 5.78
C VAL C 474 -18.49 -30.54 5.23
N THR C 475 -18.73 -31.82 4.89
CA THR C 475 -20.01 -32.24 4.35
C THR C 475 -20.84 -33.08 5.32
N ASN C 476 -20.24 -33.55 6.40
CA ASN C 476 -20.96 -34.37 7.38
C ASN C 476 -20.25 -34.27 8.72
N GLY C 477 -21.03 -34.09 9.79
CA GLY C 477 -20.51 -34.00 11.13
C GLY C 477 -20.53 -32.60 11.71
N LYS C 478 -20.61 -31.57 10.87
CA LYS C 478 -20.58 -30.16 11.25
C LYS C 478 -19.66 -29.87 12.43
N HIS C 479 -20.09 -29.00 13.34
CA HIS C 479 -19.28 -28.67 14.50
C HIS C 479 -19.17 -29.86 15.44
N GLY C 480 -18.04 -29.94 16.15
CA GLY C 480 -17.82 -31.05 17.06
C GLY C 480 -18.76 -30.96 18.26
N LYS C 481 -19.33 -32.11 18.63
CA LYS C 481 -20.26 -32.18 19.76
C LYS C 481 -20.10 -33.53 20.44
N LYS C 482 -20.91 -33.76 21.47
CA LYS C 482 -20.87 -34.99 22.24
C LYS C 482 -21.89 -35.98 21.70
N ILE C 483 -21.46 -37.21 21.48
CA ILE C 483 -22.33 -38.30 21.04
C ILE C 483 -22.17 -39.46 22.00
N ASN C 484 -23.24 -39.81 22.70
CA ASN C 484 -23.23 -40.88 23.70
C ASN C 484 -22.05 -40.32 24.49
N GLY C 485 -21.00 -41.12 24.64
CA GLY C 485 -19.81 -40.68 25.34
C GLY C 485 -18.49 -40.48 24.63
N VAL C 486 -18.53 -39.79 23.48
CA VAL C 486 -17.33 -39.56 22.69
C VAL C 486 -17.53 -38.28 21.88
N TRP C 487 -16.44 -37.56 21.67
CA TRP C 487 -16.47 -36.34 20.88
C TRP C 487 -16.49 -36.68 19.38
N ASN C 488 -17.26 -35.91 18.62
CA ASN C 488 -17.37 -36.11 17.19
C ASN C 488 -17.48 -34.75 16.51
N GLY C 489 -17.64 -34.77 15.18
CA GLY C 489 -17.76 -33.54 14.42
C GLY C 489 -16.50 -33.20 13.64
N MET C 490 -16.25 -31.90 13.46
CA MET C 490 -15.06 -31.49 12.73
C MET C 490 -13.79 -31.62 13.56
N ILE C 491 -13.89 -31.47 14.89
CA ILE C 491 -12.72 -31.60 15.74
C ILE C 491 -12.14 -33.00 15.65
N GLY C 492 -12.97 -34.01 15.37
CA GLY C 492 -12.46 -35.35 15.18
C GLY C 492 -11.49 -35.45 14.02
N GLU C 493 -11.60 -34.55 13.04
CA GLU C 493 -10.64 -34.52 11.94
C GLU C 493 -9.23 -34.23 12.45
N VAL C 494 -9.11 -33.54 13.58
CA VAL C 494 -7.80 -33.33 14.17
C VAL C 494 -7.29 -34.60 14.85
N VAL C 495 -8.20 -35.44 15.36
CA VAL C 495 -7.78 -36.66 16.03
C VAL C 495 -7.43 -37.74 15.01
N THR C 496 -8.15 -37.79 13.89
CA THR C 496 -7.93 -38.79 12.86
C THR C 496 -6.73 -38.46 11.97
N LYS C 497 -5.98 -37.41 12.29
CA LYS C 497 -4.79 -37.02 11.52
C LYS C 497 -5.13 -36.73 10.06
N ARG C 498 -6.25 -36.04 9.84
CA ARG C 498 -6.65 -35.64 8.50
C ARG C 498 -6.79 -34.13 8.35
N ALA C 499 -6.40 -33.37 9.37
CA ALA C 499 -6.49 -31.91 9.32
C ALA C 499 -5.43 -31.35 10.26
N TYR C 500 -4.34 -30.82 9.68
CA TYR C 500 -3.27 -30.27 10.50
C TYR C 500 -3.66 -28.93 11.12
N MET C 501 -4.53 -28.18 10.46
CA MET C 501 -4.97 -26.89 10.97
C MET C 501 -6.37 -26.61 10.44
N ALA C 502 -7.20 -26.00 11.27
CA ALA C 502 -8.58 -25.68 10.92
C ALA C 502 -8.97 -24.35 11.52
N VAL C 503 -9.78 -23.59 10.78
CA VAL C 503 -10.26 -22.29 11.24
C VAL C 503 -11.77 -22.32 11.33
N GLY C 504 -12.38 -21.19 11.66
CA GLY C 504 -13.81 -21.05 11.78
C GLY C 504 -14.20 -20.50 13.13
N SER C 505 -15.49 -20.60 13.44
CA SER C 505 -16.03 -20.13 14.71
C SER C 505 -15.67 -21.13 15.80
N LEU C 506 -14.50 -20.94 16.41
CA LEU C 506 -13.99 -21.81 17.46
C LEU C 506 -13.60 -20.93 18.65
N THR C 507 -14.55 -20.74 19.57
CA THR C 507 -14.27 -19.94 20.76
C THR C 507 -13.40 -20.73 21.73
N ILE C 508 -12.41 -20.06 22.31
CA ILE C 508 -11.49 -20.71 23.24
C ILE C 508 -12.22 -21.00 24.55
N ASN C 509 -12.11 -22.24 25.02
CA ASN C 509 -12.76 -22.63 26.28
C ASN C 509 -12.09 -23.95 26.67
N GLU C 510 -12.59 -24.58 27.73
CA GLU C 510 -12.02 -25.84 28.18
C GLU C 510 -12.18 -27.12 27.36
N GLU C 511 -13.24 -27.23 26.57
CA GLU C 511 -13.44 -28.42 25.75
C GLU C 511 -12.48 -28.44 24.57
N ARG C 512 -12.38 -27.33 23.83
CA ARG C 512 -11.46 -27.27 22.71
C ARG C 512 -10.00 -27.31 23.18
N SER C 513 -9.71 -26.69 24.33
CA SER C 513 -8.38 -26.78 24.92
C SER C 513 -8.15 -28.09 25.66
N GLU C 514 -9.17 -28.96 25.73
CA GLU C 514 -9.04 -30.25 26.40
C GLU C 514 -8.88 -31.40 25.43
N VAL C 515 -9.66 -31.42 24.35
CA VAL C 515 -9.56 -32.51 23.39
C VAL C 515 -8.35 -32.33 22.48
N VAL C 516 -8.02 -31.08 22.14
CA VAL C 516 -6.86 -30.79 21.28
C VAL C 516 -6.11 -29.60 21.86
N ASP C 517 -5.24 -29.01 21.06
CA ASP C 517 -4.47 -27.86 21.47
C ASP C 517 -5.17 -26.57 21.04
N PHE C 518 -4.53 -25.44 21.31
CA PHE C 518 -5.09 -24.13 20.97
C PHE C 518 -3.92 -23.16 20.73
N SER C 519 -4.26 -21.90 20.53
CA SER C 519 -3.25 -20.86 20.30
C SER C 519 -3.99 -19.57 20.61
N VAL C 520 -3.51 -18.45 20.08
CA VAL C 520 -4.11 -17.14 20.29
C VAL C 520 -5.17 -16.73 19.27
N PRO C 521 -6.36 -16.33 19.72
CA PRO C 521 -7.39 -15.90 18.76
C PRO C 521 -7.06 -14.56 18.13
N PHE C 522 -7.52 -14.38 16.90
CA PHE C 522 -7.26 -13.14 16.16
C PHE C 522 -8.36 -12.10 16.36
N ILE C 523 -9.59 -12.54 16.60
CA ILE C 523 -10.70 -11.61 16.88
C ILE C 523 -11.43 -12.08 18.12
N GLU C 524 -12.00 -11.13 18.85
CA GLU C 524 -12.72 -11.41 20.08
C GLU C 524 -14.22 -11.45 19.82
N THR C 525 -14.92 -12.21 20.65
CA THR C 525 -16.36 -12.36 20.55
C THR C 525 -16.90 -12.80 21.91
N GLY C 526 -18.12 -13.32 21.94
CA GLY C 526 -18.71 -13.79 23.18
C GLY C 526 -20.18 -14.07 22.99
N ILE C 527 -20.82 -14.41 24.11
CA ILE C 527 -22.25 -14.70 24.14
C ILE C 527 -23.01 -13.41 24.39
N SER C 528 -24.01 -13.13 23.55
CA SER C 528 -24.78 -11.90 23.67
C SER C 528 -26.22 -12.17 23.26
N VAL C 529 -27.08 -11.20 23.57
CA VAL C 529 -28.50 -11.26 23.24
C VAL C 529 -28.76 -10.37 22.04
N MET C 530 -29.62 -10.83 21.12
CA MET C 530 -29.90 -10.07 19.91
C MET C 530 -30.66 -8.78 20.24
N VAL C 531 -31.70 -8.88 21.08
CA VAL C 531 -32.48 -7.72 21.47
C VAL C 531 -31.74 -6.95 22.54
N SER C 532 -32.19 -5.72 22.81
CA SER C 532 -31.54 -4.90 23.82
C SER C 532 -31.92 -5.38 25.22
N ARG C 533 -31.14 -4.92 26.20
CA ARG C 533 -31.36 -5.30 27.60
C ARG C 533 -32.40 -4.35 28.20
N SER C 534 -33.65 -4.80 28.19
CA SER C 534 -34.76 -4.03 28.74
C SER C 534 -35.73 -4.83 29.58
N ASN C 535 -35.78 -6.16 29.43
CA ASN C 535 -36.66 -7.03 30.20
C ASN C 535 -38.14 -6.65 30.04
N GLY C 536 -38.48 -6.06 28.89
CA GLY C 536 -39.86 -5.68 28.61
C GLY C 536 -40.41 -4.64 29.55
N THR C 537 -39.54 -3.81 30.14
CA THR C 537 -40.00 -2.79 31.06
C THR C 537 -40.54 -1.57 30.31
N VAL C 538 -41.60 -0.99 30.86
CA VAL C 538 -42.23 0.19 30.26
C VAL C 538 -41.41 1.42 30.63
N SER C 539 -41.33 2.37 29.70
CA SER C 539 -40.59 3.59 29.95
C SER C 539 -41.27 4.41 31.06
N PRO C 540 -40.50 5.05 31.93
CA PRO C 540 -41.12 5.81 33.03
C PRO C 540 -41.77 7.09 32.52
N SER C 541 -42.45 7.77 33.42
CA SER C 541 -43.13 9.01 33.08
C SER C 541 -42.13 10.14 32.87
N ALA C 542 -42.46 11.05 31.96
CA ALA C 542 -41.62 12.20 31.65
C ALA C 542 -42.29 13.52 31.95
N PHE C 543 -43.37 13.53 32.74
CA PHE C 543 -44.06 14.76 33.08
C PHE C 543 -43.61 15.31 34.43
N LEU C 544 -43.47 14.44 35.43
CA LEU C 544 -43.02 14.84 36.76
C LEU C 544 -41.51 14.88 36.87
N GLU C 545 -40.79 14.53 35.80
CA GLU C 545 -39.33 14.53 35.80
C GLU C 545 -38.74 15.94 35.87
N PRO C 546 -39.22 16.91 35.07
CA PRO C 546 -38.68 18.27 35.20
C PRO C 546 -38.95 18.91 36.56
N PHE C 547 -39.98 18.45 37.28
CA PHE C 547 -40.27 19.01 38.59
C PHE C 547 -39.22 18.57 39.61
N SER C 548 -39.03 17.26 39.75
CA SER C 548 -38.06 16.69 40.68
C SER C 548 -38.31 17.16 42.12
N ALA C 549 -39.59 17.29 42.47
CA ALA C 549 -40.01 17.75 43.80
C ALA C 549 -39.39 19.09 44.16
N ASP C 550 -39.27 19.97 43.16
CA ASP C 550 -38.69 21.29 43.35
C ASP C 550 -39.61 22.41 42.87
N VAL C 551 -40.25 22.24 41.70
CA VAL C 551 -41.13 23.28 41.19
C VAL C 551 -42.38 23.41 42.05
N TRP C 552 -42.87 22.29 42.61
CA TRP C 552 -44.06 22.36 43.45
C TRP C 552 -43.74 22.95 44.81
N VAL C 553 -42.59 22.59 45.38
CA VAL C 553 -42.21 23.12 46.69
C VAL C 553 -41.89 24.61 46.58
N MET C 554 -41.03 24.98 45.63
CA MET C 554 -40.70 26.39 45.43
C MET C 554 -41.94 27.19 45.01
N MET C 555 -42.84 26.58 44.26
CA MET C 555 -44.09 27.25 43.91
C MET C 555 -44.97 27.46 45.14
N PHE C 556 -44.92 26.53 46.09
CA PHE C 556 -45.70 26.69 47.32
C PHE C 556 -45.10 27.78 48.20
N VAL C 557 -43.77 27.82 48.31
CA VAL C 557 -43.11 28.86 49.11
C VAL C 557 -43.37 30.22 48.49
N MET C 558 -43.19 30.33 47.17
CA MET C 558 -43.47 31.59 46.48
C MET C 558 -44.94 31.97 46.60
N LEU C 559 -45.83 30.97 46.66
CA LEU C 559 -47.24 31.26 46.91
C LEU C 559 -47.46 31.81 48.31
N LEU C 560 -46.68 31.33 49.28
CA LEU C 560 -46.85 31.79 50.66
C LEU C 560 -46.31 33.21 50.84
N ILE C 561 -45.12 33.48 50.32
CA ILE C 561 -44.53 34.81 50.50
C ILE C 561 -45.22 35.84 49.61
N VAL C 562 -45.62 35.43 48.40
CA VAL C 562 -46.34 36.34 47.52
C VAL C 562 -47.75 36.59 48.06
N SER C 563 -48.38 35.57 48.65
CA SER C 563 -49.69 35.76 49.24
C SER C 563 -49.61 36.65 50.48
N ALA C 564 -48.57 36.48 51.30
CA ALA C 564 -48.44 37.25 52.52
C ALA C 564 -48.09 38.71 52.22
N VAL C 565 -46.99 38.93 51.49
CA VAL C 565 -46.59 40.29 51.14
C VAL C 565 -47.67 40.95 50.29
N ALA C 566 -48.36 40.17 49.46
CA ALA C 566 -49.43 40.72 48.63
C ALA C 566 -50.70 41.01 49.42
N VAL C 567 -50.89 40.38 50.57
CA VAL C 567 -52.07 40.63 51.38
C VAL C 567 -51.82 41.67 52.48
N PHE C 568 -50.55 41.94 52.81
CA PHE C 568 -50.25 42.96 53.80
C PHE C 568 -49.75 44.25 53.13
N VAL C 569 -50.62 44.88 52.33
CA VAL C 569 -50.26 46.12 51.64
C VAL C 569 -51.52 46.89 51.29
N PHE C 570 -52.48 46.23 50.64
CA PHE C 570 -53.74 46.87 50.28
C PHE C 570 -54.98 46.08 50.67
N GLU C 571 -54.88 44.77 50.91
CA GLU C 571 -56.05 44.00 51.33
C GLU C 571 -56.38 44.19 52.80
N TYR C 572 -55.42 44.61 53.62
CA TYR C 572 -55.61 44.84 55.05
C TYR C 572 -55.40 46.32 55.31
N PHE C 573 -56.48 47.10 55.20
CA PHE C 573 -56.43 48.54 55.42
C PHE C 573 -57.05 48.97 56.74
N SER C 574 -58.09 48.26 57.20
CA SER C 574 -58.76 48.59 58.45
C SER C 574 -58.53 47.48 59.47
N PRO C 575 -58.32 47.83 60.74
CA PRO C 575 -58.12 46.81 61.78
C PRO C 575 -59.34 45.93 61.96
N VAL C 576 -59.30 44.71 61.42
CA VAL C 576 -60.42 43.78 61.53
C VAL C 576 -59.99 42.56 62.33
N GLY C 577 -60.85 41.55 62.39
CA GLY C 577 -60.58 40.33 63.13
C GLY C 577 -59.76 39.34 62.35
N TYR C 578 -59.95 38.06 62.69
CA TYR C 578 -59.22 36.99 62.02
C TYR C 578 -59.84 36.57 60.70
N ASN C 579 -61.18 36.66 60.58
CA ASN C 579 -61.85 36.29 59.36
C ASN C 579 -61.69 37.32 58.26
N GLY C 580 -61.13 38.49 58.56
CA GLY C 580 -60.93 39.53 57.57
C GLY C 580 -59.91 39.15 56.52
N PRO C 581 -58.64 39.07 56.92
CA PRO C 581 -57.59 38.69 55.96
C PRO C 581 -57.76 37.31 55.38
N SER C 582 -58.45 36.40 56.08
CA SER C 582 -58.64 35.05 55.56
C SER C 582 -59.52 35.06 54.31
N PHE C 583 -60.53 35.93 54.26
CA PHE C 583 -61.37 36.03 53.08
C PHE C 583 -60.58 36.56 51.89
N THR C 584 -59.61 37.45 52.12
CA THR C 584 -58.78 37.94 51.02
C THR C 584 -57.71 36.93 50.63
N ILE C 585 -57.30 36.06 51.55
CA ILE C 585 -56.33 35.01 51.22
C ILE C 585 -57.00 33.92 50.39
N GLY C 586 -58.21 33.50 50.78
CA GLY C 586 -58.89 32.46 50.04
C GLY C 586 -59.19 32.84 48.61
N LYS C 587 -59.51 34.11 48.37
CA LYS C 587 -59.73 34.59 47.01
C LYS C 587 -58.41 34.92 46.32
N ALA C 588 -57.39 35.30 47.08
CA ALA C 588 -56.10 35.65 46.48
C ALA C 588 -55.40 34.41 45.93
N ILE C 589 -55.45 33.30 46.65
CA ILE C 589 -54.80 32.08 46.18
C ILE C 589 -55.52 31.53 44.94
N TRP C 590 -56.84 31.69 44.87
CA TRP C 590 -57.57 31.24 43.69
C TRP C 590 -57.35 32.19 42.52
N LEU C 591 -57.13 33.47 42.79
CA LEU C 591 -56.81 34.40 41.71
C LEU C 591 -55.43 34.13 41.14
N LEU C 592 -54.44 33.92 42.01
CA LEU C 592 -53.10 33.59 41.54
C LEU C 592 -53.08 32.24 40.82
N TRP C 593 -53.81 31.25 41.35
CA TRP C 593 -53.92 29.97 40.66
C TRP C 593 -54.59 30.14 39.31
N GLY C 594 -55.56 31.06 39.21
CA GLY C 594 -56.18 31.33 37.93
C GLY C 594 -55.25 32.00 36.96
N LEU C 595 -54.33 32.83 37.46
CA LEU C 595 -53.37 33.51 36.58
C LEU C 595 -52.24 32.58 36.16
N VAL C 596 -51.90 31.59 36.97
CA VAL C 596 -50.80 30.69 36.62
C VAL C 596 -51.22 29.76 35.49
N PHE C 597 -52.39 29.11 35.63
CA PHE C 597 -52.86 28.15 34.63
C PHE C 597 -53.57 28.81 33.46
N ASN C 598 -53.03 29.93 32.96
CA ASN C 598 -53.54 30.62 31.78
C ASN C 598 -55.00 31.03 31.93
N ASN C 599 -55.23 32.16 32.60
CA ASN C 599 -56.57 32.74 32.74
C ASN C 599 -57.55 31.77 33.40
N SER C 600 -57.97 30.75 32.67
CA SER C 600 -58.92 29.75 33.15
C SER C 600 -60.23 30.41 33.60
N LEU C 601 -60.23 31.00 34.80
CA LEU C 601 -61.41 31.66 35.33
C LEU C 601 -61.07 33.10 35.66
N PRO C 602 -61.77 34.09 35.09
CA PRO C 602 -61.47 35.49 35.42
C PRO C 602 -61.78 35.86 36.86
N VAL C 603 -62.67 35.11 37.53
CA VAL C 603 -63.07 35.38 38.91
C VAL C 603 -63.48 36.85 38.79
N GLN C 604 -62.84 37.71 39.57
CA GLN C 604 -63.14 39.13 39.57
C GLN C 604 -61.88 39.99 39.51
N ASN C 605 -61.97 41.23 40.01
CA ASN C 605 -60.85 42.15 40.01
C ASN C 605 -61.06 43.18 41.10
N PRO C 606 -60.02 43.58 41.84
CA PRO C 606 -60.21 44.59 42.88
C PRO C 606 -60.37 46.00 42.33
N LYS C 607 -59.84 46.99 43.05
CA LYS C 607 -59.98 48.39 42.67
C LYS C 607 -58.65 49.12 42.58
N GLY C 608 -57.71 48.81 43.47
CA GLY C 608 -56.44 49.50 43.44
C GLY C 608 -55.62 49.19 42.21
N THR C 609 -54.92 50.20 41.70
CA THR C 609 -54.11 50.03 40.51
C THR C 609 -52.83 49.26 40.80
N THR C 610 -52.32 49.33 42.02
CA THR C 610 -51.11 48.58 42.38
C THR C 610 -51.38 47.08 42.32
N SER C 611 -52.59 46.66 42.72
CA SER C 611 -52.96 45.26 42.58
C SER C 611 -53.06 44.85 41.12
N LYS C 612 -53.48 45.77 40.25
CA LYS C 612 -53.52 45.48 38.82
C LYS C 612 -52.11 45.33 38.25
N ILE C 613 -51.18 46.18 38.70
CA ILE C 613 -49.79 46.05 38.28
C ILE C 613 -49.21 44.73 38.77
N MET C 614 -49.55 44.33 40.00
CA MET C 614 -49.10 43.05 40.52
C MET C 614 -49.68 41.89 39.73
N VAL C 615 -50.93 42.03 39.26
CA VAL C 615 -51.53 41.01 38.40
C VAL C 615 -50.80 40.96 37.06
N SER C 616 -50.35 42.13 36.57
CA SER C 616 -49.60 42.15 35.31
C SER C 616 -48.25 41.47 35.46
N VAL C 617 -47.54 41.75 36.55
CA VAL C 617 -46.23 41.13 36.76
C VAL C 617 -46.37 39.63 37.00
N TRP C 618 -47.35 39.24 37.81
CA TRP C 618 -47.58 37.81 38.05
C TRP C 618 -48.01 37.10 36.77
N ALA C 619 -48.73 37.79 35.89
CA ALA C 619 -49.07 37.20 34.59
C ALA C 619 -47.84 37.11 33.69
N PHE C 620 -46.92 38.06 33.79
CA PHE C 620 -45.67 37.95 33.05
C PHE C 620 -44.85 36.76 33.52
N PHE C 621 -44.75 36.56 34.84
CA PHE C 621 -44.08 35.38 35.35
C PHE C 621 -44.85 34.11 34.99
N ALA C 622 -46.17 34.22 34.78
CA ALA C 622 -46.96 33.05 34.41
C ALA C 622 -46.71 32.66 32.97
N VAL C 623 -46.61 33.62 32.07
CA VAL C 623 -46.36 33.29 30.67
C VAL C 623 -44.88 32.95 30.44
N ILE C 624 -43.98 33.50 31.25
CA ILE C 624 -42.58 33.11 31.16
C ILE C 624 -42.39 31.70 31.70
N PHE C 625 -43.02 31.39 32.84
CA PHE C 625 -42.96 30.04 33.38
C PHE C 625 -43.66 29.04 32.46
N LEU C 626 -44.71 29.47 31.76
CA LEU C 626 -45.38 28.58 30.82
C LEU C 626 -44.53 28.34 29.58
N ALA C 627 -43.88 29.39 29.08
CA ALA C 627 -43.01 29.23 27.92
C ALA C 627 -41.80 28.35 28.26
N SER C 628 -41.21 28.55 29.44
CA SER C 628 -40.09 27.71 29.85
C SER C 628 -40.55 26.30 30.19
N TYR C 629 -41.81 26.13 30.57
CA TYR C 629 -42.34 24.81 30.85
C TYR C 629 -42.60 24.02 29.57
N THR C 630 -43.17 24.67 28.56
CA THR C 630 -43.40 23.99 27.29
C THR C 630 -42.09 23.77 26.53
N ALA C 631 -41.18 24.74 26.59
CA ALA C 631 -39.90 24.59 25.92
C ALA C 631 -39.02 23.57 26.63
N ASN C 632 -39.08 23.52 27.96
CA ASN C 632 -38.28 22.55 28.71
C ASN C 632 -38.87 21.15 28.57
N LEU C 633 -40.20 21.03 28.58
CA LEU C 633 -40.84 19.74 28.43
C LEU C 633 -40.65 19.19 27.01
N ALA C 634 -40.77 20.06 26.01
CA ALA C 634 -40.54 19.63 24.63
C ALA C 634 -39.08 19.28 24.40
N ALA C 635 -38.16 20.12 24.87
CA ALA C 635 -36.74 19.83 24.72
C ALA C 635 -36.35 18.55 25.45
N PHE C 636 -36.99 18.27 26.59
CA PHE C 636 -36.74 17.00 27.27
C PHE C 636 -37.37 15.83 26.52
N MET C 637 -38.46 16.08 25.80
CA MET C 637 -39.10 15.02 25.02
C MET C 637 -38.27 14.67 23.79
N ILE C 638 -37.59 15.65 23.20
CA ILE C 638 -36.73 15.37 22.05
C ILE C 638 -35.56 14.50 22.46
N GLN C 639 -35.12 14.59 23.71
CA GLN C 639 -34.00 13.79 24.19
C GLN C 639 -34.35 12.31 24.21
N ARG C 640 -33.35 11.50 24.53
CA ARG C 640 -33.51 10.04 24.54
C ARG C 640 -34.41 9.63 25.69
N ARG C 641 -35.60 9.12 25.35
CA ARG C 641 -36.54 8.62 26.36
C ARG C 641 -37.02 7.21 26.05
N TYR C 642 -36.25 6.45 25.26
CA TYR C 642 -36.62 5.09 24.91
C TYR C 642 -36.28 4.15 26.06
N VAL C 643 -36.36 2.84 25.81
CA VAL C 643 -36.07 1.84 26.83
C VAL C 643 -34.59 1.89 27.19
N ASP C 644 -34.29 2.27 28.43
CA ASP C 644 -32.90 2.38 28.87
C ASP C 644 -32.40 1.04 29.38
N GLN C 645 -31.11 0.80 29.21
CA GLN C 645 -30.50 -0.43 29.69
C GLN C 645 -30.46 -0.45 31.21
N VAL C 646 -30.56 -1.66 31.76
CA VAL C 646 -30.55 -1.86 33.20
C VAL C 646 -29.21 -2.45 33.62
N SER C 647 -28.92 -2.35 34.91
CA SER C 647 -27.68 -2.86 35.49
C SER C 647 -27.84 -4.29 36.03
N GLY C 648 -28.51 -5.15 35.26
CA GLY C 648 -28.71 -6.52 35.70
C GLY C 648 -28.69 -7.51 34.55
N LEU C 649 -27.61 -8.28 34.45
CA LEU C 649 -27.50 -9.28 33.38
C LEU C 649 -28.41 -10.47 33.65
N SER C 650 -28.14 -11.20 34.75
CA SER C 650 -28.94 -12.36 35.12
C SER C 650 -30.13 -11.86 35.94
N ASP C 651 -31.27 -11.71 35.28
CA ASP C 651 -32.47 -11.22 35.93
C ASP C 651 -33.44 -12.38 36.09
N LYS C 652 -34.72 -12.08 36.31
CA LYS C 652 -35.72 -13.12 36.54
C LYS C 652 -35.87 -14.20 35.48
N LYS C 653 -35.46 -13.95 34.25
CA LYS C 653 -35.60 -14.94 33.19
C LYS C 653 -34.50 -16.00 33.20
N PHE C 654 -33.54 -15.90 34.11
CA PHE C 654 -32.46 -16.87 34.22
C PHE C 654 -32.65 -17.82 35.41
N GLN C 655 -33.83 -17.86 36.00
CA GLN C 655 -34.09 -18.74 37.14
C GLN C 655 -35.47 -19.37 37.04
N ARG C 656 -36.52 -18.58 37.27
CA ARG C 656 -37.87 -19.11 37.23
C ARG C 656 -38.56 -18.72 35.92
N PRO C 657 -39.17 -19.66 35.21
CA PRO C 657 -39.87 -19.30 33.97
C PRO C 657 -41.23 -18.66 34.20
N ASN C 658 -41.93 -19.02 35.27
CA ASN C 658 -43.25 -18.44 35.56
C ASN C 658 -43.09 -17.21 36.44
N ASP C 659 -43.01 -16.06 35.76
CA ASP C 659 -42.88 -14.78 36.44
C ASP C 659 -43.77 -13.88 35.59
N PHE C 660 -43.39 -13.67 34.34
CA PHE C 660 -44.14 -12.84 33.40
C PHE C 660 -45.35 -13.48 32.76
N SER C 661 -46.52 -12.87 32.96
CA SER C 661 -47.76 -13.47 32.46
C SER C 661 -47.80 -13.52 30.94
N PRO C 662 -47.49 -12.46 30.20
CA PRO C 662 -47.47 -12.59 28.73
C PRO C 662 -46.36 -13.52 28.27
N ALA C 663 -46.54 -14.04 27.06
CA ALA C 663 -45.57 -14.99 26.50
C ALA C 663 -44.27 -14.29 26.15
N PHE C 664 -43.15 -14.99 26.38
CA PHE C 664 -41.81 -14.46 26.08
C PHE C 664 -40.93 -15.65 25.70
N ARG C 665 -40.85 -15.93 24.41
CA ARG C 665 -40.08 -17.07 23.92
C ARG C 665 -38.62 -16.67 23.73
N PHE C 666 -37.72 -17.61 24.01
CA PHE C 666 -36.29 -17.38 23.86
C PHE C 666 -35.60 -18.72 23.65
N GLY C 667 -34.56 -18.71 22.82
CA GLY C 667 -33.83 -19.93 22.55
C GLY C 667 -32.57 -19.65 21.77
N THR C 668 -31.93 -20.73 21.33
CA THR C 668 -30.70 -20.64 20.57
C THR C 668 -30.59 -21.86 19.66
N VAL C 669 -29.50 -21.91 18.90
CA VAL C 669 -29.27 -23.04 17.99
C VAL C 669 -28.68 -24.20 18.79
N PRO C 670 -29.25 -25.39 18.72
CA PRO C 670 -28.71 -26.53 19.47
C PRO C 670 -27.39 -27.01 18.87
N ASN C 671 -26.71 -27.88 19.63
CA ASN C 671 -25.43 -28.46 19.24
C ASN C 671 -24.40 -27.36 18.98
N GLY C 672 -23.96 -26.74 20.07
CA GLY C 672 -22.98 -25.68 20.01
C GLY C 672 -22.38 -25.42 21.36
N SER C 673 -21.51 -24.40 21.41
CA SER C 673 -20.86 -24.04 22.67
C SER C 673 -21.80 -23.33 23.61
N THR C 674 -22.80 -22.62 23.08
CA THR C 674 -23.75 -21.92 23.94
C THR C 674 -24.67 -22.88 24.67
N GLU C 675 -25.05 -23.99 24.02
CA GLU C 675 -25.91 -24.96 24.67
C GLU C 675 -25.20 -25.65 25.83
N ARG C 676 -23.91 -25.95 25.67
CA ARG C 676 -23.16 -26.58 26.75
C ARG C 676 -22.78 -25.58 27.83
N ASN C 677 -22.50 -24.33 27.47
CA ASN C 677 -22.16 -23.32 28.46
C ASN C 677 -23.38 -22.97 29.32
N ILE C 678 -24.49 -22.62 28.67
CA ILE C 678 -25.71 -22.32 29.40
C ILE C 678 -26.22 -23.55 30.13
N ARG C 679 -26.05 -24.74 29.53
CA ARG C 679 -26.48 -25.97 30.17
C ARG C 679 -25.68 -26.24 31.44
N ASN C 680 -24.38 -25.96 31.42
CA ASN C 680 -23.55 -26.16 32.59
C ASN C 680 -23.62 -25.00 33.58
N ASN C 681 -24.20 -23.86 33.18
CA ASN C 681 -24.33 -22.71 34.07
C ASN C 681 -25.75 -22.47 34.55
N TYR C 682 -26.76 -22.79 33.74
CA TYR C 682 -28.16 -22.59 34.12
C TYR C 682 -28.96 -23.80 33.68
N LEU C 683 -29.31 -24.67 34.63
CA LEU C 683 -30.06 -25.87 34.30
C LEU C 683 -31.51 -25.54 33.97
N GLU C 684 -32.10 -24.56 34.67
CA GLU C 684 -33.48 -24.18 34.41
C GLU C 684 -33.63 -23.53 33.04
N MET C 685 -32.67 -22.66 32.67
CA MET C 685 -32.73 -22.01 31.36
C MET C 685 -32.54 -23.02 30.24
N HIS C 686 -31.76 -24.07 30.47
CA HIS C 686 -31.58 -25.11 29.46
C HIS C 686 -32.82 -25.98 29.35
N SER C 687 -33.36 -26.44 30.49
CA SER C 687 -34.55 -27.28 30.46
C SER C 687 -35.75 -26.54 29.88
N TYR C 688 -35.84 -25.23 30.12
CA TYR C 688 -36.90 -24.41 29.53
C TYR C 688 -36.52 -23.89 28.14
N MET C 689 -35.27 -24.11 27.72
CA MET C 689 -34.81 -23.60 26.43
C MET C 689 -34.80 -24.67 25.34
N VAL C 690 -34.72 -25.96 25.71
CA VAL C 690 -34.69 -27.03 24.72
C VAL C 690 -36.00 -27.10 23.94
N LYS C 691 -37.10 -26.60 24.50
CA LYS C 691 -38.37 -26.59 23.80
C LYS C 691 -38.49 -25.50 22.76
N PHE C 692 -37.54 -24.56 22.72
CA PHE C 692 -37.51 -23.50 21.72
C PHE C 692 -36.12 -23.51 21.08
N ASN C 693 -35.99 -24.22 19.97
CA ASN C 693 -34.72 -24.35 19.27
C ASN C 693 -34.83 -23.73 17.87
N GLN C 694 -33.69 -23.30 17.36
CA GLN C 694 -33.61 -22.69 16.03
C GLN C 694 -33.07 -23.71 15.03
N ARG C 695 -32.66 -23.25 13.86
CA ARG C 695 -32.12 -24.14 12.83
C ARG C 695 -31.00 -23.28 12.27
N SER C 696 -31.36 -22.19 11.58
CA SER C 696 -30.38 -21.30 10.97
C SER C 696 -30.47 -19.85 11.44
N VAL C 697 -29.92 -18.95 10.63
CA VAL C 697 -29.95 -17.52 10.95
C VAL C 697 -31.12 -16.82 10.26
N GLN C 698 -31.43 -17.21 9.02
CA GLN C 698 -32.55 -16.60 8.30
C GLN C 698 -33.88 -16.90 8.97
N ASP C 699 -34.02 -18.11 9.52
CA ASP C 699 -35.26 -18.45 10.24
C ASP C 699 -35.40 -17.63 11.51
N ALA C 700 -34.28 -17.36 12.19
CA ALA C 700 -34.33 -16.51 13.38
C ALA C 700 -34.63 -15.07 13.01
N LEU C 701 -34.10 -14.60 11.88
CA LEU C 701 -34.40 -13.24 11.44
C LEU C 701 -35.87 -13.11 11.04
N LEU C 702 -36.42 -14.13 10.39
CA LEU C 702 -37.84 -14.11 10.05
C LEU C 702 -38.72 -14.23 11.29
N SER C 703 -38.26 -14.95 12.30
CA SER C 703 -39.04 -15.08 13.53
C SER C 703 -39.03 -13.77 14.32
N LEU C 704 -37.88 -13.09 14.37
CA LEU C 704 -37.80 -11.82 15.08
C LEU C 704 -38.49 -10.70 14.30
N LYS C 705 -38.52 -10.81 12.97
CA LYS C 705 -39.15 -9.77 12.17
C LYS C 705 -40.68 -9.88 12.19
N SER C 706 -41.20 -11.11 12.16
CA SER C 706 -42.65 -11.29 12.17
C SER C 706 -43.23 -11.07 13.56
N GLY C 707 -42.65 -11.72 14.57
CA GLY C 707 -43.14 -11.58 15.93
C GLY C 707 -43.27 -12.91 16.64
N LYS C 708 -42.72 -13.97 16.05
CA LYS C 708 -42.80 -15.29 16.65
C LYS C 708 -41.83 -15.43 17.81
N LEU C 709 -40.58 -15.00 17.63
CA LEU C 709 -39.56 -15.09 18.66
C LEU C 709 -39.36 -13.73 19.32
N ASP C 710 -39.16 -13.73 20.63
CA ASP C 710 -38.94 -12.51 21.40
C ASP C 710 -37.46 -12.23 21.62
N ALA C 711 -36.78 -13.09 22.35
CA ALA C 711 -35.36 -12.94 22.65
C ALA C 711 -34.55 -13.97 21.87
N PHE C 712 -33.31 -13.60 21.55
CA PHE C 712 -32.41 -14.46 20.79
C PHE C 712 -31.00 -14.27 21.32
N ILE C 713 -30.39 -15.35 21.80
CA ILE C 713 -29.06 -15.32 22.39
C ILE C 713 -28.15 -16.17 21.51
N TYR C 714 -27.04 -15.58 21.06
CA TYR C 714 -26.11 -16.29 20.20
C TYR C 714 -24.74 -15.61 20.32
N ASP C 715 -23.85 -15.87 19.37
CA ASP C 715 -22.51 -15.33 19.40
C ASP C 715 -22.54 -13.82 19.13
N ALA C 716 -21.49 -13.13 19.60
CA ALA C 716 -21.42 -11.69 19.43
C ALA C 716 -21.14 -11.30 17.98
N ALA C 717 -20.31 -12.08 17.29
CA ALA C 717 -19.99 -11.76 15.91
C ALA C 717 -21.19 -11.96 14.99
N VAL C 718 -21.91 -13.06 15.16
CA VAL C 718 -23.10 -13.32 14.35
C VAL C 718 -24.18 -12.27 14.64
N LEU C 719 -24.19 -11.72 15.85
CA LEU C 719 -25.14 -10.66 16.18
C LEU C 719 -24.70 -9.31 15.63
N ASN C 720 -23.39 -9.08 15.51
CA ASN C 720 -22.91 -7.84 14.93
C ASN C 720 -23.10 -7.82 13.42
N TYR C 721 -22.87 -8.96 12.75
CA TYR C 721 -23.10 -9.03 11.32
C TYR C 721 -24.58 -9.12 10.99
N MET C 722 -25.34 -9.87 11.79
CA MET C 722 -26.78 -9.99 11.56
C MET C 722 -27.49 -8.67 11.83
N ALA C 723 -27.22 -8.06 12.99
CA ALA C 723 -27.82 -6.77 13.29
C ALA C 723 -27.24 -5.65 12.43
N GLY C 724 -26.02 -5.83 11.94
CA GLY C 724 -25.41 -4.83 11.08
C GLY C 724 -25.99 -4.83 9.68
N ARG C 725 -26.24 -6.02 9.13
CA ARG C 725 -26.82 -6.17 7.80
C ARG C 725 -28.34 -6.14 7.83
N ASP C 726 -28.93 -5.26 8.64
CA ASP C 726 -30.38 -5.18 8.74
C ASP C 726 -30.95 -4.35 7.59
N GLU C 727 -32.23 -4.58 7.30
CA GLU C 727 -32.91 -3.88 6.21
C GLU C 727 -33.60 -2.60 6.66
N GLY C 728 -33.81 -2.43 7.96
CA GLY C 728 -34.48 -1.24 8.46
C GLY C 728 -33.81 -0.64 9.68
N CYS C 729 -32.80 -1.33 10.21
CA CYS C 729 -32.05 -0.88 11.38
C CYS C 729 -32.99 -0.66 12.57
N LYS C 730 -33.84 -1.65 12.84
CA LYS C 730 -34.80 -1.58 13.94
C LYS C 730 -34.20 -2.14 15.23
N LEU C 731 -33.97 -3.45 15.25
CA LEU C 731 -33.42 -4.08 16.44
C LEU C 731 -31.93 -3.75 16.60
N VAL C 732 -31.48 -3.72 17.84
CA VAL C 732 -30.10 -3.42 18.18
C VAL C 732 -29.65 -4.33 19.31
N THR C 733 -28.34 -4.56 19.38
CA THR C 733 -27.78 -5.42 20.40
C THR C 733 -27.82 -4.74 21.76
N ILE C 734 -27.35 -5.44 22.79
CA ILE C 734 -27.36 -4.91 24.15
C ILE C 734 -26.29 -3.82 24.26
N GLY C 735 -26.71 -2.61 24.60
CA GLY C 735 -25.76 -1.52 24.74
C GLY C 735 -25.17 -1.14 23.40
N SER C 736 -23.84 -1.11 23.33
CA SER C 736 -23.14 -0.78 22.09
C SER C 736 -21.88 -1.62 21.88
N GLY C 737 -21.66 -2.65 22.70
CA GLY C 737 -20.48 -3.47 22.56
C GLY C 737 -20.04 -4.11 23.86
N LYS C 738 -20.83 -3.89 24.92
CA LYS C 738 -20.52 -4.44 26.24
C LYS C 738 -21.20 -5.81 26.35
N VAL C 739 -20.42 -6.86 26.13
CA VAL C 739 -20.92 -8.23 26.21
C VAL C 739 -20.15 -8.97 27.29
N PHE C 740 -20.72 -10.10 27.71
CA PHE C 740 -20.13 -10.94 28.74
C PHE C 740 -19.42 -12.13 28.10
N ALA C 741 -18.62 -12.83 28.92
CA ALA C 741 -17.85 -13.99 28.50
C ALA C 741 -16.97 -13.65 27.30
N THR C 742 -15.87 -12.94 27.55
CA THR C 742 -14.97 -12.55 26.47
C THR C 742 -14.19 -13.75 25.95
N THR C 743 -14.20 -13.92 24.63
CA THR C 743 -13.48 -15.02 23.99
C THR C 743 -13.01 -14.53 22.62
N GLY C 744 -12.75 -15.46 21.72
CA GLY C 744 -12.30 -15.10 20.39
C GLY C 744 -12.16 -16.34 19.53
N TYR C 745 -12.15 -16.10 18.22
CA TYR C 745 -12.03 -17.18 17.24
C TYR C 745 -10.54 -17.48 17.00
N GLY C 746 -10.14 -18.72 17.26
CA GLY C 746 -8.76 -19.12 17.06
C GLY C 746 -8.63 -20.31 16.13
N ILE C 747 -7.47 -20.96 16.15
CA ILE C 747 -7.19 -22.11 15.31
C ILE C 747 -6.90 -23.32 16.21
N ALA C 748 -6.80 -24.48 15.58
CA ALA C 748 -6.52 -25.72 16.28
C ALA C 748 -5.55 -26.55 15.45
N ILE C 749 -4.49 -27.05 16.10
CA ILE C 749 -3.47 -27.86 15.44
C ILE C 749 -3.47 -29.25 16.06
N GLN C 750 -2.76 -30.16 15.41
CA GLN C 750 -2.66 -31.53 15.89
C GLN C 750 -1.63 -31.77 17.00
N LYS C 751 -0.35 -31.67 16.67
CA LYS C 751 0.73 -31.87 17.61
C LYS C 751 1.68 -30.68 17.46
N ASP C 752 2.08 -30.10 18.59
CA ASP C 752 2.98 -28.96 18.58
C ASP C 752 4.39 -29.37 18.16
N SER C 753 4.65 -29.33 16.85
CA SER C 753 5.97 -29.71 16.34
C SER C 753 6.44 -28.88 15.17
N GLY C 754 5.56 -28.12 14.50
CA GLY C 754 5.98 -27.31 13.37
C GLY C 754 6.28 -25.87 13.74
N TRP C 755 5.65 -24.93 13.04
CA TRP C 755 5.86 -23.52 13.30
C TRP C 755 5.19 -23.11 14.60
N LYS C 756 3.86 -23.11 14.62
CA LYS C 756 3.06 -22.80 15.80
C LYS C 756 3.40 -21.41 16.36
N ARG C 757 4.50 -21.31 17.10
CA ARG C 757 4.87 -20.06 17.75
C ARG C 757 4.99 -18.93 16.74
N GLN C 758 5.76 -19.15 15.68
CA GLN C 758 5.90 -18.13 14.62
C GLN C 758 4.53 -17.79 14.04
N VAL C 759 3.64 -18.78 13.93
CA VAL C 759 2.29 -18.51 13.46
C VAL C 759 1.62 -17.45 14.32
N ASP C 760 1.76 -17.58 15.64
CA ASP C 760 1.27 -16.55 16.55
C ASP C 760 1.91 -15.20 16.24
N LEU C 761 3.22 -15.20 15.99
CA LEU C 761 3.89 -13.96 15.57
C LEU C 761 3.29 -13.41 14.30
N ALA C 762 2.83 -14.28 13.40
CA ALA C 762 2.13 -13.82 12.21
C ALA C 762 0.91 -12.98 12.59
N ILE C 763 0.15 -13.43 13.59
CA ILE C 763 -0.95 -12.62 14.10
C ILE C 763 -0.41 -11.30 14.65
N LEU C 764 0.71 -11.36 15.38
CA LEU C 764 1.35 -10.14 15.87
C LEU C 764 1.82 -9.26 14.73
N GLN C 765 1.99 -9.82 13.52
CA GLN C 765 2.32 -8.99 12.36
C GLN C 765 1.09 -8.26 11.84
N LEU C 766 -0.09 -8.83 12.00
CA LEU C 766 -1.32 -8.19 11.51
C LEU C 766 -1.52 -6.84 12.19
N PHE C 767 -1.43 -6.81 13.53
CA PHE C 767 -1.53 -5.55 14.25
C PHE C 767 -0.42 -4.59 13.88
N GLY C 768 0.67 -5.09 13.32
CA GLY C 768 1.75 -4.25 12.84
C GLY C 768 1.61 -3.78 11.41
N ASP C 769 0.53 -4.18 10.73
CA ASP C 769 0.31 -3.78 9.35
C ASP C 769 -1.00 -3.03 9.13
N GLY C 770 -1.84 -2.89 10.15
CA GLY C 770 -3.09 -2.17 9.99
C GLY C 770 -4.13 -2.90 9.19
N GLU C 771 -4.01 -4.23 9.04
CA GLU C 771 -4.98 -4.99 8.28
C GLU C 771 -6.29 -5.21 9.03
N MET C 772 -6.26 -5.05 10.36
CA MET C 772 -7.49 -5.24 11.14
C MET C 772 -8.50 -4.14 10.86
N GLU C 773 -8.04 -2.93 10.54
CA GLU C 773 -8.97 -1.84 10.24
C GLU C 773 -9.55 -1.98 8.84
N GLU C 774 -8.72 -2.37 7.86
CA GLU C 774 -9.21 -2.54 6.50
C GLU C 774 -10.14 -3.74 6.39
N LEU C 775 -9.72 -4.88 6.93
CA LEU C 775 -10.57 -6.07 6.90
C LEU C 775 -11.77 -5.92 7.82
N GLU C 776 -11.65 -5.14 8.89
CA GLU C 776 -12.78 -4.89 9.78
C GLU C 776 -13.81 -4.00 9.11
N ALA C 777 -13.35 -2.97 8.38
CA ALA C 777 -14.25 -2.10 7.65
C ALA C 777 -14.61 -2.63 6.27
N LEU C 778 -14.12 -3.82 5.90
CA LEU C 778 -14.41 -4.42 4.61
C LEU C 778 -15.28 -5.66 4.72
N TRP C 779 -14.94 -6.59 5.60
CA TRP C 779 -15.69 -7.82 5.79
C TRP C 779 -16.53 -7.82 7.06
N LEU C 780 -16.01 -7.29 8.16
CA LEU C 780 -16.73 -7.25 9.42
C LEU C 780 -17.72 -6.09 9.50
N THR C 781 -17.78 -5.23 8.49
CA THR C 781 -18.70 -4.11 8.50
C THR C 781 -20.12 -4.59 8.17
N GLY C 782 -21.05 -3.64 8.20
CA GLY C 782 -22.44 -3.90 7.93
C GLY C 782 -23.10 -2.72 7.23
N ILE C 783 -24.37 -2.50 7.58
CA ILE C 783 -25.16 -1.41 7.02
C ILE C 783 -25.57 -0.40 8.08
N CYS C 784 -26.05 -0.87 9.24
CA CYS C 784 -26.50 0.02 10.31
C CYS C 784 -25.30 0.40 11.18
N HIS C 785 -24.50 1.32 10.66
CA HIS C 785 -23.31 1.83 11.34
C HIS C 785 -23.36 3.35 11.36
N ASN C 786 -24.48 3.90 11.87
CA ASN C 786 -24.68 5.34 11.99
C ASN C 786 -24.89 5.68 13.46
N GLU C 787 -23.81 5.49 14.24
CA GLU C 787 -23.78 5.68 15.69
C GLU C 787 -25.09 5.35 16.38
N LYS C 788 -25.37 4.06 16.56
CA LYS C 788 -26.60 3.62 17.19
C LYS C 788 -26.58 3.92 18.69
N ASN C 789 -27.07 5.09 19.08
CA ASN C 789 -27.11 5.50 20.47
C ASN C 789 -28.44 6.08 20.92
N GLU C 790 -29.25 6.61 20.01
CA GLU C 790 -30.55 7.19 20.34
C GLU C 790 -31.65 6.50 19.53
N VAL C 791 -32.79 6.27 20.19
CA VAL C 791 -33.94 5.62 19.56
C VAL C 791 -35.15 6.51 19.78
N MET C 792 -35.81 6.89 18.70
CA MET C 792 -37.00 7.73 18.77
C MET C 792 -38.03 7.21 17.77
N SER C 793 -39.31 7.40 18.12
CA SER C 793 -40.40 6.94 17.27
C SER C 793 -41.67 7.73 17.54
N SER C 794 -42.74 7.04 17.92
CA SER C 794 -44.01 7.70 18.19
C SER C 794 -44.11 7.62 19.72
N GLN C 795 -45.32 7.84 20.25
CA GLN C 795 -45.56 7.82 21.68
C GLN C 795 -46.13 6.55 22.30
N LEU C 796 -45.49 6.07 23.36
CA LEU C 796 -45.86 4.80 23.97
C LEU C 796 -47.12 4.92 24.83
N ASP C 797 -47.50 3.81 25.46
CA ASP C 797 -48.67 3.77 26.32
C ASP C 797 -48.73 4.98 27.22
N ILE C 798 -49.76 5.80 27.06
CA ILE C 798 -49.93 7.01 27.84
C ILE C 798 -49.84 6.12 29.08
N ASP C 799 -48.72 6.21 29.80
CA ASP C 799 -48.55 5.41 31.00
C ASP C 799 -48.23 6.65 31.82
N ASN C 800 -47.63 7.67 31.21
CA ASN C 800 -47.34 8.90 31.93
C ASN C 800 -48.63 9.65 32.29
N MET C 801 -49.52 9.81 31.31
CA MET C 801 -50.81 10.44 31.59
C MET C 801 -51.65 9.60 32.52
N ALA C 802 -51.45 8.27 32.51
CA ALA C 802 -52.11 7.42 33.49
C ALA C 802 -51.56 7.65 34.89
N GLY C 803 -50.26 7.94 35.00
CA GLY C 803 -49.71 8.29 36.30
C GLY C 803 -50.18 9.64 36.80
N VAL C 804 -50.29 10.61 35.89
CA VAL C 804 -50.84 11.91 36.26
C VAL C 804 -52.30 11.75 36.67
N PHE C 805 -53.03 10.85 36.01
CA PHE C 805 -54.40 10.54 36.42
C PHE C 805 -54.43 9.87 37.78
N TYR C 806 -53.40 9.07 38.11
CA TYR C 806 -53.30 8.49 39.44
C TYR C 806 -53.06 9.57 40.49
N MET C 807 -52.24 10.57 40.17
CA MET C 807 -52.07 11.70 41.07
C MET C 807 -53.37 12.48 41.22
N LEU C 808 -54.14 12.59 40.14
CA LEU C 808 -55.46 13.23 40.23
C LEU C 808 -56.40 12.43 41.11
N ALA C 809 -56.28 11.10 41.09
CA ALA C 809 -57.08 10.27 42.00
C ALA C 809 -56.63 10.43 43.44
N ALA C 810 -55.32 10.61 43.66
CA ALA C 810 -54.84 10.88 45.01
C ALA C 810 -55.35 12.22 45.52
N ALA C 811 -55.36 13.24 44.67
CA ALA C 811 -55.95 14.52 45.07
C ALA C 811 -57.45 14.41 45.26
N MET C 812 -58.10 13.49 44.53
CA MET C 812 -59.52 13.26 44.74
C MET C 812 -59.79 12.62 46.09
N ALA C 813 -58.94 11.67 46.50
CA ALA C 813 -59.07 11.07 47.82
C ALA C 813 -58.75 12.08 48.92
N LEU C 814 -57.78 12.96 48.68
CA LEU C 814 -57.48 14.00 49.64
C LEU C 814 -58.64 14.98 49.78
N SER C 815 -59.30 15.30 48.66
CA SER C 815 -60.48 16.15 48.72
C SER C 815 -61.65 15.43 49.39
N LEU C 816 -61.70 14.10 49.29
CA LEU C 816 -62.74 13.34 49.98
C LEU C 816 -62.53 13.34 51.48
N ILE C 817 -61.29 13.11 51.92
CA ILE C 817 -60.98 13.18 53.35
C ILE C 817 -61.20 14.60 53.88
N THR C 818 -60.86 15.60 53.06
CA THR C 818 -61.15 16.98 53.44
C THR C 818 -62.64 17.22 53.57
N PHE C 819 -63.43 16.59 52.69
CA PHE C 819 -64.88 16.70 52.80
C PHE C 819 -65.40 16.01 54.05
N ILE C 820 -64.76 14.91 54.46
CA ILE C 820 -65.16 14.25 55.70
C ILE C 820 -64.83 15.13 56.91
N MET C 821 -63.65 15.74 56.90
CA MET C 821 -63.29 16.64 57.99
C MET C 821 -64.19 17.88 58.02
N GLU C 822 -64.67 18.32 56.86
CA GLU C 822 -65.57 19.47 56.83
C GLU C 822 -66.96 19.07 57.31
N HIS C 823 -67.40 17.85 56.99
CA HIS C 823 -68.71 17.38 57.43
C HIS C 823 -68.72 17.04 58.92
N LEU C 824 -67.57 16.65 59.49
CA LEU C 824 -67.53 16.32 60.91
C LEU C 824 -67.74 17.56 61.78
N PHE C 825 -67.20 18.70 61.35
CA PHE C 825 -67.35 19.94 62.11
C PHE C 825 -68.78 20.47 62.01
N PRO D 28 70.75 12.76 29.38
CA PRO D 28 71.25 11.54 28.73
C PRO D 28 70.94 11.49 27.24
N ASN D 29 71.82 10.87 26.47
CA ASN D 29 71.65 10.75 25.02
C ASN D 29 71.00 9.40 24.71
N MET D 30 69.72 9.43 24.37
CA MET D 30 68.98 8.22 24.01
C MET D 30 69.03 7.99 22.51
N ASP D 31 69.24 6.74 22.12
CA ASP D 31 69.33 6.39 20.71
C ASP D 31 67.94 6.19 20.11
N ILE D 32 67.69 6.83 18.97
CA ILE D 32 66.43 6.69 18.25
C ILE D 32 66.76 6.32 16.81
N ALA D 33 66.51 5.07 16.45
CA ALA D 33 66.82 4.58 15.11
C ALA D 33 65.60 4.72 14.20
N VAL D 34 65.85 5.07 12.95
CA VAL D 34 64.81 5.24 11.94
C VAL D 34 65.08 4.26 10.82
N ILE D 35 64.26 3.22 10.73
CA ILE D 35 64.42 2.19 9.71
C ILE D 35 63.70 2.65 8.45
N LEU D 36 64.43 2.71 7.34
CA LEU D 36 63.90 3.13 6.05
C LEU D 36 64.07 2.00 5.05
N VAL D 37 62.95 1.53 4.50
CA VAL D 37 62.95 0.44 3.53
C VAL D 37 62.41 0.99 2.21
N GLY D 38 63.16 0.79 1.15
CA GLY D 38 62.75 1.25 -0.17
C GLY D 38 63.95 1.72 -0.97
N THR D 39 63.68 2.03 -2.24
CA THR D 39 64.70 2.49 -3.16
C THR D 39 64.89 4.00 -3.13
N THR D 40 64.23 4.70 -2.21
CA THR D 40 64.38 6.14 -2.12
C THR D 40 65.72 6.50 -1.49
N GLU D 41 66.41 7.48 -2.08
CA GLU D 41 67.71 7.90 -1.58
C GLU D 41 67.54 8.56 -0.22
N GLU D 42 68.23 8.04 0.79
CA GLU D 42 68.16 8.54 2.15
C GLU D 42 69.13 9.69 2.42
N VAL D 43 69.92 10.08 1.43
CA VAL D 43 70.88 11.17 1.63
C VAL D 43 70.14 12.48 1.88
N ALA D 44 69.11 12.77 1.08
CA ALA D 44 68.30 13.96 1.26
C ALA D 44 67.20 13.78 2.32
N ILE D 45 67.22 12.65 3.04
CA ILE D 45 66.22 12.36 4.06
C ILE D 45 66.82 12.43 5.47
N LYS D 46 68.00 11.83 5.65
CA LYS D 46 68.64 11.85 6.97
C LYS D 46 69.16 13.22 7.35
N ASP D 47 69.34 14.12 6.38
CA ASP D 47 69.82 15.46 6.67
C ASP D 47 68.72 16.30 7.32
N VAL D 48 68.65 16.27 8.65
CA VAL D 48 67.66 17.02 9.41
C VAL D 48 68.37 18.08 10.24
N HIS D 49 67.85 19.30 10.23
CA HIS D 49 68.43 20.41 10.97
C HIS D 49 67.57 20.81 12.17
N GLU D 50 66.69 19.91 12.63
CA GLU D 50 65.82 20.18 13.76
C GLU D 50 66.38 19.62 15.07
N LYS D 51 67.70 19.54 15.19
CA LYS D 51 68.36 19.03 16.38
C LYS D 51 69.23 20.12 17.00
N ASP D 52 70.11 19.71 17.91
CA ASP D 52 71.03 20.62 18.59
C ASP D 52 70.29 21.73 19.33
N ASP D 53 69.80 22.72 18.57
CA ASP D 53 69.10 23.85 19.19
C ASP D 53 67.74 23.45 19.75
N PHE D 54 67.15 22.37 19.26
CA PHE D 54 65.84 21.91 19.70
C PHE D 54 65.96 20.82 20.76
N HIS D 55 66.79 21.05 21.77
CA HIS D 55 67.01 20.09 22.86
C HIS D 55 66.81 20.80 24.20
N HIS D 56 65.61 21.34 24.40
CA HIS D 56 65.30 22.01 25.65
C HIS D 56 65.06 21.02 26.79
N LEU D 57 64.64 19.81 26.48
CA LEU D 57 64.41 18.80 27.50
C LEU D 57 65.74 18.32 28.08
N PRO D 58 65.75 17.88 29.33
CA PRO D 58 67.00 17.37 29.92
C PRO D 58 67.56 16.15 29.19
N VAL D 59 66.70 15.31 28.63
CA VAL D 59 67.15 14.14 27.88
C VAL D 59 67.48 14.57 26.45
N THR D 60 68.60 14.09 25.93
CA THR D 60 69.05 14.45 24.59
C THR D 60 69.01 13.23 23.69
N PRO D 61 68.14 13.18 22.70
CA PRO D 61 68.11 12.04 21.78
C PRO D 61 69.11 12.21 20.65
N ARG D 62 69.29 11.15 19.88
CA ARG D 62 70.18 11.14 18.73
C ARG D 62 69.59 10.25 17.65
N VAL D 63 69.65 10.72 16.41
CA VAL D 63 69.05 10.03 15.27
C VAL D 63 70.04 9.01 14.73
N GLU D 64 69.55 7.82 14.39
CA GLU D 64 70.34 6.76 13.78
C GLU D 64 69.48 6.10 12.71
N LEU D 65 69.57 6.62 11.49
CA LEU D 65 68.77 6.12 10.38
C LEU D 65 69.52 5.02 9.64
N VAL D 66 68.80 3.95 9.31
CA VAL D 66 69.34 2.82 8.57
C VAL D 66 68.50 2.59 7.33
N THR D 67 69.09 1.93 6.34
CA THR D 67 68.44 1.63 5.08
C THR D 67 68.26 0.14 4.93
N MET D 68 67.33 -0.24 4.03
CA MET D 68 67.05 -1.63 3.76
C MET D 68 66.43 -1.75 2.38
N GLN D 69 66.91 -2.73 1.61
CA GLN D 69 66.43 -2.95 0.24
C GLN D 69 65.36 -4.04 0.17
N GLU D 70 65.56 -5.16 0.85
CA GLU D 70 64.61 -6.25 0.82
C GLU D 70 63.44 -5.97 1.77
N SER D 71 62.43 -6.84 1.70
CA SER D 71 61.24 -6.72 2.53
C SER D 71 60.90 -8.04 3.21
N ASP D 72 61.90 -8.90 3.40
CA ASP D 72 61.68 -10.18 4.05
C ASP D 72 61.72 -10.04 5.57
N PRO D 73 60.95 -10.85 6.30
CA PRO D 73 60.96 -10.72 7.76
C PRO D 73 62.27 -11.14 8.41
N LYS D 74 63.04 -12.02 7.76
CA LYS D 74 64.31 -12.44 8.32
C LYS D 74 65.29 -11.28 8.40
N SER D 75 65.34 -10.44 7.36
CA SER D 75 66.21 -9.27 7.40
C SER D 75 65.71 -8.22 8.37
N ILE D 76 64.38 -8.11 8.55
CA ILE D 76 63.83 -7.14 9.49
C ILE D 76 64.18 -7.54 10.92
N ILE D 77 63.89 -8.79 11.30
CA ILE D 77 64.22 -9.26 12.63
C ILE D 77 65.73 -9.27 12.84
N THR D 78 66.49 -9.55 11.77
CA THR D 78 67.95 -9.53 11.88
C THR D 78 68.47 -8.14 12.18
N ARG D 79 67.94 -7.11 11.49
CA ARG D 79 68.37 -5.75 11.75
C ARG D 79 67.84 -5.23 13.08
N ILE D 80 66.73 -5.79 13.56
CA ILE D 80 66.19 -5.37 14.85
C ILE D 80 67.04 -5.94 15.99
N CYS D 81 67.45 -7.21 15.86
CA CYS D 81 68.27 -7.82 16.90
C CYS D 81 69.70 -7.30 16.86
N ASP D 82 70.29 -7.23 15.67
CA ASP D 82 71.66 -6.73 15.57
C ASP D 82 71.72 -5.24 15.89
N LEU D 83 70.74 -4.47 15.44
CA LEU D 83 70.70 -3.05 15.76
C LEU D 83 70.39 -2.82 17.24
N MET D 84 69.62 -3.71 17.85
CA MET D 84 69.30 -3.57 19.27
C MET D 84 70.51 -3.89 20.14
N SER D 85 71.19 -5.01 19.85
CA SER D 85 72.37 -5.37 20.61
C SER D 85 73.56 -4.47 20.29
N ASP D 86 73.59 -3.84 19.12
CA ASP D 86 74.69 -2.96 18.78
C ASP D 86 74.53 -1.58 19.43
N LYS D 87 73.36 -0.97 19.28
CA LYS D 87 73.07 0.34 19.86
C LYS D 87 71.84 0.24 20.73
N LYS D 88 71.96 0.71 21.98
CA LYS D 88 70.84 0.67 22.94
C LYS D 88 69.83 1.74 22.54
N VAL D 89 68.92 1.35 21.63
CA VAL D 89 67.89 2.26 21.16
C VAL D 89 66.67 2.19 22.08
N GLN D 90 65.84 3.23 22.01
CA GLN D 90 64.62 3.31 22.81
C GLN D 90 63.37 3.48 21.96
N GLY D 91 63.42 4.32 20.93
CA GLY D 91 62.27 4.53 20.07
C GLY D 91 62.51 4.04 18.66
N VAL D 92 61.77 3.01 18.25
CA VAL D 92 61.90 2.41 16.92
C VAL D 92 60.81 2.99 16.04
N VAL D 93 61.22 3.68 14.97
CA VAL D 93 60.31 4.28 14.00
C VAL D 93 60.50 3.54 12.68
N PHE D 94 59.60 2.60 12.39
CA PHE D 94 59.69 1.80 11.17
C PHE D 94 58.88 2.47 10.06
N GLY D 95 59.49 2.61 8.90
CA GLY D 95 58.83 3.22 7.76
C GLY D 95 59.28 2.64 6.43
N ASP D 96 58.34 2.44 5.52
CA ASP D 96 58.65 1.86 4.21
C ASP D 96 57.67 2.45 3.19
N ASP D 97 57.46 1.73 2.08
CA ASP D 97 56.54 2.20 1.06
C ASP D 97 55.86 1.05 0.32
N THR D 98 55.81 -0.15 0.88
CA THR D 98 55.19 -1.29 0.23
C THR D 98 53.68 -1.27 0.48
N ASP D 99 52.99 -2.36 0.14
CA ASP D 99 51.55 -2.47 0.31
C ASP D 99 51.20 -3.84 0.89
N GLN D 100 51.88 -4.21 1.97
CA GLN D 100 51.64 -5.47 2.64
C GLN D 100 51.38 -5.20 4.13
N GLU D 101 50.30 -5.78 4.65
CA GLU D 101 49.92 -5.58 6.04
C GLU D 101 50.43 -6.68 6.97
N ALA D 102 50.63 -7.88 6.44
CA ALA D 102 51.10 -8.99 7.30
C ALA D 102 52.43 -8.66 7.94
N ILE D 103 53.34 -8.04 7.19
CA ILE D 103 54.62 -7.61 7.76
C ILE D 103 54.39 -6.68 8.95
N ALA D 104 53.39 -5.80 8.84
CA ALA D 104 53.05 -4.94 9.96
C ALA D 104 52.68 -5.76 11.18
N GLN D 105 51.92 -6.84 10.99
CA GLN D 105 51.61 -7.73 12.10
C GLN D 105 52.88 -8.32 12.69
N ILE D 106 53.86 -8.63 11.83
CA ILE D 106 55.15 -9.12 12.31
C ILE D 106 55.78 -8.08 13.24
N LEU D 107 55.61 -6.79 12.92
CA LEU D 107 56.09 -5.74 13.81
C LEU D 107 55.49 -5.88 15.19
N ASP D 108 54.20 -6.19 15.27
CA ASP D 108 53.57 -6.44 16.56
C ASP D 108 54.26 -7.59 17.28
N PHE D 109 54.64 -8.63 16.55
CA PHE D 109 55.41 -9.73 17.15
C PHE D 109 56.71 -9.21 17.75
N ILE D 110 57.34 -8.24 17.10
CA ILE D 110 58.54 -7.63 17.66
C ILE D 110 58.25 -7.03 19.02
N SER D 111 57.08 -6.40 19.17
CA SER D 111 56.69 -5.88 20.47
C SER D 111 56.61 -6.98 21.51
N VAL D 112 56.14 -8.17 21.10
CA VAL D 112 56.06 -9.30 22.03
C VAL D 112 57.44 -9.65 22.57
N GLN D 113 58.49 -9.33 21.81
CA GLN D 113 59.86 -9.56 22.25
C GLN D 113 60.55 -8.27 22.70
N THR D 114 59.90 -7.11 22.54
CA THR D 114 60.53 -5.85 22.89
C THR D 114 59.64 -4.89 23.69
N LEU D 115 58.33 -4.85 23.45
CA LEU D 115 57.42 -3.91 24.10
C LEU D 115 57.87 -2.47 23.86
N THR D 116 58.36 -2.20 22.65
CA THR D 116 58.87 -0.88 22.27
C THR D 116 57.79 -0.10 21.54
N PRO D 117 57.52 1.15 21.93
CA PRO D 117 56.50 1.95 21.23
C PRO D 117 56.85 2.19 19.77
N ILE D 118 56.35 1.34 18.88
CA ILE D 118 56.60 1.47 17.45
C ILE D 118 55.55 2.38 16.85
N LEU D 119 55.99 3.40 16.12
CA LEU D 119 55.11 4.37 15.49
C LEU D 119 55.06 4.14 13.99
N GLY D 120 53.86 4.21 13.43
CA GLY D 120 53.68 4.04 12.00
C GLY D 120 53.55 5.39 11.30
N ILE D 121 54.34 5.56 10.24
CA ILE D 121 54.38 6.81 9.47
C ILE D 121 53.77 6.63 8.09
N HIS D 122 54.35 5.75 7.27
CA HIS D 122 53.87 5.54 5.91
C HIS D 122 54.41 4.21 5.41
N GLY D 123 53.64 3.58 4.53
CA GLY D 123 54.03 2.31 3.94
C GLY D 123 53.33 1.12 4.56
N GLY D 124 54.02 -0.02 4.60
CA GLY D 124 53.43 -1.22 5.18
C GLY D 124 53.08 -1.05 6.65
N SER D 125 53.82 -0.19 7.36
CA SER D 125 53.52 0.09 8.76
C SER D 125 52.40 1.10 8.93
N SER D 126 51.82 1.59 7.84
CA SER D 126 50.73 2.56 7.93
C SER D 126 49.36 1.89 8.04
N MET D 127 49.23 0.64 7.60
CA MET D 127 47.96 -0.06 7.69
C MET D 127 47.68 -0.48 9.13
N ILE D 128 46.42 -0.37 9.54
CA ILE D 128 46.02 -0.66 10.91
C ILE D 128 45.79 -2.15 11.08
N MET D 129 45.43 -2.57 12.30
CA MET D 129 45.17 -3.97 12.58
C MET D 129 44.17 -4.01 13.74
N ALA D 130 42.95 -4.44 13.47
CA ALA D 130 41.91 -4.44 14.48
C ALA D 130 42.17 -5.50 15.55
N ASP D 131 41.87 -5.15 16.79
CA ASP D 131 42.03 -6.05 17.94
C ASP D 131 43.44 -6.57 18.19
N LYS D 132 44.34 -5.69 18.58
CA LYS D 132 45.73 -6.06 18.87
C LYS D 132 45.93 -6.56 20.29
N GLU D 133 47.19 -6.73 20.69
CA GLU D 133 47.51 -7.19 22.03
C GLU D 133 47.35 -6.07 23.04
N GLU D 134 46.79 -6.40 24.20
CA GLU D 134 46.58 -5.40 25.24
C GLU D 134 47.89 -4.95 25.88
N ALA D 135 48.97 -5.72 25.73
CA ALA D 135 50.26 -5.36 26.28
C ALA D 135 51.22 -4.80 25.24
N SER D 136 50.86 -4.85 23.96
CA SER D 136 51.72 -4.34 22.91
C SER D 136 51.69 -2.81 22.89
N MET D 137 52.68 -2.23 22.22
CA MET D 137 52.79 -0.78 22.12
C MET D 137 52.86 -0.34 20.67
N PHE D 138 51.97 -0.88 19.83
CA PHE D 138 51.91 -0.54 18.41
C PHE D 138 51.00 0.66 18.23
N PHE D 139 51.57 1.78 17.80
CA PHE D 139 50.81 3.01 17.58
C PHE D 139 51.05 3.51 16.17
N GLN D 140 49.97 3.79 15.44
CA GLN D 140 50.03 4.25 14.07
C GLN D 140 49.24 5.54 13.93
N PHE D 141 49.59 6.31 12.90
CA PHE D 141 48.89 7.57 12.64
C PHE D 141 47.49 7.35 12.09
N GLY D 142 47.21 6.18 11.50
CA GLY D 142 45.91 5.88 10.95
C GLY D 142 44.92 5.48 12.03
N PRO D 143 43.70 6.01 11.95
CA PRO D 143 42.68 5.68 12.94
C PRO D 143 42.16 4.26 12.75
N SER D 144 41.35 3.83 13.72
CA SER D 144 40.79 2.49 13.68
C SER D 144 39.64 2.41 12.67
N ILE D 145 39.00 1.24 12.61
CA ILE D 145 37.90 1.05 11.67
C ILE D 145 36.65 1.81 12.11
N GLU D 146 36.56 2.20 13.38
CA GLU D 146 35.39 2.95 13.85
C GLU D 146 35.40 4.38 13.31
N GLN D 147 36.57 5.02 13.28
CA GLN D 147 36.67 6.37 12.77
C GLN D 147 36.57 6.39 11.25
N GLN D 148 37.32 5.51 10.58
CA GLN D 148 37.27 5.45 9.13
C GLN D 148 35.89 5.04 8.64
N ALA D 149 35.23 4.12 9.36
CA ALA D 149 33.86 3.75 9.01
C ALA D 149 32.92 4.94 9.17
N SER D 150 33.15 5.76 10.20
CA SER D 150 32.32 6.95 10.38
C SER D 150 32.56 7.95 9.26
N VAL D 151 33.80 8.07 8.78
CA VAL D 151 34.08 8.96 7.66
C VAL D 151 33.42 8.46 6.39
N MET D 152 33.47 7.16 6.15
CA MET D 152 32.82 6.59 4.97
C MET D 152 31.30 6.77 5.04
N LEU D 153 30.74 6.64 6.25
CA LEU D 153 29.30 6.86 6.41
C LEU D 153 28.95 8.34 6.29
N ASN D 154 29.91 9.24 6.55
CA ASN D 154 29.65 10.66 6.35
C ASN D 154 29.69 11.01 4.86
N ILE D 155 30.65 10.44 4.12
CA ILE D 155 30.71 10.66 2.68
C ILE D 155 29.47 10.07 2.01
N MET D 156 29.12 8.84 2.36
CA MET D 156 27.91 8.21 1.84
C MET D 156 26.64 8.83 2.42
N GLU D 157 26.76 9.65 3.46
CA GLU D 157 25.60 10.30 4.07
C GLU D 157 25.30 11.66 3.48
N GLU D 158 26.32 12.45 3.16
CA GLU D 158 26.08 13.78 2.60
C GLU D 158 25.60 13.72 1.15
N TYR D 159 26.04 12.72 0.38
CA TYR D 159 25.66 12.58 -1.01
C TYR D 159 24.37 11.80 -1.19
N ASP D 160 23.63 11.54 -0.11
CA ASP D 160 22.33 10.86 -0.16
C ASP D 160 22.47 9.48 -0.80
N TRP D 161 23.21 8.61 -0.13
CA TRP D 161 23.41 7.22 -0.55
C TRP D 161 22.85 6.32 0.54
N TYR D 162 21.52 6.18 0.55
CA TYR D 162 20.86 5.36 1.57
C TYR D 162 21.06 3.88 1.31
N ILE D 163 20.85 3.44 0.06
CA ILE D 163 21.05 2.05 -0.30
C ILE D 163 22.53 1.79 -0.54
N PHE D 164 23.07 0.75 0.11
CA PHE D 164 24.49 0.45 0.00
C PHE D 164 24.68 -1.06 0.15
N SER D 165 25.85 -1.53 -0.25
CA SER D 165 26.25 -2.91 -0.10
C SER D 165 27.54 -3.00 0.70
N ILE D 166 27.77 -4.16 1.31
CA ILE D 166 28.96 -4.42 2.11
C ILE D 166 29.57 -5.73 1.66
N VAL D 167 30.86 -5.70 1.30
CA VAL D 167 31.59 -6.88 0.86
C VAL D 167 32.80 -7.02 1.77
N THR D 168 32.78 -8.05 2.62
CA THR D 168 33.87 -8.33 3.55
C THR D 168 34.43 -9.72 3.29
N THR D 169 35.69 -9.91 3.66
CA THR D 169 36.35 -11.20 3.48
C THR D 169 36.84 -11.70 4.84
N TYR D 170 37.84 -12.57 4.83
CA TYR D 170 38.41 -13.14 6.06
C TYR D 170 39.52 -12.31 6.67
N PHE D 171 39.37 -10.98 6.67
CA PHE D 171 40.38 -10.13 7.26
C PHE D 171 40.26 -10.14 8.78
N PRO D 172 41.38 -10.24 9.50
CA PRO D 172 41.30 -10.26 10.97
C PRO D 172 40.76 -8.97 11.55
N GLY D 173 39.43 -8.88 11.68
CA GLY D 173 38.80 -7.71 12.24
C GLY D 173 37.59 -7.25 11.45
N TYR D 174 36.68 -8.17 11.16
CA TYR D 174 35.47 -7.85 10.42
C TYR D 174 34.21 -7.87 11.27
N GLN D 175 34.24 -8.58 12.40
CA GLN D 175 33.07 -8.62 13.29
C GLN D 175 32.74 -7.23 13.83
N ASP D 176 33.76 -6.54 14.35
CA ASP D 176 33.56 -5.17 14.81
C ASP D 176 33.25 -4.21 13.66
N PHE D 177 33.61 -4.59 12.43
CA PHE D 177 33.30 -3.74 11.28
C PHE D 177 31.81 -3.83 10.94
N GLU D 178 31.31 -5.05 10.74
CA GLU D 178 29.90 -5.20 10.40
C GLU D 178 29.00 -4.82 11.56
N ASN D 179 29.40 -5.16 12.79
CA ASN D 179 28.63 -4.76 13.97
C ASN D 179 28.75 -3.25 14.21
N LYS D 180 29.83 -2.64 13.76
CA LYS D 180 29.97 -1.19 13.87
C LYS D 180 29.08 -0.48 12.86
N VAL D 181 28.99 -1.00 11.64
CA VAL D 181 28.12 -0.40 10.63
C VAL D 181 26.66 -0.58 11.00
N ARG D 182 26.29 -1.81 11.40
CA ARG D 182 24.90 -2.06 11.80
C ARG D 182 24.54 -1.24 13.04
N SER D 183 25.39 -1.29 14.06
CA SER D 183 25.13 -0.53 15.29
C SER D 183 25.14 0.98 15.04
N THR D 184 25.81 1.44 13.99
CA THR D 184 25.82 2.86 13.68
C THR D 184 24.57 3.28 12.92
N ILE D 185 24.13 2.47 11.95
CA ILE D 185 22.94 2.80 11.20
C ILE D 185 21.66 2.57 11.99
N GLU D 186 21.70 1.71 13.01
CA GLU D 186 20.53 1.49 13.86
C GLU D 186 20.46 2.44 15.03
N ASN D 187 21.47 3.27 15.23
CA ASN D 187 21.50 4.21 16.35
C ASN D 187 20.77 5.51 16.01
N SER D 188 21.16 6.16 14.92
CA SER D 188 20.55 7.42 14.51
C SER D 188 19.19 7.16 13.87
N PHE D 189 18.45 8.23 13.66
CA PHE D 189 17.11 8.17 13.07
C PHE D 189 17.15 8.26 11.55
N VAL D 190 18.32 8.16 10.93
CA VAL D 190 18.45 8.23 9.49
C VAL D 190 17.98 6.90 8.90
N GLY D 191 17.07 6.97 7.93
CA GLY D 191 16.55 5.77 7.30
C GLY D 191 17.48 5.16 6.28
N TRP D 192 18.40 4.32 6.74
CA TRP D 192 19.33 3.64 5.85
C TRP D 192 18.66 2.42 5.21
N GLU D 193 19.43 1.69 4.40
CA GLU D 193 18.92 0.50 3.72
C GLU D 193 20.08 -0.46 3.54
N LEU D 194 20.12 -1.52 4.35
CA LEU D 194 21.16 -2.54 4.28
C LEU D 194 20.62 -3.74 3.50
N GLU D 195 21.26 -4.05 2.38
CA GLU D 195 20.84 -5.17 1.55
C GLU D 195 21.19 -6.53 2.15
N GLU D 196 22.48 -6.88 2.11
CA GLU D 196 22.93 -8.15 2.68
C GLU D 196 24.45 -8.14 2.70
N VAL D 197 25.04 -8.28 3.89
CA VAL D 197 26.49 -8.32 4.03
C VAL D 197 26.95 -9.71 3.61
N ILE D 198 27.54 -9.81 2.42
CA ILE D 198 28.00 -11.09 1.88
C ILE D 198 29.46 -11.31 2.27
N HIS D 199 29.94 -12.53 2.10
CA HIS D 199 31.31 -12.89 2.40
C HIS D 199 31.90 -13.69 1.25
N LEU D 200 33.14 -13.36 0.88
CA LEU D 200 33.83 -14.02 -0.21
C LEU D 200 35.03 -14.81 0.32
N ASP D 201 35.35 -15.90 -0.38
CA ASP D 201 36.45 -16.77 -0.01
C ASP D 201 37.55 -16.65 -1.06
N MET D 202 38.75 -16.30 -0.63
CA MET D 202 39.90 -16.14 -1.52
C MET D 202 40.84 -17.34 -1.50
N SER D 203 40.54 -18.35 -0.69
CA SER D 203 41.41 -19.52 -0.63
C SER D 203 41.37 -20.32 -1.93
N LEU D 204 40.20 -20.39 -2.56
CA LEU D 204 40.02 -21.10 -3.82
C LEU D 204 39.59 -20.12 -4.91
N ASP D 205 40.14 -20.31 -6.11
CA ASP D 205 39.80 -19.45 -7.24
C ASP D 205 38.35 -19.67 -7.67
N ASP D 206 37.82 -18.69 -8.39
CA ASP D 206 36.44 -18.74 -8.88
C ASP D 206 36.36 -19.74 -10.03
N ILE D 207 36.24 -21.02 -9.67
CA ILE D 207 36.13 -22.09 -10.65
C ILE D 207 34.85 -22.90 -10.48
N ASP D 208 34.15 -22.79 -9.36
CA ASP D 208 32.92 -23.52 -9.13
C ASP D 208 31.67 -22.66 -9.31
N SER D 209 31.83 -21.44 -9.85
CA SER D 209 30.72 -20.51 -10.09
C SER D 209 29.96 -20.22 -8.80
N LYS D 210 30.65 -19.51 -7.91
CA LYS D 210 30.09 -19.09 -6.64
C LYS D 210 30.30 -17.61 -6.34
N ILE D 211 31.50 -17.08 -6.63
CA ILE D 211 31.76 -15.66 -6.40
C ILE D 211 30.87 -14.81 -7.29
N GLN D 212 30.67 -15.23 -8.54
CA GLN D 212 29.78 -14.49 -9.43
C GLN D 212 28.33 -14.57 -8.94
N ASN D 213 27.94 -15.71 -8.37
CA ASN D 213 26.59 -15.85 -7.85
C ASN D 213 26.40 -15.02 -6.58
N GLN D 214 27.46 -14.77 -5.83
CA GLN D 214 27.36 -13.94 -4.63
C GLN D 214 27.45 -12.45 -4.95
N LEU D 215 28.14 -12.09 -6.03
CA LEU D 215 28.30 -10.69 -6.41
C LEU D 215 27.24 -10.23 -7.40
N LYS D 216 26.47 -11.14 -7.99
CA LYS D 216 25.44 -10.76 -8.94
C LYS D 216 24.20 -10.17 -8.28
N LYS D 217 24.08 -10.28 -6.96
CA LYS D 217 22.94 -9.75 -6.23
C LYS D 217 23.28 -8.43 -5.51
N LEU D 218 24.05 -7.56 -6.16
CA LEU D 218 24.46 -6.28 -5.59
C LEU D 218 23.95 -5.17 -6.51
N GLN D 219 22.77 -4.63 -6.20
CA GLN D 219 22.18 -3.58 -7.00
C GLN D 219 22.10 -2.28 -6.21
N SER D 220 23.21 -1.90 -5.57
CA SER D 220 23.28 -0.69 -4.77
C SER D 220 24.17 0.35 -5.44
N PRO D 221 23.87 1.64 -5.27
CA PRO D 221 24.70 2.68 -5.89
C PRO D 221 26.08 2.83 -5.26
N VAL D 222 26.31 2.27 -4.08
CA VAL D 222 27.60 2.34 -3.41
C VAL D 222 27.87 1.03 -2.70
N ILE D 223 29.08 0.50 -2.86
CA ILE D 223 29.47 -0.78 -2.28
C ILE D 223 30.79 -0.58 -1.53
N LEU D 224 30.84 -1.09 -0.30
CA LEU D 224 32.05 -1.03 0.51
C LEU D 224 32.85 -2.31 0.34
N LEU D 225 34.17 -2.16 0.28
CA LEU D 225 35.09 -3.29 0.13
C LEU D 225 36.03 -3.32 1.33
N TYR D 226 35.96 -4.39 2.11
CA TYR D 226 36.78 -4.57 3.30
C TYR D 226 37.62 -5.83 3.12
N CYS D 227 38.83 -5.64 2.58
CA CYS D 227 39.75 -6.77 2.38
C CYS D 227 41.09 -6.10 2.10
N THR D 228 42.07 -6.86 1.65
CA THR D 228 43.42 -6.39 1.38
C THR D 228 43.59 -6.03 -0.10
N LYS D 229 44.84 -5.88 -0.54
CA LYS D 229 45.14 -5.57 -1.93
C LYS D 229 45.13 -6.71 -2.95
N GLU D 230 45.83 -7.80 -2.66
CA GLU D 230 45.83 -8.95 -3.57
C GLU D 230 44.46 -9.57 -3.71
N GLU D 231 43.61 -9.41 -2.68
CA GLU D 231 42.24 -9.88 -2.79
C GLU D 231 41.37 -8.88 -3.56
N ALA D 232 41.63 -7.58 -3.39
CA ALA D 232 40.87 -6.58 -4.12
C ALA D 232 41.17 -6.63 -5.61
N THR D 233 42.39 -7.01 -5.99
CA THR D 233 42.71 -7.16 -7.41
C THR D 233 41.93 -8.31 -8.03
N TYR D 234 41.68 -9.38 -7.27
CA TYR D 234 40.91 -10.50 -7.80
C TYR D 234 39.41 -10.19 -7.80
N ILE D 235 38.92 -9.52 -6.76
CA ILE D 235 37.51 -9.13 -6.72
C ILE D 235 37.19 -8.16 -7.85
N PHE D 236 38.07 -7.17 -8.06
CA PHE D 236 37.90 -6.27 -9.19
C PHE D 236 38.17 -6.95 -10.52
N GLU D 237 38.98 -8.01 -10.52
CA GLU D 237 39.25 -8.74 -11.77
C GLU D 237 38.01 -9.51 -12.22
N VAL D 238 37.34 -10.19 -11.28
CA VAL D 238 36.12 -10.92 -11.63
C VAL D 238 34.97 -9.95 -11.88
N ALA D 239 34.85 -8.91 -11.04
CA ALA D 239 33.79 -7.93 -11.20
C ALA D 239 33.94 -7.14 -12.50
N HIS D 240 35.18 -7.00 -12.99
CA HIS D 240 35.39 -6.31 -14.25
C HIS D 240 34.86 -7.14 -15.43
N SER D 241 34.84 -8.46 -15.30
CA SER D 241 34.31 -9.33 -16.34
C SER D 241 32.81 -9.56 -16.19
N VAL D 242 32.30 -9.59 -14.96
CA VAL D 242 30.86 -9.80 -14.76
C VAL D 242 30.09 -8.54 -15.13
N GLY D 243 30.44 -7.41 -14.50
CA GLY D 243 29.78 -6.15 -14.79
C GLY D 243 29.45 -5.34 -13.55
N LEU D 244 30.47 -5.06 -12.74
CA LEU D 244 30.29 -4.28 -11.52
C LEU D 244 31.21 -3.06 -11.46
N THR D 245 31.88 -2.72 -12.55
CA THR D 245 32.78 -1.58 -12.60
C THR D 245 32.28 -0.47 -13.51
N GLY D 246 31.07 -0.59 -14.05
CA GLY D 246 30.51 0.40 -14.94
C GLY D 246 29.84 1.53 -14.18
N TYR D 247 28.93 2.21 -14.87
CA TYR D 247 28.19 3.31 -14.26
C TYR D 247 27.15 2.79 -13.28
N GLY D 248 26.85 3.62 -12.28
CA GLY D 248 25.88 3.27 -11.26
C GLY D 248 26.44 2.53 -10.06
N PHE D 249 27.61 1.89 -10.20
CA PHE D 249 28.24 1.16 -9.12
C PHE D 249 29.52 1.89 -8.73
N THR D 250 29.61 2.28 -7.46
CA THR D 250 30.76 3.01 -6.93
C THR D 250 31.33 2.24 -5.75
N TRP D 251 32.57 1.78 -5.88
CA TRP D 251 33.24 1.06 -4.82
C TRP D 251 33.99 2.01 -3.90
N ILE D 252 34.05 1.67 -2.62
CA ILE D 252 34.74 2.46 -1.62
C ILE D 252 35.62 1.53 -0.79
N VAL D 253 36.90 1.87 -0.68
CA VAL D 253 37.85 1.09 0.12
C VAL D 253 38.42 1.98 1.21
N PRO D 254 38.82 1.43 2.36
CA PRO D 254 39.38 2.27 3.43
C PRO D 254 40.82 2.67 3.16
N SER D 255 41.68 2.53 4.16
CA SER D 255 43.08 2.89 4.05
C SER D 255 44.02 1.71 3.94
N LEU D 256 43.60 0.52 4.37
CA LEU D 256 44.43 -0.67 4.31
C LEU D 256 44.28 -1.45 3.01
N VAL D 257 43.75 -0.82 1.97
CA VAL D 257 43.56 -1.46 0.67
C VAL D 257 44.44 -0.80 -0.39
N ALA D 258 44.38 0.52 -0.51
CA ALA D 258 45.20 1.22 -1.49
C ALA D 258 46.65 1.29 -1.05
N GLY D 259 46.90 1.81 0.14
CA GLY D 259 48.26 1.92 0.66
C GLY D 259 49.09 2.98 -0.04
N ASP D 260 50.11 2.55 -0.76
CA ASP D 260 50.98 3.48 -1.48
C ASP D 260 50.29 3.99 -2.75
N THR D 261 50.37 5.30 -2.97
CA THR D 261 49.74 5.90 -4.13
C THR D 261 50.62 5.85 -5.38
N ASP D 262 51.88 5.44 -5.25
CA ASP D 262 52.78 5.37 -6.40
C ASP D 262 52.50 4.14 -7.26
N THR D 263 52.04 3.05 -6.65
CA THR D 263 51.75 1.82 -7.37
C THR D 263 50.27 1.82 -7.75
N VAL D 264 49.98 2.11 -9.01
CA VAL D 264 48.63 2.16 -9.53
C VAL D 264 48.45 1.03 -10.54
N PRO D 265 47.82 -0.08 -10.16
CA PRO D 265 47.63 -1.18 -11.11
C PRO D 265 46.65 -0.83 -12.23
N ASP D 266 46.40 -1.79 -13.11
CA ASP D 266 45.53 -1.56 -14.26
C ASP D 266 44.13 -2.12 -14.07
N GLU D 267 43.96 -3.18 -13.28
CA GLU D 267 42.66 -3.79 -13.08
C GLU D 267 41.73 -2.93 -12.23
N PHE D 268 42.25 -1.92 -11.54
CA PHE D 268 41.39 -1.05 -10.75
C PHE D 268 40.62 -0.10 -11.67
N PRO D 269 39.29 -0.06 -11.58
CA PRO D 269 38.52 0.81 -12.46
C PRO D 269 38.65 2.27 -12.06
N THR D 270 38.07 3.13 -12.90
CA THR D 270 38.10 4.57 -12.67
C THR D 270 36.96 4.98 -11.74
N GLY D 271 37.29 5.63 -10.64
CA GLY D 271 36.30 6.06 -9.68
C GLY D 271 36.30 5.24 -8.41
N LEU D 272 37.32 5.41 -7.58
CA LEU D 272 37.46 4.68 -6.32
C LEU D 272 37.72 5.68 -5.20
N ILE D 273 36.66 6.09 -4.52
CA ILE D 273 36.79 7.01 -3.40
C ILE D 273 37.42 6.27 -2.22
N SER D 274 38.60 6.71 -1.81
CA SER D 274 39.34 6.06 -0.73
C SER D 274 39.83 7.11 0.25
N VAL D 275 39.64 6.84 1.54
CA VAL D 275 40.14 7.71 2.60
C VAL D 275 41.51 7.21 3.05
N SER D 276 42.41 8.14 3.32
CA SER D 276 43.78 7.78 3.72
C SER D 276 44.43 9.00 4.37
N TYR D 277 45.71 8.89 4.68
CA TYR D 277 46.45 9.98 5.26
C TYR D 277 46.82 11.01 4.19
N ASP D 278 47.15 12.22 4.62
CA ASP D 278 47.39 13.32 3.69
C ASP D 278 48.56 13.00 2.76
N GLU D 279 49.67 12.49 3.31
CA GLU D 279 50.89 12.13 2.60
C GLU D 279 51.23 13.07 1.46
N TRP D 280 51.03 14.38 1.67
CA TRP D 280 51.29 15.37 0.64
C TRP D 280 52.01 16.57 1.23
N ASP D 281 51.33 17.29 2.14
CA ASP D 281 51.91 18.45 2.80
C ASP D 281 52.67 18.08 4.07
N TYR D 282 52.79 16.79 4.37
CA TYR D 282 53.48 16.30 5.56
C TYR D 282 54.80 15.66 5.11
N ASP D 283 55.89 16.39 5.30
CA ASP D 283 57.20 15.89 4.89
C ASP D 283 57.68 14.80 5.83
N LEU D 284 58.53 13.92 5.30
CA LEU D 284 59.06 12.83 6.12
C LEU D 284 59.97 13.30 7.25
N PRO D 285 60.89 14.25 7.06
CA PRO D 285 61.64 14.76 8.21
C PRO D 285 60.76 15.36 9.28
N ALA D 286 59.62 15.94 8.91
CA ALA D 286 58.68 16.42 9.93
C ALA D 286 58.03 15.25 10.66
N ARG D 287 57.79 14.13 9.97
CA ARG D 287 57.27 12.95 10.64
C ARG D 287 58.28 12.37 11.62
N VAL D 288 59.56 12.36 11.24
CA VAL D 288 60.60 11.87 12.14
C VAL D 288 60.75 12.80 13.34
N ARG D 289 60.69 14.11 13.10
CA ARG D 289 60.80 15.07 14.19
C ARG D 289 59.62 14.95 15.15
N ASP D 290 58.40 14.77 14.62
CA ASP D 290 57.25 14.58 15.49
C ASP D 290 57.32 13.25 16.24
N GLY D 291 57.89 12.22 15.61
CA GLY D 291 58.08 10.96 16.31
C GLY D 291 59.07 11.07 17.45
N ILE D 292 60.18 11.78 17.22
CA ILE D 292 61.14 12.02 18.30
C ILE D 292 60.54 12.90 19.38
N ALA D 293 59.62 13.80 19.00
CA ALA D 293 58.97 14.64 20.01
C ALA D 293 57.99 13.84 20.86
N ILE D 294 57.29 12.88 20.25
CA ILE D 294 56.32 12.09 20.99
C ILE D 294 57.02 11.06 21.88
N ILE D 295 58.00 10.36 21.32
CA ILE D 295 58.71 9.34 22.10
C ILE D 295 59.56 9.99 23.18
N THR D 296 60.26 11.07 22.84
CA THR D 296 61.11 11.74 23.82
C THR D 296 60.26 12.44 24.87
N THR D 297 59.15 13.08 24.46
CA THR D 297 58.29 13.74 25.43
C THR D 297 57.64 12.75 26.37
N ALA D 298 57.08 11.66 25.82
CA ALA D 298 56.48 10.63 26.66
C ALA D 298 57.51 9.97 27.57
N ALA D 299 58.75 9.83 27.09
CA ALA D 299 59.82 9.28 27.92
C ALA D 299 60.37 10.30 28.91
N SER D 300 60.00 11.58 28.78
CA SER D 300 60.47 12.61 29.69
C SER D 300 59.42 13.02 30.71
N THR D 301 58.13 12.75 30.46
CA THR D 301 57.09 13.11 31.42
C THR D 301 57.22 12.28 32.69
N MET D 302 57.60 11.00 32.56
CA MET D 302 57.78 10.17 33.74
C MET D 302 58.99 10.61 34.56
N LEU D 303 60.04 11.08 33.88
CA LEU D 303 61.22 11.57 34.60
C LEU D 303 60.95 12.92 35.24
N SER D 304 60.09 13.74 34.63
CA SER D 304 59.78 15.05 35.18
C SER D 304 58.71 15.01 36.27
N GLU D 305 57.88 13.97 36.29
CA GLU D 305 56.82 13.84 37.28
C GLU D 305 57.14 12.78 38.32
N HIS D 306 57.28 11.52 37.91
CA HIS D 306 57.58 10.45 38.86
C HIS D 306 59.02 10.50 39.37
N ASN D 307 59.92 11.15 38.62
CA ASN D 307 61.32 11.30 39.01
C ASN D 307 62.01 9.95 39.21
N SER D 308 61.62 8.95 38.42
CA SER D 308 62.21 7.62 38.52
C SER D 308 61.95 6.88 37.22
N ILE D 309 63.01 6.58 36.47
CA ILE D 309 62.89 5.88 35.20
C ILE D 309 63.75 4.62 35.24
N PRO D 310 63.35 3.54 34.58
CA PRO D 310 64.15 2.32 34.59
C PRO D 310 65.36 2.41 33.68
N GLN D 311 65.94 1.27 33.33
CA GLN D 311 67.11 1.22 32.46
C GLN D 311 66.65 1.22 31.00
N SER D 312 67.58 0.91 30.09
CA SER D 312 67.28 0.89 28.67
C SER D 312 66.81 -0.51 28.27
N LYS D 313 66.75 -0.77 26.96
CA LYS D 313 66.32 -2.06 26.46
C LYS D 313 67.49 -3.04 26.42
N SER D 314 67.19 -4.31 26.68
CA SER D 314 68.20 -5.35 26.69
C SER D 314 68.46 -5.84 25.26
N SER D 315 69.11 -6.99 25.13
CA SER D 315 69.45 -7.53 23.81
C SER D 315 68.24 -8.34 23.36
N CYS D 316 68.43 -9.18 22.35
CA CYS D 316 67.34 -9.98 21.78
C CYS D 316 66.62 -11.09 22.54
N ASN D 317 67.35 -12.13 22.95
CA ASN D 317 66.74 -13.24 23.67
C ASN D 317 66.72 -13.04 25.18
N ASN D 318 67.38 -11.99 25.68
CA ASN D 318 67.42 -11.71 27.11
C ASN D 318 66.16 -10.94 27.49
N ILE D 319 65.06 -11.69 27.65
CA ILE D 319 63.77 -11.11 28.01
C ILE D 319 63.28 -11.56 29.37
N GLN D 320 63.72 -12.70 29.89
CA GLN D 320 63.28 -13.15 31.21
C GLN D 320 63.85 -12.30 32.34
N GLU D 321 64.93 -11.57 32.09
CA GLU D 321 65.51 -10.71 33.11
C GLU D 321 64.97 -9.29 33.04
N SER D 322 64.76 -8.77 31.84
CA SER D 322 64.24 -7.42 31.65
C SER D 322 62.72 -7.38 31.52
N ARG D 323 62.05 -8.51 31.67
CA ARG D 323 60.59 -8.53 31.57
C ARG D 323 59.91 -7.89 32.77
N VAL D 324 60.60 -7.80 33.91
CA VAL D 324 60.02 -7.18 35.10
C VAL D 324 60.23 -5.67 35.14
N TYR D 325 61.24 -5.16 34.45
CA TYR D 325 61.51 -3.72 34.43
C TYR D 325 60.52 -2.95 33.56
N GLU D 326 59.72 -3.62 32.75
CA GLU D 326 58.75 -2.93 31.90
C GLU D 326 57.60 -2.40 32.74
N ALA D 327 57.22 -1.15 32.49
CA ALA D 327 56.14 -0.50 33.20
C ALA D 327 55.10 0.00 32.20
N HIS D 328 53.83 -0.30 32.47
CA HIS D 328 52.74 0.12 31.60
C HIS D 328 52.26 1.54 31.88
N MET D 329 52.82 2.20 32.90
CA MET D 329 52.41 3.56 33.22
C MET D 329 52.66 4.52 32.07
N LEU D 330 53.71 4.28 31.28
CA LEU D 330 53.98 5.12 30.11
C LEU D 330 52.82 5.07 29.12
N LYS D 331 52.03 3.99 29.13
CA LYS D 331 50.85 3.93 28.28
C LYS D 331 49.89 5.07 28.59
N ARG D 332 49.75 5.42 29.88
CA ARG D 332 48.90 6.54 30.25
C ARG D 332 49.42 7.86 29.69
N TYR D 333 50.72 7.94 29.38
CA TYR D 333 51.29 9.11 28.74
C TYR D 333 51.26 9.05 27.22
N LEU D 334 50.67 8.00 26.66
CA LEU D 334 50.55 7.84 25.21
C LEU D 334 49.14 8.05 24.71
N ILE D 335 48.27 8.65 25.52
CA ILE D 335 46.88 8.92 25.13
C ILE D 335 46.63 10.41 24.97
N ASN D 336 47.09 11.22 25.93
CA ASN D 336 46.93 12.67 25.89
C ASN D 336 48.30 13.29 25.71
N VAL D 337 48.67 13.56 24.46
CA VAL D 337 49.96 14.14 24.11
C VAL D 337 49.70 15.46 23.39
N THR D 338 50.38 16.50 23.83
CA THR D 338 50.28 17.82 23.22
C THR D 338 51.63 18.26 22.67
N PHE D 339 51.60 18.98 21.56
CA PHE D 339 52.83 19.44 20.92
C PHE D 339 52.48 20.57 19.96
N GLU D 340 53.14 21.72 20.13
CA GLU D 340 52.93 22.90 19.29
C GLU D 340 51.49 23.37 19.32
N GLY D 341 50.83 23.24 20.47
CA GLY D 341 49.47 23.71 20.67
C GLY D 341 48.37 22.82 20.12
N ARG D 342 48.60 22.20 18.97
CA ARG D 342 47.59 21.35 18.35
C ARG D 342 47.38 20.08 19.18
N ASP D 343 46.20 19.48 19.01
CA ASP D 343 45.84 18.26 19.73
C ASP D 343 46.37 17.04 18.98
N LEU D 344 47.69 16.85 19.07
CA LEU D 344 48.36 15.71 18.44
C LEU D 344 48.50 14.59 19.47
N SER D 345 47.35 14.03 19.84
CA SER D 345 47.27 12.98 20.84
C SER D 345 46.83 11.68 20.16
N PHE D 346 46.56 10.66 20.99
CA PHE D 346 46.13 9.35 20.49
C PHE D 346 44.90 8.92 21.29
N SER D 347 44.58 7.63 21.22
CA SER D 347 43.45 7.06 21.92
C SER D 347 43.93 5.92 22.82
N GLU D 348 42.97 5.18 23.37
CA GLU D 348 43.29 4.06 24.27
C GLU D 348 43.48 2.75 23.53
N ASP D 349 43.03 2.65 22.28
CA ASP D 349 43.17 1.43 21.50
C ASP D 349 44.40 1.44 20.61
N GLY D 350 45.27 2.43 20.75
CA GLY D 350 46.47 2.52 19.95
C GLY D 350 46.31 3.25 18.64
N TYR D 351 45.36 4.18 18.53
CA TYR D 351 45.12 4.92 17.32
C TYR D 351 45.04 6.41 17.65
N GLN D 352 45.11 7.24 16.60
CA GLN D 352 45.05 8.68 16.79
C GLN D 352 43.63 9.12 17.13
N MET D 353 43.51 10.07 18.05
CA MET D 353 42.21 10.53 18.52
C MET D 353 41.46 11.28 17.43
N HIS D 354 41.97 12.43 17.01
CA HIS D 354 41.36 13.27 15.98
C HIS D 354 42.30 13.35 14.79
N PRO D 355 42.24 12.40 13.86
CA PRO D 355 43.12 12.46 12.68
C PRO D 355 42.59 13.40 11.62
N LYS D 356 43.52 13.96 10.84
CA LYS D 356 43.18 14.82 9.72
C LYS D 356 43.20 13.97 8.46
N LEU D 357 42.08 13.26 8.24
CA LEU D 357 42.01 12.32 7.13
C LEU D 357 41.74 13.05 5.82
N VAL D 358 42.33 12.53 4.74
CA VAL D 358 42.14 13.07 3.40
C VAL D 358 41.37 12.05 2.59
N ILE D 359 40.67 12.54 1.57
CA ILE D 359 39.84 11.71 0.70
C ILE D 359 40.38 11.86 -0.72
N ILE D 360 40.86 10.76 -1.29
CA ILE D 360 41.44 10.75 -2.63
C ILE D 360 40.52 9.93 -3.54
N LEU D 361 40.55 10.28 -4.84
CA LEU D 361 39.74 9.62 -5.84
C LEU D 361 40.62 9.20 -7.00
N LEU D 362 40.52 7.93 -7.38
CA LEU D 362 41.29 7.37 -8.49
C LEU D 362 40.63 7.74 -9.80
N ASN D 363 41.37 8.43 -10.67
CA ASN D 363 40.84 8.85 -11.97
C ASN D 363 41.33 7.93 -13.09
N GLU D 365 44.83 9.72 -16.08
CA GLU D 365 46.22 9.26 -16.01
C GLU D 365 46.40 8.25 -14.88
N ARG D 366 45.29 7.91 -14.21
CA ARG D 366 45.25 6.95 -13.11
C ARG D 366 46.23 7.37 -12.00
N LYS D 367 45.91 8.52 -11.40
CA LYS D 367 46.71 9.08 -10.32
C LYS D 367 45.80 9.47 -9.17
N TRP D 368 46.19 9.10 -7.96
CA TRP D 368 45.40 9.38 -6.77
C TRP D 368 45.48 10.88 -6.45
N GLU D 369 44.38 11.58 -6.67
CA GLU D 369 44.29 13.00 -6.38
C GLU D 369 43.30 13.25 -5.25
N ARG D 370 43.65 14.14 -4.34
CA ARG D 370 42.80 14.44 -3.19
C ARG D 370 41.55 15.18 -3.63
N VAL D 371 40.40 14.77 -3.07
CA VAL D 371 39.14 15.42 -3.36
C VAL D 371 38.41 15.89 -2.11
N GLY D 372 38.72 15.34 -0.93
CA GLY D 372 38.07 15.75 0.29
C GLY D 372 39.07 15.96 1.41
N LYS D 373 38.69 16.79 2.37
CA LYS D 373 39.52 17.11 3.53
C LYS D 373 38.67 16.98 4.79
N TYR D 374 38.74 15.83 5.44
CA TYR D 374 38.00 15.56 6.68
C TYR D 374 38.91 15.87 7.86
N LYS D 375 38.62 16.97 8.55
CA LYS D 375 39.43 17.39 9.68
C LYS D 375 38.64 17.36 10.99
N ASP D 376 39.33 17.09 12.09
CA ASP D 376 38.69 17.01 13.40
C ASP D 376 37.40 16.21 13.32
N ARG D 377 36.38 16.81 12.72
CA ARG D 377 35.10 16.14 12.55
C ARG D 377 34.42 16.63 11.27
N SER D 378 34.50 17.94 11.03
CA SER D 378 33.91 18.54 9.85
C SER D 378 34.60 18.03 8.59
N LEU D 379 33.85 18.01 7.50
CA LEU D 379 34.33 17.57 6.20
C LEU D 379 34.26 18.74 5.22
N LYS D 380 35.32 18.91 4.43
CA LYS D 380 35.42 19.99 3.46
C LYS D 380 35.58 19.40 2.06
N MET D 381 34.74 19.87 1.13
CA MET D 381 34.78 19.43 -0.26
C MET D 381 35.00 20.67 -1.13
N TRP D 382 36.25 21.13 -1.18
CA TRP D 382 36.59 22.35 -1.90
C TRP D 382 37.43 22.06 -3.15
N PRO D 383 38.48 21.24 -3.09
CA PRO D 383 39.26 20.99 -4.32
C PRO D 383 38.48 20.30 -5.42
N VAL D 384 37.37 19.63 -5.10
CA VAL D 384 36.56 18.94 -6.09
C VAL D 384 35.16 19.53 -6.09
N PHE D 385 34.46 19.36 -7.20
CA PHE D 385 33.10 19.85 -7.32
C PHE D 385 32.14 18.98 -6.51
N ASP D 386 30.94 19.50 -6.29
CA ASP D 386 29.94 18.79 -5.49
C ASP D 386 29.15 17.79 -6.31
N LEU D 387 28.93 18.07 -7.60
CA LEU D 387 28.16 17.17 -8.46
C LEU D 387 29.05 15.99 -8.83
N TYR D 388 29.07 14.99 -7.93
CA TYR D 388 29.91 13.82 -8.18
C TYR D 388 29.35 12.93 -9.28
N PRO D 389 28.06 12.58 -9.30
CA PRO D 389 27.55 11.76 -10.43
C PRO D 389 27.60 12.56 -11.73
N ASN D 390 28.36 12.03 -12.69
CA ASN D 390 28.51 12.69 -13.99
C ASN D 390 27.48 12.01 -14.89
N SER D 391 27.61 12.21 -16.20
CA SER D 391 26.68 11.62 -17.17
C SER D 391 27.36 10.74 -18.22
N GLU D 392 27.35 9.44 -17.97
CA GLU D 392 27.96 8.47 -18.88
C GLU D 392 27.27 7.13 -18.72
N GLU D 393 27.06 6.44 -19.85
CA GLU D 393 26.44 5.13 -19.91
C GLU D 393 24.95 5.19 -19.53
N HIS D 394 24.13 4.37 -20.20
CA HIS D 394 22.69 4.35 -19.99
C HIS D 394 22.19 5.78 -20.17
N LYS D 395 21.56 6.33 -19.15
CA LYS D 395 21.05 7.69 -19.22
C LYS D 395 22.14 8.75 -19.37
N ASP D 396 21.76 9.87 -19.99
CA ASP D 396 22.66 10.97 -20.23
C ASP D 396 22.13 12.25 -19.58
N GLU D 397 23.05 13.17 -19.28
CA GLU D 397 22.72 14.44 -18.63
C GLU D 397 21.97 14.23 -17.32
N HIS D 398 21.22 15.25 -16.89
CA HIS D 398 20.44 15.15 -15.66
C HIS D 398 19.25 16.09 -15.77
N LEU D 399 18.74 16.55 -14.63
CA LEU D 399 17.60 17.46 -14.61
C LEU D 399 17.60 18.21 -13.30
N SER D 400 17.42 19.53 -13.37
CA SER D 400 17.38 20.40 -12.20
C SER D 400 15.95 20.83 -11.92
N ILE D 401 15.59 20.85 -10.64
CA ILE D 401 14.25 21.21 -10.19
C ILE D 401 14.38 22.35 -9.18
N VAL D 402 13.69 23.46 -9.46
CA VAL D 402 13.69 24.62 -8.60
C VAL D 402 12.24 24.97 -8.25
N THR D 403 11.98 25.29 -7.00
CA THR D 403 10.64 25.62 -6.54
C THR D 403 10.74 26.73 -5.49
N LEU D 404 9.63 26.97 -4.80
CA LEU D 404 9.56 27.99 -3.76
C LEU D 404 8.75 27.43 -2.59
N GLU D 405 9.08 27.89 -1.39
CA GLU D 405 8.45 27.39 -0.17
C GLU D 405 7.02 27.87 0.03
N GLU D 406 6.51 27.67 1.24
CA GLU D 406 5.15 28.08 1.57
C GLU D 406 4.13 27.10 0.99
N ALA D 407 2.96 27.05 1.60
CA ALA D 407 1.90 26.17 1.14
C ALA D 407 2.28 24.71 1.32
N PRO D 408 1.32 23.90 1.74
CA PRO D 408 1.55 22.47 1.93
C PRO D 408 2.33 21.87 0.76
N PHE D 409 2.10 22.42 -0.43
CA PHE D 409 2.78 21.95 -1.63
C PHE D 409 4.27 21.70 -1.46
N VAL D 410 4.99 22.76 -1.09
CA VAL D 410 6.44 22.66 -0.91
C VAL D 410 6.69 23.20 0.49
N ILE D 411 6.92 22.30 1.43
CA ILE D 411 7.20 22.65 2.82
C ILE D 411 8.69 22.54 3.04
N VAL D 412 9.33 23.65 3.37
CA VAL D 412 10.78 23.72 3.60
C VAL D 412 11.04 23.80 5.09
N GLU D 413 11.82 22.87 5.61
CA GLU D 413 12.16 22.81 7.03
C GLU D 413 13.68 22.79 7.19
N ASP D 414 14.18 23.52 8.17
CA ASP D 414 15.60 23.56 8.43
C ASP D 414 16.11 22.22 8.95
N VAL D 415 17.36 21.92 8.63
CA VAL D 415 17.96 20.67 9.07
C VAL D 415 18.33 20.75 10.55
N ASP D 416 18.19 19.63 11.25
CA ASP D 416 18.52 19.61 12.67
C ASP D 416 20.03 19.69 12.86
N PRO D 417 20.50 20.46 13.84
CA PRO D 417 21.95 20.58 14.05
C PRO D 417 22.58 19.33 14.64
N LEU D 418 21.79 18.44 15.24
CA LEU D 418 22.31 17.22 15.84
C LEU D 418 22.54 16.10 14.83
N SER D 419 22.20 16.33 13.56
CA SER D 419 22.39 15.31 12.52
C SER D 419 23.03 15.92 11.29
N GLY D 420 22.45 16.99 10.77
CA GLY D 420 22.98 17.65 9.59
C GLY D 420 22.68 16.96 8.28
N THR D 421 21.72 16.02 8.27
CA THR D 421 21.38 15.30 7.04
C THR D 421 19.90 14.97 7.09
N CYS D 422 19.21 15.22 5.97
CA CYS D 422 17.79 14.93 5.87
C CYS D 422 17.56 13.43 5.89
N MET D 423 16.45 13.01 6.49
CA MET D 423 16.14 11.60 6.70
C MET D 423 14.84 11.24 5.98
N ARG D 424 14.70 9.94 5.72
CA ARG D 424 13.52 9.33 5.09
C ARG D 424 13.34 9.98 3.72
N ASN D 425 12.16 10.45 3.35
CA ASN D 425 11.89 10.98 2.02
C ASN D 425 12.10 12.48 1.93
N THR D 426 12.61 13.11 2.99
CA THR D 426 12.89 14.55 2.97
C THR D 426 14.04 14.82 2.01
N VAL D 427 13.75 15.49 0.90
CA VAL D 427 14.75 15.75 -0.13
C VAL D 427 15.67 16.88 0.30
N PRO D 428 16.98 16.65 0.41
CA PRO D 428 17.89 17.75 0.76
C PRO D 428 17.95 18.82 -0.30
N CYS D 429 17.36 19.97 -0.01
CA CYS D 429 17.29 21.09 -0.95
C CYS D 429 18.25 22.18 -0.48
N ARG D 430 19.25 22.47 -1.31
CA ARG D 430 20.25 23.48 -0.98
C ARG D 430 19.68 24.88 -1.14
N LYS D 431 20.48 25.88 -0.81
CA LYS D 431 20.07 27.27 -0.90
C LYS D 431 21.30 28.14 -1.08
N GLN D 432 21.36 28.87 -2.20
CA GLN D 432 22.50 29.71 -2.53
C GLN D 432 22.18 31.15 -2.13
N ILE D 433 22.79 31.61 -1.04
CA ILE D 433 22.61 32.97 -0.55
C ILE D 433 23.93 33.71 -0.64
N ARG D 434 23.84 35.03 -0.58
CA ARG D 434 25.02 35.90 -0.62
C ARG D 434 25.00 36.84 0.57
N PRO D 435 25.93 36.68 1.52
CA PRO D 435 25.96 37.58 2.69
C PRO D 435 26.24 39.02 2.30
N GLU D 436 25.22 39.86 2.34
CA GLU D 436 25.34 41.28 1.99
C GLU D 436 26.05 42.00 3.14
N ASN D 437 27.38 41.95 3.10
CA ASN D 437 28.20 42.60 4.13
C ASN D 437 28.50 44.01 3.66
N ARG D 438 27.64 44.95 4.07
CA ARG D 438 27.76 46.37 3.71
C ARG D 438 27.87 46.33 2.19
N THR D 439 28.97 46.85 1.65
CA THR D 439 29.21 46.89 0.21
C THR D 439 30.02 45.73 -0.38
N GLU D 440 29.79 44.52 0.12
CA GLU D 440 30.51 43.35 -0.36
C GLU D 440 29.64 42.11 -0.14
N GLU D 441 29.47 41.32 -1.19
CA GLU D 441 28.69 40.09 -1.13
C GLU D 441 29.62 38.87 -1.13
N GLY D 442 29.06 37.74 -0.71
CA GLY D 442 29.81 36.51 -0.64
C GLY D 442 29.15 35.36 -1.36
N GLY D 443 29.19 34.17 -0.75
CA GLY D 443 28.59 32.99 -1.35
C GLY D 443 28.42 31.85 -0.37
N ASN D 444 27.36 31.91 0.43
CA ASN D 444 27.06 30.87 1.41
C ASN D 444 26.03 29.91 0.84
N TYR D 445 26.18 28.63 1.17
CA TYR D 445 25.28 27.58 0.71
C TYR D 445 24.68 26.89 1.93
N ILE D 446 23.43 27.24 2.26
CA ILE D 446 22.72 26.67 3.39
C ILE D 446 21.77 25.60 2.87
N LYS D 447 21.96 24.37 3.35
CA LYS D 447 21.17 23.23 2.91
C LYS D 447 20.06 22.94 3.91
N ARG D 448 18.84 22.74 3.40
CA ARG D 448 17.70 22.41 4.23
C ARG D 448 17.02 21.15 3.73
N CYS D 449 15.85 20.82 4.29
CA CYS D 449 15.11 19.61 3.93
C CYS D 449 13.74 20.01 3.41
N CYS D 450 13.45 19.67 2.17
CA CYS D 450 12.17 19.97 1.54
C CYS D 450 11.30 18.72 1.50
N LYS D 451 9.99 18.91 1.73
CA LYS D 451 9.04 17.82 1.69
C LYS D 451 7.65 18.39 1.50
N GLY D 452 6.81 17.66 0.78
CA GLY D 452 5.45 18.10 0.53
C GLY D 452 4.83 17.31 -0.60
N PHE D 453 3.75 17.87 -1.16
CA PHE D 453 3.04 17.21 -2.24
C PHE D 453 3.90 17.09 -3.49
N CYS D 454 4.59 18.18 -3.86
CA CYS D 454 5.44 18.14 -5.04
C CYS D 454 6.57 17.13 -4.89
N ILE D 455 7.15 17.02 -3.69
CA ILE D 455 8.17 16.01 -3.45
C ILE D 455 7.58 14.61 -3.57
N ASP D 456 6.34 14.43 -3.12
CA ASP D 456 5.71 13.11 -3.19
C ASP D 456 5.45 12.71 -4.63
N ILE D 457 4.85 13.59 -5.43
CA ILE D 457 4.51 13.23 -6.80
C ILE D 457 5.78 13.10 -7.64
N LEU D 458 6.72 14.03 -7.48
CA LEU D 458 7.96 13.97 -8.25
C LEU D 458 8.82 12.78 -7.86
N LYS D 459 8.68 12.30 -6.62
CA LYS D 459 9.41 11.11 -6.21
C LYS D 459 8.71 9.84 -6.67
N LYS D 460 7.38 9.83 -6.71
CA LYS D 460 6.67 8.67 -7.21
C LYS D 460 6.87 8.49 -8.71
N ILE D 461 6.81 9.58 -9.47
CA ILE D 461 7.07 9.47 -10.91
C ILE D 461 8.57 9.35 -11.18
N ALA D 462 9.41 9.89 -10.28
CA ALA D 462 10.85 9.78 -10.47
C ALA D 462 11.33 8.35 -10.23
N LYS D 463 10.70 7.65 -9.28
CA LYS D 463 11.05 6.25 -9.06
C LYS D 463 10.53 5.36 -10.18
N THR D 464 9.45 5.82 -10.81
CA THR D 464 8.99 5.31 -12.09
C THR D 464 9.44 6.32 -13.12
N VAL D 465 9.44 7.59 -12.72
CA VAL D 465 9.92 8.67 -13.56
C VAL D 465 11.33 8.34 -14.02
N LYS D 466 12.22 8.13 -13.05
CA LYS D 466 13.59 7.72 -13.35
C LYS D 466 14.79 8.39 -14.00
N PHE D 467 14.92 9.70 -13.77
CA PHE D 467 16.05 10.49 -14.28
C PHE D 467 16.67 11.44 -13.27
N THR D 468 17.70 10.99 -12.56
CA THR D 468 18.30 11.84 -11.56
C THR D 468 17.87 13.29 -11.76
N TYR D 469 17.71 14.01 -10.65
CA TYR D 469 17.24 15.39 -10.69
C TYR D 469 17.89 16.17 -9.55
N ASP D 470 17.44 17.40 -9.36
CA ASP D 470 17.94 18.26 -8.30
C ASP D 470 16.77 19.08 -7.76
N LEU D 471 17.00 19.76 -6.64
CA LEU D 471 15.95 20.55 -6.01
C LEU D 471 16.60 21.72 -5.26
N TYR D 472 16.15 22.93 -5.57
CA TYR D 472 16.63 24.12 -4.88
C TYR D 472 15.57 25.21 -4.96
N LEU D 473 15.75 26.26 -4.17
CA LEU D 473 14.80 27.35 -4.05
C LEU D 473 15.34 28.60 -4.73
N VAL D 474 14.60 29.70 -4.60
CA VAL D 474 14.97 30.99 -5.17
C VAL D 474 15.17 31.97 -4.03
N THR D 475 16.29 32.69 -4.05
CA THR D 475 16.61 33.66 -3.02
C THR D 475 16.43 35.10 -3.47
N ASN D 476 16.27 35.35 -4.77
CA ASN D 476 16.09 36.71 -5.26
C ASN D 476 15.34 36.65 -6.58
N GLY D 477 14.31 37.47 -6.72
CA GLY D 477 13.50 37.54 -7.92
C GLY D 477 12.11 36.96 -7.78
N LYS D 478 11.88 36.12 -6.78
CA LYS D 478 10.61 35.43 -6.52
C LYS D 478 9.88 35.02 -7.79
N HIS D 479 8.55 35.17 -7.80
CA HIS D 479 7.77 34.82 -8.97
C HIS D 479 8.06 35.77 -10.12
N GLY D 480 7.93 35.26 -11.34
CA GLY D 480 8.20 36.08 -12.51
C GLY D 480 7.16 37.16 -12.69
N LYS D 481 7.64 38.36 -13.01
CA LYS D 481 6.76 39.51 -13.21
C LYS D 481 7.38 40.40 -14.29
N LYS D 482 6.70 41.51 -14.56
CA LYS D 482 7.14 42.46 -15.58
C LYS D 482 7.96 43.57 -14.93
N ILE D 483 9.13 43.86 -15.52
CA ILE D 483 9.99 44.94 -15.07
C ILE D 483 10.28 45.84 -16.27
N ASN D 484 9.83 47.09 -16.20
CA ASN D 484 10.00 48.06 -17.28
C ASN D 484 9.36 47.22 -18.38
N GLY D 485 10.14 46.88 -19.41
CA GLY D 485 9.64 46.05 -20.49
C GLY D 485 10.25 44.70 -20.76
N VAL D 486 10.45 43.90 -19.72
CA VAL D 486 11.07 42.59 -19.84
C VAL D 486 10.59 41.72 -18.69
N TRP D 487 10.44 40.42 -18.96
CA TRP D 487 10.04 39.47 -17.94
C TRP D 487 11.23 39.12 -17.05
N ASN D 488 10.95 38.97 -15.75
CA ASN D 488 11.99 38.61 -14.78
C ASN D 488 11.37 37.68 -13.74
N GLY D 489 12.19 37.31 -12.75
CA GLY D 489 11.74 36.43 -11.70
C GLY D 489 12.28 35.03 -11.83
N MET D 490 11.51 34.03 -11.40
CA MET D 490 11.95 32.64 -11.49
C MET D 490 11.82 32.09 -12.91
N ILE D 491 10.85 32.59 -13.68
CA ILE D 491 10.68 32.11 -15.05
C ILE D 491 11.91 32.43 -15.90
N GLY D 492 12.63 33.50 -15.56
CA GLY D 492 13.86 33.80 -16.26
C GLY D 492 14.90 32.71 -16.14
N GLU D 493 14.83 31.91 -15.06
CA GLU D 493 15.74 30.77 -14.93
C GLU D 493 15.53 29.76 -16.05
N VAL D 494 14.33 29.73 -16.64
CA VAL D 494 14.11 28.86 -17.80
C VAL D 494 14.74 29.46 -19.05
N VAL D 495 14.83 30.79 -19.14
CA VAL D 495 15.41 31.42 -20.30
C VAL D 495 16.93 31.38 -20.24
N THR D 496 17.50 31.54 -19.05
CA THR D 496 18.94 31.54 -18.87
C THR D 496 19.55 30.14 -18.90
N LYS D 497 18.76 29.12 -19.22
CA LYS D 497 19.24 27.74 -19.32
C LYS D 497 19.85 27.25 -18.01
N ARG D 498 19.22 27.63 -16.90
CA ARG D 498 19.65 27.19 -15.57
C ARG D 498 18.58 26.39 -14.84
N ALA D 499 17.46 26.08 -15.48
CA ALA D 499 16.40 25.30 -14.85
C ALA D 499 15.63 24.58 -15.95
N TYR D 500 15.87 23.27 -16.08
CA TYR D 500 15.19 22.50 -17.12
C TYR D 500 13.72 22.29 -16.81
N MET D 501 13.36 22.24 -15.53
CA MET D 501 11.98 22.05 -15.12
C MET D 501 11.78 22.66 -13.75
N ALA D 502 10.62 23.29 -13.54
CA ALA D 502 10.30 23.93 -12.28
C ALA D 502 8.85 23.65 -11.91
N VAL D 503 8.61 23.50 -10.61
CA VAL D 503 7.26 23.24 -10.11
C VAL D 503 6.83 24.40 -9.21
N GLY D 504 5.63 24.32 -8.65
CA GLY D 504 5.11 25.33 -7.77
C GLY D 504 3.77 25.85 -8.25
N SER D 505 3.37 26.99 -7.69
CA SER D 505 2.09 27.63 -8.04
C SER D 505 2.26 28.32 -9.39
N LEU D 506 1.98 27.58 -10.46
CA LEU D 506 2.10 28.07 -11.83
C LEU D 506 0.78 27.78 -12.54
N THR D 507 -0.15 28.75 -12.50
CA THR D 507 -1.42 28.58 -13.17
C THR D 507 -1.25 28.74 -14.68
N ILE D 508 -1.87 27.84 -15.44
CA ILE D 508 -1.77 27.89 -16.89
C ILE D 508 -2.55 29.09 -17.42
N ASN D 509 -1.89 29.90 -18.24
CA ASN D 509 -2.52 31.09 -18.83
C ASN D 509 -1.78 31.41 -20.12
N GLU D 510 -1.90 32.65 -20.58
CA GLU D 510 -1.28 33.07 -21.83
C GLU D 510 0.15 33.56 -21.65
N GLU D 511 0.49 34.10 -20.48
CA GLU D 511 1.85 34.61 -20.27
C GLU D 511 2.84 33.46 -20.10
N ARG D 512 2.50 32.48 -19.25
CA ARG D 512 3.40 31.34 -19.06
C ARG D 512 3.50 30.50 -20.33
N SER D 513 2.39 30.38 -21.07
CA SER D 513 2.43 29.69 -22.35
C SER D 513 3.00 30.56 -23.47
N GLU D 514 3.29 31.82 -23.19
CA GLU D 514 3.87 32.74 -24.17
C GLU D 514 5.37 32.89 -24.04
N VAL D 515 5.89 33.04 -22.81
CA VAL D 515 7.33 33.21 -22.64
C VAL D 515 8.05 31.87 -22.72
N VAL D 516 7.41 30.80 -22.22
CA VAL D 516 8.00 29.47 -22.26
C VAL D 516 6.93 28.47 -22.68
N ASP D 517 7.19 27.18 -22.47
CA ASP D 517 6.26 26.14 -22.80
C ASP D 517 5.39 25.79 -21.60
N PHE D 518 4.55 24.77 -21.75
CA PHE D 518 3.66 24.33 -20.69
C PHE D 518 3.39 22.84 -20.87
N SER D 519 2.48 22.31 -20.06
CA SER D 519 2.12 20.90 -20.13
C SER D 519 0.80 20.83 -19.37
N VAL D 520 0.42 19.64 -18.92
CA VAL D 520 -0.81 19.41 -18.18
C VAL D 520 -0.72 19.56 -16.67
N PRO D 521 -1.58 20.37 -16.05
CA PRO D 521 -1.52 20.52 -14.59
C PRO D 521 -2.01 19.26 -13.88
N PHE D 522 -1.53 19.07 -12.66
CA PHE D 522 -1.92 17.91 -11.87
C PHE D 522 -3.04 18.19 -10.89
N ILE D 523 -3.18 19.43 -10.42
CA ILE D 523 -4.27 19.83 -9.54
C ILE D 523 -4.90 21.10 -10.10
N GLU D 524 -6.19 21.26 -9.84
CA GLU D 524 -6.95 22.41 -10.31
C GLU D 524 -7.05 23.48 -9.22
N THR D 525 -7.21 24.72 -9.65
CA THR D 525 -7.33 25.86 -8.75
C THR D 525 -8.01 26.99 -9.50
N GLY D 526 -7.94 28.20 -8.96
CA GLY D 526 -8.55 29.35 -9.60
C GLY D 526 -8.57 30.54 -8.67
N ILE D 527 -9.26 31.58 -9.11
CA ILE D 527 -9.41 32.82 -8.35
C ILE D 527 -10.70 32.75 -7.56
N SER D 528 -10.63 33.02 -6.26
CA SER D 528 -11.79 32.94 -5.40
C SER D 528 -11.70 34.01 -4.31
N VAL D 529 -12.80 34.18 -3.59
CA VAL D 529 -12.89 35.15 -2.50
C VAL D 529 -12.84 34.38 -1.18
N MET D 530 -12.14 34.95 -0.20
CA MET D 530 -12.00 34.28 1.08
C MET D 530 -13.34 34.22 1.82
N VAL D 531 -14.05 35.35 1.87
CA VAL D 531 -15.34 35.40 2.56
C VAL D 531 -16.41 34.82 1.64
N SER D 532 -17.57 34.49 2.22
CA SER D 532 -18.66 33.93 1.44
C SER D 532 -19.33 35.01 0.59
N ARG D 533 -20.05 34.56 -0.43
CA ARG D 533 -20.74 35.47 -1.35
C ARG D 533 -22.08 35.84 -0.74
N SER D 534 -22.10 36.97 -0.03
CA SER D 534 -23.32 37.47 0.59
C SER D 534 -23.49 38.96 0.32
N ASN D 535 -22.38 39.64 0.03
CA ASN D 535 -22.36 41.06 -0.29
C ASN D 535 -22.94 41.92 0.83
N GLY D 536 -22.91 41.43 2.06
CA GLY D 536 -23.42 42.17 3.20
C GLY D 536 -24.90 42.47 3.13
N THR D 537 -25.72 41.42 3.22
CA THR D 537 -27.17 41.56 3.16
C THR D 537 -27.79 41.14 4.49
N VAL D 538 -28.95 41.71 4.79
CA VAL D 538 -29.67 41.44 6.02
C VAL D 538 -30.61 40.27 5.79
N SER D 539 -30.68 39.36 6.76
CA SER D 539 -31.56 38.21 6.65
C SER D 539 -33.02 38.66 6.72
N PRO D 540 -33.90 38.07 5.91
CA PRO D 540 -35.31 38.48 5.92
C PRO D 540 -36.01 37.99 7.18
N SER D 541 -37.26 38.42 7.32
CA SER D 541 -38.07 38.06 8.47
C SER D 541 -38.51 36.60 8.36
N ALA D 542 -38.72 35.98 9.54
CA ALA D 542 -39.15 34.59 9.61
C ALA D 542 -40.52 34.45 10.29
N PHE D 543 -41.31 35.52 10.31
CA PHE D 543 -42.63 35.49 10.92
C PHE D 543 -43.75 35.36 9.89
N LEU D 544 -43.68 36.08 8.78
CA LEU D 544 -44.69 36.00 7.73
C LEU D 544 -44.44 34.86 6.76
N GLU D 545 -43.36 34.10 6.94
CA GLU D 545 -43.03 32.98 6.06
C GLU D 545 -43.99 31.80 6.26
N PRO D 546 -44.29 31.37 7.49
CA PRO D 546 -45.26 30.27 7.65
C PRO D 546 -46.65 30.60 7.16
N PHE D 547 -47.02 31.89 7.09
CA PHE D 547 -48.33 32.25 6.58
C PHE D 547 -48.43 32.03 5.09
N SER D 548 -47.52 32.66 4.32
CA SER D 548 -47.49 32.54 2.86
C SER D 548 -48.83 32.94 2.23
N ALA D 549 -49.46 33.96 2.81
CA ALA D 549 -50.74 34.48 2.34
C ALA D 549 -51.82 33.40 2.28
N ASP D 550 -51.77 32.46 3.23
CA ASP D 550 -52.73 31.37 3.28
C ASP D 550 -53.41 31.24 4.64
N VAL D 551 -52.66 31.41 5.73
CA VAL D 551 -53.25 31.29 7.05
C VAL D 551 -54.20 32.45 7.33
N TRP D 552 -53.83 33.65 6.86
CA TRP D 552 -54.68 34.82 7.08
C TRP D 552 -55.91 34.79 6.18
N VAL D 553 -55.74 34.38 4.92
CA VAL D 553 -56.87 34.32 4.00
C VAL D 553 -57.85 33.22 4.41
N MET D 554 -57.33 32.01 4.62
CA MET D 554 -58.20 30.91 5.06
C MET D 554 -58.79 31.18 6.43
N MET D 555 -58.04 31.87 7.30
CA MET D 555 -58.59 32.25 8.60
C MET D 555 -59.69 33.28 8.45
N PHE D 556 -59.60 34.16 7.43
CA PHE D 556 -60.66 35.13 7.20
C PHE D 556 -61.91 34.46 6.63
N VAL D 557 -61.73 33.53 5.69
CA VAL D 557 -62.87 32.81 5.13
C VAL D 557 -63.56 31.99 6.21
N MET D 558 -62.76 31.26 7.00
CA MET D 558 -63.33 30.49 8.11
C MET D 558 -63.97 31.41 9.15
N LEU D 559 -63.46 32.64 9.28
CA LEU D 559 -64.12 33.60 10.15
C LEU D 559 -65.47 34.02 9.60
N LEU D 560 -65.59 34.11 8.27
CA LEU D 560 -66.84 34.51 7.66
C LEU D 560 -67.88 33.40 7.74
N ILE D 561 -67.51 32.17 7.37
CA ILE D 561 -68.48 31.08 7.39
C ILE D 561 -68.78 30.65 8.83
N VAL D 562 -67.79 30.68 9.71
CA VAL D 562 -68.03 30.33 11.11
C VAL D 562 -68.86 31.42 11.78
N SER D 563 -68.65 32.69 11.41
CA SER D 563 -69.44 33.76 11.98
C SER D 563 -70.88 33.71 11.48
N ALA D 564 -71.08 33.42 10.20
CA ALA D 564 -72.42 33.39 9.63
C ALA D 564 -73.21 32.17 10.11
N VAL D 565 -72.64 30.99 9.92
CA VAL D 565 -73.30 29.77 10.38
C VAL D 565 -73.46 29.78 11.90
N ALA D 566 -72.48 30.34 12.62
CA ALA D 566 -72.56 30.43 14.07
C ALA D 566 -73.57 31.47 14.54
N VAL D 567 -73.88 32.47 13.70
CA VAL D 567 -74.87 33.48 14.08
C VAL D 567 -76.27 33.13 13.60
N PHE D 568 -76.40 32.19 12.66
CA PHE D 568 -77.72 31.74 12.23
C PHE D 568 -78.00 30.32 12.71
N VAL D 569 -77.89 30.11 14.02
CA VAL D 569 -78.15 28.79 14.61
C VAL D 569 -78.90 29.20 15.87
N PHE D 570 -78.18 29.77 16.84
CA PHE D 570 -78.81 30.30 18.05
C PHE D 570 -78.93 31.79 18.33
N GLU D 571 -78.20 32.65 17.62
CA GLU D 571 -78.31 34.08 17.85
C GLU D 571 -79.55 34.68 17.20
N TYR D 572 -80.08 34.03 16.18
CA TYR D 572 -81.27 34.49 15.46
C TYR D 572 -82.44 33.58 15.86
N PHE D 573 -83.13 33.96 16.94
CA PHE D 573 -84.27 33.20 17.43
C PHE D 573 -85.60 33.88 17.16
N SER D 574 -85.64 35.21 17.18
CA SER D 574 -86.85 35.96 16.91
C SER D 574 -86.69 36.81 15.65
N PRO D 575 -87.74 36.92 14.83
CA PRO D 575 -87.64 37.74 13.62
C PRO D 575 -87.40 39.21 13.93
N VAL D 576 -86.16 39.67 13.75
CA VAL D 576 -85.80 41.06 14.01
C VAL D 576 -85.35 41.73 12.72
N GLY D 577 -84.86 42.96 12.82
CA GLY D 577 -84.41 43.72 11.67
C GLY D 577 -82.99 43.41 11.28
N TYR D 578 -82.35 44.37 10.63
CA TYR D 578 -80.97 44.21 10.17
C TYR D 578 -79.95 44.49 11.27
N ASN D 579 -80.25 45.43 12.16
CA ASN D 579 -79.33 45.76 13.25
C ASN D 579 -79.33 44.73 14.38
N GLY D 580 -80.22 43.74 14.32
CA GLY D 580 -80.28 42.71 15.33
C GLY D 580 -79.08 41.80 15.30
N PRO D 581 -78.96 40.97 14.26
CA PRO D 581 -77.81 40.06 14.17
C PRO D 581 -76.46 40.77 14.07
N SER D 582 -76.45 42.04 13.64
CA SER D 582 -75.18 42.76 13.55
C SER D 582 -74.57 42.99 14.92
N PHE D 583 -75.41 43.24 15.94
CA PHE D 583 -74.91 43.41 17.29
C PHE D 583 -74.25 42.14 17.81
N THR D 584 -74.75 40.98 17.40
CA THR D 584 -74.13 39.71 17.77
C THR D 584 -72.94 39.37 16.88
N ILE D 585 -72.85 39.96 15.69
CA ILE D 585 -71.70 39.74 14.83
C ILE D 585 -70.51 40.54 15.30
N GLY D 586 -70.72 41.82 15.64
CA GLY D 586 -69.62 42.64 16.10
C GLY D 586 -68.99 42.12 17.37
N LYS D 587 -69.82 41.62 18.30
CA LYS D 587 -69.29 41.01 19.51
C LYS D 587 -68.82 39.59 19.27
N ALA D 588 -69.40 38.90 18.28
CA ALA D 588 -69.02 37.52 18.01
C ALA D 588 -67.61 37.44 17.43
N ILE D 589 -67.28 38.32 16.48
CA ILE D 589 -65.95 38.29 15.88
C ILE D 589 -64.89 38.68 16.90
N TRP D 590 -65.22 39.60 17.81
CA TRP D 590 -64.28 39.97 18.86
C TRP D 590 -64.13 38.86 19.90
N LEU D 591 -65.20 38.11 20.16
CA LEU D 591 -65.10 36.97 21.07
C LEU D 591 -64.26 35.86 20.46
N LEU D 592 -64.47 35.56 19.17
CA LEU D 592 -63.65 34.54 18.51
C LEU D 592 -62.19 34.99 18.43
N TRP D 593 -61.96 36.27 18.13
CA TRP D 593 -60.59 36.79 18.13
C TRP D 593 -59.97 36.69 19.52
N GLY D 594 -60.78 36.87 20.56
CA GLY D 594 -60.28 36.68 21.91
C GLY D 594 -59.95 35.23 22.22
N LEU D 595 -60.72 34.30 21.66
CA LEU D 595 -60.45 32.89 21.90
C LEU D 595 -59.25 32.39 21.12
N VAL D 596 -58.99 32.96 19.94
CA VAL D 596 -57.85 32.52 19.12
C VAL D 596 -56.54 32.91 19.78
N PHE D 597 -56.42 34.17 20.20
CA PHE D 597 -55.19 34.69 20.82
C PHE D 597 -55.14 34.42 22.31
N ASN D 598 -55.59 33.25 22.76
CA ASN D 598 -55.51 32.81 24.14
C ASN D 598 -56.23 33.77 25.09
N ASN D 599 -57.55 33.57 25.24
CA ASN D 599 -58.36 34.33 26.18
C ASN D 599 -58.30 35.83 25.91
N SER D 600 -57.18 36.45 26.25
CA SER D 600 -56.99 37.90 26.10
C SER D 600 -58.20 38.29 26.91
N LEU D 601 -59.13 39.03 26.32
CA LEU D 601 -60.35 39.46 26.97
C LEU D 601 -61.55 38.53 27.08
N PRO D 602 -62.05 38.23 28.29
CA PRO D 602 -63.21 37.33 28.40
C PRO D 602 -64.48 37.91 27.82
N VAL D 603 -64.61 39.24 27.73
CA VAL D 603 -65.79 39.91 27.21
C VAL D 603 -66.84 39.20 28.06
N GLN D 604 -67.87 38.66 27.41
CA GLN D 604 -68.95 37.96 28.09
C GLN D 604 -69.27 36.60 27.48
N ASN D 605 -70.49 36.12 27.73
CA ASN D 605 -70.92 34.82 27.24
C ASN D 605 -72.44 34.77 27.25
N PRO D 606 -73.08 34.20 26.23
CA PRO D 606 -74.55 34.15 26.22
C PRO D 606 -75.11 33.11 27.19
N LYS D 607 -76.31 32.60 26.90
CA LYS D 607 -76.99 31.67 27.77
C LYS D 607 -77.21 30.29 27.15
N GLY D 608 -77.35 30.21 25.83
CA GLY D 608 -77.59 28.92 25.20
C GLY D 608 -76.40 27.99 25.35
N THR D 609 -76.70 26.71 25.58
CA THR D 609 -75.63 25.73 25.78
C THR D 609 -74.92 25.39 24.47
N THR D 610 -75.62 25.50 23.34
CA THR D 610 -74.99 25.23 22.06
C THR D 610 -73.89 26.23 21.76
N SER D 611 -74.11 27.50 22.13
CA SER D 611 -73.06 28.50 21.97
C SER D 611 -71.87 28.22 22.87
N LYS D 612 -72.12 27.66 24.06
CA LYS D 612 -71.02 27.31 24.94
C LYS D 612 -70.22 26.13 24.41
N ILE D 613 -70.91 25.15 23.81
CA ILE D 613 -70.22 24.01 23.22
C ILE D 613 -69.41 24.45 22.00
N MET D 614 -69.99 25.31 21.15
CA MET D 614 -69.27 25.79 19.99
C MET D 614 -68.09 26.68 20.39
N VAL D 615 -68.25 27.45 21.47
CA VAL D 615 -67.13 28.23 22.00
C VAL D 615 -66.04 27.32 22.52
N SER D 616 -66.42 26.20 23.15
CA SER D 616 -65.44 25.25 23.66
C SER D 616 -64.67 24.60 22.51
N VAL D 617 -65.37 24.20 21.44
CA VAL D 617 -64.71 23.59 20.30
C VAL D 617 -63.80 24.61 19.61
N TRP D 618 -64.26 25.85 19.50
CA TRP D 618 -63.42 26.90 18.90
C TRP D 618 -62.20 27.19 19.77
N ALA D 619 -62.31 27.02 21.09
CA ALA D 619 -61.15 27.21 21.96
C ALA D 619 -60.19 26.03 21.84
N PHE D 620 -60.71 24.82 21.66
CA PHE D 620 -59.84 23.66 21.45
C PHE D 620 -59.08 23.80 20.14
N PHE D 621 -59.79 24.14 19.05
CA PHE D 621 -59.10 24.38 17.78
C PHE D 621 -58.19 25.58 17.85
N ALA D 622 -58.48 26.53 18.76
CA ALA D 622 -57.62 27.70 18.91
C ALA D 622 -56.31 27.35 19.58
N VAL D 623 -56.36 26.54 20.65
CA VAL D 623 -55.13 26.14 21.32
C VAL D 623 -54.37 25.11 20.50
N ILE D 624 -55.07 24.33 19.67
CA ILE D 624 -54.38 23.42 18.75
C ILE D 624 -53.67 24.22 17.66
N PHE D 625 -54.34 25.24 17.12
CA PHE D 625 -53.69 26.12 16.14
C PHE D 625 -52.52 26.88 16.76
N LEU D 626 -52.63 27.22 18.04
CA LEU D 626 -51.52 27.90 18.72
C LEU D 626 -50.35 26.95 18.93
N ALA D 627 -50.64 25.69 19.29
CA ALA D 627 -49.57 24.71 19.47
C ALA D 627 -48.88 24.41 18.15
N SER D 628 -49.64 24.26 17.07
CA SER D 628 -49.04 24.04 15.76
C SER D 628 -48.32 25.28 15.25
N TYR D 629 -48.74 26.47 15.70
CA TYR D 629 -48.07 27.70 15.31
C TYR D 629 -46.73 27.86 16.01
N THR D 630 -46.68 27.56 17.31
CA THR D 630 -45.43 27.64 18.05
C THR D 630 -44.48 26.53 17.64
N ALA D 631 -45.00 25.32 17.41
CA ALA D 631 -44.16 24.21 16.99
C ALA D 631 -43.66 24.42 15.56
N ASN D 632 -44.50 25.00 14.70
CA ASN D 632 -44.08 25.25 13.32
C ASN D 632 -43.09 26.40 13.25
N LEU D 633 -43.30 27.45 14.05
CA LEU D 633 -42.37 28.56 14.07
C LEU D 633 -41.04 28.17 14.68
N ALA D 634 -41.06 27.35 15.73
CA ALA D 634 -39.82 26.87 16.33
C ALA D 634 -39.08 25.93 15.40
N ALA D 635 -39.81 24.99 14.79
CA ALA D 635 -39.19 24.07 13.85
C ALA D 635 -38.61 24.81 12.64
N PHE D 636 -39.26 25.89 12.21
CA PHE D 636 -38.72 26.70 11.14
C PHE D 636 -37.51 27.51 11.62
N MET D 637 -37.47 27.87 12.90
CA MET D 637 -36.33 28.60 13.43
C MET D 637 -35.11 27.70 13.58
N ILE D 638 -35.31 26.41 13.86
CA ILE D 638 -34.19 25.48 13.95
C ILE D 638 -33.54 25.31 12.58
N GLN D 639 -34.31 25.43 11.51
CA GLN D 639 -33.78 25.26 10.16
C GLN D 639 -32.81 26.40 9.82
N ARG D 640 -32.17 26.25 8.66
CA ARG D 640 -31.17 27.22 8.22
C ARG D 640 -31.84 28.54 7.84
N ARG D 641 -31.51 29.60 8.55
CA ARG D 641 -32.04 30.94 8.28
C ARG D 641 -30.93 31.97 8.22
N TYR D 642 -29.71 31.55 7.92
CA TYR D 642 -28.57 32.46 7.85
C TYR D 642 -28.57 33.18 6.51
N VAL D 643 -27.51 33.93 6.22
CA VAL D 643 -27.42 34.69 4.99
C VAL D 643 -27.18 33.74 3.83
N ASP D 644 -28.12 33.68 2.90
CA ASP D 644 -28.00 32.79 1.75
C ASP D 644 -27.15 33.45 0.66
N GLN D 645 -26.54 32.60 -0.16
CA GLN D 645 -25.71 33.09 -1.26
C GLN D 645 -26.56 33.68 -2.37
N VAL D 646 -25.96 34.60 -3.11
CA VAL D 646 -26.64 35.27 -4.22
C VAL D 646 -26.10 34.71 -5.53
N SER D 647 -26.87 34.95 -6.60
CA SER D 647 -26.52 34.49 -7.94
C SER D 647 -25.86 35.59 -8.76
N GLY D 648 -24.94 36.34 -8.15
CA GLY D 648 -24.26 37.41 -8.86
C GLY D 648 -22.80 37.54 -8.49
N LEU D 649 -21.92 37.10 -9.38
CA LEU D 649 -20.48 37.18 -9.15
C LEU D 649 -19.99 38.62 -9.26
N SER D 650 -20.02 39.17 -10.47
CA SER D 650 -19.62 40.55 -10.70
C SER D 650 -20.77 41.47 -10.31
N ASP D 651 -20.70 41.97 -9.08
CA ASP D 651 -21.76 42.84 -8.56
C ASP D 651 -21.20 44.25 -8.46
N LYS D 652 -21.89 45.13 -7.74
CA LYS D 652 -21.49 46.53 -7.65
C LYS D 652 -20.06 46.87 -7.24
N LYS D 653 -19.36 45.97 -6.55
CA LYS D 653 -18.00 46.23 -6.12
C LYS D 653 -16.98 46.05 -7.24
N PHE D 654 -17.40 45.56 -8.41
CA PHE D 654 -16.51 45.37 -9.55
C PHE D 654 -16.62 46.49 -10.57
N GLN D 655 -17.22 47.62 -10.21
CA GLN D 655 -17.37 48.73 -11.14
C GLN D 655 -17.16 50.06 -10.43
N ARG D 656 -18.14 50.49 -9.63
CA ARG D 656 -18.06 51.76 -8.93
C ARG D 656 -17.68 51.52 -7.48
N PRO D 657 -16.67 52.21 -6.95
CA PRO D 657 -16.30 52.01 -5.54
C PRO D 657 -17.23 52.74 -4.58
N ASN D 658 -17.87 53.79 -5.08
CA ASN D 658 -18.82 54.56 -4.28
C ASN D 658 -20.23 54.06 -4.46
N ASP D 659 -20.69 53.22 -3.54
CA ASP D 659 -22.03 52.67 -3.59
C ASP D 659 -22.32 52.58 -2.10
N PHE D 660 -21.52 51.79 -1.40
CA PHE D 660 -21.79 51.35 -0.03
C PHE D 660 -21.20 52.36 0.93
N SER D 661 -22.05 52.92 1.80
CA SER D 661 -21.58 53.97 2.71
C SER D 661 -20.57 53.44 3.73
N PRO D 662 -20.81 52.33 4.42
CA PRO D 662 -19.78 51.81 5.32
C PRO D 662 -18.53 51.36 4.55
N ALA D 663 -17.41 51.35 5.27
CA ALA D 663 -16.14 50.98 4.65
C ALA D 663 -16.10 49.49 4.35
N PHE D 664 -15.48 49.13 3.21
CA PHE D 664 -15.34 47.74 2.78
C PHE D 664 -14.01 47.62 2.06
N ARG D 665 -12.98 47.24 2.79
CA ARG D 665 -11.64 47.12 2.22
C ARG D 665 -11.46 45.75 1.57
N PHE D 666 -10.73 45.73 0.45
CA PHE D 666 -10.47 44.49 -0.26
C PHE D 666 -9.18 44.65 -1.07
N GLY D 667 -8.42 43.57 -1.17
CA GLY D 667 -7.18 43.62 -1.92
C GLY D 667 -6.59 42.24 -2.08
N THR D 668 -5.36 42.21 -2.59
CA THR D 668 -4.64 40.98 -2.82
C THR D 668 -3.15 41.25 -2.74
N VAL D 669 -2.36 40.20 -2.91
CA VAL D 669 -0.89 40.33 -2.88
C VAL D 669 -0.42 40.86 -4.22
N PRO D 670 0.34 41.95 -4.25
CA PRO D 670 0.82 42.48 -5.53
C PRO D 670 1.87 41.59 -6.16
N ASN D 671 2.16 41.87 -7.43
CA ASN D 671 3.14 41.12 -8.23
C ASN D 671 2.77 39.63 -8.28
N GLY D 672 1.78 39.35 -9.11
CA GLY D 672 1.31 37.99 -9.28
C GLY D 672 0.38 37.89 -10.48
N SER D 673 -0.19 36.70 -10.66
CA SER D 673 -1.10 36.47 -11.77
C SER D 673 -2.46 37.13 -11.53
N THR D 674 -2.91 37.21 -10.28
CA THR D 674 -4.20 37.82 -9.99
C THR D 674 -4.19 39.32 -10.26
N GLU D 675 -3.06 39.98 -9.99
CA GLU D 675 -2.97 41.42 -10.24
C GLU D 675 -3.04 41.73 -11.73
N ARG D 676 -2.41 40.90 -12.55
CA ARG D 676 -2.45 41.11 -14.00
C ARG D 676 -3.79 40.69 -14.60
N ASN D 677 -4.40 39.62 -14.06
CA ASN D 677 -5.70 39.19 -14.58
C ASN D 677 -6.79 40.20 -14.23
N ILE D 678 -6.88 40.59 -12.97
CA ILE D 678 -7.86 41.59 -12.56
C ILE D 678 -7.54 42.94 -13.20
N ARG D 679 -6.25 43.25 -13.34
CA ARG D 679 -5.87 44.51 -13.97
C ARG D 679 -6.29 44.55 -15.43
N ASN D 680 -6.17 43.43 -16.15
CA ASN D 680 -6.57 43.37 -17.54
C ASN D 680 -8.07 43.14 -17.71
N ASN D 681 -8.79 42.77 -16.66
CA ASN D 681 -10.23 42.55 -16.73
C ASN D 681 -11.05 43.64 -16.07
N TYR D 682 -10.54 44.26 -15.00
CA TYR D 682 -11.26 45.32 -14.30
C TYR D 682 -10.26 46.43 -13.95
N LEU D 683 -10.32 47.53 -14.70
CA LEU D 683 -9.41 48.64 -14.46
C LEU D 683 -9.78 49.39 -13.19
N GLU D 684 -11.08 49.53 -12.91
CA GLU D 684 -11.51 50.25 -11.72
C GLU D 684 -11.16 49.46 -10.45
N MET D 685 -11.35 48.14 -10.48
CA MET D 685 -11.00 47.32 -9.33
C MET D 685 -9.50 47.32 -9.07
N HIS D 686 -8.69 47.45 -10.12
CA HIS D 686 -7.24 47.52 -9.95
C HIS D 686 -6.82 48.87 -9.41
N SER D 687 -7.34 49.95 -10.01
CA SER D 687 -6.98 51.30 -9.55
C SER D 687 -7.45 51.54 -8.11
N TYR D 688 -8.58 50.96 -7.73
CA TYR D 688 -9.06 51.04 -6.35
C TYR D 688 -8.47 49.95 -5.46
N MET D 689 -7.75 48.98 -6.04
CA MET D 689 -7.18 47.88 -5.28
C MET D 689 -5.70 48.08 -4.96
N VAL D 690 -4.98 48.88 -5.75
CA VAL D 690 -3.55 49.09 -5.49
C VAL D 690 -3.32 49.80 -4.17
N LYS D 691 -4.32 50.52 -3.66
CA LYS D 691 -4.17 51.20 -2.37
C LYS D 691 -4.34 50.27 -1.19
N PHE D 692 -4.79 49.04 -1.41
CA PHE D 692 -4.92 48.03 -0.35
C PHE D 692 -4.17 46.78 -0.81
N ASN D 693 -2.91 46.68 -0.40
CA ASN D 693 -2.05 45.56 -0.77
C ASN D 693 -1.68 44.75 0.46
N GLN D 694 -1.40 43.47 0.25
CA GLN D 694 -1.12 42.56 1.35
C GLN D 694 0.28 42.72 1.89
N ARG D 695 0.48 42.27 3.13
CA ARG D 695 1.79 42.31 3.77
C ARG D 695 2.31 40.90 4.02
N SER D 696 1.39 39.93 4.03
CA SER D 696 1.74 38.53 4.24
C SER D 696 0.51 37.69 4.52
N VAL D 697 0.56 36.42 4.12
CA VAL D 697 -0.53 35.49 4.39
C VAL D 697 -0.97 35.63 5.83
N GLN D 698 -0.09 35.21 6.74
CA GLN D 698 -0.36 35.39 8.17
C GLN D 698 -0.86 36.79 8.46
N ASP D 699 -0.36 37.79 7.73
CA ASP D 699 -0.85 39.16 7.90
C ASP D 699 -2.29 39.29 7.43
N ALA D 700 -2.66 38.57 6.37
CA ALA D 700 -4.04 38.58 5.90
C ALA D 700 -4.95 37.86 6.88
N LEU D 701 -4.47 36.78 7.49
CA LEU D 701 -5.26 36.08 8.50
C LEU D 701 -5.45 36.94 9.74
N LEU D 702 -4.41 37.67 10.14
CA LEU D 702 -4.54 38.57 11.28
C LEU D 702 -5.45 39.76 10.96
N SER D 703 -5.46 40.20 9.70
CA SER D 703 -6.33 41.31 9.32
C SER D 703 -7.79 40.86 9.26
N LEU D 704 -8.04 39.66 8.75
CA LEU D 704 -9.42 39.16 8.70
C LEU D 704 -9.92 38.76 10.08
N LYS D 705 -9.02 38.32 10.97
CA LYS D 705 -9.42 37.92 12.31
C LYS D 705 -9.73 39.11 13.20
N SER D 706 -8.93 40.17 13.09
CA SER D 706 -9.15 41.35 13.92
C SER D 706 -10.33 42.18 13.42
N GLY D 707 -10.39 42.44 12.11
CA GLY D 707 -11.47 43.24 11.56
C GLY D 707 -10.97 44.36 10.66
N LYS D 708 -9.68 44.32 10.32
CA LYS D 708 -9.10 45.36 9.47
C LYS D 708 -9.47 45.15 8.00
N LEU D 709 -9.37 43.92 7.52
CA LEU D 709 -9.67 43.59 6.13
C LEU D 709 -11.03 42.89 6.06
N ASP D 710 -11.78 43.19 4.99
CA ASP D 710 -13.08 42.58 4.78
C ASP D 710 -12.97 41.41 3.81
N ALA D 711 -12.85 41.70 2.53
CA ALA D 711 -12.72 40.69 1.49
C ALA D 711 -11.26 40.44 1.17
N PHE D 712 -10.96 39.22 0.72
CA PHE D 712 -9.59 38.81 0.39
C PHE D 712 -9.66 37.86 -0.81
N ILE D 713 -9.52 38.41 -2.01
CA ILE D 713 -9.56 37.63 -3.24
C ILE D 713 -8.15 37.11 -3.52
N TYR D 714 -8.03 35.79 -3.66
CA TYR D 714 -6.72 35.18 -3.88
C TYR D 714 -6.94 33.84 -4.59
N ASP D 715 -5.92 32.99 -4.58
CA ASP D 715 -5.98 31.70 -5.25
C ASP D 715 -6.92 30.76 -4.49
N ALA D 716 -7.45 29.78 -5.22
CA ALA D 716 -8.39 28.84 -4.63
C ALA D 716 -7.69 27.87 -3.68
N ALA D 717 -6.46 27.45 -4.03
CA ALA D 717 -5.74 26.50 -3.19
C ALA D 717 -5.32 27.14 -1.87
N VAL D 718 -4.80 28.38 -1.93
CA VAL D 718 -4.40 29.07 -0.71
C VAL D 718 -5.62 29.37 0.17
N LEU D 719 -6.79 29.51 -0.44
CA LEU D 719 -8.01 29.73 0.33
C LEU D 719 -8.55 28.44 0.90
N ASN D 720 -8.33 27.31 0.24
CA ASN D 720 -8.77 26.02 0.79
C ASN D 720 -7.86 25.58 1.93
N TYR D 721 -6.56 25.83 1.81
CA TYR D 721 -5.64 25.50 2.90
C TYR D 721 -5.75 26.49 4.04
N MET D 722 -5.91 27.78 3.71
CA MET D 722 -6.04 28.80 4.75
C MET D 722 -7.36 28.66 5.50
N ALA D 723 -8.47 28.55 4.77
CA ALA D 723 -9.76 28.37 5.43
C ALA D 723 -9.90 26.97 6.03
N GLY D 724 -9.15 26.01 5.52
CA GLY D 724 -9.19 24.66 6.05
C GLY D 724 -8.44 24.54 7.36
N ARG D 725 -7.28 25.19 7.46
CA ARG D 725 -6.47 25.17 8.66
C ARG D 725 -6.84 26.26 9.66
N ASP D 726 -8.13 26.60 9.73
CA ASP D 726 -8.58 27.63 10.66
C ASP D 726 -8.65 27.09 12.07
N GLU D 727 -8.56 28.01 13.05
CA GLU D 727 -8.59 27.61 14.45
C GLU D 727 -9.98 27.65 15.05
N GLY D 728 -10.87 28.51 14.53
CA GLY D 728 -12.22 28.61 15.06
C GLY D 728 -13.28 28.17 14.08
N CYS D 729 -12.89 27.97 12.82
CA CYS D 729 -13.80 27.56 11.76
C CYS D 729 -14.98 28.54 11.62
N LYS D 730 -14.64 29.82 11.50
CA LYS D 730 -15.66 30.88 11.38
C LYS D 730 -15.91 31.22 9.92
N LEU D 731 -14.90 31.79 9.26
CA LEU D 731 -15.04 32.18 7.87
C LEU D 731 -15.03 30.96 6.96
N VAL D 732 -15.74 31.08 5.83
CA VAL D 732 -15.84 30.00 4.85
C VAL D 732 -15.78 30.61 3.46
N THR D 733 -15.36 29.80 2.50
CA THR D 733 -15.25 30.24 1.12
C THR D 733 -16.63 30.43 0.50
N ILE D 734 -16.65 30.86 -0.76
CA ILE D 734 -17.90 31.08 -1.47
C ILE D 734 -18.53 29.74 -1.81
N GLY D 735 -19.76 29.54 -1.35
CA GLY D 735 -20.45 28.29 -1.63
C GLY D 735 -19.78 27.13 -0.92
N SER D 736 -19.45 26.08 -1.67
CA SER D 736 -18.80 24.92 -1.11
C SER D 736 -17.75 24.33 -2.04
N GLY D 737 -17.35 25.04 -3.09
CA GLY D 737 -16.35 24.54 -4.02
C GLY D 737 -16.56 25.02 -5.44
N LYS D 738 -17.53 25.92 -5.62
CA LYS D 738 -17.84 26.47 -6.95
C LYS D 738 -17.08 27.78 -7.11
N VAL D 739 -15.97 27.73 -7.86
CA VAL D 739 -15.14 28.89 -8.11
C VAL D 739 -15.11 29.17 -9.60
N PHE D 740 -14.71 30.38 -9.95
CA PHE D 740 -14.60 30.81 -11.34
C PHE D 740 -13.15 30.74 -11.82
N ALA D 741 -12.98 30.82 -13.13
CA ALA D 741 -11.68 30.75 -13.78
C ALA D 741 -10.95 29.47 -13.39
N THR D 742 -11.37 28.34 -13.95
CA THR D 742 -10.76 27.06 -13.61
C THR D 742 -9.38 26.95 -14.25
N THR D 743 -8.40 26.57 -13.44
CA THR D 743 -7.03 26.39 -13.91
C THR D 743 -6.39 25.29 -13.09
N GLY D 744 -5.07 25.28 -13.01
CA GLY D 744 -4.36 24.28 -12.25
C GLY D 744 -2.88 24.57 -12.24
N TYR D 745 -2.20 23.94 -11.28
CA TYR D 745 -0.76 24.11 -11.13
C TYR D 745 -0.03 23.12 -12.02
N GLY D 746 0.75 23.64 -12.97
CA GLY D 746 1.51 22.80 -13.88
C GLY D 746 3.00 23.04 -13.80
N ILE D 747 3.74 22.52 -14.77
CA ILE D 747 5.19 22.66 -14.83
C ILE D 747 5.57 23.38 -16.12
N ALA D 748 6.83 23.77 -16.21
CA ALA D 748 7.36 24.46 -17.38
C ALA D 748 8.74 23.91 -17.71
N ILE D 749 8.98 23.66 -18.99
CA ILE D 749 10.24 23.14 -19.47
C ILE D 749 10.89 24.14 -20.42
N GLN D 750 12.16 23.90 -20.73
CA GLN D 750 12.90 24.78 -21.63
C GLN D 750 12.53 24.52 -23.08
N LYS D 751 13.05 23.44 -23.64
CA LYS D 751 12.79 23.07 -25.03
C LYS D 751 12.28 21.64 -25.09
N ASP D 752 11.24 21.42 -25.88
CA ASP D 752 10.65 20.10 -26.03
C ASP D 752 11.59 19.16 -26.79
N SER D 753 12.44 18.45 -26.06
CA SER D 753 13.38 17.52 -26.68
C SER D 753 13.62 16.25 -25.89
N GLY D 754 13.22 16.18 -24.62
CA GLY D 754 13.44 14.99 -23.82
C GLY D 754 12.21 14.11 -23.70
N TRP D 755 11.83 13.79 -22.47
CA TRP D 755 10.66 12.96 -22.22
C TRP D 755 9.38 13.72 -22.52
N LYS D 756 9.05 14.70 -21.66
CA LYS D 756 7.89 15.56 -21.82
C LYS D 756 7.06 14.28 -21.84
N ARG D 757 6.39 13.96 -22.88
CA ARG D 757 5.08 13.43 -23.27
C ARG D 757 4.91 12.34 -22.23
N GLN D 758 5.92 11.47 -22.07
CA GLN D 758 5.85 10.42 -21.06
C GLN D 758 5.67 11.01 -19.67
N VAL D 759 6.25 12.19 -19.42
CA VAL D 759 6.05 12.87 -18.14
C VAL D 759 4.56 13.10 -17.90
N ASP D 760 3.85 13.55 -18.93
CA ASP D 760 2.40 13.68 -18.81
C ASP D 760 1.76 12.33 -18.50
N LEU D 761 2.22 11.27 -19.15
CA LEU D 761 1.73 9.92 -18.82
C LEU D 761 2.01 9.58 -17.37
N ALA D 762 3.11 10.09 -16.81
CA ALA D 762 3.38 9.90 -15.39
C ALA D 762 2.24 10.45 -14.56
N ILE D 763 1.74 11.65 -14.91
CA ILE D 763 0.56 12.18 -14.25
C ILE D 763 -0.62 11.24 -14.45
N LEU D 764 -0.78 10.72 -15.66
CA LEU D 764 -1.82 9.73 -15.93
C LEU D 764 -1.63 8.47 -15.11
N GLN D 765 -0.41 8.21 -14.63
CA GLN D 765 -0.19 7.09 -13.74
C GLN D 765 -0.72 7.36 -12.34
N LEU D 766 -0.68 8.63 -11.91
CA LEU D 766 -1.16 8.97 -10.57
C LEU D 766 -2.64 8.61 -10.41
N PHE D 767 -3.47 9.04 -11.36
CA PHE D 767 -4.88 8.67 -11.33
C PHE D 767 -5.08 7.16 -11.44
N GLY D 768 -4.08 6.43 -11.94
CA GLY D 768 -4.12 4.99 -11.98
C GLY D 768 -3.62 4.29 -10.75
N ASP D 769 -3.18 5.04 -9.74
CA ASP D 769 -2.67 4.46 -8.50
C ASP D 769 -3.41 4.93 -7.25
N GLY D 770 -4.35 5.86 -7.38
CA GLY D 770 -5.06 6.34 -6.22
C GLY D 770 -4.26 7.20 -5.28
N GLU D 771 -3.17 7.80 -5.75
CA GLU D 771 -2.34 8.65 -4.89
C GLU D 771 -2.98 10.02 -4.65
N MET D 772 -3.92 10.43 -5.51
CA MET D 772 -4.56 11.72 -5.32
C MET D 772 -5.45 11.74 -4.09
N GLU D 773 -6.03 10.59 -3.73
CA GLU D 773 -6.88 10.53 -2.55
C GLU D 773 -6.05 10.49 -1.27
N GLU D 774 -4.94 9.75 -1.28
CA GLU D 774 -4.09 9.68 -0.08
C GLU D 774 -3.35 10.99 0.14
N LEU D 775 -2.74 11.54 -0.91
CA LEU D 775 -2.04 12.82 -0.77
C LEU D 775 -3.01 13.97 -0.58
N GLU D 776 -4.23 13.85 -1.12
CA GLU D 776 -5.23 14.90 -0.92
C GLU D 776 -5.76 14.89 0.51
N ALA D 777 -6.00 13.70 1.06
CA ALA D 777 -6.48 13.57 2.42
C ALA D 777 -5.36 13.62 3.45
N LEU D 778 -4.11 13.70 3.02
CA LEU D 778 -2.96 13.75 3.91
C LEU D 778 -2.28 15.12 3.90
N TRP D 779 -2.02 15.68 2.71
CA TRP D 779 -1.37 16.98 2.59
C TRP D 779 -2.34 18.10 2.26
N LEU D 780 -3.28 17.87 1.36
CA LEU D 780 -4.25 18.89 0.98
C LEU D 780 -5.43 18.98 1.94
N THR D 781 -5.44 18.17 3.00
CA THR D 781 -6.53 18.22 3.96
C THR D 781 -6.42 19.44 4.86
N GLY D 782 -7.49 19.74 5.57
CA GLY D 782 -7.55 20.88 6.47
C GLY D 782 -7.93 20.43 7.87
N ILE D 783 -8.65 21.30 8.57
CA ILE D 783 -9.12 21.02 9.92
C ILE D 783 -10.63 21.23 9.98
N CYS D 784 -11.11 22.30 9.35
CA CYS D 784 -12.54 22.60 9.34
C CYS D 784 -13.22 21.88 8.19
N HIS D 785 -13.13 20.55 8.17
CA HIS D 785 -13.75 19.74 7.12
C HIS D 785 -14.87 18.91 7.75
N ASN D 786 -16.04 19.52 7.88
CA ASN D 786 -17.18 18.82 8.46
C ASN D 786 -18.49 19.31 7.84
N GLU D 787 -18.73 18.92 6.57
CA GLU D 787 -19.89 19.29 5.77
C GLU D 787 -20.42 20.69 6.09
N LYS D 788 -19.62 21.71 5.79
CA LYS D 788 -20.01 23.08 6.06
C LYS D 788 -21.19 23.50 5.17
N ASN D 789 -22.41 23.31 5.67
CA ASN D 789 -23.61 23.68 4.93
C ASN D 789 -24.62 24.49 5.74
N GLU D 790 -24.53 24.50 7.07
CA GLU D 790 -25.45 25.24 7.91
C GLU D 790 -24.67 26.18 8.82
N VAL D 791 -25.24 27.37 9.04
CA VAL D 791 -24.66 28.36 9.93
C VAL D 791 -25.75 29.18 10.61
N MET D 792 -25.74 29.19 11.94
CA MET D 792 -26.74 29.95 12.71
C MET D 792 -26.55 29.74 14.21
N SER D 793 -26.97 30.73 15.00
CA SER D 793 -26.84 30.66 16.45
C SER D 793 -27.63 31.74 17.17
N SER D 794 -27.10 32.97 17.19
CA SER D 794 -27.74 34.08 17.87
C SER D 794 -28.98 34.51 17.08
N GLN D 795 -29.61 35.60 17.48
CA GLN D 795 -30.80 36.07 16.79
C GLN D 795 -30.67 37.07 15.65
N LEU D 796 -31.25 36.73 14.50
CA LEU D 796 -31.28 37.63 13.35
C LEU D 796 -31.74 39.00 13.81
N ASP D 797 -31.28 40.03 13.12
CA ASP D 797 -31.63 41.40 13.46
C ASP D 797 -33.13 41.53 13.72
N ILE D 798 -33.47 42.27 14.76
CA ILE D 798 -34.86 42.50 15.09
C ILE D 798 -35.07 43.34 13.85
N ASP D 799 -35.30 42.66 12.73
CA ASP D 799 -35.53 43.35 11.44
C ASP D 799 -36.90 42.68 11.29
N ASN D 800 -37.09 41.51 11.90
CA ASN D 800 -38.39 40.83 11.81
C ASN D 800 -39.47 41.64 12.52
N MET D 801 -39.19 42.09 13.75
CA MET D 801 -40.13 42.95 14.46
C MET D 801 -40.23 44.32 13.81
N ALA D 802 -39.24 44.72 13.02
CA ALA D 802 -39.36 45.95 12.25
C ALA D 802 -40.32 45.78 11.07
N GLY D 803 -40.33 44.60 10.46
CA GLY D 803 -41.29 44.34 9.39
C GLY D 803 -42.70 44.14 9.92
N VAL D 804 -42.85 43.37 11.00
CA VAL D 804 -44.16 43.22 11.62
C VAL D 804 -44.66 44.56 12.16
N PHE D 805 -43.74 45.38 12.67
CA PHE D 805 -44.11 46.73 13.09
C PHE D 805 -44.47 47.60 11.90
N TYR D 806 -43.87 47.35 10.73
CA TYR D 806 -44.27 48.07 9.53
C TYR D 806 -45.68 47.68 9.11
N MET D 807 -46.02 46.39 9.23
CA MET D 807 -47.41 45.98 9.00
C MET D 807 -48.34 46.58 10.03
N LEU D 808 -47.88 46.76 11.27
CA LEU D 808 -48.67 47.46 12.28
C LEU D 808 -48.87 48.92 11.92
N ALA D 809 -47.90 49.53 11.22
CA ALA D 809 -48.07 50.89 10.76
C ALA D 809 -49.02 50.96 9.56
N ALA D 810 -49.01 49.93 8.72
CA ALA D 810 -49.95 49.88 7.59
C ALA D 810 -51.38 49.73 8.10
N ALA D 811 -51.59 48.80 9.03
CA ALA D 811 -52.91 48.66 9.65
C ALA D 811 -53.26 49.87 10.50
N MET D 812 -52.25 50.60 10.99
CA MET D 812 -52.51 51.83 11.73
C MET D 812 -53.04 52.91 10.81
N ALA D 813 -52.42 53.08 9.64
CA ALA D 813 -52.92 54.03 8.66
C ALA D 813 -54.28 53.61 8.12
N LEU D 814 -54.50 52.30 7.96
CA LEU D 814 -55.81 51.83 7.53
C LEU D 814 -56.87 52.13 8.57
N SER D 815 -56.53 52.00 9.86
CA SER D 815 -57.46 52.36 10.91
C SER D 815 -57.66 53.87 11.00
N LEU D 816 -56.65 54.64 10.59
CA LEU D 816 -56.81 56.09 10.56
C LEU D 816 -57.75 56.52 9.45
N ILE D 817 -57.56 55.98 8.24
CA ILE D 817 -58.46 56.29 7.14
C ILE D 817 -59.87 55.79 7.45
N THR D 818 -59.97 54.62 8.10
CA THR D 818 -61.28 54.13 8.52
C THR D 818 -61.91 55.07 9.55
N PHE D 819 -61.09 55.66 10.42
CA PHE D 819 -61.61 56.64 11.37
C PHE D 819 -62.07 57.90 10.65
N ILE D 820 -61.40 58.29 9.57
CA ILE D 820 -61.85 59.43 8.78
C ILE D 820 -63.18 59.13 8.11
N MET D 821 -63.33 57.91 7.58
CA MET D 821 -64.60 57.51 6.98
C MET D 821 -65.71 57.44 8.03
N GLU D 822 -65.36 57.10 9.27
CA GLU D 822 -66.36 57.08 10.34
C GLU D 822 -66.75 58.51 10.73
N HIS D 823 -65.79 59.43 10.73
CA HIS D 823 -66.08 60.82 11.06
C HIS D 823 -66.86 61.53 9.96
N LEU D 824 -66.69 61.09 8.70
CA LEU D 824 -67.41 61.73 7.61
C LEU D 824 -68.91 61.46 7.70
N PHE D 825 -69.29 60.27 8.13
CA PHE D 825 -70.70 59.90 8.25
C PHE D 825 -71.33 60.61 9.45
#